data_9MR9
#
_entry.id   9MR9
#
_cell.length_a   56.950
_cell.length_b   298.503
_cell.length_c   142.988
_cell.angle_alpha   90.000
_cell.angle_beta   90.000
_cell.angle_gamma   90.000
#
_symmetry.space_group_name_H-M   'P 1 21 1'
#
loop_
_entity.id
_entity.type
_entity.pdbx_description
1 polymer 'Isoform Short of Probable global transcription activator SNF2L2'
2 polymer 'von Hippel-Lindau disease tumor suppressor'
3 polymer Elongin-C
4 polymer Elongin-B
5 non-polymer N-({4-[(6M)-3-amino-6-(2-hydroxyphenyl)pyridazin-4-yl]piperazin-1-yl}acetyl)-3-methyl-L-valyl-(4R)-4-hydroxy-N-{(1S)-1-[4-(4-methyl-1,3-thiazol-5-yl)phenyl]ethyl}-L-prolinamide
6 non-polymer 1,2-ETHANEDIOL
7 non-polymer GLYCEROL
8 water water
#
loop_
_entity_poly.entity_id
_entity_poly.type
_entity_poly.pdbx_seq_one_letter_code
_entity_poly.pdbx_strand_id
1 'polypeptide(L)'
;SAEKLSPNPPKLTKQMNAIIDTVINYKDSSGRQLSEVFIQLPSRKELPEYYELIRKPVDFKKIKERIRNHKYRSLGDLEK
DVMLLCHNAQTFNLEGSQIYEDSIVLQSVFKSARQKIAKEEE
;
A,E,I,M,Q,U,Y,c
2 'polypeptide(L)'
;GMEAGRPRPVLRSVNSREPSQVIFCNRSPRVVLPVWLNFDGEPQPYPTLPPGTGRRIHSYRGHLWLFRDAGTHDGLLVNQ
TELFVPSLNVDGQPIFANITLPVYTLKERCLQVVRSLVKPENYRRLDIVRSLYEDLEDHPNVQKDLERLTQERIAHQRMG
D
;
B,F,J,N,R,V,Z,d
3 'polypeptide(L)'
;MYVKLISSDGHEFIVKREHALTSGTIKAMLSGPGQFAENETNEVNFREIPSHVLSKVCMYFTYKVRYTNSSTEIPEFPIA
PEIALELLMAANFLDC
;
C,G,K,O,S,W,a,e
4 'polypeptide(L)'
;MDVFLMIRRHKTTIFTDAKESSTVFELKRIVEGILKRPPDEQRLYKDDQLLDDGKTLGECGFTSQTARPQAPATVGLAFR
ADDTFEALCIEPFSSPPELPDVMK
;
D,H,L,P,T,X,b,f
#
# COMPACT_ATOMS: atom_id res chain seq x y z
N LYS A 4 -16.80 -4.61 30.95
CA LYS A 4 -16.46 -5.36 32.20
C LYS A 4 -15.54 -6.54 31.87
N LEU A 5 -14.91 -6.56 30.70
CA LEU A 5 -14.03 -7.67 30.23
C LEU A 5 -12.76 -7.04 29.70
N SER A 6 -11.60 -7.60 30.05
CA SER A 6 -10.25 -7.13 29.65
C SER A 6 -10.09 -7.22 28.12
N PRO A 7 -9.78 -6.10 27.43
CA PRO A 7 -9.69 -6.11 25.97
C PRO A 7 -8.59 -7.07 25.46
N ASN A 8 -8.86 -7.72 24.33
CA ASN A 8 -7.87 -8.56 23.61
C ASN A 8 -6.86 -7.63 22.94
N PRO A 9 -5.66 -8.13 22.58
CA PRO A 9 -4.74 -7.36 21.74
C PRO A 9 -5.42 -6.94 20.44
N PRO A 10 -5.23 -5.67 19.99
CA PRO A 10 -5.98 -5.12 18.86
C PRO A 10 -5.82 -5.97 17.60
N LYS A 11 -4.59 -6.40 17.32
CA LYS A 11 -4.24 -7.27 16.15
C LYS A 11 -5.05 -8.57 16.19
N LEU A 12 -5.14 -9.22 17.36
CA LEU A 12 -5.88 -10.50 17.52
C LEU A 12 -7.32 -10.34 17.06
N THR A 13 -7.99 -9.29 17.54
CA THR A 13 -9.40 -9.02 17.21
C THR A 13 -9.52 -8.80 15.71
N LYS A 14 -8.51 -8.16 15.13
CA LYS A 14 -8.50 -7.83 13.68
C LYS A 14 -8.45 -9.14 12.87
N GLN A 15 -7.59 -10.07 13.29
CA GLN A 15 -7.48 -11.43 12.70
C GLN A 15 -8.86 -12.13 12.65
N MET A 16 -9.48 -12.19 13.83
CA MET A 16 -10.79 -12.85 14.07
C MET A 16 -11.79 -12.29 13.08
N ASN A 17 -11.79 -10.98 12.90
CA ASN A 17 -12.71 -10.29 11.96
C ASN A 17 -12.38 -10.70 10.54
N ALA A 18 -11.11 -10.59 10.15
CA ALA A 18 -10.71 -10.97 8.78
C ALA A 18 -11.17 -12.39 8.44
N ILE A 19 -10.78 -13.35 9.27
CA ILE A 19 -11.16 -14.79 9.11
C ILE A 19 -12.67 -14.92 8.87
N ILE A 20 -13.45 -14.28 9.75
CA ILE A 20 -14.93 -14.50 9.79
C ILE A 20 -15.57 -13.78 8.61
N ASP A 21 -15.13 -12.57 8.28
CA ASP A 21 -15.60 -11.82 7.10
C ASP A 21 -15.30 -12.66 5.86
N THR A 22 -14.07 -13.22 5.81
CA THR A 22 -13.67 -14.09 4.69
C THR A 22 -14.72 -15.17 4.46
N VAL A 23 -15.21 -15.74 5.56
CA VAL A 23 -16.29 -16.75 5.53
C VAL A 23 -17.60 -16.12 5.06
N ILE A 24 -18.09 -15.13 5.80
CA ILE A 24 -19.42 -14.55 5.61
C ILE A 24 -19.61 -14.09 4.17
N ASN A 25 -18.56 -13.55 3.59
CA ASN A 25 -18.53 -12.93 2.25
C ASN A 25 -18.39 -14.00 1.17
N TYR A 26 -17.70 -15.11 1.45
CA TYR A 26 -17.47 -16.12 0.39
C TYR A 26 -18.74 -16.50 -0.37
N LYS A 27 -18.64 -16.44 -1.69
CA LYS A 27 -19.66 -16.87 -2.65
C LYS A 27 -19.08 -18.00 -3.48
N ASP A 28 -19.94 -18.93 -3.86
CA ASP A 28 -19.57 -20.10 -4.68
C ASP A 28 -19.52 -19.69 -6.16
N SER A 29 -19.25 -20.71 -6.98
CA SER A 29 -19.06 -20.59 -8.44
C SER A 29 -20.23 -19.84 -9.07
N SER A 30 -21.44 -20.14 -8.59
CA SER A 30 -22.71 -19.72 -9.21
C SER A 30 -23.07 -18.31 -8.81
N GLY A 31 -22.36 -17.67 -7.89
CA GLY A 31 -22.57 -16.27 -7.52
C GLY A 31 -23.18 -16.09 -6.14
N ARG A 32 -23.67 -17.18 -5.60
CA ARG A 32 -24.43 -17.28 -4.33
C ARG A 32 -23.53 -17.22 -3.10
N GLN A 33 -23.87 -16.37 -2.13
CA GLN A 33 -23.28 -16.27 -0.78
C GLN A 33 -23.81 -17.38 0.12
N LEU A 34 -22.95 -18.27 0.62
CA LEU A 34 -23.40 -19.47 1.38
C LEU A 34 -23.80 -19.08 2.80
N SER A 35 -23.03 -18.17 3.39
CA SER A 35 -23.22 -17.73 4.82
C SER A 35 -24.62 -17.23 5.13
N GLU A 36 -25.33 -16.69 4.14
CA GLU A 36 -26.66 -16.06 4.24
C GLU A 36 -27.58 -16.72 5.29
N VAL A 37 -27.95 -17.97 5.06
CA VAL A 37 -28.98 -18.69 5.85
C VAL A 37 -28.59 -18.80 7.33
N PHE A 38 -27.29 -18.76 7.60
CA PHE A 38 -26.70 -18.95 8.92
C PHE A 38 -26.39 -17.65 9.65
N ILE A 39 -26.50 -16.50 8.99
CA ILE A 39 -26.13 -15.22 9.61
C ILE A 39 -26.91 -15.03 10.91
N GLN A 40 -28.21 -15.25 10.84
CA GLN A 40 -29.14 -15.08 11.98
C GLN A 40 -30.06 -16.27 12.08
N LEU A 41 -30.08 -16.85 13.28
CA LEU A 41 -30.96 -17.97 13.65
C LEU A 41 -32.41 -17.56 13.43
N PRO A 42 -33.33 -18.50 13.24
CA PRO A 42 -34.76 -18.22 13.36
C PRO A 42 -35.11 -18.00 14.83
N SER A 43 -36.23 -17.34 15.08
CA SER A 43 -36.81 -17.14 16.43
C SER A 43 -37.40 -18.44 16.90
N ARG A 44 -37.51 -18.62 18.21
CA ARG A 44 -38.15 -19.82 18.80
C ARG A 44 -39.61 -19.92 18.33
N LYS A 45 -40.26 -18.75 18.20
CA LYS A 45 -41.67 -18.72 17.70
C LYS A 45 -41.70 -19.29 16.29
N GLU A 46 -40.83 -18.74 15.44
CA GLU A 46 -40.61 -19.14 14.05
C GLU A 46 -40.29 -20.63 13.91
N LEU A 47 -39.29 -21.14 14.60
CA LEU A 47 -38.86 -22.53 14.41
C LEU A 47 -38.52 -23.15 15.75
N PRO A 48 -39.53 -23.63 16.50
CA PRO A 48 -39.28 -24.26 17.80
C PRO A 48 -38.49 -25.55 17.72
N GLU A 49 -38.63 -26.31 16.63
CA GLU A 49 -37.98 -27.65 16.44
C GLU A 49 -36.47 -27.56 16.67
N TYR A 50 -35.88 -26.48 16.17
CA TYR A 50 -34.43 -26.25 16.18
C TYR A 50 -33.93 -26.17 17.62
N TYR A 51 -34.62 -25.38 18.43
CA TYR A 51 -34.18 -25.05 19.80
C TYR A 51 -34.35 -26.24 20.75
N GLU A 52 -35.37 -27.07 20.50
CA GLU A 52 -35.63 -28.30 21.27
C GLU A 52 -34.60 -29.39 20.96
N LEU A 53 -33.92 -29.33 19.82
CA LEU A 53 -33.03 -30.44 19.34
C LEU A 53 -31.55 -30.03 19.46
N ILE A 54 -31.19 -28.83 19.10
CA ILE A 54 -29.80 -28.28 19.16
C ILE A 54 -29.57 -27.78 20.57
N ARG A 55 -28.53 -28.28 21.24
CA ARG A 55 -28.19 -28.02 22.67
C ARG A 55 -27.69 -26.58 22.83
N LYS A 56 -26.68 -26.17 22.04
CA LYS A 56 -26.08 -24.81 22.09
C LYS A 56 -26.25 -24.13 20.76
N PRO A 57 -27.41 -23.52 20.46
CA PRO A 57 -27.57 -22.72 19.26
C PRO A 57 -26.57 -21.58 19.15
N VAL A 58 -26.22 -21.23 17.91
CA VAL A 58 -25.34 -20.07 17.61
C VAL A 58 -25.48 -19.69 16.14
N ASP A 59 -25.36 -18.39 15.85
CA ASP A 59 -25.40 -17.81 14.48
C ASP A 59 -24.19 -16.93 14.29
N PHE A 60 -23.96 -16.43 13.08
CA PHE A 60 -22.73 -15.61 12.81
C PHE A 60 -22.87 -14.27 13.53
N LYS A 61 -24.10 -13.72 13.57
CA LYS A 61 -24.39 -12.45 14.27
C LYS A 61 -23.78 -12.52 15.68
N LYS A 62 -24.08 -13.59 16.42
CA LYS A 62 -23.57 -13.82 17.78
C LYS A 62 -22.04 -13.83 17.79
N ILE A 63 -21.44 -14.56 16.85
CA ILE A 63 -19.95 -14.76 16.80
C ILE A 63 -19.29 -13.39 16.59
N LYS A 64 -19.79 -12.65 15.59
CA LYS A 64 -19.32 -11.29 15.28
C LYS A 64 -19.34 -10.45 16.55
N GLU A 65 -20.41 -10.60 17.34
CA GLU A 65 -20.65 -9.89 18.60
C GLU A 65 -19.75 -10.38 19.69
N ARG A 66 -19.38 -11.66 19.70
CA ARG A 66 -18.48 -12.25 20.69
C ARG A 66 -17.05 -11.83 20.46
N ILE A 67 -16.70 -11.54 19.21
CA ILE A 67 -15.36 -11.06 18.84
C ILE A 67 -15.15 -9.63 19.38
N ARG A 68 -16.13 -8.77 19.10
CA ARG A 68 -16.16 -7.38 19.57
C ARG A 68 -16.13 -7.34 21.10
N ASN A 69 -16.91 -8.22 21.73
CA ASN A 69 -17.07 -8.25 23.20
C ASN A 69 -15.96 -9.04 23.86
N HIS A 70 -15.02 -9.59 23.08
CA HIS A 70 -13.82 -10.27 23.55
C HIS A 70 -14.19 -11.55 24.32
N LYS A 71 -15.24 -12.26 23.95
CA LYS A 71 -15.52 -13.53 24.68
C LYS A 71 -14.42 -14.52 24.30
N TYR A 72 -14.14 -14.57 23.00
CA TYR A 72 -13.07 -15.39 22.40
C TYR A 72 -11.71 -14.78 22.75
N ARG A 73 -10.77 -15.63 23.17
CA ARG A 73 -9.42 -15.21 23.65
C ARG A 73 -8.34 -15.74 22.70
N SER A 74 -8.70 -16.62 21.78
CA SER A 74 -7.81 -17.17 20.74
C SER A 74 -8.63 -17.51 19.51
N LEU A 75 -7.93 -17.65 18.39
CA LEU A 75 -8.47 -18.06 17.10
C LEU A 75 -9.16 -19.38 17.23
N GLY A 76 -8.75 -20.24 18.14
CA GLY A 76 -9.31 -21.56 18.37
C GLY A 76 -10.59 -21.55 19.19
N ASP A 77 -10.69 -20.59 20.12
CA ASP A 77 -11.96 -20.28 20.80
C ASP A 77 -13.02 -19.95 19.73
N LEU A 78 -12.65 -19.09 18.78
CA LEU A 78 -13.48 -18.68 17.63
C LEU A 78 -13.78 -19.90 16.78
N GLU A 79 -12.76 -20.58 16.22
CA GLU A 79 -12.94 -21.82 15.44
C GLU A 79 -13.96 -22.75 16.12
N LYS A 80 -13.78 -22.99 17.42
CA LYS A 80 -14.67 -23.92 18.20
C LYS A 80 -16.15 -23.59 17.91
N ASP A 81 -16.46 -22.27 17.88
CA ASP A 81 -17.85 -21.72 17.87
C ASP A 81 -18.39 -21.75 16.45
N VAL A 82 -17.53 -21.55 15.45
CA VAL A 82 -17.88 -21.74 14.01
C VAL A 82 -18.16 -23.22 13.75
N MET A 83 -17.25 -24.09 14.21
CA MET A 83 -17.42 -25.57 14.09
C MET A 83 -18.75 -25.96 14.78
N LEU A 84 -19.06 -25.36 15.92
CA LEU A 84 -20.33 -25.61 16.66
C LEU A 84 -21.50 -25.27 15.74
N LEU A 85 -21.46 -24.06 15.15
CA LEU A 85 -22.48 -23.62 14.15
C LEU A 85 -22.70 -24.73 13.09
N CYS A 86 -21.64 -25.02 12.37
CA CYS A 86 -21.68 -25.93 11.20
C CYS A 86 -22.11 -27.32 11.66
N HIS A 87 -21.60 -27.82 12.78
CA HIS A 87 -22.10 -29.08 13.43
C HIS A 87 -23.61 -28.99 13.71
N ASN A 88 -24.05 -27.86 14.28
CA ASN A 88 -25.47 -27.63 14.62
C ASN A 88 -26.33 -27.76 13.35
N ALA A 89 -25.89 -27.11 12.29
CA ALA A 89 -26.49 -27.18 10.96
C ALA A 89 -26.59 -28.64 10.47
N GLN A 90 -25.48 -29.35 10.64
CA GLN A 90 -25.30 -30.72 10.14
C GLN A 90 -26.17 -31.69 10.93
N THR A 91 -26.52 -31.35 12.19
CA THR A 91 -27.34 -32.16 13.12
C THR A 91 -28.83 -31.99 12.85
N PHE A 92 -29.25 -30.85 12.29
CA PHE A 92 -30.66 -30.48 12.09
C PHE A 92 -31.12 -30.70 10.65
N ASN A 93 -30.20 -30.52 9.71
CA ASN A 93 -30.50 -30.45 8.27
C ASN A 93 -30.27 -31.78 7.56
N LEU A 94 -29.34 -32.60 8.06
CA LEU A 94 -29.17 -34.00 7.56
C LEU A 94 -28.53 -34.02 6.16
N GLU A 95 -27.69 -35.03 5.92
CA GLU A 95 -26.70 -35.10 4.83
C GLU A 95 -27.40 -35.03 3.48
N GLY A 96 -26.76 -34.32 2.54
CA GLY A 96 -27.19 -34.20 1.12
C GLY A 96 -27.86 -32.85 0.88
N SER A 97 -28.49 -32.28 1.90
CA SER A 97 -29.28 -31.03 1.81
C SER A 97 -28.36 -29.86 1.43
N GLN A 98 -28.85 -28.94 0.60
CA GLN A 98 -28.14 -27.74 0.14
C GLN A 98 -27.55 -27.00 1.31
N ILE A 99 -28.20 -27.04 2.48
CA ILE A 99 -27.72 -26.34 3.70
C ILE A 99 -26.55 -27.14 4.29
N TYR A 100 -26.76 -28.45 4.49
CA TYR A 100 -25.76 -29.34 5.12
C TYR A 100 -24.42 -29.15 4.42
N GLU A 101 -24.40 -29.27 3.10
CA GLU A 101 -23.13 -29.20 2.29
C GLU A 101 -22.56 -27.78 2.37
N ASP A 102 -23.41 -26.74 2.44
CA ASP A 102 -22.94 -25.33 2.59
C ASP A 102 -22.13 -25.17 3.87
N SER A 103 -22.64 -25.71 4.98
CA SER A 103 -21.95 -25.78 6.30
C SER A 103 -20.58 -26.42 6.11
N ILE A 104 -20.50 -27.49 5.31
CA ILE A 104 -19.24 -28.20 5.06
C ILE A 104 -18.30 -27.30 4.29
N VAL A 105 -18.75 -26.67 3.22
CA VAL A 105 -17.88 -25.75 2.45
C VAL A 105 -17.36 -24.68 3.40
N LEU A 106 -18.22 -24.16 4.27
CA LEU A 106 -17.91 -23.07 5.17
C LEU A 106 -16.90 -23.50 6.22
N GLN A 107 -16.92 -24.78 6.62
CA GLN A 107 -15.84 -25.31 7.49
C GLN A 107 -14.52 -25.15 6.78
N SER A 108 -14.41 -25.70 5.58
CA SER A 108 -13.25 -25.48 4.70
C SER A 108 -12.81 -24.01 4.64
N VAL A 109 -13.67 -23.18 4.11
CA VAL A 109 -13.43 -21.74 3.90
C VAL A 109 -12.79 -21.17 5.15
N PHE A 110 -13.29 -21.61 6.31
CA PHE A 110 -12.83 -21.07 7.61
C PHE A 110 -11.39 -21.48 7.90
N LYS A 111 -11.11 -22.79 7.82
CA LYS A 111 -9.75 -23.28 8.13
C LYS A 111 -8.75 -22.66 7.17
N SER A 112 -9.05 -22.67 5.87
CA SER A 112 -8.21 -22.05 4.84
C SER A 112 -7.99 -20.57 5.09
N ALA A 113 -9.01 -19.90 5.65
CA ALA A 113 -8.88 -18.48 6.03
C ALA A 113 -7.92 -18.31 7.20
N ARG A 114 -8.09 -19.14 8.20
CA ARG A 114 -7.24 -19.20 9.40
C ARG A 114 -5.80 -19.39 8.99
N GLN A 115 -5.49 -20.43 8.25
CA GLN A 115 -4.11 -20.72 7.80
C GLN A 115 -3.54 -19.54 7.01
N LYS A 116 -4.39 -18.87 6.23
CA LYS A 116 -3.94 -17.70 5.43
C LYS A 116 -3.64 -16.47 6.26
N ILE A 117 -4.48 -16.18 7.25
CA ILE A 117 -4.28 -14.94 8.07
C ILE A 117 -3.36 -15.19 9.27
N ALA A 118 -3.42 -16.38 9.86
CA ALA A 118 -2.71 -16.72 11.10
C ALA A 118 -1.42 -17.49 10.76
N LYS A 119 -0.81 -17.19 9.63
CA LYS A 119 0.48 -17.72 9.16
C LYS A 119 0.82 -16.98 7.85
N GLU A 120 0.78 -15.64 7.89
CA GLU A 120 1.09 -14.72 6.76
C GLU A 120 1.36 -13.31 7.31
N ARG B 8 -53.79 -18.90 9.17
CA ARG B 8 -54.91 -17.98 9.58
C ARG B 8 -55.31 -17.12 8.38
N PRO B 9 -54.68 -15.93 8.14
CA PRO B 9 -55.12 -15.06 7.07
C PRO B 9 -54.77 -15.61 5.68
N VAL B 10 -55.44 -14.99 4.73
CA VAL B 10 -55.45 -15.35 3.29
C VAL B 10 -54.16 -14.92 2.61
N LEU B 11 -53.46 -13.93 3.18
CA LEU B 11 -52.14 -13.44 2.73
C LEU B 11 -51.06 -13.74 3.78
N ARG B 12 -50.39 -14.87 3.66
CA ARG B 12 -49.24 -15.25 4.51
C ARG B 12 -48.29 -16.14 3.68
N SER B 13 -47.03 -16.16 4.05
CA SER B 13 -46.01 -17.04 3.49
C SER B 13 -46.35 -18.46 3.91
N VAL B 14 -46.01 -19.39 3.06
CA VAL B 14 -46.09 -20.84 3.30
C VAL B 14 -44.75 -21.27 3.87
N ASN B 15 -44.79 -22.07 4.92
CA ASN B 15 -43.53 -22.55 5.54
C ASN B 15 -43.04 -23.77 4.76
N SER B 16 -42.54 -23.52 3.55
CA SER B 16 -42.17 -24.51 2.52
C SER B 16 -40.85 -25.18 2.88
N ARG B 17 -39.94 -24.38 3.43
CA ARG B 17 -38.58 -24.79 3.80
C ARG B 17 -37.75 -25.09 2.57
N GLU B 18 -38.21 -24.68 1.39
CA GLU B 18 -37.55 -24.97 0.11
C GLU B 18 -36.92 -23.70 -0.39
N PRO B 19 -35.57 -23.58 -0.39
CA PRO B 19 -34.91 -22.30 -0.66
C PRO B 19 -35.24 -21.73 -2.02
N SER B 20 -34.97 -20.44 -2.21
CA SER B 20 -35.24 -19.71 -3.45
C SER B 20 -34.24 -18.57 -3.55
N GLN B 21 -33.39 -18.57 -4.60
CA GLN B 21 -32.47 -17.41 -4.81
C GLN B 21 -33.23 -16.35 -5.57
N VAL B 22 -33.28 -15.12 -5.03
CA VAL B 22 -34.01 -14.01 -5.68
C VAL B 22 -33.08 -12.83 -5.92
N ILE B 23 -33.30 -12.02 -6.95
CA ILE B 23 -32.63 -10.70 -7.12
C ILE B 23 -33.67 -9.62 -6.90
N PHE B 24 -33.58 -8.92 -5.78
CA PHE B 24 -34.32 -7.67 -5.53
C PHE B 24 -33.59 -6.57 -6.28
N CYS B 25 -34.26 -6.07 -7.32
CA CYS B 25 -33.70 -5.00 -8.17
C CYS B 25 -34.59 -3.78 -8.06
N ASN B 26 -34.03 -2.71 -7.51
CA ASN B 26 -34.74 -1.44 -7.27
C ASN B 26 -34.54 -0.54 -8.47
N ARG B 27 -35.49 -0.57 -9.40
CA ARG B 27 -35.46 0.29 -10.60
C ARG B 27 -36.20 1.60 -10.34
N SER B 28 -36.60 1.84 -9.10
CA SER B 28 -37.32 3.04 -8.68
C SER B 28 -36.31 4.07 -8.19
N PRO B 29 -36.73 5.35 -8.12
CA PRO B 29 -35.89 6.40 -7.58
C PRO B 29 -36.02 6.52 -6.07
N ARG B 30 -36.89 5.69 -5.50
CA ARG B 30 -37.14 5.63 -4.06
C ARG B 30 -36.16 4.66 -3.42
N VAL B 31 -35.84 4.93 -2.15
CA VAL B 31 -35.18 3.95 -1.24
C VAL B 31 -36.24 2.93 -0.84
N VAL B 32 -36.04 1.69 -1.26
CA VAL B 32 -37.07 0.61 -1.11
C VAL B 32 -36.91 -0.19 0.19
N LEU B 33 -38.01 -0.36 0.91
CA LEU B 33 -38.16 -1.28 2.05
C LEU B 33 -38.82 -2.56 1.59
N PRO B 34 -38.09 -3.69 1.54
CA PRO B 34 -38.71 -4.99 1.31
C PRO B 34 -39.48 -5.36 2.58
N VAL B 35 -40.67 -5.88 2.40
CA VAL B 35 -41.55 -6.32 3.52
C VAL B 35 -41.92 -7.77 3.26
N TRP B 36 -41.51 -8.65 4.18
CA TRP B 36 -41.84 -10.08 4.15
C TRP B 36 -43.12 -10.23 4.93
N LEU B 37 -44.10 -10.93 4.40
CA LEU B 37 -45.28 -11.36 5.20
C LEU B 37 -45.03 -12.72 5.84
N ASN B 38 -44.95 -12.80 7.16
CA ASN B 38 -44.57 -14.03 7.90
C ASN B 38 -45.69 -15.07 7.86
N PHE B 39 -45.55 -16.15 8.62
CA PHE B 39 -46.45 -17.32 8.53
C PHE B 39 -47.80 -16.97 9.12
N ASP B 40 -47.90 -15.90 9.91
CA ASP B 40 -49.18 -15.40 10.49
C ASP B 40 -49.65 -14.17 9.71
N GLY B 41 -49.01 -13.83 8.60
CA GLY B 41 -49.47 -12.79 7.66
C GLY B 41 -49.11 -11.39 8.14
N GLU B 42 -48.36 -11.30 9.23
CA GLU B 42 -47.84 -10.00 9.72
C GLU B 42 -46.62 -9.59 8.88
N PRO B 43 -46.47 -8.30 8.51
CA PRO B 43 -45.29 -7.80 7.82
C PRO B 43 -44.05 -7.52 8.70
N GLN B 44 -42.93 -8.04 8.30
CA GLN B 44 -41.61 -7.77 8.93
C GLN B 44 -40.80 -6.96 7.92
N PRO B 45 -40.20 -5.84 8.34
CA PRO B 45 -39.26 -5.11 7.47
C PRO B 45 -37.89 -5.78 7.37
N TYR B 46 -37.21 -5.58 6.24
CA TYR B 46 -35.90 -6.13 5.87
C TYR B 46 -35.00 -5.00 5.37
N PRO B 47 -33.66 -5.19 5.29
CA PRO B 47 -32.74 -4.12 4.92
C PRO B 47 -33.14 -3.39 3.65
N THR B 48 -33.00 -2.07 3.64
CA THR B 48 -33.47 -1.21 2.51
C THR B 48 -32.46 -1.21 1.37
N LEU B 49 -32.97 -1.16 0.14
CA LEU B 49 -32.19 -1.10 -1.11
C LEU B 49 -32.21 0.36 -1.57
N PRO B 50 -31.01 0.95 -1.75
CA PRO B 50 -30.94 2.29 -2.34
C PRO B 50 -31.33 2.22 -3.81
N PRO B 51 -31.66 3.39 -4.39
CA PRO B 51 -32.07 3.45 -5.80
C PRO B 51 -31.00 2.95 -6.76
N GLY B 52 -31.42 2.16 -7.73
CA GLY B 52 -30.53 1.57 -8.75
C GLY B 52 -29.92 0.25 -8.32
N THR B 53 -29.53 0.15 -7.08
CA THR B 53 -29.01 -1.04 -6.42
C THR B 53 -29.84 -2.30 -6.72
N GLY B 54 -29.18 -3.43 -6.77
CA GLY B 54 -29.82 -4.76 -6.79
C GLY B 54 -29.02 -5.70 -5.93
N ARG B 55 -29.69 -6.70 -5.38
CA ARG B 55 -29.08 -7.68 -4.42
C ARG B 55 -29.61 -9.11 -4.62
N ARG B 56 -28.72 -10.09 -4.57
CA ARG B 56 -29.10 -11.51 -4.46
C ARG B 56 -29.49 -11.72 -3.01
N ILE B 57 -30.65 -12.33 -2.78
CA ILE B 57 -31.18 -12.60 -1.43
C ILE B 57 -31.76 -14.00 -1.34
N HIS B 58 -31.62 -14.63 -0.17
CA HIS B 58 -32.10 -16.01 0.06
C HIS B 58 -33.49 -15.95 0.64
N SER B 59 -34.48 -16.54 -0.06
CA SER B 59 -35.85 -16.70 0.45
C SER B 59 -36.31 -18.12 0.20
N TYR B 60 -37.59 -18.38 0.37
CA TYR B 60 -38.10 -19.76 0.24
C TYR B 60 -39.29 -19.79 -0.66
N ARG B 61 -39.56 -20.93 -1.29
CA ARG B 61 -40.76 -21.11 -2.15
C ARG B 61 -41.98 -20.71 -1.33
N GLY B 62 -42.94 -20.03 -1.95
CA GLY B 62 -44.25 -19.76 -1.32
C GLY B 62 -44.26 -18.59 -0.37
N HIS B 63 -43.11 -18.01 -0.14
CA HIS B 63 -42.93 -16.82 0.72
C HIS B 63 -43.37 -15.55 0.00
N LEU B 64 -44.03 -14.68 0.72
CA LEU B 64 -44.79 -13.54 0.16
C LEU B 64 -44.16 -12.21 0.57
N TRP B 65 -43.92 -11.37 -0.44
CA TRP B 65 -43.21 -10.09 -0.35
C TRP B 65 -44.03 -8.93 -0.94
N LEU B 66 -43.95 -7.78 -0.33
CA LEU B 66 -44.28 -6.50 -1.01
C LEU B 66 -43.17 -5.49 -0.74
N PHE B 67 -43.21 -4.37 -1.46
CA PHE B 67 -42.14 -3.32 -1.47
C PHE B 67 -42.75 -1.93 -1.38
N ARG B 68 -42.16 -1.07 -0.55
CA ARG B 68 -42.66 0.27 -0.18
C ARG B 68 -41.50 1.25 -0.14
N ASP B 69 -41.78 2.55 -0.31
CA ASP B 69 -40.82 3.62 0.02
C ASP B 69 -40.49 3.55 1.50
N ALA B 70 -39.24 3.31 1.89
CA ALA B 70 -38.79 3.10 3.28
C ALA B 70 -39.17 4.33 4.13
N GLY B 71 -39.12 5.51 3.53
CA GLY B 71 -39.36 6.80 4.17
C GLY B 71 -40.82 7.17 4.32
N THR B 72 -41.63 7.01 3.26
CA THR B 72 -43.02 7.51 3.19
C THR B 72 -44.04 6.38 3.24
N HIS B 73 -43.59 5.12 3.24
CA HIS B 73 -44.43 3.90 3.16
C HIS B 73 -45.34 3.92 1.91
N ASP B 74 -45.05 4.81 0.94
CA ASP B 74 -45.72 4.83 -0.38
C ASP B 74 -45.62 3.42 -0.98
N GLY B 75 -46.66 2.96 -1.71
CA GLY B 75 -46.67 1.67 -2.40
C GLY B 75 -45.81 1.67 -3.64
N LEU B 76 -45.26 0.51 -3.99
CA LEU B 76 -44.42 0.28 -5.18
C LEU B 76 -44.87 -1.01 -5.87
N LEU B 77 -44.43 -1.22 -7.10
CA LEU B 77 -44.72 -2.46 -7.88
C LEU B 77 -43.48 -3.34 -7.94
N VAL B 78 -43.71 -4.62 -8.20
CA VAL B 78 -42.67 -5.68 -8.36
C VAL B 78 -43.18 -6.60 -9.46
N ASN B 79 -42.53 -6.57 -10.62
CA ASN B 79 -42.92 -7.33 -11.83
C ASN B 79 -44.34 -6.88 -12.16
N GLN B 80 -44.55 -5.57 -12.17
CA GLN B 80 -45.81 -4.89 -12.58
C GLN B 80 -47.03 -5.39 -11.78
N THR B 81 -46.84 -5.71 -10.52
CA THR B 81 -47.94 -6.13 -9.62
C THR B 81 -47.53 -5.78 -8.20
N GLU B 82 -48.41 -6.05 -7.21
CA GLU B 82 -48.32 -5.52 -5.82
C GLU B 82 -47.62 -6.52 -4.92
N LEU B 83 -47.92 -7.80 -5.09
CA LEU B 83 -47.23 -8.91 -4.38
C LEU B 83 -46.29 -9.69 -5.34
N PHE B 84 -45.21 -10.19 -4.77
CA PHE B 84 -44.25 -11.11 -5.39
C PHE B 84 -44.13 -12.36 -4.51
N VAL B 85 -44.29 -13.53 -5.13
CA VAL B 85 -43.98 -14.85 -4.54
C VAL B 85 -43.04 -15.56 -5.50
N PRO B 86 -41.81 -15.94 -5.12
CA PRO B 86 -40.89 -16.62 -6.03
C PRO B 86 -41.43 -17.96 -6.51
N SER B 87 -41.42 -18.13 -7.84
CA SER B 87 -41.88 -19.36 -8.52
C SER B 87 -40.83 -20.46 -8.29
N LEU B 88 -40.96 -21.59 -9.00
CA LEU B 88 -40.02 -22.72 -8.84
C LEU B 88 -38.70 -22.37 -9.52
N ASN B 89 -37.60 -22.48 -8.77
CA ASN B 89 -36.25 -21.98 -9.18
C ASN B 89 -35.82 -22.58 -10.53
N VAL B 90 -36.05 -23.87 -10.73
CA VAL B 90 -35.60 -24.64 -11.92
C VAL B 90 -34.07 -24.44 -12.10
N ASP B 91 -33.30 -25.47 -11.80
CA ASP B 91 -31.88 -25.68 -12.26
C ASP B 91 -31.00 -24.57 -11.71
N GLY B 92 -31.25 -24.17 -10.47
CA GLY B 92 -30.42 -23.16 -9.78
C GLY B 92 -30.74 -21.72 -10.12
N GLN B 93 -30.50 -21.32 -11.36
CA GLN B 93 -30.70 -19.96 -11.87
C GLN B 93 -31.76 -19.23 -11.06
N PRO B 94 -31.47 -18.01 -10.58
CA PRO B 94 -32.39 -17.23 -9.75
C PRO B 94 -33.60 -16.63 -10.46
N ILE B 95 -34.59 -16.28 -9.66
CA ILE B 95 -35.84 -15.59 -10.01
C ILE B 95 -35.64 -14.10 -9.75
N PHE B 96 -36.25 -13.25 -10.56
CA PHE B 96 -35.92 -11.81 -10.61
C PHE B 96 -37.14 -10.99 -10.17
N ALA B 97 -36.91 -10.10 -9.21
CA ALA B 97 -37.92 -9.15 -8.67
C ALA B 97 -37.51 -7.73 -9.05
N ASN B 98 -38.16 -7.22 -10.10
CA ASN B 98 -37.96 -5.86 -10.67
C ASN B 98 -38.92 -4.92 -9.96
N ILE B 99 -38.38 -4.12 -9.07
CA ILE B 99 -39.17 -3.14 -8.26
C ILE B 99 -39.20 -1.81 -8.98
N THR B 100 -40.39 -1.40 -9.35
CA THR B 100 -40.62 -0.10 -10.04
C THR B 100 -41.63 0.71 -9.24
N LEU B 101 -41.66 1.98 -9.57
CA LEU B 101 -42.74 2.92 -9.24
C LEU B 101 -44.01 2.40 -9.89
N PRO B 102 -45.19 2.69 -9.33
CA PRO B 102 -46.42 2.57 -10.08
C PRO B 102 -46.69 3.89 -10.81
N VAL B 103 -47.77 3.91 -11.58
CA VAL B 103 -48.40 5.16 -12.09
C VAL B 103 -49.39 5.62 -11.02
N TYR B 104 -48.94 6.43 -10.06
CA TYR B 104 -49.82 7.00 -9.01
C TYR B 104 -50.83 7.97 -9.65
N THR B 105 -52.07 7.93 -9.17
CA THR B 105 -53.11 8.94 -9.47
C THR B 105 -52.54 10.32 -9.16
N LEU B 106 -52.76 11.30 -10.04
CA LEU B 106 -52.25 12.69 -9.84
C LEU B 106 -52.53 13.15 -8.41
N LYS B 107 -53.72 12.83 -7.88
CA LYS B 107 -54.12 13.23 -6.50
C LYS B 107 -53.11 12.66 -5.50
N GLU B 108 -53.01 11.33 -5.43
CA GLU B 108 -52.11 10.63 -4.48
C GLU B 108 -50.69 11.13 -4.74
N ARG B 109 -50.33 11.42 -6.00
CA ARG B 109 -48.96 11.93 -6.30
C ARG B 109 -48.79 13.28 -5.62
N CYS B 110 -49.73 14.22 -5.82
CA CYS B 110 -49.72 15.56 -5.18
C CYS B 110 -49.66 15.39 -3.65
N LEU B 111 -50.55 14.57 -3.10
CA LEU B 111 -50.54 14.20 -1.65
C LEU B 111 -49.11 13.90 -1.22
N GLN B 112 -48.42 12.95 -1.86
CA GLN B 112 -47.03 12.57 -1.50
C GLN B 112 -46.19 13.85 -1.35
N VAL B 113 -46.23 14.69 -2.38
CA VAL B 113 -45.37 15.90 -2.53
C VAL B 113 -45.65 16.88 -1.40
N VAL B 114 -46.89 17.17 -1.10
CA VAL B 114 -47.32 18.09 -0.01
C VAL B 114 -46.85 17.51 1.33
N ARG B 115 -47.20 16.25 1.59
CA ARG B 115 -46.82 15.50 2.83
C ARG B 115 -45.29 15.61 3.01
N SER B 116 -44.52 15.61 1.93
CA SER B 116 -43.04 15.61 1.97
C SER B 116 -42.47 16.99 2.35
N LEU B 117 -43.25 18.05 2.13
CA LEU B 117 -42.85 19.47 2.32
C LEU B 117 -43.43 20.02 3.64
N VAL B 118 -44.54 19.47 4.15
CA VAL B 118 -45.30 20.02 5.31
C VAL B 118 -45.23 19.03 6.49
N LYS B 119 -44.92 19.57 7.67
CA LYS B 119 -45.00 18.78 8.94
C LYS B 119 -46.46 18.43 9.20
N PRO B 120 -46.80 17.19 9.61
CA PRO B 120 -48.21 16.77 9.77
C PRO B 120 -49.03 17.66 10.72
N GLU B 121 -48.34 18.36 11.63
CA GLU B 121 -48.93 19.25 12.65
C GLU B 121 -49.43 20.54 12.00
N ASN B 122 -49.25 20.71 10.69
CA ASN B 122 -49.54 21.97 9.96
C ASN B 122 -50.48 21.73 8.77
N TYR B 123 -50.84 20.48 8.49
CA TYR B 123 -51.66 20.13 7.30
C TYR B 123 -52.87 21.07 7.27
N ARG B 124 -53.44 21.37 8.45
CA ARG B 124 -54.71 22.07 8.62
C ARG B 124 -54.50 23.56 8.64
N ARG B 125 -53.30 24.06 8.32
CA ARG B 125 -52.95 25.49 8.21
C ARG B 125 -52.70 25.91 6.74
N LEU B 126 -52.95 24.98 5.82
CA LEU B 126 -52.89 25.19 4.37
C LEU B 126 -54.25 25.67 3.85
N ASP B 127 -54.24 26.61 2.89
CA ASP B 127 -55.47 27.20 2.28
C ASP B 127 -56.11 26.22 1.28
N ILE B 128 -56.63 25.10 1.78
CA ILE B 128 -57.24 24.03 0.92
C ILE B 128 -58.56 23.54 1.51
N VAL B 129 -59.46 23.04 0.64
CA VAL B 129 -60.74 22.36 1.03
C VAL B 129 -60.47 21.44 2.25
N ARG B 130 -61.42 21.44 3.18
CA ARG B 130 -61.38 20.73 4.48
C ARG B 130 -61.22 19.23 4.31
N SER B 131 -61.78 18.67 3.25
CA SER B 131 -61.71 17.24 2.87
C SER B 131 -60.27 16.75 2.67
N LEU B 132 -59.43 17.62 2.13
CA LEU B 132 -58.04 17.30 1.73
C LEU B 132 -57.10 17.28 2.93
N TYR B 133 -57.50 17.86 4.06
CA TYR B 133 -56.81 17.74 5.37
C TYR B 133 -56.76 16.27 5.78
N GLU B 134 -57.91 15.61 5.71
CA GLU B 134 -58.10 14.18 6.05
C GLU B 134 -57.28 13.30 5.10
N ASP B 135 -57.38 13.55 3.80
CA ASP B 135 -56.67 12.84 2.71
C ASP B 135 -55.16 12.90 2.94
N LEU B 136 -54.61 14.08 3.27
CA LEU B 136 -53.20 14.24 3.68
C LEU B 136 -52.91 13.35 4.90
N GLU B 137 -53.83 13.32 5.88
CA GLU B 137 -53.56 12.69 7.20
C GLU B 137 -53.58 11.15 7.06
N ASP B 138 -54.40 10.65 6.13
CA ASP B 138 -54.54 9.20 5.81
C ASP B 138 -53.30 8.71 5.06
N HIS B 139 -52.18 8.55 5.78
CA HIS B 139 -50.85 8.17 5.25
C HIS B 139 -50.87 6.79 4.62
N PRO B 140 -50.02 6.51 3.60
CA PRO B 140 -49.88 5.14 3.10
C PRO B 140 -49.49 4.17 4.23
N ASN B 141 -50.17 3.03 4.31
CA ASN B 141 -49.96 2.05 5.40
C ASN B 141 -50.14 0.62 4.90
N VAL B 142 -49.18 -0.26 5.18
CA VAL B 142 -49.23 -1.66 4.66
C VAL B 142 -50.42 -2.41 5.27
N GLN B 143 -50.74 -2.15 6.53
CA GLN B 143 -51.85 -2.82 7.24
C GLN B 143 -53.18 -2.53 6.56
N LYS B 144 -53.39 -1.27 6.19
CA LYS B 144 -54.60 -0.82 5.46
C LYS B 144 -54.62 -1.54 4.12
N ASP B 145 -53.45 -1.60 3.45
CA ASP B 145 -53.33 -2.22 2.12
C ASP B 145 -53.63 -3.72 2.17
N LEU B 146 -53.03 -4.43 3.10
CA LEU B 146 -53.21 -5.88 3.27
C LEU B 146 -54.68 -6.23 3.41
N GLU B 147 -55.40 -5.45 4.21
CA GLU B 147 -56.88 -5.58 4.29
C GLU B 147 -57.48 -5.55 2.90
N ARG B 148 -57.15 -4.54 2.12
CA ARG B 148 -57.66 -4.27 0.76
C ARG B 148 -57.36 -5.43 -0.18
N LEU B 149 -56.12 -5.91 -0.15
CA LEU B 149 -55.62 -7.00 -0.97
C LEU B 149 -56.26 -8.32 -0.58
N THR B 150 -56.47 -8.52 0.72
CA THR B 150 -57.23 -9.68 1.24
C THR B 150 -58.66 -9.60 0.73
N GLN B 151 -59.46 -8.63 1.19
CA GLN B 151 -60.85 -8.42 0.81
C GLN B 151 -61.00 -8.36 -0.72
N GLU B 152 -59.88 -8.35 -1.47
CA GLU B 152 -59.84 -8.46 -2.94
C GLU B 152 -59.81 -9.93 -3.37
N ARG B 153 -58.85 -10.70 -2.84
CA ARG B 153 -58.69 -12.17 -3.05
C ARG B 153 -59.91 -12.95 -2.54
N ILE B 154 -60.49 -12.43 -1.47
CA ILE B 154 -61.68 -12.94 -0.77
C ILE B 154 -62.89 -12.70 -1.65
N ALA B 155 -62.99 -11.51 -2.26
CA ALA B 155 -64.02 -11.16 -3.24
C ALA B 155 -63.78 -11.86 -4.59
N HIS B 156 -62.52 -12.28 -4.83
CA HIS B 156 -62.11 -13.07 -6.00
C HIS B 156 -62.19 -14.57 -5.76
N GLN B 157 -62.58 -14.98 -4.54
CA GLN B 157 -62.98 -16.38 -4.24
C GLN B 157 -64.50 -16.47 -4.05
N ARG B 158 -65.27 -15.59 -4.70
CA ARG B 158 -66.74 -15.45 -4.59
C ARG B 158 -67.33 -16.51 -3.66
N MET C 1 -58.66 11.46 -32.26
CA MET C 1 -59.55 12.62 -32.02
C MET C 1 -58.95 13.49 -30.91
N TYR C 2 -58.93 14.81 -31.11
CA TYR C 2 -58.50 15.82 -30.10
C TYR C 2 -59.73 16.50 -29.44
N VAL C 3 -59.59 16.86 -28.17
CA VAL C 3 -60.54 17.77 -27.46
C VAL C 3 -59.79 19.05 -27.07
N LYS C 4 -60.52 20.11 -26.77
CA LYS C 4 -59.94 21.41 -26.37
C LYS C 4 -60.35 21.58 -24.93
N LEU C 5 -59.37 21.76 -24.02
CA LEU C 5 -59.60 22.13 -22.60
C LEU C 5 -59.22 23.57 -22.45
N ILE C 6 -60.00 24.42 -21.73
CA ILE C 6 -59.74 25.89 -21.64
C ILE C 6 -59.64 26.28 -20.16
N SER C 7 -58.54 26.94 -19.76
CA SER C 7 -58.24 27.34 -18.36
C SER C 7 -59.04 28.55 -17.95
N SER C 8 -59.21 28.77 -16.64
CA SER C 8 -59.88 29.98 -16.09
C SER C 8 -59.40 31.23 -16.83
N ASP C 9 -58.11 31.35 -17.08
CA ASP C 9 -57.49 32.57 -17.65
C ASP C 9 -57.46 32.48 -19.19
N GLY C 10 -58.26 31.60 -19.79
CA GLY C 10 -58.62 31.62 -21.24
C GLY C 10 -57.64 30.90 -22.14
N HIS C 11 -56.59 30.32 -21.59
CA HIS C 11 -55.68 29.42 -22.36
C HIS C 11 -56.39 28.17 -22.90
N GLU C 12 -56.11 27.83 -24.14
CA GLU C 12 -56.56 26.61 -24.84
C GLU C 12 -55.48 25.49 -24.76
N PHE C 13 -55.92 24.27 -24.48
CA PHE C 13 -55.10 23.05 -24.40
C PHE C 13 -55.71 21.99 -25.30
N ILE C 14 -55.04 21.68 -26.42
CA ILE C 14 -55.52 20.67 -27.42
C ILE C 14 -54.82 19.34 -27.15
N VAL C 15 -55.52 18.38 -26.57
CA VAL C 15 -54.97 17.05 -26.22
C VAL C 15 -55.82 15.98 -26.92
N LYS C 16 -55.26 14.76 -27.02
CA LYS C 16 -56.02 13.57 -27.50
C LYS C 16 -57.14 13.26 -26.51
N ARG C 17 -58.30 12.83 -27.01
CA ARG C 17 -59.50 12.54 -26.19
C ARG C 17 -59.20 11.48 -25.13
N GLU C 18 -58.68 10.34 -25.56
CA GLU C 18 -58.36 9.16 -24.75
C GLU C 18 -57.54 9.56 -23.53
N HIS C 19 -56.58 10.48 -23.76
CA HIS C 19 -55.73 11.10 -22.71
C HIS C 19 -56.60 11.84 -21.67
N ALA C 20 -57.48 12.72 -22.13
CA ALA C 20 -58.36 13.53 -21.29
C ALA C 20 -59.33 12.67 -20.47
N LEU C 21 -59.84 11.60 -21.08
CA LEU C 21 -60.80 10.66 -20.47
C LEU C 21 -60.20 10.05 -19.21
N THR C 22 -58.90 10.17 -19.01
CA THR C 22 -58.21 9.80 -17.75
C THR C 22 -58.94 10.42 -16.54
N SER C 23 -59.37 11.66 -16.72
CA SER C 23 -60.18 12.42 -15.75
C SER C 23 -61.62 11.95 -15.72
N GLY C 24 -62.06 11.31 -14.62
CA GLY C 24 -63.46 10.90 -14.45
C GLY C 24 -64.43 12.06 -14.66
N THR C 25 -64.04 13.18 -14.04
CA THR C 25 -64.81 14.45 -14.13
C THR C 25 -64.99 14.85 -15.58
N ILE C 26 -63.92 14.79 -16.37
CA ILE C 26 -63.99 15.13 -17.83
C ILE C 26 -64.71 14.00 -18.56
N LYS C 27 -64.47 12.75 -18.15
CA LYS C 27 -65.11 11.57 -18.80
C LYS C 27 -66.63 11.71 -18.78
N ALA C 28 -67.17 12.22 -17.65
CA ALA C 28 -68.60 12.51 -17.42
C ALA C 28 -69.04 13.82 -18.09
N MET C 29 -68.12 14.77 -18.35
CA MET C 29 -68.43 16.00 -19.09
C MET C 29 -68.50 15.74 -20.60
N LEU C 30 -67.77 14.74 -21.12
CA LEU C 30 -67.66 14.48 -22.58
C LEU C 30 -68.71 13.45 -23.05
N SER C 31 -68.99 12.43 -22.23
CA SER C 31 -69.75 11.21 -22.63
C SER C 31 -71.26 11.50 -22.71
N GLY C 32 -71.76 12.45 -21.91
CA GLY C 32 -73.15 12.94 -21.93
C GLY C 32 -73.49 13.68 -23.24
N PRO C 33 -74.76 14.11 -23.41
CA PRO C 33 -75.21 14.67 -24.70
C PRO C 33 -74.66 16.09 -24.95
N GLY C 34 -74.81 16.58 -26.18
CA GLY C 34 -74.60 18.01 -26.54
C GLY C 34 -73.95 18.21 -27.88
N GLN C 35 -74.28 19.34 -28.52
CA GLN C 35 -73.87 19.79 -29.89
C GLN C 35 -74.96 19.43 -30.91
N PHE C 36 -76.14 20.02 -30.76
CA PHE C 36 -77.36 19.88 -31.61
C PHE C 36 -77.84 18.42 -31.66
N ALA C 37 -77.14 17.55 -32.41
CA ALA C 37 -77.51 16.13 -32.66
C ALA C 37 -76.26 15.24 -32.57
N GLU C 38 -75.54 15.36 -31.45
CA GLU C 38 -74.27 14.62 -31.14
C GLU C 38 -74.29 14.18 -29.67
N ASN C 39 -73.73 12.99 -29.39
CA ASN C 39 -73.80 12.29 -28.07
C ASN C 39 -72.47 12.38 -27.33
N GLU C 40 -71.63 13.39 -27.62
CA GLU C 40 -70.31 13.63 -26.98
C GLU C 40 -69.78 15.01 -27.40
N THR C 41 -68.95 15.62 -26.54
CA THR C 41 -68.46 17.02 -26.62
C THR C 41 -67.01 17.01 -27.12
N ASN C 42 -66.51 18.18 -27.53
CA ASN C 42 -65.15 18.39 -28.06
C ASN C 42 -64.67 19.77 -27.61
N GLU C 43 -65.07 20.25 -26.41
CA GLU C 43 -64.65 21.57 -25.86
C GLU C 43 -65.15 21.72 -24.43
N VAL C 44 -64.25 22.02 -23.47
CA VAL C 44 -64.61 22.05 -22.01
C VAL C 44 -64.04 23.32 -21.39
N ASN C 45 -64.85 24.00 -20.57
CA ASN C 45 -64.41 25.27 -19.93
C ASN C 45 -64.24 25.12 -18.41
N PHE C 46 -63.03 25.32 -17.94
CA PHE C 46 -62.71 25.27 -16.51
C PHE C 46 -62.77 26.69 -16.00
N ARG C 47 -63.35 26.85 -14.80
CA ARG C 47 -63.70 28.16 -14.18
C ARG C 47 -62.71 28.44 -13.03
N GLU C 48 -62.26 27.38 -12.37
CA GLU C 48 -61.34 27.47 -11.20
C GLU C 48 -59.89 27.29 -11.61
N ILE C 49 -59.61 26.42 -12.59
CA ILE C 49 -58.23 25.92 -12.86
C ILE C 49 -57.49 26.87 -13.79
N PRO C 50 -56.36 27.48 -13.33
CA PRO C 50 -55.57 28.35 -14.18
C PRO C 50 -54.67 27.55 -15.14
N SER C 51 -54.08 28.27 -16.09
CA SER C 51 -53.26 27.72 -17.20
C SER C 51 -52.08 26.91 -16.68
N HIS C 52 -51.31 27.50 -15.77
CA HIS C 52 -50.06 26.86 -15.25
C HIS C 52 -50.34 25.52 -14.58
N VAL C 53 -51.57 25.34 -14.12
CA VAL C 53 -52.05 24.07 -13.50
C VAL C 53 -52.54 23.13 -14.58
N LEU C 54 -53.53 23.54 -15.36
CA LEU C 54 -54.15 22.68 -16.40
C LEU C 54 -53.07 22.15 -17.37
N SER C 55 -52.01 22.93 -17.63
CA SER C 55 -50.83 22.46 -18.40
C SER C 55 -50.29 21.19 -17.74
N LYS C 56 -49.97 21.27 -16.46
CA LYS C 56 -49.46 20.17 -15.62
C LYS C 56 -50.43 18.99 -15.66
N VAL C 57 -51.72 19.24 -15.55
CA VAL C 57 -52.78 18.21 -15.58
C VAL C 57 -52.70 17.46 -16.89
N CYS C 58 -52.40 18.13 -17.99
CA CYS C 58 -52.24 17.50 -19.30
C CYS C 58 -50.93 16.71 -19.36
N MET C 59 -49.86 17.33 -18.92
CA MET C 59 -48.57 16.65 -18.74
C MET C 59 -48.79 15.30 -18.07
N TYR C 60 -49.61 15.26 -17.03
CA TYR C 60 -49.95 14.03 -16.31
C TYR C 60 -50.69 13.06 -17.23
N PHE C 61 -51.74 13.53 -17.91
CA PHE C 61 -52.49 12.68 -18.86
C PHE C 61 -51.51 11.99 -19.78
N THR C 62 -50.60 12.75 -20.38
CA THR C 62 -49.55 12.22 -21.27
C THR C 62 -48.83 11.05 -20.61
N TYR C 63 -48.30 11.37 -19.42
CA TYR C 63 -47.49 10.46 -18.58
C TYR C 63 -48.26 9.19 -18.27
N LYS C 64 -49.52 9.39 -17.83
CA LYS C 64 -50.38 8.28 -17.39
C LYS C 64 -50.56 7.26 -18.52
N VAL C 65 -50.89 7.76 -19.71
CA VAL C 65 -51.13 6.90 -20.90
C VAL C 65 -49.83 6.24 -21.34
N ARG C 66 -48.74 7.02 -21.40
CA ARG C 66 -47.43 6.44 -21.80
C ARG C 66 -46.98 5.29 -20.89
N TYR C 67 -47.16 5.42 -19.57
CA TYR C 67 -46.45 4.57 -18.58
C TYR C 67 -47.36 3.55 -17.85
N THR C 68 -48.67 3.62 -17.97
CA THR C 68 -49.62 2.51 -17.66
C THR C 68 -49.26 1.29 -18.52
N ASN C 69 -49.15 0.11 -17.91
CA ASN C 69 -48.93 -1.19 -18.60
C ASN C 69 -47.63 -1.12 -19.39
N SER C 70 -46.58 -0.60 -18.76
CA SER C 70 -45.22 -0.48 -19.35
C SER C 70 -44.20 -1.19 -18.46
N SER C 71 -43.42 -2.09 -19.09
CA SER C 71 -42.41 -2.98 -18.48
C SER C 71 -41.05 -2.27 -18.48
N THR C 72 -40.90 -1.21 -19.29
CA THR C 72 -39.99 -0.05 -19.04
C THR C 72 -40.18 0.38 -17.56
N GLU C 73 -39.10 0.38 -16.77
CA GLU C 73 -38.94 1.22 -15.54
C GLU C 73 -39.64 2.57 -15.71
N ILE C 74 -40.34 3.04 -14.66
CA ILE C 74 -41.18 4.26 -14.70
C ILE C 74 -40.38 5.40 -14.09
N PRO C 75 -40.38 6.61 -14.71
CA PRO C 75 -39.80 7.79 -14.07
C PRO C 75 -40.81 8.46 -13.12
N GLU C 76 -40.29 9.17 -12.14
CA GLU C 76 -41.09 9.91 -11.12
C GLU C 76 -41.84 11.04 -11.83
N PHE C 77 -43.12 11.27 -11.48
CA PHE C 77 -43.89 12.44 -11.97
C PHE C 77 -43.55 13.63 -11.10
N PRO C 78 -42.89 14.68 -11.63
CA PRO C 78 -42.38 15.77 -10.79
C PRO C 78 -43.42 16.84 -10.54
N ILE C 79 -43.40 17.40 -9.34
CA ILE C 79 -44.29 18.50 -8.91
C ILE C 79 -43.39 19.43 -8.10
N ALA C 80 -43.34 20.71 -8.54
CA ALA C 80 -42.68 21.78 -7.79
C ALA C 80 -43.56 22.28 -6.65
N PRO C 81 -42.97 22.43 -5.45
CA PRO C 81 -43.74 22.83 -4.28
C PRO C 81 -44.75 23.94 -4.50
N GLU C 82 -44.34 24.96 -5.22
CA GLU C 82 -45.14 26.17 -5.51
C GLU C 82 -46.47 25.80 -6.15
N ILE C 83 -46.46 24.84 -7.06
CA ILE C 83 -47.67 24.42 -7.82
C ILE C 83 -48.46 23.35 -7.07
N ALA C 84 -47.86 22.76 -6.05
CA ALA C 84 -48.40 21.51 -5.43
C ALA C 84 -49.86 21.66 -5.03
N LEU C 85 -50.14 22.64 -4.15
CA LEU C 85 -51.48 22.84 -3.55
C LEU C 85 -52.58 22.99 -4.57
N GLU C 86 -52.35 23.81 -5.61
CA GLU C 86 -53.35 24.04 -6.66
C GLU C 86 -53.61 22.78 -7.45
N LEU C 87 -52.54 22.09 -7.80
CA LEU C 87 -52.56 20.84 -8.55
C LEU C 87 -53.32 19.77 -7.78
N LEU C 88 -53.10 19.70 -6.46
CA LEU C 88 -53.85 18.81 -5.56
C LEU C 88 -55.34 19.14 -5.66
N MET C 89 -55.64 20.43 -5.60
CA MET C 89 -57.04 20.91 -5.67
C MET C 89 -57.66 20.41 -6.95
N ALA C 90 -56.92 20.65 -8.05
CA ALA C 90 -57.37 20.37 -9.42
C ALA C 90 -57.65 18.90 -9.58
N ALA C 91 -56.69 18.06 -9.20
CA ALA C 91 -56.82 16.59 -9.25
C ALA C 91 -58.06 16.12 -8.50
N ASN C 92 -58.20 16.62 -7.29
CA ASN C 92 -59.34 16.29 -6.41
C ASN C 92 -60.63 16.59 -7.15
N PHE C 93 -60.74 17.77 -7.72
CA PHE C 93 -61.86 18.18 -8.61
C PHE C 93 -62.01 17.24 -9.81
N LEU C 94 -60.92 16.89 -10.48
CA LEU C 94 -60.94 16.22 -11.80
C LEU C 94 -61.05 14.71 -11.66
N ASP C 95 -60.87 14.19 -10.44
CA ASP C 95 -60.91 12.73 -10.15
C ASP C 95 -59.92 12.01 -11.07
N CYS C 96 -58.63 12.14 -10.79
CA CYS C 96 -57.54 11.47 -11.54
C CYS C 96 -56.22 11.54 -10.77
N MET D 1 -38.56 5.57 -31.47
CA MET D 1 -38.01 6.30 -30.26
C MET D 1 -38.75 7.65 -30.15
N ASP D 2 -39.56 7.89 -29.10
CA ASP D 2 -40.62 8.93 -29.15
C ASP D 2 -40.12 10.19 -28.43
N VAL D 3 -40.65 11.33 -28.85
CA VAL D 3 -40.51 12.65 -28.14
C VAL D 3 -41.93 13.17 -27.89
N PHE D 4 -42.08 13.88 -26.78
CA PHE D 4 -43.34 14.48 -26.28
C PHE D 4 -43.24 16.00 -26.35
N LEU D 5 -44.25 16.64 -26.95
CA LEU D 5 -44.17 18.04 -27.40
C LEU D 5 -45.38 18.83 -26.91
N MET D 6 -45.14 20.06 -26.50
CA MET D 6 -46.14 21.15 -26.47
C MET D 6 -45.90 22.06 -27.66
N ILE D 7 -46.82 22.12 -28.62
CA ILE D 7 -46.80 23.07 -29.76
C ILE D 7 -47.63 24.28 -29.35
N ARG D 8 -47.03 25.48 -29.35
CA ARG D 8 -47.59 26.66 -28.61
C ARG D 8 -47.55 27.89 -29.51
N ARG D 9 -48.70 28.56 -29.70
CA ARG D 9 -48.89 29.86 -30.37
C ARG D 9 -49.95 30.67 -29.64
N HIS D 10 -49.59 31.87 -29.16
CA HIS D 10 -50.53 32.74 -28.40
C HIS D 10 -51.09 31.94 -27.22
N LYS D 11 -52.40 31.81 -27.12
CA LYS D 11 -53.14 31.16 -26.00
C LYS D 11 -53.58 29.74 -26.43
N THR D 12 -52.98 29.21 -27.51
CA THR D 12 -53.11 27.81 -27.95
C THR D 12 -51.86 27.03 -27.48
N THR D 13 -52.04 25.76 -27.15
CA THR D 13 -51.05 24.78 -26.67
C THR D 13 -51.56 23.36 -27.05
N ILE D 14 -50.85 22.69 -27.92
CA ILE D 14 -51.17 21.31 -28.41
C ILE D 14 -50.23 20.32 -27.74
N PHE D 15 -50.81 19.32 -27.11
CA PHE D 15 -50.07 18.19 -26.47
C PHE D 15 -50.07 16.97 -27.37
N THR D 16 -48.91 16.65 -27.96
CA THR D 16 -48.77 15.50 -28.88
C THR D 16 -47.40 14.86 -28.75
N ASP D 17 -47.21 13.72 -29.45
CA ASP D 17 -45.96 12.93 -29.56
C ASP D 17 -45.62 12.76 -31.05
N ALA D 18 -44.35 12.50 -31.32
CA ALA D 18 -43.84 12.17 -32.67
C ALA D 18 -42.54 11.37 -32.48
N LYS D 19 -42.08 10.78 -33.58
CA LYS D 19 -40.82 9.99 -33.53
C LYS D 19 -39.65 10.96 -33.54
N GLU D 20 -38.56 10.67 -32.84
CA GLU D 20 -37.31 11.45 -32.87
C GLU D 20 -36.88 11.59 -34.33
N SER D 21 -37.05 10.49 -35.07
CA SER D 21 -36.73 10.36 -36.51
C SER D 21 -37.60 11.25 -37.40
N SER D 22 -38.88 11.42 -37.09
CA SER D 22 -39.87 12.09 -37.96
C SER D 22 -39.44 13.56 -38.15
N THR D 23 -39.90 14.15 -39.25
CA THR D 23 -39.39 15.46 -39.78
C THR D 23 -40.27 16.63 -39.36
N VAL D 24 -39.66 17.80 -39.26
CA VAL D 24 -40.33 19.09 -38.95
C VAL D 24 -41.52 19.29 -39.89
N PHE D 25 -41.37 18.88 -41.16
CA PHE D 25 -42.51 18.94 -42.12
C PHE D 25 -43.66 18.06 -41.62
N GLU D 26 -43.32 16.81 -41.28
CA GLU D 26 -44.33 15.78 -40.90
C GLU D 26 -45.11 16.26 -39.67
N LEU D 27 -44.42 16.95 -38.76
CA LEU D 27 -45.03 17.58 -37.56
C LEU D 27 -46.09 18.61 -37.98
N LYS D 28 -45.74 19.47 -38.96
CA LYS D 28 -46.67 20.51 -39.48
C LYS D 28 -47.91 19.83 -40.05
N ARG D 29 -47.78 18.59 -40.57
CA ARG D 29 -48.92 17.82 -41.12
C ARG D 29 -49.91 17.44 -40.02
N ILE D 30 -49.36 17.10 -38.83
CA ILE D 30 -50.18 16.80 -37.61
C ILE D 30 -50.93 18.07 -37.21
N VAL D 31 -50.22 19.21 -37.27
CA VAL D 31 -50.76 20.54 -36.89
C VAL D 31 -51.85 20.92 -37.87
N GLU D 32 -51.65 20.71 -39.19
CA GLU D 32 -52.70 20.89 -40.18
C GLU D 32 -54.00 20.20 -39.76
N GLY D 33 -53.88 18.94 -39.32
CA GLY D 33 -55.06 18.09 -39.09
C GLY D 33 -55.87 18.51 -37.89
N ILE D 34 -55.26 19.32 -37.04
CA ILE D 34 -55.85 19.79 -35.75
C ILE D 34 -56.48 21.19 -35.90
N LEU D 35 -55.68 22.11 -36.40
CA LEU D 35 -55.99 23.56 -36.50
C LEU D 35 -56.52 23.98 -37.87
N LYS D 36 -56.20 23.19 -38.90
CA LYS D 36 -56.59 23.47 -40.32
C LYS D 36 -55.83 24.66 -40.92
N ARG D 37 -54.53 24.47 -41.12
CA ARG D 37 -53.62 25.42 -41.78
C ARG D 37 -52.52 24.60 -42.45
N PRO D 38 -52.26 24.79 -43.75
CA PRO D 38 -51.27 23.97 -44.42
C PRO D 38 -49.83 24.27 -44.00
N PRO D 39 -48.89 23.31 -44.15
CA PRO D 39 -47.49 23.49 -43.75
C PRO D 39 -46.80 24.78 -44.21
N ASP D 40 -47.18 25.24 -45.41
CA ASP D 40 -46.58 26.40 -46.10
C ASP D 40 -47.10 27.68 -45.45
N GLU D 41 -48.12 27.59 -44.58
CA GLU D 41 -48.58 28.75 -43.80
C GLU D 41 -48.06 28.71 -42.37
N GLN D 42 -47.23 27.72 -42.02
CA GLN D 42 -46.74 27.56 -40.66
C GLN D 42 -45.35 28.15 -40.56
N ARG D 43 -44.73 28.10 -39.39
CA ARG D 43 -43.28 28.28 -39.15
C ARG D 43 -42.96 27.86 -37.71
N LEU D 44 -42.19 26.77 -37.57
CA LEU D 44 -41.92 26.13 -36.26
C LEU D 44 -40.53 26.53 -35.77
N TYR D 45 -40.45 26.74 -34.47
CA TYR D 45 -39.25 27.20 -33.74
C TYR D 45 -38.93 26.25 -32.57
N LYS D 46 -37.67 26.14 -32.27
CA LYS D 46 -37.16 25.64 -30.98
C LYS D 46 -36.49 26.82 -30.28
N ASP D 47 -37.27 27.43 -29.36
CA ASP D 47 -36.88 28.71 -28.70
C ASP D 47 -37.11 29.81 -29.73
N ASP D 48 -36.07 30.56 -30.11
CA ASP D 48 -36.12 31.65 -31.07
C ASP D 48 -35.60 31.23 -32.44
N GLN D 49 -34.88 30.11 -32.49
CA GLN D 49 -34.37 29.56 -33.77
C GLN D 49 -35.46 28.82 -34.53
N LEU D 50 -35.62 29.20 -35.79
CA LEU D 50 -36.54 28.60 -36.79
C LEU D 50 -35.97 27.25 -37.21
N LEU D 51 -36.86 26.32 -37.52
CA LEU D 51 -36.53 24.92 -37.88
C LEU D 51 -36.59 24.79 -39.41
N ASP D 52 -36.07 23.68 -39.91
CA ASP D 52 -35.96 23.26 -41.33
C ASP D 52 -36.84 22.03 -41.59
N ASP D 53 -37.76 22.15 -42.56
CA ASP D 53 -38.74 21.07 -42.94
C ASP D 53 -38.04 19.72 -43.13
N GLY D 54 -36.81 19.71 -43.66
CA GLY D 54 -36.05 18.47 -43.95
C GLY D 54 -35.61 17.78 -42.66
N LYS D 55 -34.94 18.56 -41.82
CA LYS D 55 -34.28 18.03 -40.56
C LYS D 55 -35.31 17.18 -39.78
N THR D 56 -34.78 16.21 -39.02
CA THR D 56 -35.54 15.40 -38.06
C THR D 56 -35.64 16.18 -36.74
N LEU D 57 -36.70 15.93 -35.98
CA LEU D 57 -36.85 16.48 -34.60
C LEU D 57 -35.57 16.17 -33.81
N GLY D 58 -35.00 15.00 -34.02
CA GLY D 58 -33.76 14.58 -33.35
C GLY D 58 -32.61 15.53 -33.65
N GLU D 59 -32.54 15.99 -34.90
CA GLU D 59 -31.48 16.91 -35.39
C GLU D 59 -31.72 18.31 -34.83
N CYS D 60 -32.96 18.73 -34.67
CA CYS D 60 -33.34 20.05 -34.08
C CYS D 60 -33.05 20.08 -32.58
N GLY D 61 -32.87 18.89 -31.96
CA GLY D 61 -32.45 18.74 -30.54
C GLY D 61 -33.57 18.27 -29.62
N PHE D 62 -34.65 17.71 -30.21
CA PHE D 62 -35.74 17.08 -29.46
C PHE D 62 -35.40 15.62 -29.24
N THR D 63 -35.11 15.18 -28.02
CA THR D 63 -34.64 13.80 -27.75
C THR D 63 -35.48 13.18 -26.63
N SER D 64 -35.36 11.85 -26.48
CA SER D 64 -36.03 11.08 -25.38
C SER D 64 -35.77 11.84 -24.06
N GLN D 65 -34.52 12.22 -23.80
CA GLN D 65 -34.06 12.73 -22.50
C GLN D 65 -34.44 14.19 -22.30
N THR D 66 -34.82 14.95 -23.37
CA THR D 66 -35.14 16.38 -23.31
C THR D 66 -36.55 16.67 -23.84
N ALA D 67 -37.39 15.65 -24.10
CA ALA D 67 -38.81 15.81 -24.45
C ALA D 67 -39.62 14.65 -23.87
N ARG D 68 -39.68 14.57 -22.55
CA ARG D 68 -40.31 13.46 -21.81
C ARG D 68 -41.78 13.79 -21.59
N PRO D 69 -42.62 12.77 -21.43
CA PRO D 69 -44.08 12.96 -21.34
C PRO D 69 -44.53 13.91 -20.22
N GLN D 70 -43.83 13.78 -19.07
CA GLN D 70 -44.07 14.54 -17.83
C GLN D 70 -43.35 15.89 -17.89
N ALA D 71 -42.57 16.17 -18.94
CA ALA D 71 -41.81 17.42 -19.13
C ALA D 71 -41.62 17.71 -20.61
N PRO D 72 -42.71 17.78 -21.41
CA PRO D 72 -42.61 17.85 -22.86
C PRO D 72 -41.83 19.06 -23.34
N ALA D 73 -41.17 18.94 -24.50
CA ALA D 73 -40.37 20.06 -25.06
C ALA D 73 -41.29 20.96 -25.84
N THR D 74 -41.00 22.26 -25.89
CA THR D 74 -41.93 23.30 -26.41
C THR D 74 -41.54 23.67 -27.84
N VAL D 75 -42.45 23.45 -28.78
CA VAL D 75 -42.32 23.81 -30.21
C VAL D 75 -43.12 25.09 -30.47
N GLY D 76 -42.42 26.15 -30.88
CA GLY D 76 -42.99 27.46 -31.21
C GLY D 76 -43.72 27.44 -32.54
N LEU D 77 -44.90 28.06 -32.62
CA LEU D 77 -45.70 28.11 -33.86
C LEU D 77 -46.00 29.56 -34.26
N ALA D 78 -45.91 29.87 -35.54
CA ALA D 78 -46.27 31.16 -36.14
C ALA D 78 -47.01 30.90 -37.45
N PHE D 79 -48.08 31.64 -37.69
CA PHE D 79 -48.92 31.53 -38.88
C PHE D 79 -48.74 32.74 -39.84
N ARG D 80 -48.02 32.52 -40.94
CA ARG D 80 -48.16 33.17 -42.26
C ARG D 80 -49.63 33.31 -42.60
N ALA D 81 -50.05 34.37 -43.27
CA ALA D 81 -51.38 34.59 -43.90
C ALA D 81 -51.16 35.38 -45.20
N ASP D 82 -50.73 34.67 -46.26
CA ASP D 82 -50.30 35.22 -47.58
C ASP D 82 -48.92 35.86 -47.45
N ASP D 83 -48.83 37.17 -47.25
CA ASP D 83 -47.55 37.89 -46.95
C ASP D 83 -47.44 38.23 -45.48
N THR D 84 -48.49 37.99 -44.71
CA THR D 84 -48.48 38.21 -43.24
C THR D 84 -47.53 37.18 -42.62
N PHE D 85 -46.26 37.55 -42.47
CA PHE D 85 -45.22 36.77 -41.78
C PHE D 85 -45.19 37.12 -40.29
N GLU D 86 -46.22 36.69 -39.56
CA GLU D 86 -46.48 37.08 -38.16
C GLU D 86 -45.28 36.63 -37.34
N ALA D 87 -45.08 37.31 -36.20
CA ALA D 87 -43.99 37.04 -35.28
C ALA D 87 -44.41 35.91 -34.34
N LEU D 88 -43.40 35.22 -33.84
CA LEU D 88 -43.55 34.21 -32.74
C LEU D 88 -43.94 34.93 -31.47
N CYS D 89 -45.17 34.69 -30.96
CA CYS D 89 -45.73 35.19 -29.71
C CYS D 89 -46.37 34.02 -28.94
N ILE D 90 -45.88 33.78 -27.71
CA ILE D 90 -46.37 32.73 -26.78
C ILE D 90 -46.82 33.43 -25.48
N GLU D 91 -48.13 33.58 -25.34
CA GLU D 91 -48.79 34.10 -24.11
C GLU D 91 -48.40 33.18 -22.95
N PRO D 92 -47.61 33.66 -21.96
CA PRO D 92 -47.11 32.77 -20.92
C PRO D 92 -48.27 32.23 -20.07
N PHE D 93 -47.99 31.21 -19.26
CA PHE D 93 -49.02 30.68 -18.33
C PHE D 93 -49.09 31.59 -17.12
N SER D 94 -50.19 31.51 -16.38
CA SER D 94 -50.41 32.16 -15.08
C SER D 94 -49.35 31.72 -14.07
N SER D 95 -49.23 32.51 -13.01
CA SER D 95 -48.26 32.29 -11.91
C SER D 95 -48.98 31.70 -10.71
N PRO D 96 -48.30 30.84 -9.91
CA PRO D 96 -48.86 30.35 -8.66
C PRO D 96 -48.61 31.36 -7.54
N PRO D 97 -49.47 31.40 -6.50
CA PRO D 97 -49.20 32.20 -5.31
C PRO D 97 -47.88 31.75 -4.69
N GLU D 98 -47.27 32.63 -3.92
CA GLU D 98 -46.00 32.40 -3.23
C GLU D 98 -46.18 31.27 -2.22
N LEU D 99 -45.11 30.49 -2.11
CA LEU D 99 -45.11 29.21 -1.35
C LEU D 99 -45.46 29.49 0.11
N PRO D 100 -46.60 28.99 0.62
CA PRO D 100 -46.94 29.16 2.03
C PRO D 100 -45.79 28.74 2.96
N ASP D 101 -45.63 29.46 4.08
CA ASP D 101 -44.44 29.29 4.98
C ASP D 101 -44.35 27.83 5.44
N VAL D 102 -45.48 27.16 5.65
CA VAL D 102 -45.53 25.77 6.22
C VAL D 102 -44.88 24.75 5.26
N MET D 103 -44.67 25.13 4.00
CA MET D 103 -44.08 24.26 2.92
C MET D 103 -42.60 24.60 2.68
N LYS D 104 -42.11 25.71 3.24
CA LYS D 104 -40.66 26.02 3.34
C LYS D 104 -40.08 25.30 4.58
N LEU E 5 63.87 -32.64 -7.01
CA LEU E 5 63.49 -34.11 -7.14
C LEU E 5 64.42 -34.97 -6.27
N SER E 6 65.72 -34.64 -6.27
CA SER E 6 66.79 -35.37 -5.55
C SER E 6 66.61 -35.21 -4.03
N PRO E 7 66.53 -36.34 -3.29
CA PRO E 7 66.21 -36.28 -1.86
C PRO E 7 67.21 -35.46 -1.04
N ASN E 8 66.69 -34.75 -0.04
CA ASN E 8 67.46 -34.12 1.07
C ASN E 8 67.87 -35.24 2.02
N PRO E 9 68.89 -35.02 2.90
CA PRO E 9 69.19 -35.97 3.97
C PRO E 9 67.95 -36.19 4.83
N PRO E 10 67.72 -37.42 5.37
CA PRO E 10 66.52 -37.72 6.17
C PRO E 10 66.43 -36.80 7.38
N LYS E 11 67.57 -36.61 8.07
CA LYS E 11 67.71 -35.81 9.31
C LYS E 11 67.31 -34.36 9.02
N LEU E 12 67.74 -33.79 7.89
CA LEU E 12 67.39 -32.40 7.48
C LEU E 12 65.89 -32.22 7.42
N THR E 13 65.19 -33.04 6.63
CA THR E 13 63.73 -32.95 6.45
C THR E 13 63.02 -33.06 7.79
N LYS E 14 63.47 -34.02 8.62
CA LYS E 14 62.86 -34.28 9.94
C LYS E 14 62.81 -32.97 10.73
N GLN E 15 63.91 -32.23 10.75
CA GLN E 15 64.03 -30.91 11.42
C GLN E 15 62.93 -29.97 10.88
N MET E 16 62.90 -29.81 9.56
CA MET E 16 61.98 -28.93 8.82
C MET E 16 60.58 -29.25 9.31
N ASN E 17 60.25 -30.53 9.44
CA ASN E 17 58.91 -30.95 9.90
C ASN E 17 58.70 -30.54 11.35
N ALA E 18 59.61 -30.93 12.23
CA ALA E 18 59.52 -30.57 13.67
C ALA E 18 59.24 -29.09 13.86
N ILE E 19 60.08 -28.26 13.23
CA ILE E 19 59.96 -26.77 13.30
C ILE E 19 58.57 -26.34 12.90
N ILE E 20 58.07 -26.84 11.78
CA ILE E 20 56.79 -26.36 11.21
C ILE E 20 55.61 -26.88 12.05
N ASP E 21 55.68 -28.14 12.44
CA ASP E 21 54.70 -28.80 13.32
C ASP E 21 54.62 -28.04 14.65
N THR E 22 55.77 -27.52 15.12
CA THR E 22 55.83 -26.67 16.32
C THR E 22 55.04 -25.37 16.13
N VAL E 23 55.06 -24.83 14.92
CA VAL E 23 54.47 -23.51 14.60
C VAL E 23 52.98 -23.70 14.44
N ILE E 24 52.61 -24.63 13.56
CA ILE E 24 51.21 -24.99 13.26
C ILE E 24 50.46 -25.34 14.54
N ASN E 25 51.05 -26.24 15.35
CA ASN E 25 50.39 -26.75 16.57
C ASN E 25 50.31 -25.71 17.68
N TYR E 26 51.35 -24.92 17.90
CA TYR E 26 51.39 -23.88 18.97
C TYR E 26 50.02 -23.18 19.13
N LYS E 27 49.58 -23.15 20.38
CA LYS E 27 48.38 -22.45 20.85
C LYS E 27 48.84 -21.42 21.85
N ASP E 28 48.09 -20.33 21.98
CA ASP E 28 48.36 -19.25 22.95
C ASP E 28 47.76 -19.60 24.29
N SER E 29 47.67 -18.62 25.21
CA SER E 29 47.13 -18.68 26.57
C SER E 29 45.65 -19.08 26.60
N SER E 30 44.85 -18.52 25.67
CA SER E 30 43.42 -18.76 25.56
C SER E 30 43.09 -20.06 24.85
N GLY E 31 44.04 -20.96 24.79
CA GLY E 31 43.93 -22.29 24.17
C GLY E 31 43.52 -22.25 22.72
N ARG E 32 43.91 -21.18 22.02
CA ARG E 32 43.59 -20.94 20.60
C ARG E 32 44.84 -21.16 19.73
N GLN E 33 44.73 -22.04 18.75
CA GLN E 33 45.75 -22.27 17.68
C GLN E 33 45.75 -21.08 16.70
N LEU E 34 46.87 -20.36 16.62
CA LEU E 34 47.01 -19.13 15.79
C LEU E 34 47.16 -19.52 14.33
N SER E 35 47.91 -20.60 14.05
CA SER E 35 48.18 -21.05 12.65
C SER E 35 46.91 -21.23 11.79
N GLU E 36 45.80 -21.60 12.39
CA GLU E 36 44.50 -21.95 11.76
C GLU E 36 44.21 -21.17 10.48
N VAL E 37 44.02 -19.86 10.62
CA VAL E 37 43.61 -18.95 9.52
C VAL E 37 44.55 -19.06 8.33
N PHE E 38 45.81 -19.44 8.57
CA PHE E 38 46.86 -19.43 7.54
C PHE E 38 47.14 -20.81 6.95
N ILE E 39 46.48 -21.85 7.45
CA ILE E 39 46.81 -23.24 6.99
C ILE E 39 46.62 -23.34 5.48
N GLN E 40 45.49 -22.90 5.02
CA GLN E 40 45.10 -22.93 3.58
C GLN E 40 44.55 -21.57 3.18
N LEU E 41 45.17 -21.01 2.14
CA LEU E 41 44.77 -19.73 1.54
C LEU E 41 43.29 -19.80 1.17
N PRO E 42 42.61 -18.67 1.02
CA PRO E 42 41.31 -18.64 0.34
C PRO E 42 41.52 -18.85 -1.15
N SER E 43 40.48 -19.35 -1.83
CA SER E 43 40.47 -19.50 -3.29
C SER E 43 40.43 -18.13 -3.94
N ARG E 44 40.95 -18.05 -5.17
CA ARG E 44 40.92 -16.82 -5.99
C ARG E 44 39.48 -16.32 -6.15
N LYS E 45 38.54 -17.26 -6.26
CA LYS E 45 37.10 -16.91 -6.36
C LYS E 45 36.66 -16.29 -5.04
N GLU E 46 36.87 -17.02 -3.94
CA GLU E 46 36.53 -16.63 -2.56
C GLU E 46 37.06 -15.23 -2.24
N LEU E 47 38.31 -14.95 -2.52
CA LEU E 47 38.93 -13.69 -2.07
C LEU E 47 39.89 -13.19 -3.12
N PRO E 48 39.38 -12.50 -4.17
CA PRO E 48 40.25 -12.02 -5.24
C PRO E 48 41.18 -10.91 -4.78
N GLU E 49 40.76 -10.11 -3.81
CA GLU E 49 41.52 -8.93 -3.27
C GLU E 49 42.96 -9.33 -2.90
N TYR E 50 43.09 -10.49 -2.29
CA TYR E 50 44.34 -11.03 -1.75
C TYR E 50 45.32 -11.24 -2.88
N TYR E 51 44.90 -11.89 -3.93
CA TYR E 51 45.74 -12.33 -5.06
C TYR E 51 46.19 -11.13 -5.91
N GLU E 52 45.35 -10.13 -6.05
CA GLU E 52 45.63 -8.87 -6.74
C GLU E 52 46.43 -7.91 -5.89
N LEU E 53 46.85 -8.23 -4.66
CA LEU E 53 47.60 -7.29 -3.77
C LEU E 53 48.86 -7.94 -3.18
N ILE E 54 48.94 -9.29 -3.17
CA ILE E 54 50.09 -10.06 -2.64
C ILE E 54 50.83 -10.68 -3.84
N ARG E 55 52.13 -10.35 -3.97
CA ARG E 55 52.98 -10.81 -5.10
C ARG E 55 52.97 -12.35 -5.18
N LYS E 56 53.53 -13.00 -4.16
CA LYS E 56 53.75 -14.46 -4.07
C LYS E 56 52.98 -15.00 -2.88
N PRO E 57 51.68 -15.33 -3.06
CA PRO E 57 50.92 -16.03 -2.03
C PRO E 57 51.57 -17.34 -1.60
N VAL E 58 51.34 -17.70 -0.34
CA VAL E 58 51.78 -19.01 0.23
C VAL E 58 51.00 -19.29 1.50
N ASP E 59 50.73 -20.57 1.75
CA ASP E 59 50.02 -21.06 2.96
C ASP E 59 50.85 -22.17 3.60
N PHE E 60 50.46 -22.64 4.78
CA PHE E 60 51.23 -23.67 5.53
C PHE E 60 51.11 -25.00 4.80
N LYS E 61 49.96 -25.27 4.18
CA LYS E 61 49.77 -26.50 3.37
C LYS E 61 50.90 -26.60 2.34
N LYS E 62 51.08 -25.55 1.55
CA LYS E 62 52.14 -25.48 0.52
C LYS E 62 53.46 -25.84 1.17
N ILE E 63 53.84 -25.07 2.20
CA ILE E 63 55.16 -25.22 2.90
C ILE E 63 55.39 -26.68 3.32
N LYS E 64 54.44 -27.25 4.08
CA LYS E 64 54.55 -28.65 4.55
C LYS E 64 54.84 -29.57 3.36
N GLU E 65 54.18 -29.27 2.24
CA GLU E 65 54.34 -30.06 0.98
C GLU E 65 55.73 -29.83 0.41
N ARG E 66 56.13 -28.56 0.28
CA ARG E 66 57.45 -28.22 -0.23
C ARG E 66 58.54 -28.93 0.54
N ILE E 67 58.34 -29.12 1.83
CA ILE E 67 59.33 -29.86 2.66
C ILE E 67 59.52 -31.28 2.12
N ARG E 68 58.45 -32.03 2.07
CA ARG E 68 58.36 -33.45 1.67
C ARG E 68 58.82 -33.61 0.23
N ASN E 69 58.52 -32.61 -0.62
CA ASN E 69 58.99 -32.60 -2.02
C ASN E 69 60.40 -32.08 -2.15
N HIS E 70 61.09 -31.75 -1.06
CA HIS E 70 62.54 -31.40 -1.13
C HIS E 70 62.79 -30.11 -1.89
N LYS E 71 61.75 -29.28 -2.08
CA LYS E 71 61.99 -27.95 -2.66
C LYS E 71 62.99 -27.13 -1.86
N TYR E 72 62.76 -26.99 -0.55
CA TYR E 72 63.67 -26.33 0.40
C TYR E 72 64.91 -27.21 0.59
N ARG E 73 66.09 -26.57 0.57
CA ARG E 73 67.41 -27.28 0.61
C ARG E 73 68.13 -27.01 1.93
N SER E 74 67.64 -26.05 2.70
CA SER E 74 68.17 -25.67 4.03
C SER E 74 67.05 -25.09 4.86
N LEU E 75 67.25 -25.05 6.17
CA LEU E 75 66.31 -24.38 7.11
C LEU E 75 66.13 -22.92 6.68
N GLY E 76 67.25 -22.29 6.30
CA GLY E 76 67.26 -20.92 5.76
C GLY E 76 66.33 -20.76 4.58
N ASP E 77 66.18 -21.76 3.72
CA ASP E 77 65.20 -21.71 2.63
C ASP E 77 63.82 -21.66 3.29
N LEU E 78 63.48 -22.68 4.06
CA LEU E 78 62.19 -22.86 4.76
C LEU E 78 61.78 -21.52 5.41
N GLU E 79 62.62 -21.02 6.31
CA GLU E 79 62.43 -19.75 7.05
C GLU E 79 61.93 -18.67 6.08
N LYS E 80 62.61 -18.51 4.95
CA LYS E 80 62.32 -17.45 3.95
C LYS E 80 60.82 -17.47 3.62
N ASP E 81 60.25 -18.68 3.47
CA ASP E 81 58.89 -18.92 2.93
C ASP E 81 57.88 -18.71 4.04
N VAL E 82 58.20 -19.07 5.26
CA VAL E 82 57.38 -18.72 6.48
C VAL E 82 57.38 -17.20 6.63
N MET E 83 58.56 -16.56 6.67
CA MET E 83 58.66 -15.08 6.72
C MET E 83 57.89 -14.49 5.55
N LEU E 84 57.87 -15.12 4.38
CA LEU E 84 57.06 -14.64 3.23
C LEU E 84 55.59 -14.66 3.64
N LEU E 85 55.13 -15.82 4.12
CA LEU E 85 53.74 -15.97 4.63
C LEU E 85 53.38 -14.80 5.55
N CYS E 86 54.16 -14.66 6.62
CA CYS E 86 53.89 -13.60 7.63
C CYS E 86 53.96 -12.21 6.97
N HIS E 87 55.00 -11.90 6.23
CA HIS E 87 55.15 -10.61 5.50
C HIS E 87 54.09 -10.48 4.44
N ASN E 88 53.34 -11.52 4.12
CA ASN E 88 52.15 -11.38 3.24
C ASN E 88 51.03 -10.92 4.14
N ALA E 89 50.77 -11.70 5.19
CA ALA E 89 49.66 -11.52 6.13
C ALA E 89 49.61 -10.07 6.65
N GLN E 90 50.79 -9.59 6.98
CA GLN E 90 51.03 -8.23 7.51
C GLN E 90 50.74 -7.18 6.45
N THR E 91 50.89 -7.49 5.17
CA THR E 91 50.72 -6.56 4.02
C THR E 91 49.24 -6.38 3.71
N PHE E 92 48.42 -7.41 3.90
CA PHE E 92 46.99 -7.43 3.52
C PHE E 92 46.09 -6.94 4.65
N ASN E 93 46.50 -7.15 5.87
CA ASN E 93 45.68 -7.07 7.09
C ASN E 93 45.91 -5.80 7.89
N LEU E 94 47.11 -5.21 7.83
CA LEU E 94 47.40 -3.91 8.47
C LEU E 94 47.43 -4.00 10.02
N GLU E 95 48.34 -3.21 10.62
CA GLU E 95 48.78 -3.34 12.03
C GLU E 95 47.59 -3.09 12.96
N GLY E 96 47.50 -3.88 14.04
CA GLY E 96 46.48 -3.76 15.08
C GLY E 96 45.55 -4.98 15.05
N SER E 97 45.30 -5.51 13.84
CA SER E 97 44.30 -6.59 13.60
C SER E 97 44.80 -7.90 14.16
N GLN E 98 43.94 -8.67 14.82
CA GLN E 98 44.17 -10.01 15.38
C GLN E 98 45.10 -10.83 14.50
N ILE E 99 44.83 -10.83 13.19
CA ILE E 99 45.56 -11.68 12.21
C ILE E 99 47.00 -11.19 12.14
N TYR E 100 47.20 -9.90 11.92
CA TYR E 100 48.52 -9.25 11.84
C TYR E 100 49.38 -9.69 13.03
N GLU E 101 48.91 -9.45 14.25
CA GLU E 101 49.69 -9.71 15.50
C GLU E 101 49.95 -11.23 15.58
N ASP E 102 48.96 -12.05 15.15
CA ASP E 102 49.17 -13.54 15.14
C ASP E 102 50.39 -13.89 14.29
N SER E 103 50.43 -13.34 13.07
CA SER E 103 51.62 -13.50 12.17
C SER E 103 52.91 -13.17 12.92
N ILE E 104 52.87 -12.07 13.70
CA ILE E 104 54.05 -11.59 14.44
C ILE E 104 54.46 -12.62 15.45
N VAL E 105 53.50 -13.23 16.11
CA VAL E 105 53.78 -14.28 17.12
C VAL E 105 54.40 -15.46 16.39
N LEU E 106 53.85 -15.82 15.24
CA LEU E 106 54.27 -17.03 14.52
C LEU E 106 55.71 -16.91 14.02
N GLN E 107 56.07 -15.69 13.59
CA GLN E 107 57.47 -15.35 13.27
C GLN E 107 58.33 -15.77 14.42
N SER E 108 57.99 -15.28 15.63
CA SER E 108 58.73 -15.62 16.85
C SER E 108 58.80 -17.13 17.08
N VAL E 109 57.65 -17.77 17.07
CA VAL E 109 57.51 -19.20 17.31
C VAL E 109 58.47 -19.94 16.39
N PHE E 110 58.52 -19.50 15.15
CA PHE E 110 59.37 -20.18 14.12
C PHE E 110 60.81 -20.04 14.52
N LYS E 111 61.22 -18.87 14.91
CA LYS E 111 62.62 -18.59 15.30
C LYS E 111 63.04 -19.46 16.47
N SER E 112 62.19 -19.47 17.50
CA SER E 112 62.48 -20.24 18.75
C SER E 112 62.53 -21.72 18.44
N ALA E 113 61.63 -22.18 17.57
CA ALA E 113 61.63 -23.58 17.08
C ALA E 113 62.98 -23.85 16.39
N ARG E 114 63.33 -22.96 15.47
CA ARG E 114 64.58 -23.02 14.72
C ARG E 114 65.75 -22.97 15.68
N GLN E 115 65.69 -22.10 16.68
CA GLN E 115 66.78 -22.00 17.68
C GLN E 115 66.90 -23.30 18.45
N LYS E 116 65.77 -23.90 18.79
CA LYS E 116 65.73 -25.10 19.64
C LYS E 116 66.26 -26.35 18.96
N ILE E 117 65.97 -26.48 17.67
CA ILE E 117 66.53 -27.61 16.86
C ILE E 117 67.82 -27.10 16.21
N ALA E 118 68.95 -27.69 16.60
CA ALA E 118 70.27 -27.37 16.01
C ALA E 118 70.72 -25.95 16.42
N LYS E 119 71.61 -25.31 15.66
CA LYS E 119 72.36 -24.11 16.10
C LYS E 119 72.31 -22.99 15.04
N GLU E 120 72.97 -21.88 15.37
CA GLU E 120 73.27 -20.73 14.45
C GLU E 120 74.80 -20.50 14.41
N PRO F 7 19.28 -11.36 -8.08
CA PRO F 7 19.06 -11.57 -6.65
C PRO F 7 19.95 -12.66 -6.05
N ARG F 8 20.07 -12.62 -4.72
CA ARG F 8 21.06 -13.43 -3.97
C ARG F 8 20.31 -14.46 -3.12
N PRO F 9 20.91 -15.65 -2.84
CA PRO F 9 20.21 -16.69 -2.12
C PRO F 9 20.10 -16.43 -0.61
N VAL F 10 19.06 -17.03 -0.05
CA VAL F 10 18.56 -16.68 1.32
C VAL F 10 19.47 -17.30 2.36
N LEU F 11 19.75 -18.58 2.17
CA LEU F 11 20.67 -19.35 3.04
C LEU F 11 22.09 -19.36 2.50
N ARG F 12 22.88 -18.40 2.95
CA ARG F 12 24.30 -18.27 2.58
C ARG F 12 25.02 -17.63 3.74
N SER F 13 26.32 -17.89 3.87
CA SER F 13 27.17 -17.20 4.85
C SER F 13 27.31 -15.75 4.44
N VAL F 14 27.50 -14.87 5.43
CA VAL F 14 27.80 -13.45 5.23
C VAL F 14 29.31 -13.28 5.26
N ASN F 15 29.82 -12.54 4.28
CA ASN F 15 31.27 -12.32 4.18
C ASN F 15 31.63 -11.19 5.13
N SER F 16 31.77 -11.51 6.42
CA SER F 16 31.85 -10.58 7.55
C SER F 16 33.33 -10.26 7.82
N ARG F 17 34.17 -11.28 7.70
CA ARG F 17 35.61 -11.21 7.91
C ARG F 17 35.90 -10.97 9.39
N GLU F 18 34.90 -11.20 10.25
CA GLU F 18 35.00 -10.93 11.69
C GLU F 18 35.16 -12.29 12.36
N PRO F 19 36.35 -12.61 12.89
CA PRO F 19 36.61 -13.94 13.41
C PRO F 19 35.65 -14.40 14.52
N SER F 20 35.45 -15.71 14.56
CA SER F 20 34.63 -16.38 15.59
C SER F 20 35.31 -17.68 16.01
N GLN F 21 35.69 -17.77 17.27
CA GLN F 21 36.09 -19.06 17.90
C GLN F 21 34.86 -19.88 18.28
N VAL F 22 34.77 -21.10 17.79
CA VAL F 22 33.62 -22.01 17.96
C VAL F 22 34.16 -23.35 18.46
N ILE F 23 33.38 -24.04 19.32
CA ILE F 23 33.62 -25.46 19.70
C ILE F 23 32.54 -26.31 19.05
N PHE F 24 32.91 -27.10 18.04
CA PHE F 24 32.07 -28.16 17.48
C PHE F 24 32.19 -29.33 18.44
N CYS F 25 31.08 -29.70 19.03
CA CYS F 25 31.02 -30.81 19.98
C CYS F 25 30.07 -31.88 19.50
N ASN F 26 30.64 -33.04 19.16
CA ASN F 26 29.81 -34.15 18.62
C ASN F 26 29.32 -35.03 19.76
N ARG F 27 28.12 -34.73 20.26
CA ARG F 27 27.48 -35.50 21.33
C ARG F 27 26.39 -36.38 20.70
N SER F 28 26.77 -36.97 19.57
CA SER F 28 25.97 -37.95 18.83
C SER F 28 26.78 -39.23 18.67
N PRO F 29 26.13 -40.37 18.39
CA PRO F 29 26.85 -41.62 18.21
C PRO F 29 27.40 -41.77 16.79
N ARG F 30 27.04 -40.82 15.93
CA ARG F 30 27.42 -40.79 14.53
C ARG F 30 28.76 -40.10 14.40
N VAL F 31 29.49 -40.41 13.35
CA VAL F 31 30.64 -39.62 12.81
C VAL F 31 30.07 -38.43 12.03
N VAL F 32 30.36 -37.22 12.50
CA VAL F 32 29.71 -35.98 12.02
C VAL F 32 30.53 -35.27 10.93
N LEU F 33 29.85 -34.92 9.83
CA LEU F 33 30.34 -34.04 8.76
C LEU F 33 29.81 -32.64 9.00
N PRO F 34 30.67 -31.68 9.38
CA PRO F 34 30.31 -30.28 9.36
C PRO F 34 30.22 -29.83 7.90
N VAL F 35 29.19 -29.05 7.61
CA VAL F 35 28.95 -28.48 6.26
C VAL F 35 28.79 -26.97 6.41
N TRP F 36 29.68 -26.22 5.78
CA TRP F 36 29.66 -24.75 5.70
C TRP F 36 28.91 -24.35 4.44
N LEU F 37 27.97 -23.44 4.55
CA LEU F 37 27.34 -22.86 3.34
C LEU F 37 28.09 -21.59 2.94
N ASN F 38 28.77 -21.67 1.80
CA ASN F 38 29.61 -20.55 1.32
C ASN F 38 28.77 -19.34 0.96
N PHE F 39 29.42 -18.33 0.40
CA PHE F 39 28.75 -17.03 0.13
C PHE F 39 27.73 -17.17 -1.01
N ASP F 40 27.93 -18.15 -1.87
CA ASP F 40 26.94 -18.42 -2.95
C ASP F 40 25.86 -19.40 -2.47
N GLY F 41 25.90 -19.86 -1.24
CA GLY F 41 24.85 -20.70 -0.65
C GLY F 41 25.12 -22.16 -0.86
N GLU F 42 26.22 -22.51 -1.51
CA GLU F 42 26.58 -23.91 -1.78
C GLU F 42 27.24 -24.50 -0.52
N PRO F 43 26.87 -25.74 -0.14
CA PRO F 43 27.56 -26.47 0.91
C PRO F 43 28.97 -26.93 0.52
N GLN F 44 29.92 -26.78 1.45
CA GLN F 44 31.30 -27.31 1.40
C GLN F 44 31.53 -28.24 2.61
N PRO F 45 32.01 -29.46 2.40
CA PRO F 45 32.30 -30.37 3.52
C PRO F 45 33.58 -30.00 4.27
N TYR F 46 33.60 -30.22 5.60
CA TYR F 46 34.79 -29.96 6.45
C TYR F 46 35.19 -31.24 7.16
N PRO F 47 36.42 -31.33 7.71
CA PRO F 47 36.90 -32.53 8.37
C PRO F 47 35.90 -33.09 9.40
N THR F 48 35.79 -34.40 9.48
CA THR F 48 34.76 -35.08 10.31
C THR F 48 35.19 -35.13 11.77
N LEU F 49 34.18 -35.12 12.66
CA LEU F 49 34.36 -35.30 14.11
C LEU F 49 33.88 -36.70 14.46
N PRO F 50 34.73 -37.54 15.08
CA PRO F 50 34.26 -38.83 15.58
C PRO F 50 33.35 -38.62 16.79
N PRO F 51 32.60 -39.66 17.18
CA PRO F 51 31.69 -39.56 18.33
C PRO F 51 32.43 -39.29 19.64
N GLY F 52 31.82 -38.45 20.46
CA GLY F 52 32.38 -38.04 21.75
C GLY F 52 33.38 -36.91 21.63
N THR F 53 33.93 -36.71 20.44
CA THR F 53 34.97 -35.72 20.15
C THR F 53 34.36 -34.31 20.08
N GLY F 54 35.18 -33.35 20.51
CA GLY F 54 34.98 -31.92 20.29
C GLY F 54 36.27 -31.28 19.86
N ARG F 55 36.16 -30.15 19.19
CA ARG F 55 37.31 -29.40 18.60
C ARG F 55 37.05 -27.89 18.51
N ARG F 56 37.99 -27.07 18.99
CA ARG F 56 37.95 -25.61 18.73
C ARG F 56 38.24 -25.41 17.25
N ILE F 57 37.43 -24.67 16.53
CA ILE F 57 37.60 -24.41 15.08
C ILE F 57 37.40 -22.95 14.75
N HIS F 58 38.10 -22.43 13.75
CA HIS F 58 38.07 -20.98 13.41
C HIS F 58 37.02 -20.72 12.37
N SER F 59 36.01 -19.90 12.68
CA SER F 59 35.00 -19.44 11.68
C SER F 59 34.79 -17.94 11.83
N TYR F 60 33.76 -17.41 11.20
CA TYR F 60 33.55 -15.94 11.19
C TYR F 60 32.09 -15.60 11.51
N ARG F 61 31.86 -14.41 12.07
CA ARG F 61 30.49 -13.93 12.39
C ARG F 61 29.64 -14.09 11.14
N GLY F 62 28.40 -14.56 11.29
CA GLY F 62 27.45 -14.57 10.18
C GLY F 62 27.60 -15.75 9.25
N HIS F 63 28.56 -16.62 9.52
CA HIS F 63 28.79 -17.83 8.71
C HIS F 63 27.78 -18.88 9.13
N LEU F 64 27.27 -19.63 8.17
CA LEU F 64 26.14 -20.57 8.37
C LEU F 64 26.60 -22.03 8.21
N TRP F 65 26.24 -22.84 9.21
CA TRP F 65 26.69 -24.25 9.30
C TRP F 65 25.48 -25.19 9.51
N LEU F 66 25.55 -26.37 8.91
CA LEU F 66 24.72 -27.52 9.34
C LEU F 66 25.62 -28.74 9.47
N PHE F 67 25.11 -29.83 10.06
CA PHE F 67 25.88 -31.06 10.43
C PHE F 67 25.10 -32.31 10.04
N ARG F 68 25.80 -33.30 9.46
CA ARG F 68 25.20 -34.52 8.86
C ARG F 68 26.03 -35.74 9.25
N ASP F 69 25.42 -36.92 9.23
CA ASP F 69 26.18 -38.20 9.34
C ASP F 69 27.11 -38.30 8.11
N ALA F 70 28.42 -38.31 8.34
CA ALA F 70 29.44 -38.26 7.26
C ALA F 70 29.13 -39.37 6.26
N GLY F 71 28.73 -40.54 6.76
CA GLY F 71 28.41 -41.74 5.97
C GLY F 71 27.08 -41.67 5.24
N THR F 72 25.98 -41.52 5.95
CA THR F 72 24.60 -41.67 5.42
C THR F 72 23.99 -40.33 5.01
N HIS F 73 24.67 -39.20 5.24
CA HIS F 73 24.13 -37.82 5.05
C HIS F 73 22.83 -37.60 5.86
N ASP F 74 22.45 -38.52 6.76
CA ASP F 74 21.35 -38.31 7.76
C ASP F 74 21.51 -36.93 8.39
N GLY F 75 20.41 -36.20 8.59
CA GLY F 75 20.38 -34.89 9.29
C GLY F 75 20.66 -35.06 10.79
N LEU F 76 21.28 -34.04 11.38
CA LEU F 76 21.63 -33.93 12.81
C LEU F 76 21.25 -32.55 13.34
N LEU F 77 21.16 -32.41 14.66
CA LEU F 77 20.84 -31.10 15.29
C LEU F 77 22.09 -30.47 15.90
N VAL F 78 22.03 -29.16 16.09
CA VAL F 78 23.13 -28.31 16.67
C VAL F 78 22.45 -27.24 17.51
N ASN F 79 22.54 -27.34 18.83
CA ASN F 79 21.86 -26.43 19.78
C ASN F 79 20.37 -26.55 19.48
N GLN F 80 19.90 -27.79 19.41
CA GLN F 80 18.48 -28.19 19.26
C GLN F 80 17.80 -27.57 18.04
N THR F 81 18.57 -27.28 17.01
CA THR F 81 18.00 -26.73 15.76
C THR F 81 18.86 -27.22 14.60
N GLU F 82 18.51 -26.82 13.36
CA GLU F 82 19.01 -27.42 12.10
C GLU F 82 20.23 -26.65 11.62
N LEU F 83 20.17 -25.31 11.71
CA LEU F 83 21.26 -24.42 11.32
C LEU F 83 21.98 -23.84 12.54
N PHE F 84 23.27 -23.64 12.39
CA PHE F 84 24.08 -22.88 13.38
C PHE F 84 24.76 -21.70 12.70
N VAL F 85 24.60 -20.52 13.31
CA VAL F 85 25.34 -19.27 12.94
C VAL F 85 25.97 -18.70 14.20
N PRO F 86 27.32 -18.63 14.32
CA PRO F 86 27.93 -18.12 15.55
C PRO F 86 27.42 -16.71 15.83
N SER F 87 26.90 -16.52 17.04
CA SER F 87 26.59 -15.22 17.68
C SER F 87 27.87 -14.41 17.92
N LEU F 88 27.83 -13.44 18.85
CA LEU F 88 28.96 -12.50 19.04
C LEU F 88 29.98 -13.09 20.00
N ASN F 89 31.24 -13.21 19.55
CA ASN F 89 32.40 -13.53 20.41
C ASN F 89 32.49 -12.39 21.44
N VAL F 90 32.03 -12.66 22.66
CA VAL F 90 32.13 -11.73 23.85
C VAL F 90 33.39 -12.04 24.68
N ASP F 91 34.27 -11.05 24.81
CA ASP F 91 35.50 -11.11 25.63
C ASP F 91 36.40 -12.25 25.18
N GLY F 92 36.30 -12.70 23.92
CA GLY F 92 37.01 -13.89 23.44
C GLY F 92 36.22 -15.16 23.64
N GLN F 93 35.40 -15.28 24.69
CA GLN F 93 34.79 -16.59 25.05
C GLN F 93 34.43 -17.34 23.77
N PRO F 94 34.88 -18.59 23.61
CA PRO F 94 34.46 -19.41 22.46
C PRO F 94 32.96 -19.73 22.47
N ILE F 95 32.32 -19.71 21.29
CA ILE F 95 30.89 -20.04 21.14
C ILE F 95 30.79 -21.56 21.00
N PHE F 96 29.69 -22.16 21.47
CA PHE F 96 29.60 -23.63 21.66
C PHE F 96 28.48 -24.16 20.76
N ALA F 97 28.85 -25.15 19.92
CA ALA F 97 27.94 -25.85 19.00
C ALA F 97 27.88 -27.32 19.43
N ASN F 98 26.80 -27.64 20.15
CA ASN F 98 26.47 -28.98 20.67
C ASN F 98 25.71 -29.73 19.61
N ILE F 99 26.36 -30.69 18.97
CA ILE F 99 25.75 -31.52 17.89
C ILE F 99 25.20 -32.82 18.48
N THR F 100 23.90 -32.99 18.29
CA THR F 100 23.15 -34.15 18.79
C THR F 100 22.36 -34.77 17.63
N LEU F 101 21.93 -36.00 17.87
CA LEU F 101 20.89 -36.67 17.08
C LEU F 101 19.61 -35.85 17.19
N PRO F 102 18.73 -35.91 16.19
CA PRO F 102 17.35 -35.50 16.38
C PRO F 102 16.54 -36.69 16.89
N VAL F 103 15.27 -36.44 17.18
CA VAL F 103 14.21 -37.49 17.32
C VAL F 103 13.66 -37.72 15.91
N TYR F 104 14.25 -38.67 15.17
CA TYR F 104 13.78 -39.05 13.82
C TYR F 104 12.39 -39.69 13.93
N THR F 105 11.51 -39.41 12.96
CA THR F 105 10.24 -40.14 12.76
C THR F 105 10.56 -41.64 12.66
N LEU F 106 9.78 -42.49 13.34
CA LEU F 106 10.06 -43.95 13.40
C LEU F 106 10.28 -44.46 11.98
N LYS F 107 9.51 -43.95 11.03
CA LYS F 107 9.65 -44.30 9.61
C LYS F 107 11.07 -44.01 9.12
N GLU F 108 11.45 -42.74 9.13
CA GLU F 108 12.78 -42.30 8.68
C GLU F 108 13.85 -43.08 9.45
N ARG F 109 13.57 -43.39 10.73
CA ARG F 109 14.54 -44.16 11.55
C ARG F 109 14.67 -45.55 10.94
N CYS F 110 13.55 -46.23 10.67
CA CYS F 110 13.52 -47.58 10.06
C CYS F 110 14.19 -47.53 8.70
N LEU F 111 13.82 -46.56 7.86
CA LEU F 111 14.49 -46.29 6.55
C LEU F 111 16.02 -46.33 6.71
N GLN F 112 16.57 -45.55 7.63
CA GLN F 112 18.03 -45.53 7.92
C GLN F 112 18.52 -46.98 8.05
N VAL F 113 17.89 -47.74 8.93
CA VAL F 113 18.29 -49.10 9.37
C VAL F 113 18.27 -50.02 8.16
N VAL F 114 17.24 -50.04 7.36
CA VAL F 114 17.11 -50.87 6.13
C VAL F 114 18.22 -50.49 5.14
N ARG F 115 18.29 -49.18 4.80
CA ARG F 115 19.30 -48.60 3.88
C ARG F 115 20.71 -49.04 4.30
N SER F 116 20.93 -49.16 5.62
CA SER F 116 22.23 -49.60 6.19
C SER F 116 22.50 -51.11 5.94
N LEU F 117 21.50 -51.96 5.99
CA LEU F 117 21.60 -53.43 5.88
C LEU F 117 21.62 -53.86 4.41
N VAL F 118 20.95 -53.12 3.52
CA VAL F 118 20.62 -53.53 2.12
C VAL F 118 21.35 -52.63 1.12
N LYS F 119 21.89 -53.23 0.08
CA LYS F 119 22.49 -52.57 -1.09
C LYS F 119 21.39 -51.91 -1.93
N PRO F 120 21.59 -50.67 -2.40
CA PRO F 120 20.53 -49.92 -3.09
C PRO F 120 19.98 -50.61 -4.35
N GLU F 121 20.78 -51.47 -4.97
CA GLU F 121 20.42 -52.32 -6.12
C GLU F 121 19.42 -53.39 -5.72
N ASN F 122 19.09 -53.56 -4.43
CA ASN F 122 18.23 -54.65 -3.93
C ASN F 122 16.98 -54.13 -3.23
N TYR F 123 16.83 -52.82 -3.10
CA TYR F 123 15.70 -52.21 -2.38
C TYR F 123 14.40 -52.83 -2.87
N ARG F 124 14.30 -53.09 -4.17
CA ARG F 124 13.03 -53.51 -4.81
C ARG F 124 12.88 -55.02 -4.78
N ARG F 125 13.76 -55.70 -4.03
CA ARG F 125 13.72 -57.18 -3.88
C ARG F 125 13.16 -57.57 -2.49
N LEU F 126 12.64 -56.56 -1.80
CA LEU F 126 12.10 -56.64 -0.41
C LEU F 126 10.58 -56.77 -0.47
N ASP F 127 10.00 -57.57 0.42
CA ASP F 127 8.53 -57.87 0.46
C ASP F 127 7.79 -56.71 1.14
N ILE F 128 7.78 -55.52 0.53
CA ILE F 128 7.17 -54.29 1.12
C ILE F 128 6.34 -53.52 0.08
N VAL F 129 5.29 -52.81 0.54
CA VAL F 129 4.42 -51.95 -0.31
C VAL F 129 5.31 -51.21 -1.30
N ARG F 130 4.82 -51.04 -2.53
CA ARG F 130 5.59 -50.42 -3.66
C ARG F 130 6.12 -49.03 -3.27
N SER F 131 5.28 -48.22 -2.60
CA SER F 131 5.67 -46.85 -2.19
C SER F 131 7.02 -46.82 -1.46
N LEU F 132 7.24 -47.75 -0.53
CA LEU F 132 8.42 -47.81 0.33
C LEU F 132 9.72 -47.94 -0.46
N TYR F 133 9.65 -48.42 -1.69
CA TYR F 133 10.83 -48.56 -2.58
C TYR F 133 11.40 -47.17 -2.87
N GLU F 134 10.50 -46.25 -3.17
CA GLU F 134 10.87 -44.84 -3.50
C GLU F 134 11.41 -44.17 -2.23
N ASP F 135 10.69 -44.36 -1.11
CA ASP F 135 11.05 -43.83 0.23
C ASP F 135 12.48 -44.25 0.60
N LEU F 136 12.87 -45.49 0.29
CA LEU F 136 14.27 -45.97 0.58
C LEU F 136 15.25 -45.24 -0.36
N GLU F 137 14.82 -45.04 -1.63
CA GLU F 137 15.73 -44.57 -2.73
C GLU F 137 15.99 -43.05 -2.57
N ASP F 138 15.01 -42.37 -1.99
CA ASP F 138 15.03 -40.90 -1.72
C ASP F 138 15.95 -40.64 -0.52
N HIS F 139 17.28 -40.77 -0.73
CA HIS F 139 18.32 -40.67 0.32
C HIS F 139 18.37 -39.30 0.96
N PRO F 140 18.80 -39.17 2.25
CA PRO F 140 19.04 -37.86 2.83
C PRO F 140 20.10 -37.08 2.03
N ASN F 141 19.87 -35.81 1.76
CA ASN F 141 20.67 -34.99 0.83
C ASN F 141 20.50 -33.54 1.31
N VAL F 142 21.62 -32.80 1.47
CA VAL F 142 21.60 -31.45 2.09
C VAL F 142 20.89 -30.49 1.14
N GLN F 143 20.99 -30.69 -0.17
CA GLN F 143 20.38 -29.79 -1.19
C GLN F 143 18.85 -29.80 -1.03
N LYS F 144 18.24 -30.99 -1.17
CA LYS F 144 16.79 -31.20 -0.89
C LYS F 144 16.40 -30.39 0.35
N ASP F 145 17.20 -30.52 1.42
CA ASP F 145 16.87 -29.93 2.76
C ASP F 145 17.01 -28.42 2.69
N LEU F 146 18.05 -27.91 2.03
CA LEU F 146 18.26 -26.47 1.88
C LEU F 146 17.07 -25.84 1.19
N GLU F 147 16.59 -26.51 0.13
CA GLU F 147 15.33 -26.08 -0.52
C GLU F 147 14.25 -25.88 0.54
N ARG F 148 14.04 -26.94 1.35
CA ARG F 148 13.02 -26.96 2.41
C ARG F 148 13.16 -25.81 3.41
N LEU F 149 14.39 -25.58 3.85
CA LEU F 149 14.68 -24.55 4.87
C LEU F 149 14.56 -23.17 4.27
N THR F 150 14.99 -23.01 3.04
CA THR F 150 14.83 -21.74 2.28
C THR F 150 13.35 -21.40 2.15
N GLN F 151 12.58 -22.34 1.61
CA GLN F 151 11.15 -22.19 1.39
C GLN F 151 10.32 -22.31 2.67
N GLU F 152 10.98 -22.55 3.82
CA GLU F 152 10.41 -22.41 5.18
C GLU F 152 10.64 -21.00 5.69
N ARG F 153 11.87 -20.48 5.50
CA ARG F 153 12.19 -19.09 5.88
C ARG F 153 11.39 -18.08 5.03
N ILE F 154 11.29 -18.38 3.74
CA ILE F 154 10.50 -17.64 2.74
C ILE F 154 9.02 -17.72 3.05
N ALA F 155 8.57 -18.82 3.64
CA ALA F 155 7.21 -19.04 4.12
C ALA F 155 6.99 -18.50 5.52
N HIS F 156 8.04 -18.20 6.25
CA HIS F 156 8.02 -17.34 7.48
C HIS F 156 7.98 -15.88 7.06
N GLN F 157 8.52 -15.53 5.91
CA GLN F 157 8.55 -14.13 5.42
C GLN F 157 7.33 -13.76 4.57
N ARG F 158 6.77 -14.69 3.80
CA ARG F 158 5.65 -14.51 2.86
C ARG F 158 5.90 -13.33 1.93
N MET G 1 -4.28 -39.78 31.29
CA MET G 1 -5.37 -40.60 30.64
C MET G 1 -4.70 -41.72 29.83
N TYR G 2 -5.11 -42.97 30.03
CA TYR G 2 -4.54 -44.17 29.32
C TYR G 2 -5.45 -44.67 28.20
N VAL G 3 -4.88 -45.12 27.08
CA VAL G 3 -5.63 -45.76 25.96
C VAL G 3 -5.13 -47.19 25.74
N LYS G 4 -5.93 -48.00 25.06
CA LYS G 4 -5.68 -49.43 24.80
C LYS G 4 -5.47 -49.60 23.30
N LEU G 5 -4.29 -50.08 22.91
CA LEU G 5 -3.96 -50.46 21.52
C LEU G 5 -3.95 -51.97 21.49
N ILE G 6 -4.62 -52.63 20.51
CA ILE G 6 -4.69 -54.11 20.42
C ILE G 6 -4.07 -54.57 19.11
N SER G 7 -3.11 -55.49 19.16
CA SER G 7 -2.39 -56.08 18.02
C SER G 7 -3.23 -57.11 17.28
N SER G 8 -2.83 -57.47 16.07
CA SER G 8 -3.54 -58.49 15.26
C SER G 8 -3.72 -59.76 16.11
N ASP G 9 -2.63 -60.23 16.72
CA ASP G 9 -2.61 -61.50 17.46
C ASP G 9 -3.23 -61.28 18.85
N GLY G 10 -3.99 -60.19 19.08
CA GLY G 10 -4.90 -60.06 20.24
C GLY G 10 -4.32 -59.42 21.48
N HIS G 11 -3.00 -59.19 21.49
CA HIS G 11 -2.31 -58.48 22.60
C HIS G 11 -2.90 -57.09 22.84
N GLU G 12 -3.09 -56.72 24.09
CA GLU G 12 -3.45 -55.37 24.57
C GLU G 12 -2.17 -54.61 24.99
N PHE G 13 -2.10 -53.35 24.66
CA PHE G 13 -1.02 -52.38 25.03
C PHE G 13 -1.71 -51.15 25.62
N ILE G 14 -1.51 -50.92 26.92
CA ILE G 14 -2.02 -49.71 27.64
C ILE G 14 -0.90 -48.68 27.71
N VAL G 15 -1.00 -47.62 26.94
CA VAL G 15 -0.06 -46.47 26.94
C VAL G 15 -0.81 -45.19 27.29
N LYS G 16 -0.09 -44.13 27.65
CA LYS G 16 -0.66 -42.78 27.90
C LYS G 16 -1.24 -42.24 26.59
N ARG G 17 -2.39 -41.56 26.68
CA ARG G 17 -3.06 -40.97 25.49
C ARG G 17 -2.05 -40.12 24.70
N GLU G 18 -1.44 -39.18 25.39
CA GLU G 18 -0.49 -38.19 24.81
C GLU G 18 0.60 -38.91 24.03
N HIS G 19 1.16 -39.99 24.62
CA HIS G 19 2.18 -40.82 23.92
C HIS G 19 1.60 -41.35 22.59
N ALA G 20 0.41 -41.94 22.62
CA ALA G 20 -0.23 -42.53 21.43
C ALA G 20 -0.50 -41.49 20.33
N LEU G 21 -0.96 -40.31 20.73
CA LEU G 21 -1.27 -39.19 19.83
C LEU G 21 -0.04 -38.81 19.02
N THR G 22 1.15 -39.32 19.35
CA THR G 22 2.33 -39.24 18.49
C THR G 22 1.98 -39.68 17.07
N SER G 23 1.16 -40.73 16.96
CA SER G 23 0.76 -41.25 15.63
C SER G 23 -0.38 -40.44 15.00
N GLY G 24 -0.06 -39.78 13.87
CA GLY G 24 -1.02 -39.01 13.07
C GLY G 24 -2.19 -39.82 12.61
N THR G 25 -1.99 -41.13 12.39
CA THR G 25 -3.05 -42.09 12.06
C THR G 25 -3.93 -42.33 13.26
N ILE G 26 -3.36 -42.58 14.44
CA ILE G 26 -4.11 -42.84 15.69
C ILE G 26 -4.88 -41.57 16.10
N LYS G 27 -4.27 -40.41 15.83
CA LYS G 27 -4.85 -39.09 16.14
C LYS G 27 -6.22 -38.93 15.46
N ALA G 28 -6.36 -39.41 14.22
CA ALA G 28 -7.55 -39.38 13.37
C ALA G 28 -8.60 -40.36 13.91
N MET G 29 -8.20 -41.51 14.41
CA MET G 29 -9.10 -42.57 14.94
C MET G 29 -9.64 -42.14 16.31
N LEU G 30 -8.80 -41.62 17.23
CA LEU G 30 -9.24 -41.16 18.56
C LEU G 30 -10.10 -39.89 18.47
N SER G 31 -9.86 -39.02 17.48
CA SER G 31 -10.53 -37.69 17.33
C SER G 31 -11.98 -37.82 16.89
N GLY G 32 -12.33 -38.87 16.12
CA GLY G 32 -13.71 -39.16 15.68
C GLY G 32 -14.63 -39.42 16.87
N PRO G 33 -15.96 -39.18 16.75
CA PRO G 33 -16.88 -39.47 17.85
C PRO G 33 -17.10 -40.98 18.05
N GLY G 34 -17.64 -41.36 19.22
CA GLY G 34 -18.11 -42.72 19.52
C GLY G 34 -17.55 -43.31 20.81
N GLN G 35 -18.10 -42.97 21.98
CA GLN G 35 -18.24 -43.85 23.17
C GLN G 35 -19.65 -43.64 23.73
N PHE G 36 -20.66 -44.28 23.16
CA PHE G 36 -22.07 -44.36 23.62
C PHE G 36 -22.72 -42.97 23.66
N ALA G 37 -22.36 -42.11 24.63
CA ALA G 37 -22.85 -40.71 24.78
C ALA G 37 -21.68 -39.74 25.05
N GLU G 38 -20.62 -39.84 24.26
CA GLU G 38 -19.31 -39.14 24.40
C GLU G 38 -18.60 -39.15 23.03
N ASN G 39 -17.78 -38.14 22.74
CA ASN G 39 -17.15 -37.86 21.41
C ASN G 39 -15.64 -38.17 21.50
N GLU G 40 -15.34 -39.36 22.00
CA GLU G 40 -13.94 -39.89 22.19
C GLU G 40 -14.00 -41.36 22.60
N THR G 41 -12.97 -42.15 22.24
CA THR G 41 -12.88 -43.60 22.61
C THR G 41 -11.55 -43.86 23.28
N ASN G 42 -11.36 -45.08 23.80
CA ASN G 42 -10.11 -45.56 24.45
C ASN G 42 -9.91 -47.03 24.07
N GLU G 43 -10.07 -47.33 22.79
CA GLU G 43 -9.69 -48.65 22.18
C GLU G 43 -9.41 -48.49 20.69
N VAL G 44 -8.22 -48.94 20.25
CA VAL G 44 -7.88 -48.89 18.79
C VAL G 44 -7.36 -50.25 18.31
N ASN G 45 -8.18 -50.96 17.55
CA ASN G 45 -7.79 -52.30 17.04
C ASN G 45 -6.80 -52.11 15.91
N PHE G 46 -5.64 -52.79 15.90
CA PHE G 46 -4.78 -52.84 14.71
C PHE G 46 -4.84 -54.21 14.05
N ARG G 47 -5.41 -54.24 12.85
CA ARG G 47 -5.89 -55.50 12.21
C ARG G 47 -4.69 -56.23 11.59
N GLU G 48 -3.70 -55.45 11.14
CA GLU G 48 -2.51 -55.93 10.39
C GLU G 48 -1.17 -55.71 11.09
N ILE G 49 -1.17 -55.22 12.33
CA ILE G 49 0.12 -55.10 13.09
C ILE G 49 0.20 -56.18 14.16
N PRO G 50 1.21 -57.07 14.14
CA PRO G 50 1.39 -58.05 15.20
C PRO G 50 2.00 -57.42 16.46
N SER G 51 1.97 -58.16 17.56
CA SER G 51 2.38 -57.69 18.91
C SER G 51 3.84 -57.24 18.93
N HIS G 52 4.73 -58.10 18.46
CA HIS G 52 6.20 -57.85 18.52
C HIS G 52 6.58 -56.53 17.86
N VAL G 53 5.73 -56.08 16.93
CA VAL G 53 5.91 -54.78 16.25
C VAL G 53 5.31 -53.69 17.13
N LEU G 54 4.04 -53.82 17.46
CA LEU G 54 3.25 -52.78 18.14
C LEU G 54 3.92 -52.43 19.49
N SER G 55 4.53 -53.41 20.16
CA SER G 55 5.38 -53.21 21.35
C SER G 55 6.45 -52.18 21.02
N LYS G 56 7.24 -52.44 19.98
CA LYS G 56 8.31 -51.53 19.51
C LYS G 56 7.75 -50.14 19.18
N VAL G 57 6.59 -50.06 18.57
CA VAL G 57 5.89 -48.81 18.20
C VAL G 57 5.57 -48.05 19.46
N CYS G 58 5.22 -48.70 20.55
CA CYS G 58 5.01 -48.04 21.86
C CYS G 58 6.35 -47.59 22.43
N MET G 59 7.32 -48.47 22.41
CA MET G 59 8.69 -48.11 22.83
C MET G 59 9.10 -46.80 22.17
N TYR G 60 8.80 -46.63 20.90
CA TYR G 60 9.07 -45.40 20.15
C TYR G 60 8.27 -44.23 20.71
N PHE G 61 6.98 -44.39 20.93
CA PHE G 61 6.14 -43.34 21.53
C PHE G 61 6.80 -42.85 22.80
N THR G 62 7.16 -43.78 23.67
CA THR G 62 7.88 -43.46 24.92
C THR G 62 9.05 -42.53 24.63
N TYR G 63 9.93 -43.04 23.77
CA TYR G 63 11.20 -42.39 23.34
C TYR G 63 10.93 -40.99 22.79
N LYS G 64 9.96 -40.93 21.87
CA LYS G 64 9.64 -39.67 21.14
C LYS G 64 9.28 -38.57 22.11
N VAL G 65 8.45 -38.89 23.09
CA VAL G 65 7.97 -37.89 24.08
C VAL G 65 9.09 -37.40 24.99
N ARG G 66 9.77 -38.37 25.59
CA ARG G 66 10.83 -38.12 26.63
C ARG G 66 11.95 -37.26 26.07
N TYR G 67 12.24 -37.35 24.77
CA TYR G 67 13.44 -36.75 24.16
C TYR G 67 13.10 -35.58 23.23
N THR G 68 11.84 -35.39 22.78
CA THR G 68 11.49 -34.19 21.98
C THR G 68 11.70 -32.94 22.85
N ASN G 69 12.43 -31.94 22.32
CA ASN G 69 12.78 -30.71 23.09
C ASN G 69 13.42 -31.14 24.41
N SER G 70 14.55 -31.85 24.32
CA SER G 70 15.40 -32.19 25.49
C SER G 70 16.86 -31.88 25.18
N SER G 71 17.50 -31.15 26.09
CA SER G 71 18.90 -30.69 26.07
C SER G 71 19.80 -31.76 26.71
N THR G 72 19.21 -32.69 27.46
CA THR G 72 19.72 -34.06 27.75
C THR G 72 19.99 -34.76 26.41
N GLU G 73 21.26 -34.74 25.99
CA GLU G 73 21.83 -35.51 24.85
C GLU G 73 21.02 -36.76 24.52
N ILE G 74 20.74 -37.00 23.22
CA ILE G 74 19.68 -37.94 22.76
C ILE G 74 20.36 -39.26 22.36
N PRO G 75 19.83 -40.42 22.79
CA PRO G 75 20.39 -41.71 22.39
C PRO G 75 19.77 -42.18 21.06
N GLU G 76 20.45 -43.11 20.38
CA GLU G 76 19.98 -43.72 19.11
C GLU G 76 18.75 -44.56 19.42
N PHE G 77 17.72 -44.53 18.57
CA PHE G 77 16.57 -45.47 18.67
C PHE G 77 16.93 -46.77 17.98
N PRO G 78 17.08 -47.90 18.70
CA PRO G 78 17.59 -49.13 18.12
C PRO G 78 16.51 -49.97 17.45
N ILE G 79 16.89 -50.59 16.34
CA ILE G 79 16.03 -51.52 15.56
C ILE G 79 16.91 -52.70 15.22
N ALA G 80 16.49 -53.89 15.66
CA ALA G 80 17.09 -55.17 15.26
C ALA G 80 16.76 -55.45 13.80
N PRO G 81 17.73 -55.93 13.01
CA PRO G 81 17.53 -56.17 11.61
C PRO G 81 16.25 -56.95 11.30
N GLU G 82 16.07 -58.03 12.04
CA GLU G 82 14.94 -58.96 11.85
C GLU G 82 13.58 -58.25 11.78
N ILE G 83 13.40 -57.28 12.67
CA ILE G 83 12.14 -56.55 12.89
C ILE G 83 12.00 -55.35 11.96
N ALA G 84 13.08 -54.97 11.29
CA ALA G 84 13.16 -53.69 10.55
C ALA G 84 11.96 -53.51 9.63
N LEU G 85 11.80 -54.39 8.66
CA LEU G 85 10.80 -54.23 7.58
C LEU G 85 9.38 -54.14 8.08
N GLU G 86 8.99 -55.00 9.01
CA GLU G 86 7.65 -54.98 9.61
C GLU G 86 7.36 -53.65 10.29
N LEU G 87 8.37 -53.19 11.01
CA LEU G 87 8.34 -51.93 11.76
C LEU G 87 8.25 -50.75 10.81
N LEU G 88 8.95 -50.80 9.69
CA LEU G 88 8.86 -49.78 8.62
C LEU G 88 7.44 -49.73 8.09
N MET G 89 6.90 -50.90 7.79
CA MET G 89 5.51 -51.07 7.34
C MET G 89 4.57 -50.35 8.31
N ALA G 90 4.73 -50.72 9.59
CA ALA G 90 3.87 -50.24 10.68
C ALA G 90 3.92 -48.71 10.79
N ALA G 91 5.15 -48.17 10.84
CA ALA G 91 5.38 -46.73 10.97
C ALA G 91 4.73 -45.99 9.81
N ASN G 92 4.99 -46.45 8.59
CA ASN G 92 4.39 -45.91 7.37
C ASN G 92 2.88 -45.82 7.54
N PHE G 93 2.26 -46.94 7.93
CA PHE G 93 0.80 -47.00 8.19
C PHE G 93 0.37 -45.96 9.23
N LEU G 94 1.13 -45.87 10.33
CA LEU G 94 0.73 -45.09 11.52
C LEU G 94 1.14 -43.62 11.38
N ASP G 95 1.96 -43.27 10.36
CA ASP G 95 2.41 -41.87 10.15
C ASP G 95 3.04 -41.28 11.43
N CYS G 96 4.27 -41.72 11.71
CA CYS G 96 5.10 -41.27 12.85
C CYS G 96 6.54 -41.82 12.66
N MET H 1 16.43 -41.17 39.66
CA MET H 1 16.15 -40.91 38.26
C MET H 1 14.83 -41.60 37.84
N ASP H 2 14.47 -41.46 36.58
CA ASP H 2 13.29 -42.18 36.00
C ASP H 2 13.73 -43.58 35.58
N VAL H 3 12.78 -44.52 35.66
CA VAL H 3 12.80 -45.86 35.00
C VAL H 3 11.55 -45.98 34.14
N PHE H 4 11.67 -46.62 33.01
CA PHE H 4 10.58 -46.91 32.03
C PHE H 4 10.28 -48.41 32.02
N LEU H 5 8.99 -48.75 32.12
CA LEU H 5 8.54 -50.11 32.47
C LEU H 5 7.46 -50.58 31.49
N MET H 6 7.52 -51.87 31.15
CA MET H 6 6.39 -52.69 30.70
C MET H 6 5.91 -53.60 31.83
N ILE H 7 4.72 -53.31 32.35
CA ILE H 7 4.00 -54.15 33.35
C ILE H 7 3.10 -55.12 32.60
N ARG H 8 3.30 -56.44 32.82
CA ARG H 8 2.75 -57.49 31.91
C ARG H 8 1.97 -58.56 32.69
N ARG H 9 0.74 -58.87 32.25
CA ARG H 9 -0.14 -59.95 32.75
C ARG H 9 -1.00 -60.47 31.60
N HIS H 10 -0.93 -61.77 31.32
CA HIS H 10 -1.71 -62.43 30.25
C HIS H 10 -1.44 -61.71 28.93
N LYS H 11 -2.48 -61.16 28.29
CA LYS H 11 -2.40 -60.47 26.98
C LYS H 11 -2.43 -58.95 27.19
N THR H 12 -2.29 -58.48 28.45
CA THR H 12 -2.24 -57.07 28.84
C THR H 12 -0.80 -56.61 29.16
N THR H 13 -0.43 -55.42 28.69
CA THR H 13 0.94 -54.83 28.79
C THR H 13 0.83 -53.31 28.97
N ILE H 14 1.31 -52.78 30.08
CA ILE H 14 1.23 -51.35 30.50
C ILE H 14 2.58 -50.69 30.30
N PHE H 15 2.55 -49.59 29.53
CA PHE H 15 3.72 -48.76 29.19
C PHE H 15 3.71 -47.46 29.99
N THR H 16 4.58 -47.39 31.01
CA THR H 16 4.57 -46.31 32.01
C THR H 16 5.99 -46.07 32.54
N ASP H 17 6.12 -44.99 33.32
CA ASP H 17 7.37 -44.53 33.96
C ASP H 17 7.18 -44.39 35.47
N ALA H 18 8.28 -44.54 36.21
CA ALA H 18 8.35 -44.35 37.67
C ALA H 18 9.73 -43.81 38.04
N LYS H 19 9.89 -43.48 39.31
CA LYS H 19 11.21 -43.05 39.84
C LYS H 19 11.99 -44.27 40.38
N GLU H 20 13.29 -44.34 40.10
CA GLU H 20 14.23 -45.36 40.60
C GLU H 20 14.07 -45.46 42.11
N SER H 21 13.86 -44.29 42.74
CA SER H 21 13.64 -44.13 44.20
C SER H 21 12.31 -44.73 44.69
N SER H 22 11.22 -44.57 43.94
CA SER H 22 9.85 -44.95 44.34
C SER H 22 9.77 -46.46 44.58
N THR H 23 8.75 -46.92 45.33
CA THR H 23 8.68 -48.27 45.95
C THR H 23 7.75 -49.21 45.19
N VAL H 24 8.01 -50.52 45.36
CA VAL H 24 7.21 -51.61 44.73
C VAL H 24 5.71 -51.40 45.01
N PHE H 25 5.41 -50.91 46.21
CA PHE H 25 4.02 -50.65 46.65
C PHE H 25 3.41 -49.52 45.80
N GLU H 26 4.18 -48.43 45.66
CA GLU H 26 3.75 -47.21 44.96
C GLU H 26 3.58 -47.49 43.48
N LEU H 27 4.27 -48.47 42.93
CA LEU H 27 4.03 -48.96 41.54
C LEU H 27 2.62 -49.60 41.49
N LYS H 28 2.30 -50.44 42.48
CA LYS H 28 0.99 -51.17 42.50
C LYS H 28 -0.14 -50.13 42.58
N ARG H 29 0.13 -48.96 43.17
CA ARG H 29 -0.86 -47.82 43.24
C ARG H 29 -1.20 -47.32 41.83
N ILE H 30 -0.18 -47.13 40.97
CA ILE H 30 -0.34 -46.71 39.56
C ILE H 30 -1.20 -47.73 38.83
N VAL H 31 -0.92 -49.02 39.09
CA VAL H 31 -1.60 -50.17 38.47
C VAL H 31 -3.05 -50.18 38.88
N GLU H 32 -3.31 -49.76 40.12
CA GLU H 32 -4.68 -49.62 40.62
C GLU H 32 -5.45 -48.58 39.82
N GLY H 33 -4.85 -47.41 39.61
CA GLY H 33 -5.53 -46.31 38.91
C GLY H 33 -5.79 -46.58 37.45
N ILE H 34 -5.20 -47.65 36.93
CA ILE H 34 -5.35 -48.12 35.53
C ILE H 34 -6.34 -49.28 35.46
N LEU H 35 -6.06 -50.37 36.18
CA LEU H 35 -6.85 -51.61 36.06
C LEU H 35 -7.97 -51.76 37.09
N LYS H 36 -7.86 -51.05 38.23
CA LYS H 36 -8.86 -50.99 39.31
C LYS H 36 -8.81 -52.12 40.34
N ARG H 37 -7.63 -52.56 40.71
CA ARG H 37 -7.43 -53.67 41.64
C ARG H 37 -6.44 -53.22 42.69
N PRO H 38 -6.75 -53.38 44.00
CA PRO H 38 -5.90 -52.82 45.04
C PRO H 38 -4.58 -53.57 45.21
N PRO H 39 -3.54 -52.91 45.76
CA PRO H 39 -2.22 -53.50 45.96
C PRO H 39 -2.14 -54.85 46.65
N ASP H 40 -3.12 -55.14 47.50
CA ASP H 40 -3.24 -56.43 48.24
C ASP H 40 -3.95 -57.46 47.37
N GLU H 41 -4.01 -57.21 46.06
CA GLU H 41 -4.43 -58.22 45.05
C GLU H 41 -3.48 -58.16 43.85
N GLN H 42 -2.23 -57.96 44.12
CA GLN H 42 -1.15 -57.81 43.13
C GLN H 42 0.16 -58.38 43.67
N ARG H 43 0.84 -59.15 42.83
CA ARG H 43 2.20 -59.65 43.17
C ARG H 43 3.05 -59.36 41.97
N LEU H 44 4.09 -58.52 42.16
CA LEU H 44 4.98 -58.04 41.08
C LEU H 44 6.30 -58.79 41.17
N TYR H 45 6.84 -59.11 39.98
CA TYR H 45 8.06 -59.92 39.81
C TYR H 45 9.08 -59.19 38.92
N LYS H 46 10.34 -59.46 39.20
CA LYS H 46 11.44 -59.21 38.21
C LYS H 46 12.02 -60.55 37.77
N ASP H 47 11.47 -61.08 36.68
CA ASP H 47 11.68 -62.49 36.26
C ASP H 47 10.81 -63.38 37.14
N ASP H 48 11.42 -64.29 37.88
CA ASP H 48 10.69 -65.32 38.67
C ASP H 48 10.68 -64.93 40.15
N GLN H 49 11.64 -64.12 40.56
CA GLN H 49 11.71 -63.55 41.92
C GLN H 49 10.59 -62.52 42.11
N LEU H 50 9.81 -62.75 43.16
CA LEU H 50 8.77 -61.83 43.68
C LEU H 50 9.48 -60.64 44.34
N LEU H 51 8.84 -59.48 44.28
CA LEU H 51 9.33 -58.21 44.83
C LEU H 51 8.61 -57.97 46.17
N ASP H 52 9.29 -57.23 47.02
CA ASP H 52 8.86 -56.77 48.37
C ASP H 52 8.44 -55.29 48.36
N ASP H 53 7.20 -55.02 48.76
CA ASP H 53 6.52 -53.69 48.70
C ASP H 53 7.42 -52.55 49.20
N GLY H 54 8.20 -52.79 50.26
CA GLY H 54 9.02 -51.81 50.98
C GLY H 54 10.22 -51.37 50.18
N LYS H 55 10.81 -52.26 49.38
CA LYS H 55 12.04 -51.96 48.58
C LYS H 55 11.72 -50.93 47.50
N THR H 56 12.74 -50.16 47.10
CA THR H 56 12.69 -49.25 45.93
C THR H 56 12.93 -50.07 44.67
N LEU H 57 12.40 -49.61 43.54
CA LEU H 57 12.67 -50.18 42.20
C LEU H 57 14.19 -50.26 41.99
N GLY H 58 14.92 -49.27 42.48
CA GLY H 58 16.38 -49.22 42.36
C GLY H 58 17.02 -50.38 43.10
N GLU H 59 16.46 -50.80 44.23
CA GLU H 59 16.93 -51.96 45.03
C GLU H 59 16.57 -53.26 44.32
N CYS H 60 15.44 -53.32 43.60
CA CYS H 60 14.96 -54.52 42.88
C CYS H 60 15.66 -54.66 41.52
N GLY H 61 16.57 -53.76 41.18
CA GLY H 61 17.45 -53.90 40.00
C GLY H 61 17.04 -53.04 38.82
N PHE H 62 15.94 -52.29 38.96
CA PHE H 62 15.43 -51.39 37.91
C PHE H 62 16.22 -50.07 37.95
N THR H 63 17.00 -49.78 36.91
CA THR H 63 17.87 -48.58 36.85
C THR H 63 17.66 -47.85 35.53
N SER H 64 18.18 -46.62 35.44
CA SER H 64 18.13 -45.75 34.23
C SER H 64 18.68 -46.54 33.05
N GLN H 65 19.81 -47.26 33.27
CA GLN H 65 20.60 -47.90 32.21
C GLN H 65 20.09 -49.31 31.89
N THR H 66 19.11 -49.84 32.65
CA THR H 66 18.47 -51.15 32.38
C THR H 66 16.95 -51.00 32.26
N ALA H 67 16.37 -49.77 32.26
CA ALA H 67 14.93 -49.57 32.02
C ALA H 67 14.68 -48.34 31.18
N ARG H 68 15.28 -48.23 30.01
CA ARG H 68 15.28 -47.04 29.14
C ARG H 68 13.96 -46.96 28.40
N PRO H 69 13.56 -45.76 27.94
CA PRO H 69 12.27 -45.59 27.27
C PRO H 69 12.11 -46.47 26.01
N GLN H 70 13.21 -46.54 25.24
CA GLN H 70 13.31 -47.27 23.95
C GLN H 70 13.56 -48.76 24.21
N ALA H 71 13.82 -49.17 25.46
CA ALA H 71 14.11 -50.56 25.85
C ALA H 71 13.65 -50.82 27.29
N PRO H 72 12.35 -50.63 27.58
CA PRO H 72 11.84 -50.70 28.94
C PRO H 72 12.09 -52.05 29.63
N ALA H 73 12.25 -52.03 30.94
CA ALA H 73 12.36 -53.24 31.77
C ALA H 73 10.97 -53.81 31.99
N THR H 74 10.87 -55.13 32.09
CA THR H 74 9.60 -55.87 32.16
C THR H 74 9.31 -56.24 33.62
N VAL H 75 8.20 -55.74 34.16
CA VAL H 75 7.67 -56.07 35.51
C VAL H 75 6.51 -57.05 35.29
N GLY H 76 6.64 -58.23 35.93
CA GLY H 76 5.60 -59.27 35.92
C GLY H 76 4.49 -58.92 36.89
N LEU H 77 3.24 -59.15 36.50
CA LEU H 77 2.02 -58.94 37.31
C LEU H 77 1.23 -60.23 37.44
N ALA H 78 0.72 -60.52 38.65
CA ALA H 78 -0.19 -61.62 38.96
C ALA H 78 -1.33 -61.09 39.82
N PHE H 79 -2.47 -61.78 39.79
CA PHE H 79 -3.74 -61.32 40.41
C PHE H 79 -4.27 -62.32 41.46
N ARG H 80 -5.31 -61.82 42.16
CA ARG H 80 -6.10 -62.48 43.23
C ARG H 80 -7.60 -62.41 42.84
N ALA H 81 -8.36 -63.49 43.04
CA ALA H 81 -9.83 -63.52 43.13
C ALA H 81 -10.20 -64.50 44.24
N ASP H 82 -10.94 -64.06 45.27
CA ASP H 82 -11.30 -64.81 46.51
C ASP H 82 -10.05 -64.88 47.41
N ASP H 83 -9.30 -65.97 47.37
CA ASP H 83 -7.91 -66.04 47.91
C ASP H 83 -7.13 -67.03 47.05
N THR H 84 -7.39 -66.93 45.74
CA THR H 84 -6.63 -67.68 44.69
C THR H 84 -5.43 -66.88 44.16
N PHE H 85 -4.23 -67.48 44.21
CA PHE H 85 -3.04 -67.01 43.47
C PHE H 85 -3.03 -67.64 42.06
N GLU H 86 -2.59 -66.82 41.11
CA GLU H 86 -2.42 -67.17 39.69
C GLU H 86 -0.93 -67.18 39.40
N ALA H 87 -0.53 -67.91 38.36
CA ALA H 87 0.85 -68.01 37.91
C ALA H 87 1.17 -66.77 37.09
N LEU H 88 2.38 -66.74 36.56
CA LEU H 88 2.90 -65.60 35.74
C LEU H 88 2.53 -65.86 34.27
N CYS H 89 1.24 -65.95 33.96
CA CYS H 89 0.75 -65.96 32.58
C CYS H 89 1.32 -64.66 32.03
N ILE H 90 2.45 -64.74 31.33
CA ILE H 90 3.03 -63.61 30.55
C ILE H 90 3.07 -64.17 29.13
N GLU H 91 1.90 -64.20 28.54
CA GLU H 91 1.64 -64.69 27.14
C GLU H 91 2.62 -63.99 26.22
N PRO H 92 3.59 -64.69 25.58
CA PRO H 92 4.59 -63.97 24.77
C PRO H 92 3.93 -63.38 23.52
N PHE H 93 4.65 -62.45 22.89
CA PHE H 93 4.17 -61.73 21.69
C PHE H 93 4.37 -62.61 20.46
N SER H 94 4.22 -61.99 19.29
CA SER H 94 4.58 -62.53 17.96
C SER H 94 6.10 -62.66 17.87
N SER H 95 6.54 -63.45 16.88
CA SER H 95 7.91 -63.55 16.37
C SER H 95 7.99 -62.89 15.00
N PRO H 96 9.18 -62.42 14.59
CA PRO H 96 9.40 -61.90 13.25
C PRO H 96 9.89 -62.99 12.31
N PRO H 97 9.61 -62.89 10.99
CA PRO H 97 10.13 -63.85 10.01
C PRO H 97 11.63 -63.68 9.79
N GLU H 98 12.26 -64.81 9.54
CA GLU H 98 13.71 -64.94 9.29
C GLU H 98 14.18 -63.87 8.33
N LEU H 99 15.40 -63.42 8.57
CA LEU H 99 15.94 -62.20 7.93
C LEU H 99 16.17 -62.49 6.45
N PRO H 100 15.49 -61.76 5.52
CA PRO H 100 15.70 -61.96 4.10
C PRO H 100 17.18 -61.96 3.76
N ASP H 101 17.59 -62.66 2.70
CA ASP H 101 19.01 -62.87 2.32
C ASP H 101 19.60 -61.53 1.88
N VAL H 102 18.81 -60.69 1.23
CA VAL H 102 19.24 -59.36 0.69
C VAL H 102 19.68 -58.41 1.84
N MET H 103 19.40 -58.81 3.10
CA MET H 103 19.64 -58.04 4.35
C MET H 103 20.85 -58.57 5.10
N LYS H 104 21.27 -59.82 4.89
CA LYS H 104 22.39 -60.46 5.59
C LYS H 104 23.74 -59.98 5.03
N LEU I 5 -11.04 -17.49 52.52
CA LEU I 5 -10.50 -18.32 53.64
C LEU I 5 -11.15 -19.71 53.64
N SER I 6 -12.45 -19.77 53.32
CA SER I 6 -13.29 -20.99 53.35
C SER I 6 -12.93 -21.86 52.14
N PRO I 7 -12.65 -23.16 52.32
CA PRO I 7 -12.16 -24.02 51.26
C PRO I 7 -13.13 -24.19 50.08
N ASN I 8 -12.55 -24.29 48.89
CA ASN I 8 -13.22 -24.71 47.63
C ASN I 8 -13.31 -26.25 47.60
N PRO I 9 -14.30 -26.81 46.87
CA PRO I 9 -14.37 -28.25 46.67
C PRO I 9 -13.05 -28.75 46.07
N PRO I 10 -12.56 -29.94 46.45
CA PRO I 10 -11.25 -30.45 46.00
C PRO I 10 -11.19 -30.58 44.48
N LYS I 11 -12.28 -31.12 43.93
CA LYS I 11 -12.45 -31.26 42.46
C LYS I 11 -12.16 -29.96 41.70
N LEU I 12 -12.79 -28.86 42.12
CA LEU I 12 -12.57 -27.52 41.52
C LEU I 12 -11.09 -27.12 41.62
N THR I 13 -10.51 -27.15 42.82
CA THR I 13 -9.08 -26.82 43.07
C THR I 13 -8.25 -27.65 42.10
N LYS I 14 -8.56 -28.95 41.95
CA LYS I 14 -7.73 -29.86 41.13
C LYS I 14 -7.58 -29.32 39.68
N GLN I 15 -8.71 -28.95 39.09
CA GLN I 15 -8.86 -28.45 37.71
C GLN I 15 -8.02 -27.20 37.57
N MET I 16 -8.24 -26.19 38.42
CA MET I 16 -7.49 -24.91 38.46
C MET I 16 -5.99 -25.24 38.30
N ASN I 17 -5.48 -26.14 39.15
CA ASN I 17 -4.04 -26.49 39.20
C ASN I 17 -3.60 -27.09 37.86
N ALA I 18 -4.38 -28.01 37.33
CA ALA I 18 -4.12 -28.71 36.06
C ALA I 18 -4.04 -27.66 34.94
N ILE I 19 -5.09 -26.81 34.84
CA ILE I 19 -5.22 -25.79 33.75
C ILE I 19 -3.98 -24.90 33.77
N ILE I 20 -3.60 -24.39 34.97
CA ILE I 20 -2.41 -23.52 35.10
C ILE I 20 -1.11 -24.31 34.80
N ASP I 21 -0.98 -25.54 35.31
CA ASP I 21 0.22 -26.36 35.07
C ASP I 21 0.36 -26.62 33.57
N THR I 22 -0.76 -26.77 32.85
CA THR I 22 -0.74 -26.93 31.36
C THR I 22 -0.07 -25.67 30.82
N VAL I 23 -0.53 -24.47 31.24
CA VAL I 23 -0.12 -23.17 30.65
C VAL I 23 1.39 -23.00 30.88
N ILE I 24 1.78 -23.13 32.14
CA ILE I 24 3.18 -22.89 32.62
C ILE I 24 4.12 -23.85 31.89
N ASN I 25 3.77 -25.15 31.89
CA ASN I 25 4.70 -26.21 31.40
C ASN I 25 4.78 -26.15 29.87
N TYR I 26 3.69 -25.76 29.20
CA TYR I 26 3.62 -25.72 27.71
C TYR I 26 4.90 -25.10 27.15
N LYS I 27 5.47 -25.81 26.17
CA LYS I 27 6.62 -25.37 25.38
C LYS I 27 6.14 -25.32 23.94
N ASP I 28 6.70 -24.40 23.16
CA ASP I 28 6.34 -24.26 21.74
C ASP I 28 7.20 -25.21 20.90
N SER I 29 7.00 -25.12 19.58
CA SER I 29 7.67 -25.97 18.57
C SER I 29 9.19 -25.98 18.78
N SER I 30 9.76 -24.81 19.06
CA SER I 30 11.21 -24.63 19.17
C SER I 30 11.74 -25.17 20.47
N GLY I 31 10.89 -25.58 21.40
CA GLY I 31 11.25 -26.24 22.64
C GLY I 31 11.23 -25.30 23.85
N ARG I 32 10.99 -24.03 23.54
CA ARG I 32 11.00 -22.90 24.48
C ARG I 32 9.70 -22.86 25.28
N GLN I 33 9.81 -22.85 26.61
CA GLN I 33 8.70 -22.60 27.59
C GLN I 33 8.41 -21.10 27.65
N LEU I 34 7.19 -20.70 27.25
CA LEU I 34 6.81 -19.27 27.08
C LEU I 34 6.55 -18.64 28.45
N SER I 35 5.86 -19.38 29.32
CA SER I 35 5.50 -18.94 30.70
C SER I 35 6.66 -18.33 31.49
N GLU I 36 7.90 -18.77 31.24
CA GLU I 36 9.08 -18.47 32.09
C GLU I 36 9.13 -17.01 32.50
N VAL I 37 9.18 -16.10 31.55
CA VAL I 37 9.31 -14.64 31.83
C VAL I 37 8.22 -14.13 32.77
N PHE I 38 7.05 -14.77 32.73
CA PHE I 38 5.86 -14.29 33.48
C PHE I 38 5.68 -14.98 34.82
N ILE I 39 6.51 -15.96 35.15
CA ILE I 39 6.32 -16.73 36.40
C ILE I 39 6.31 -15.79 37.60
N GLN I 40 7.34 -14.97 37.69
CA GLN I 40 7.57 -14.05 38.81
C GLN I 40 7.95 -12.69 38.26
N LEU I 41 7.20 -11.70 38.72
CA LEU I 41 7.43 -10.28 38.38
C LEU I 41 8.81 -9.85 38.83
N PRO I 42 9.39 -8.84 38.15
CA PRO I 42 10.59 -8.21 38.67
C PRO I 42 10.23 -7.38 39.91
N SER I 43 11.23 -7.13 40.77
CA SER I 43 11.06 -6.24 41.94
C SER I 43 10.83 -4.81 41.48
N ARG I 44 10.18 -3.98 42.30
CA ARG I 44 9.96 -2.54 42.03
C ARG I 44 11.31 -1.85 41.76
N LYS I 45 12.33 -2.27 42.49
CA LYS I 45 13.70 -1.70 42.36
C LYS I 45 14.28 -2.08 40.99
N GLU I 46 14.18 -3.36 40.64
CA GLU I 46 14.63 -3.98 39.37
C GLU I 46 13.93 -3.34 38.17
N LEU I 47 12.62 -3.20 38.21
CA LEU I 47 11.90 -2.56 37.11
C LEU I 47 10.85 -1.63 37.65
N PRO I 48 11.25 -0.39 38.01
CA PRO I 48 10.29 0.57 38.55
C PRO I 48 9.19 0.95 37.55
N GLU I 49 9.51 1.03 36.26
CA GLU I 49 8.58 1.50 35.20
C GLU I 49 7.29 0.71 35.20
N TYR I 50 7.36 -0.61 35.44
CA TYR I 50 6.23 -1.55 35.30
C TYR I 50 5.11 -1.18 36.24
N TYR I 51 5.43 -0.93 37.48
CA TYR I 51 4.51 -0.71 38.61
C TYR I 51 3.83 0.67 38.50
N GLU I 52 4.57 1.69 38.09
CA GLU I 52 4.03 3.04 37.81
C GLU I 52 2.97 2.96 36.72
N LEU I 53 3.06 2.02 35.78
CA LEU I 53 2.24 2.00 34.53
C LEU I 53 1.13 0.93 34.58
N ILE I 54 1.29 -0.10 35.43
CA ILE I 54 0.37 -1.26 35.56
C ILE I 54 -0.36 -1.17 36.90
N ARG I 55 -1.69 -1.12 36.86
CA ARG I 55 -2.62 -0.82 37.96
C ARG I 55 -2.82 -2.03 38.87
N LYS I 56 -3.02 -3.23 38.29
CA LYS I 56 -3.06 -4.50 39.08
C LYS I 56 -1.97 -5.44 38.62
N PRO I 57 -0.69 -5.28 39.04
CA PRO I 57 0.33 -6.26 38.69
C PRO I 57 -0.08 -7.65 39.16
N VAL I 58 0.30 -8.66 38.38
CA VAL I 58 0.11 -10.09 38.72
C VAL I 58 1.09 -10.92 37.90
N ASP I 59 1.54 -12.00 38.53
CA ASP I 59 2.44 -13.01 37.96
C ASP I 59 1.85 -14.38 38.19
N PHE I 60 2.46 -15.42 37.59
CA PHE I 60 1.85 -16.78 37.70
C PHE I 60 1.97 -17.29 39.14
N LYS I 61 3.06 -16.89 39.80
CA LYS I 61 3.34 -17.28 41.21
C LYS I 61 2.15 -16.88 42.05
N LYS I 62 1.71 -15.62 41.93
CA LYS I 62 0.56 -15.10 42.67
C LYS I 62 -0.75 -15.85 42.41
N ILE I 63 -0.92 -16.29 41.17
CA ILE I 63 -2.13 -17.05 40.73
C ILE I 63 -2.12 -18.41 41.38
N LYS I 64 -1.01 -19.17 41.24
CA LYS I 64 -0.82 -20.45 41.92
C LYS I 64 -1.17 -20.31 43.39
N GLU I 65 -0.69 -19.24 44.01
CA GLU I 65 -0.97 -18.84 45.39
C GLU I 65 -2.46 -18.63 45.61
N ARG I 66 -3.11 -17.87 44.72
CA ARG I 66 -4.53 -17.53 44.89
C ARG I 66 -5.41 -18.76 44.71
N ILE I 67 -4.89 -19.77 44.03
CA ILE I 67 -5.58 -21.08 43.92
C ILE I 67 -5.51 -21.81 45.27
N ARG I 68 -4.29 -21.96 45.82
CA ARG I 68 -4.07 -22.61 47.16
C ARG I 68 -4.92 -21.91 48.21
N ASN I 69 -4.94 -20.58 48.22
CA ASN I 69 -5.60 -19.76 49.27
C ASN I 69 -7.07 -19.57 48.97
N HIS I 70 -7.59 -20.16 47.89
CA HIS I 70 -9.02 -20.24 47.56
C HIS I 70 -9.63 -18.90 47.19
N LYS I 71 -8.85 -17.90 46.77
CA LYS I 71 -9.37 -16.56 46.47
C LYS I 71 -10.25 -16.65 45.21
N TYR I 72 -9.83 -17.50 44.27
CA TYR I 72 -10.67 -17.85 43.09
C TYR I 72 -11.75 -18.83 43.50
N ARG I 73 -12.99 -18.54 43.13
CA ARG I 73 -14.20 -19.25 43.56
C ARG I 73 -14.85 -19.98 42.38
N SER I 74 -14.37 -19.71 41.17
CA SER I 74 -14.75 -20.44 39.94
C SER I 74 -13.63 -20.34 38.92
N LEU I 75 -13.71 -21.09 37.82
CA LEU I 75 -12.75 -21.08 36.71
C LEU I 75 -12.73 -19.71 36.05
N GLY I 76 -13.87 -19.03 36.00
CA GLY I 76 -13.99 -17.68 35.47
C GLY I 76 -13.13 -16.71 36.26
N ASP I 77 -13.23 -16.78 37.58
CA ASP I 77 -12.41 -15.96 38.50
C ASP I 77 -10.95 -16.11 38.10
N LEU I 78 -10.50 -17.36 37.95
CA LEU I 78 -9.13 -17.73 37.53
C LEU I 78 -8.78 -17.10 36.18
N GLU I 79 -9.52 -17.47 35.14
CA GLU I 79 -9.34 -16.93 33.77
C GLU I 79 -9.14 -15.40 33.84
N LYS I 80 -10.06 -14.71 34.54
CA LYS I 80 -10.05 -13.25 34.65
C LYS I 80 -8.63 -12.77 34.99
N ASP I 81 -7.99 -13.48 35.92
CA ASP I 81 -6.67 -13.05 36.48
C ASP I 81 -5.55 -13.39 35.51
N VAL I 82 -5.65 -14.53 34.80
CA VAL I 82 -4.67 -14.88 33.73
C VAL I 82 -4.76 -13.79 32.66
N MET I 83 -5.98 -13.45 32.27
CA MET I 83 -6.21 -12.41 31.23
C MET I 83 -5.63 -11.11 31.75
N LEU I 84 -5.86 -10.76 33.01
CA LEU I 84 -5.28 -9.52 33.61
C LEU I 84 -3.76 -9.52 33.37
N LEU I 85 -3.17 -10.70 33.54
CA LEU I 85 -1.70 -10.90 33.32
C LEU I 85 -1.41 -10.60 31.85
N CYS I 86 -1.95 -11.38 30.93
CA CYS I 86 -1.65 -11.24 29.49
C CYS I 86 -1.89 -9.79 29.04
N HIS I 87 -3.02 -9.21 29.42
CA HIS I 87 -3.35 -7.76 29.18
C HIS I 87 -2.24 -6.85 29.75
N ASN I 88 -1.83 -7.10 31.02
CA ASN I 88 -0.76 -6.30 31.65
C ASN I 88 0.50 -6.36 30.79
N ALA I 89 0.89 -7.58 30.37
CA ALA I 89 2.06 -7.78 29.51
C ALA I 89 1.91 -6.99 28.22
N GLN I 90 0.70 -7.01 27.66
CA GLN I 90 0.42 -6.39 26.33
C GLN I 90 0.49 -4.86 26.45
N THR I 91 0.06 -4.33 27.59
CA THR I 91 0.08 -2.87 27.90
C THR I 91 1.53 -2.37 27.90
N PHE I 92 2.40 -3.04 28.67
CA PHE I 92 3.76 -2.56 28.97
C PHE I 92 4.71 -2.76 27.80
N ASN I 93 4.58 -3.85 27.05
CA ASN I 93 5.61 -4.38 26.16
C ASN I 93 5.43 -3.97 24.72
N LEU I 94 4.21 -3.69 24.29
CA LEU I 94 3.94 -3.13 22.94
C LEU I 94 4.07 -4.21 21.87
N GLU I 95 3.20 -4.12 20.89
CA GLU I 95 2.91 -5.13 19.87
C GLU I 95 4.14 -5.42 19.01
N GLY I 96 4.30 -6.71 18.70
CA GLY I 96 5.33 -7.19 17.75
C GLY I 96 6.61 -7.60 18.45
N SER I 97 6.78 -7.27 19.75
CA SER I 97 7.82 -7.81 20.65
C SER I 97 7.48 -9.29 20.94
N GLN I 98 8.46 -9.97 21.51
CA GLN I 98 8.37 -11.42 21.87
C GLN I 98 7.40 -11.59 23.06
N ILE I 99 7.70 -10.86 24.13
CA ILE I 99 6.96 -10.96 25.41
C ILE I 99 5.47 -10.73 25.14
N TYR I 100 5.17 -9.86 24.19
CA TYR I 100 3.80 -9.52 23.77
C TYR I 100 3.14 -10.69 23.03
N GLU I 101 3.85 -11.22 22.05
CA GLU I 101 3.31 -12.31 21.16
C GLU I 101 3.15 -13.60 21.98
N ASP I 102 3.93 -13.77 23.03
CA ASP I 102 3.87 -14.94 23.94
C ASP I 102 2.62 -14.85 24.83
N SER I 103 2.36 -13.67 25.40
CA SER I 103 1.10 -13.37 26.14
C SER I 103 -0.14 -13.84 25.34
N ILE I 104 -0.12 -13.57 24.05
CA ILE I 104 -1.22 -13.88 23.11
C ILE I 104 -1.41 -15.39 23.08
N VAL I 105 -0.32 -16.14 23.03
CA VAL I 105 -0.35 -17.61 22.84
C VAL I 105 -0.83 -18.21 24.15
N LEU I 106 -0.32 -17.72 25.28
CA LEU I 106 -0.69 -18.28 26.60
C LEU I 106 -2.21 -18.19 26.83
N GLN I 107 -2.81 -17.17 26.26
CA GLN I 107 -4.30 -17.01 26.30
C GLN I 107 -4.93 -18.24 25.65
N SER I 108 -4.46 -18.54 24.44
CA SER I 108 -4.93 -19.67 23.63
C SER I 108 -4.72 -20.97 24.40
N VAL I 109 -3.56 -21.10 25.01
CA VAL I 109 -3.17 -22.31 25.75
C VAL I 109 -4.09 -22.49 26.93
N PHE I 110 -4.39 -21.42 27.63
CA PHE I 110 -5.29 -21.43 28.81
C PHE I 110 -6.67 -21.94 28.41
N LYS I 111 -7.18 -21.36 27.34
CA LYS I 111 -8.51 -21.72 26.79
C LYS I 111 -8.47 -23.16 26.31
N SER I 112 -7.41 -23.57 25.64
CA SER I 112 -7.21 -24.94 25.14
C SER I 112 -7.16 -25.95 26.28
N ALA I 113 -6.53 -25.58 27.38
CA ALA I 113 -6.50 -26.35 28.64
C ALA I 113 -7.88 -26.48 29.28
N ARG I 114 -8.49 -25.34 29.52
CA ARG I 114 -9.83 -25.25 30.17
C ARG I 114 -10.78 -26.23 29.52
N GLN I 115 -10.92 -26.20 28.20
CA GLN I 115 -11.91 -27.07 27.52
C GLN I 115 -11.58 -28.53 27.76
N LYS I 116 -10.29 -28.86 27.74
CA LYS I 116 -9.78 -30.22 27.77
C LYS I 116 -9.89 -30.84 29.16
N ILE I 117 -9.95 -29.98 30.20
CA ILE I 117 -10.13 -30.46 31.59
C ILE I 117 -11.53 -30.18 32.16
N ALA I 118 -11.86 -28.89 32.20
CA ALA I 118 -13.11 -28.34 32.72
C ALA I 118 -14.34 -29.07 32.16
N LYS I 119 -14.48 -29.01 30.85
CA LYS I 119 -15.71 -29.51 30.15
C LYS I 119 -15.49 -30.97 29.81
N GLU I 120 -14.41 -31.59 30.32
CA GLU I 120 -14.04 -33.02 30.09
C GLU I 120 -13.84 -33.69 31.47
N GLU J 3 24.18 6.70 37.41
CA GLU J 3 25.63 6.53 37.03
C GLU J 3 26.42 7.80 37.35
N ALA J 4 26.05 8.52 38.42
CA ALA J 4 26.74 9.75 38.89
C ALA J 4 27.89 9.34 39.84
N GLY J 5 27.92 9.85 41.09
CA GLY J 5 29.05 9.70 42.02
C GLY J 5 29.20 8.30 42.58
N ARG J 6 28.37 7.34 42.09
CA ARG J 6 28.32 5.94 42.55
C ARG J 6 28.84 5.01 41.45
N PRO J 7 30.08 4.49 41.55
CA PRO J 7 30.60 3.59 40.52
C PRO J 7 30.22 2.13 40.78
N ARG J 8 29.46 1.52 39.88
CA ARG J 8 29.17 0.08 39.95
C ARG J 8 30.41 -0.67 39.50
N PRO J 9 30.59 -1.97 39.87
CA PRO J 9 31.79 -2.68 39.49
C PRO J 9 31.86 -3.01 38.00
N VAL J 10 32.96 -3.66 37.67
CA VAL J 10 33.21 -4.16 36.28
C VAL J 10 32.33 -5.37 36.00
N LEU J 11 32.52 -6.46 36.76
CA LEU J 11 31.78 -7.70 36.49
C LEU J 11 30.34 -7.52 36.92
N ARG J 12 29.50 -7.02 36.02
CA ARG J 12 28.05 -6.86 36.29
C ARG J 12 27.30 -7.07 34.99
N SER J 13 26.05 -7.51 35.11
CA SER J 13 25.17 -7.66 33.93
C SER J 13 24.84 -6.28 33.38
N VAL J 14 24.60 -6.23 32.08
CA VAL J 14 24.08 -5.05 31.36
C VAL J 14 22.58 -5.17 31.30
N ASN J 15 21.91 -4.07 31.64
CA ASN J 15 20.43 -4.04 31.65
C ASN J 15 19.88 -3.88 30.23
N SER J 16 20.11 -4.88 29.41
CA SER J 16 19.85 -4.82 27.95
C SER J 16 18.35 -4.87 27.73
N ARG J 17 17.68 -5.75 28.46
CA ARG J 17 16.25 -6.07 28.27
C ARG J 17 16.04 -6.65 26.89
N GLU J 18 17.10 -7.08 26.24
CA GLU J 18 17.05 -7.77 24.94
C GLU J 18 17.09 -9.25 25.25
N PRO J 19 16.00 -9.98 25.04
CA PRO J 19 15.93 -11.39 25.42
C PRO J 19 16.93 -12.32 24.74
N SER J 20 17.37 -13.31 25.50
CA SER J 20 18.25 -14.41 25.03
C SER J 20 17.76 -15.75 25.56
N GLN J 21 17.46 -16.68 24.67
CA GLN J 21 17.29 -18.12 25.01
C GLN J 21 18.67 -18.79 25.19
N VAL J 22 18.84 -19.43 26.36
CA VAL J 22 20.12 -20.12 26.68
C VAL J 22 19.83 -21.58 27.04
N ILE J 23 20.73 -22.49 26.68
CA ILE J 23 20.72 -23.88 27.22
C ILE J 23 21.83 -24.04 28.25
N PHE J 24 21.46 -24.17 29.53
CA PHE J 24 22.39 -24.56 30.60
C PHE J 24 22.49 -26.07 30.55
N CYS J 25 23.66 -26.54 30.23
CA CYS J 25 23.94 -27.99 30.12
C CYS J 25 24.99 -28.42 31.12
N ASN J 26 24.56 -29.22 32.11
CA ASN J 26 25.46 -29.67 33.20
C ASN J 26 26.13 -30.98 32.80
N ARG J 27 27.30 -30.88 32.20
CA ARG J 27 28.12 -32.03 31.79
C ARG J 27 29.25 -32.19 32.80
N SER J 28 28.89 -32.00 34.06
CA SER J 28 29.72 -32.27 35.24
C SER J 28 29.01 -33.28 36.13
N PRO J 29 29.76 -33.95 37.02
CA PRO J 29 29.18 -34.90 37.96
C PRO J 29 28.70 -34.22 39.23
N ARG J 30 28.88 -32.91 39.29
CA ARG J 30 28.45 -32.06 40.41
C ARG J 30 27.03 -31.60 40.17
N VAL J 31 26.33 -31.36 41.27
CA VAL J 31 25.07 -30.57 41.30
C VAL J 31 25.44 -29.10 41.15
N VAL J 32 25.06 -28.49 40.05
CA VAL J 32 25.49 -27.11 39.66
C VAL J 32 24.51 -26.02 40.13
N LEU J 33 25.06 -24.99 40.77
CA LEU J 33 24.40 -23.73 41.13
C LEU J 33 24.75 -22.69 40.07
N PRO J 34 23.78 -22.28 39.21
CA PRO J 34 23.98 -21.13 38.35
C PRO J 34 23.93 -19.89 39.23
N VAL J 35 24.84 -18.96 38.97
CA VAL J 35 24.94 -17.65 39.68
C VAL J 35 24.90 -16.55 38.65
N TRP J 36 23.87 -15.69 38.74
CA TRP J 36 23.73 -14.46 37.93
C TRP J 36 24.37 -13.25 38.62
N LEU J 37 25.19 -12.51 37.89
CA LEU J 37 25.68 -11.21 38.37
C LEU J 37 24.77 -10.06 38.00
N ASN J 38 24.05 -9.53 39.01
CA ASN J 38 23.02 -8.49 38.79
C ASN J 38 23.67 -7.19 38.31
N PHE J 39 22.87 -6.13 38.20
CA PHE J 39 23.27 -4.88 37.57
C PHE J 39 24.27 -4.15 38.42
N ASP J 40 24.38 -4.54 39.70
CA ASP J 40 25.32 -3.95 40.69
C ASP J 40 26.44 -4.94 41.00
N GLY J 41 26.52 -6.07 40.30
CA GLY J 41 27.70 -6.96 40.36
C GLY J 41 27.55 -7.95 41.48
N GLU J 42 26.46 -7.86 42.25
CA GLU J 42 26.20 -8.82 43.34
C GLU J 42 25.71 -10.13 42.76
N PRO J 43 26.26 -11.30 43.14
CA PRO J 43 25.73 -12.60 42.69
C PRO J 43 24.37 -12.95 43.30
N GLN J 44 23.45 -13.48 42.49
CA GLN J 44 22.16 -14.04 42.90
C GLN J 44 22.12 -15.52 42.51
N PRO J 45 21.80 -16.43 43.43
CA PRO J 45 21.74 -17.87 43.10
C PRO J 45 20.46 -18.23 42.37
N TYR J 46 20.53 -19.22 41.45
CA TYR J 46 19.37 -19.69 40.67
C TYR J 46 19.18 -21.19 40.90
N PRO J 47 18.01 -21.76 40.53
CA PRO J 47 17.73 -23.16 40.79
C PRO J 47 18.82 -24.10 40.27
N THR J 48 19.11 -25.15 41.04
CA THR J 48 20.30 -26.01 40.77
C THR J 48 19.95 -27.05 39.72
N LEU J 49 20.93 -27.39 38.87
CA LEU J 49 20.82 -28.43 37.86
C LEU J 49 21.50 -29.66 38.44
N PRO J 50 20.81 -30.82 38.49
CA PRO J 50 21.47 -32.09 38.83
C PRO J 50 22.42 -32.49 37.73
N PRO J 51 23.31 -33.46 37.98
CA PRO J 51 24.25 -33.92 36.98
C PRO J 51 23.62 -34.53 35.74
N GLY J 52 24.21 -34.20 34.60
CA GLY J 52 23.76 -34.70 33.28
C GLY J 52 22.44 -34.13 32.79
N THR J 53 21.91 -33.15 33.50
CA THR J 53 20.69 -32.40 33.21
C THR J 53 21.03 -31.19 32.35
N GLY J 54 20.07 -30.79 31.53
CA GLY J 54 20.09 -29.53 30.78
C GLY J 54 18.76 -28.87 30.93
N ARG J 55 18.71 -27.58 30.67
CA ARG J 55 17.48 -26.74 30.76
C ARG J 55 17.55 -25.56 29.78
N ARG J 56 16.45 -25.30 29.07
CA ARG J 56 16.28 -24.01 28.34
C ARG J 56 15.89 -22.97 29.38
N ILE J 57 16.60 -21.84 29.42
CA ILE J 57 16.35 -20.75 30.39
C ILE J 57 16.34 -19.41 29.67
N HIS J 58 15.52 -18.49 30.15
N HIS J 58 15.51 -18.49 30.15
CA HIS J 58 15.35 -17.12 29.60
CA HIS J 58 15.32 -17.12 29.61
C HIS J 58 16.30 -16.17 30.30
C HIS J 58 16.30 -16.16 30.31
N SER J 59 17.19 -15.54 29.54
CA SER J 59 18.16 -14.53 30.03
C SER J 59 18.18 -13.41 29.01
N TYR J 60 19.10 -12.47 29.15
CA TYR J 60 19.11 -11.25 28.31
C TYR J 60 20.52 -10.97 27.80
N ARG J 61 20.62 -10.31 26.64
CA ARG J 61 21.92 -9.92 26.03
C ARG J 61 22.76 -9.23 27.10
N GLY J 62 24.06 -9.58 27.19
CA GLY J 62 24.97 -8.86 28.08
C GLY J 62 24.78 -9.23 29.53
N HIS J 63 23.87 -10.17 29.84
CA HIS J 63 23.80 -10.67 31.22
C HIS J 63 24.97 -11.59 31.44
N LEU J 64 25.47 -11.66 32.67
CA LEU J 64 26.73 -12.35 33.03
C LEU J 64 26.49 -13.45 34.07
N TRP J 65 27.01 -14.65 33.80
CA TRP J 65 26.76 -15.85 34.60
C TRP J 65 28.08 -16.56 34.96
N LEU J 66 28.13 -17.15 36.15
CA LEU J 66 29.13 -18.19 36.48
C LEU J 66 28.43 -19.36 37.14
N PHE J 67 29.14 -20.49 37.28
CA PHE J 67 28.57 -21.80 37.73
C PHE J 67 29.48 -22.47 38.75
N ARG J 68 28.89 -22.99 39.84
CA ARG J 68 29.61 -23.53 41.02
C ARG J 68 28.96 -24.83 41.47
N ASP J 69 29.69 -25.69 42.17
CA ASP J 69 29.11 -26.82 42.94
C ASP J 69 28.19 -26.25 44.02
N ALA J 70 26.88 -26.56 43.99
CA ALA J 70 25.85 -26.00 44.87
C ALA J 70 26.19 -26.33 46.33
N GLY J 71 26.78 -27.50 46.56
CA GLY J 71 27.18 -28.01 47.88
C GLY J 71 28.41 -27.32 48.44
N THR J 72 29.52 -27.34 47.66
CA THR J 72 30.89 -26.99 48.13
C THR J 72 31.37 -25.64 47.57
N HIS J 73 30.54 -24.96 46.78
CA HIS J 73 30.83 -23.70 46.05
C HIS J 73 32.18 -23.82 45.28
N ASP J 74 32.66 -25.06 45.04
CA ASP J 74 33.79 -25.37 44.13
C ASP J 74 33.54 -24.70 42.77
N GLY J 75 34.59 -24.13 42.16
CA GLY J 75 34.53 -23.52 40.82
C GLY J 75 34.23 -24.54 39.74
N LEU J 76 33.54 -24.12 38.68
CA LEU J 76 33.27 -24.93 37.47
C LEU J 76 33.53 -24.09 36.22
N LEU J 77 33.64 -24.74 35.07
CA LEU J 77 33.83 -24.04 33.77
C LEU J 77 32.55 -24.09 32.96
N VAL J 78 32.45 -23.17 32.01
CA VAL J 78 31.31 -22.99 31.07
C VAL J 78 31.92 -22.57 29.74
N ASN J 79 31.90 -23.43 28.74
CA ASN J 79 32.48 -23.16 27.40
C ASN J 79 33.95 -22.83 27.61
N GLN J 80 34.61 -23.62 28.46
CA GLN J 80 36.06 -23.70 28.68
C GLN J 80 36.59 -22.49 29.46
N THR J 81 35.70 -21.73 30.08
CA THR J 81 36.08 -20.47 30.72
C THR J 81 35.24 -20.28 31.99
N GLU J 82 35.44 -19.17 32.70
CA GLU J 82 34.92 -18.96 34.08
C GLU J 82 33.59 -18.23 34.05
N LEU J 83 33.47 -17.25 33.17
CA LEU J 83 32.24 -16.47 32.96
C LEU J 83 31.55 -16.83 31.67
N PHE J 84 30.23 -16.77 31.67
CA PHE J 84 29.41 -16.88 30.45
C PHE J 84 28.52 -15.64 30.30
N VAL J 85 28.53 -15.06 29.10
CA VAL J 85 27.61 -13.96 28.67
C VAL J 85 26.94 -14.39 27.36
N PRO J 86 25.59 -14.47 27.31
CA PRO J 86 24.88 -14.71 26.07
C PRO J 86 24.83 -13.45 25.20
N SER J 87 25.49 -13.54 24.05
CA SER J 87 25.26 -12.64 22.87
C SER J 87 23.76 -12.61 22.54
N LEU J 88 23.37 -11.94 21.47
CA LEU J 88 22.00 -12.02 20.91
C LEU J 88 21.84 -13.30 20.08
N ASN J 89 20.62 -13.83 20.05
CA ASN J 89 20.29 -15.18 19.55
C ASN J 89 20.62 -15.45 18.09
N VAL J 90 20.09 -14.68 17.14
CA VAL J 90 20.30 -14.84 15.68
C VAL J 90 19.46 -16.01 15.13
N ASP J 91 18.38 -15.65 14.43
CA ASP J 91 17.44 -16.52 13.71
C ASP J 91 16.71 -17.42 14.66
N GLY J 92 16.58 -17.07 15.95
CA GLY J 92 15.83 -17.83 16.94
C GLY J 92 16.66 -18.91 17.61
N GLN J 93 17.94 -19.06 17.26
CA GLN J 93 18.76 -20.20 17.65
C GLN J 93 19.15 -20.03 19.12
N PRO J 94 18.94 -21.04 19.98
CA PRO J 94 19.46 -21.00 21.35
C PRO J 94 20.99 -20.91 21.41
N ILE J 95 21.48 -20.18 22.42
CA ILE J 95 22.92 -20.12 22.77
C ILE J 95 23.17 -21.18 23.83
N PHE J 96 24.34 -21.82 23.72
CA PHE J 96 24.62 -23.07 24.47
C PHE J 96 25.71 -22.82 25.49
N ALA J 97 25.41 -23.14 26.75
CA ALA J 97 26.33 -23.06 27.91
C ALA J 97 26.59 -24.48 28.41
N ASN J 98 27.76 -24.99 28.02
CA ASN J 98 28.30 -26.33 28.36
C ASN J 98 29.08 -26.21 29.66
N ILE J 99 28.52 -26.68 30.75
CA ILE J 99 29.12 -26.61 32.10
C ILE J 99 29.87 -27.91 32.39
N THR J 100 31.17 -27.76 32.58
CA THR J 100 32.09 -28.89 32.82
C THR J 100 32.87 -28.64 34.10
N LEU J 101 33.45 -29.72 34.60
CA LEU J 101 34.52 -29.65 35.62
C LEU J 101 35.71 -28.93 35.02
N PRO J 102 36.53 -28.25 35.83
CA PRO J 102 37.86 -27.88 35.40
C PRO J 102 38.84 -29.00 35.78
N VAL J 103 40.09 -28.86 35.32
CA VAL J 103 41.18 -29.79 35.72
C VAL J 103 41.82 -29.17 36.96
N TYR J 104 41.18 -29.35 38.11
CA TYR J 104 41.66 -28.84 39.43
C TYR J 104 43.10 -29.35 39.66
N THR J 105 43.93 -28.57 40.33
CA THR J 105 45.25 -28.97 40.85
C THR J 105 45.04 -30.14 41.81
N LEU J 106 45.90 -31.16 41.77
CA LEU J 106 45.80 -32.33 42.68
C LEU J 106 45.59 -31.84 44.11
N LYS J 107 46.29 -30.78 44.51
CA LYS J 107 46.16 -30.24 45.88
C LYS J 107 44.72 -29.83 46.19
N GLU J 108 44.24 -28.85 45.45
CA GLU J 108 42.86 -28.32 45.57
C GLU J 108 41.89 -29.50 45.43
N ARG J 109 42.22 -30.49 44.59
CA ARG J 109 41.32 -31.69 44.48
C ARG J 109 41.31 -32.45 45.80
N CYS J 110 42.50 -32.74 46.36
CA CYS J 110 42.64 -33.43 47.67
C CYS J 110 41.88 -32.63 48.72
N LEU J 111 42.15 -31.31 48.80
CA LEU J 111 41.43 -30.39 49.71
C LEU J 111 39.91 -30.63 49.63
N GLN J 112 39.34 -30.59 48.42
CA GLN J 112 37.88 -30.82 48.22
C GLN J 112 37.48 -32.07 49.00
N VAL J 113 38.19 -33.18 48.74
CA VAL J 113 37.88 -34.54 49.24
C VAL J 113 37.92 -34.53 50.77
N VAL J 114 38.97 -33.99 51.38
CA VAL J 114 39.15 -33.92 52.85
C VAL J 114 37.99 -33.09 53.45
N ARG J 115 37.79 -31.88 52.93
CA ARG J 115 36.69 -30.95 53.33
C ARG J 115 35.36 -31.71 53.28
N SER J 116 35.17 -32.61 52.31
CA SER J 116 33.89 -33.32 52.08
C SER J 116 33.70 -34.44 53.12
N LEU J 117 34.78 -34.88 53.80
CA LEU J 117 34.76 -36.01 54.75
C LEU J 117 34.85 -35.54 56.22
N VAL J 118 35.44 -34.36 56.46
CA VAL J 118 35.77 -33.82 57.81
C VAL J 118 34.92 -32.59 58.10
N LYS J 119 34.35 -32.54 59.29
CA LYS J 119 33.67 -31.35 59.85
C LYS J 119 34.71 -30.24 60.03
N PRO J 120 34.42 -28.98 59.66
CA PRO J 120 35.42 -27.91 59.73
C PRO J 120 36.01 -27.66 61.12
N GLU J 121 35.24 -27.98 62.17
CA GLU J 121 35.64 -27.91 63.59
C GLU J 121 36.71 -28.94 63.91
N ASN J 122 37.09 -29.81 62.97
CA ASN J 122 38.03 -30.92 63.22
C ASN J 122 39.28 -30.86 62.31
N TYR J 123 39.33 -29.89 61.41
CA TYR J 123 40.39 -29.81 60.40
C TYR J 123 41.75 -29.88 61.06
N ARG J 124 41.85 -29.36 62.27
CA ARG J 124 43.11 -29.19 63.01
C ARG J 124 43.36 -30.42 63.90
N ARG J 125 42.44 -31.38 63.96
CA ARG J 125 42.61 -32.64 64.68
C ARG J 125 43.36 -33.67 63.81
N LEU J 126 43.75 -33.27 62.62
CA LEU J 126 44.28 -34.12 61.54
C LEU J 126 45.81 -34.15 61.61
N ASP J 127 46.41 -35.32 61.34
CA ASP J 127 47.88 -35.54 61.45
C ASP J 127 48.57 -34.99 60.20
N ILE J 128 48.54 -33.66 60.00
CA ILE J 128 49.10 -32.98 58.80
C ILE J 128 49.87 -31.72 59.20
N VAL J 129 50.74 -31.20 58.33
CA VAL J 129 51.51 -29.94 58.40
C VAL J 129 50.58 -28.74 58.61
N ARG J 130 51.06 -27.79 59.42
CA ARG J 130 50.30 -26.62 59.96
C ARG J 130 49.71 -25.78 58.84
N SER J 131 50.48 -25.60 57.75
CA SER J 131 50.13 -24.74 56.59
C SER J 131 48.80 -25.18 55.98
N LEU J 132 48.52 -26.50 55.97
CA LEU J 132 47.38 -27.11 55.30
C LEU J 132 46.08 -26.88 56.07
N TYR J 133 46.15 -26.60 57.37
CA TYR J 133 44.96 -26.27 58.20
C TYR J 133 44.27 -25.01 57.67
N GLU J 134 45.09 -24.01 57.33
CA GLU J 134 44.70 -22.73 56.74
C GLU J 134 44.12 -23.00 55.35
N ASP J 135 44.80 -23.82 54.54
CA ASP J 135 44.40 -24.18 53.15
C ASP J 135 43.01 -24.83 53.17
N LEU J 136 42.79 -25.81 54.04
CA LEU J 136 41.46 -26.48 54.23
C LEU J 136 40.38 -25.45 54.58
N GLU J 137 40.75 -24.42 55.33
CA GLU J 137 39.84 -23.39 55.90
C GLU J 137 39.58 -22.30 54.86
N ASP J 138 40.48 -22.21 53.85
CA ASP J 138 40.36 -21.22 52.74
C ASP J 138 39.32 -21.73 51.72
N HIS J 139 38.06 -21.78 52.07
CA HIS J 139 36.97 -22.46 51.29
C HIS J 139 36.78 -21.78 49.95
N PRO J 140 36.35 -22.52 48.88
CA PRO J 140 35.96 -21.86 47.64
C PRO J 140 34.86 -20.82 47.87
N ASN J 141 35.00 -19.62 47.36
CA ASN J 141 34.05 -18.51 47.63
C ASN J 141 33.96 -17.64 46.36
N VAL J 142 32.75 -17.34 45.88
CA VAL J 142 32.56 -16.65 44.57
C VAL J 142 33.12 -15.24 44.69
N GLN J 143 32.97 -14.60 45.87
CA GLN J 143 33.36 -13.20 46.11
C GLN J 143 34.86 -13.05 45.93
N LYS J 144 35.66 -13.98 46.48
CA LYS J 144 37.13 -14.00 46.28
C LYS J 144 37.42 -14.07 44.78
N ASP J 145 36.78 -15.04 44.10
CA ASP J 145 37.04 -15.33 42.66
C ASP J 145 36.68 -14.12 41.84
N LEU J 146 35.55 -13.45 42.10
CA LEU J 146 35.16 -12.23 41.41
C LEU J 146 36.26 -11.18 41.54
N GLU J 147 36.79 -10.97 42.75
CA GLU J 147 37.93 -10.08 42.95
C GLU J 147 39.08 -10.44 42.01
N ARG J 148 39.41 -11.74 41.98
CA ARG J 148 40.52 -12.28 41.18
C ARG J 148 40.30 -12.01 39.69
N LEU J 149 39.07 -12.24 39.23
CA LEU J 149 38.72 -12.03 37.82
C LEU J 149 38.72 -10.56 37.48
N THR J 150 38.20 -9.75 38.39
CA THR J 150 38.20 -8.27 38.23
C THR J 150 39.63 -7.78 38.07
N GLN J 151 40.51 -8.18 38.98
CA GLN J 151 41.89 -7.72 39.03
C GLN J 151 42.81 -8.47 38.06
N GLU J 152 42.30 -9.51 37.38
CA GLU J 152 43.00 -10.15 36.25
C GLU J 152 42.66 -9.46 34.93
N ARG J 153 41.42 -8.95 34.84
CA ARG J 153 40.95 -8.12 33.73
C ARG J 153 41.58 -6.73 33.82
N ILE J 154 41.59 -6.15 35.01
CA ILE J 154 42.18 -4.85 35.34
C ILE J 154 43.70 -4.84 35.16
N ALA J 155 44.32 -6.00 35.28
CA ALA J 155 45.73 -6.26 34.98
C ALA J 155 45.96 -6.60 33.52
N HIS J 156 44.95 -6.53 32.69
CA HIS J 156 44.92 -6.78 31.24
C HIS J 156 44.39 -5.59 30.46
N GLN J 157 44.08 -4.48 31.14
CA GLN J 157 43.57 -3.22 30.58
C GLN J 157 44.70 -2.20 30.42
N ARG J 158 45.76 -2.36 31.19
CA ARG J 158 46.92 -1.46 31.25
C ARG J 158 46.50 -0.06 30.78
N MET K 1 60.09 -39.46 25.53
CA MET K 1 61.25 -39.46 26.49
C MET K 1 60.74 -39.75 27.90
N TYR K 2 61.29 -40.77 28.57
CA TYR K 2 60.81 -41.27 29.89
C TYR K 2 61.76 -40.84 31.01
N VAL K 3 61.22 -40.64 32.24
CA VAL K 3 61.99 -40.43 33.49
C VAL K 3 61.54 -41.48 34.50
N LYS K 4 62.26 -41.62 35.63
CA LYS K 4 62.00 -42.69 36.63
C LYS K 4 61.77 -42.04 37.99
N LEU K 5 60.58 -42.22 38.54
CA LEU K 5 60.18 -41.70 39.87
C LEU K 5 60.16 -42.88 40.85
N ILE K 6 60.98 -42.76 41.90
CA ILE K 6 61.24 -43.86 42.88
C ILE K 6 60.66 -43.51 44.24
N SER K 7 59.76 -44.35 44.77
CA SER K 7 59.08 -44.13 46.09
C SER K 7 60.02 -44.49 47.25
N SER K 8 59.65 -44.06 48.44
CA SER K 8 60.31 -44.34 49.72
C SER K 8 60.57 -45.82 49.89
N ASP K 9 59.59 -46.65 49.54
CA ASP K 9 59.66 -48.13 49.69
C ASP K 9 60.26 -48.74 48.43
N GLY K 10 60.94 -47.96 47.58
CA GLY K 10 61.86 -48.42 46.52
C GLY K 10 61.18 -48.83 45.22
N HIS K 11 59.86 -48.65 45.12
CA HIS K 11 59.12 -48.81 43.84
C HIS K 11 59.59 -47.81 42.78
N GLU K 12 59.76 -48.32 41.56
CA GLU K 12 60.05 -47.54 40.35
C GLU K 12 58.74 -47.26 39.58
N PHE K 13 58.59 -46.04 39.12
CA PHE K 13 57.51 -45.55 38.24
C PHE K 13 58.17 -44.88 37.04
N ILE K 14 58.03 -45.50 35.86
CA ILE K 14 58.56 -44.96 34.57
C ILE K 14 57.44 -44.23 33.85
N VAL K 15 57.49 -42.90 33.83
CA VAL K 15 56.49 -42.04 33.17
C VAL K 15 57.16 -41.21 32.07
N LYS K 16 56.34 -40.64 31.17
CA LYS K 16 56.79 -39.64 30.17
C LYS K 16 57.27 -38.39 30.88
N ARG K 17 58.39 -37.80 30.43
CA ARG K 17 58.95 -36.57 31.05
C ARG K 17 57.87 -35.49 31.13
N GLU K 18 57.26 -35.20 29.97
CA GLU K 18 56.20 -34.18 29.84
C GLU K 18 55.15 -34.35 30.94
N HIS K 19 54.75 -35.60 31.22
CA HIS K 19 53.76 -35.93 32.27
C HIS K 19 54.28 -35.50 33.66
N ALA K 20 55.54 -35.87 33.95
CA ALA K 20 56.19 -35.53 35.24
C ALA K 20 56.31 -34.02 35.45
N LEU K 21 56.65 -33.29 34.40
CA LEU K 21 56.86 -31.82 34.44
C LEU K 21 55.60 -31.12 34.93
N THR K 22 54.48 -31.85 35.03
CA THR K 22 53.24 -31.36 35.67
C THR K 22 53.55 -30.88 37.08
N SER K 23 54.46 -31.59 37.77
CA SER K 23 54.88 -31.18 39.14
C SER K 23 55.96 -30.11 39.12
N GLY K 24 55.63 -28.91 39.59
CA GLY K 24 56.55 -27.77 39.70
C GLY K 24 57.79 -28.13 40.46
N THR K 25 57.67 -28.99 41.46
CA THR K 25 58.79 -29.51 42.26
C THR K 25 59.67 -30.38 41.41
N ILE K 26 59.11 -31.35 40.68
CA ILE K 26 59.89 -32.25 39.79
C ILE K 26 60.48 -31.43 38.62
N LYS K 27 59.69 -30.47 38.12
CA LYS K 27 60.10 -29.54 37.07
C LYS K 27 61.34 -28.77 37.51
N ALA K 28 61.41 -28.31 38.76
CA ALA K 28 62.63 -27.74 39.38
C ALA K 28 63.72 -28.79 39.55
N MET K 29 63.39 -30.04 39.89
CA MET K 29 64.39 -31.10 40.19
C MET K 29 65.09 -31.57 38.92
N LEU K 30 64.43 -31.59 37.76
CA LEU K 30 64.97 -32.12 36.48
C LEU K 30 65.65 -30.98 35.70
N SER K 31 65.25 -29.74 35.95
CA SER K 31 65.71 -28.53 35.21
C SER K 31 67.13 -28.12 35.64
N GLY K 32 67.52 -28.39 36.89
CA GLY K 32 68.88 -28.13 37.41
C GLY K 32 69.93 -29.03 36.74
N PRO K 33 71.24 -28.83 37.03
CA PRO K 33 72.27 -29.73 36.51
C PRO K 33 72.24 -31.13 37.14
N GLY K 34 72.83 -32.13 36.47
CA GLY K 34 72.40 -33.55 36.56
C GLY K 34 73.51 -34.56 36.85
N GLN K 35 73.82 -35.41 35.88
CA GLN K 35 74.66 -36.64 36.06
C GLN K 35 75.69 -36.71 34.92
N PHE K 36 76.96 -37.07 35.23
CA PHE K 36 78.09 -37.23 34.28
C PHE K 36 78.33 -35.95 33.45
N ALA K 37 77.50 -35.71 32.44
CA ALA K 37 77.56 -34.57 31.49
C ALA K 37 76.15 -34.00 31.25
N GLU K 38 75.14 -34.87 31.19
CA GLU K 38 73.68 -34.55 31.18
C GLU K 38 73.27 -33.56 32.29
N ASN K 39 73.02 -32.30 31.89
CA ASN K 39 72.55 -31.19 32.78
C ASN K 39 71.03 -31.28 32.99
N GLU K 40 70.28 -31.89 32.05
CA GLU K 40 68.94 -32.50 32.35
C GLU K 40 69.22 -33.85 33.05
N THR K 41 68.43 -34.17 34.09
CA THR K 41 68.41 -35.47 34.82
C THR K 41 67.27 -36.33 34.26
N ASN K 42 67.31 -37.65 34.49
CA ASN K 42 66.17 -38.56 34.19
C ASN K 42 66.10 -39.63 35.29
N GLU K 43 66.27 -39.23 36.54
CA GLU K 43 66.03 -40.08 37.74
C GLU K 43 65.83 -39.21 38.97
N VAL K 44 64.73 -39.45 39.71
CA VAL K 44 64.38 -38.73 40.96
C VAL K 44 63.91 -39.75 41.98
N ASN K 45 64.34 -39.61 43.23
CA ASN K 45 63.91 -40.42 44.39
C ASN K 45 63.09 -39.55 45.34
N PHE K 46 61.96 -40.08 45.86
CA PHE K 46 61.10 -39.43 46.85
C PHE K 46 61.07 -40.19 48.21
N ARG K 47 61.68 -39.57 49.21
CA ARG K 47 62.05 -40.27 50.47
C ARG K 47 60.83 -40.26 51.42
N GLU K 48 59.97 -39.27 51.28
CA GLU K 48 58.74 -39.09 52.12
C GLU K 48 57.56 -39.88 51.57
N ILE K 49 57.43 -39.92 50.25
CA ILE K 49 56.22 -40.44 49.53
C ILE K 49 56.36 -41.94 49.33
N PRO K 50 55.41 -42.76 49.83
CA PRO K 50 55.37 -44.18 49.56
C PRO K 50 54.85 -44.50 48.17
N SER K 51 54.83 -45.77 47.79
CA SER K 51 54.37 -46.26 46.46
C SER K 51 52.87 -46.00 46.20
N HIS K 52 51.94 -46.55 46.97
CA HIS K 52 50.49 -46.40 46.81
C HIS K 52 50.05 -44.96 46.58
N VAL K 53 50.81 -44.02 47.07
CA VAL K 53 50.62 -42.57 46.86
C VAL K 53 51.21 -42.16 45.52
N LEU K 54 52.49 -42.41 45.32
CA LEU K 54 53.21 -41.95 44.10
C LEU K 54 52.51 -42.51 42.84
N SER K 55 51.97 -43.73 42.92
CA SER K 55 51.13 -44.36 41.88
C SER K 55 49.98 -43.40 41.55
N LYS K 56 49.21 -43.02 42.58
CA LYS K 56 48.07 -42.08 42.44
C LYS K 56 48.53 -40.75 41.85
N VAL K 57 49.69 -40.25 42.20
CA VAL K 57 50.28 -39.00 41.70
C VAL K 57 50.55 -39.14 40.21
N CYS K 58 50.95 -40.30 39.74
CA CYS K 58 51.23 -40.58 38.32
C CYS K 58 49.92 -40.68 37.54
N MET K 59 48.96 -41.41 38.10
CA MET K 59 47.58 -41.47 37.61
C MET K 59 47.10 -40.05 37.36
N TYR K 60 47.41 -39.13 38.30
CA TYR K 60 47.03 -37.73 38.15
C TYR K 60 47.76 -37.06 37.00
N PHE K 61 49.05 -37.26 36.88
CA PHE K 61 49.83 -36.72 35.74
C PHE K 61 49.17 -37.13 34.44
N THR K 62 48.86 -38.42 34.31
CA THR K 62 48.16 -38.95 33.11
C THR K 62 46.90 -38.14 32.81
N TYR K 63 46.05 -38.06 33.85
CA TYR K 63 44.74 -37.37 33.83
C TYR K 63 44.92 -35.91 33.44
N LYS K 64 45.87 -35.25 34.09
CA LYS K 64 46.09 -33.80 33.89
C LYS K 64 46.40 -33.52 32.43
N VAL K 65 47.33 -34.27 31.87
CA VAL K 65 47.79 -34.11 30.46
C VAL K 65 46.66 -34.42 29.50
N ARG K 66 45.97 -35.54 29.73
CA ARG K 66 44.86 -35.93 28.81
C ARG K 66 43.78 -34.85 28.66
N TYR K 67 43.44 -34.15 29.74
CA TYR K 67 42.17 -33.41 29.87
C TYR K 67 42.33 -31.88 29.86
N THR K 68 43.52 -31.33 29.98
CA THR K 68 43.72 -29.84 29.97
C THR K 68 43.44 -29.37 28.55
N ASN K 69 42.66 -28.28 28.39
CA ASN K 69 42.31 -27.62 27.12
C ASN K 69 41.37 -28.46 26.27
N SER K 70 40.68 -29.45 26.83
CA SER K 70 39.91 -30.45 26.08
C SER K 70 38.42 -30.10 26.17
N SER K 71 37.75 -30.14 25.02
CA SER K 71 36.29 -29.84 24.87
C SER K 71 35.48 -31.11 25.16
N THR K 72 36.11 -32.27 24.98
CA THR K 72 35.70 -33.57 25.59
C THR K 72 35.42 -33.29 27.07
N GLU K 73 34.13 -33.17 27.40
CA GLU K 73 33.60 -33.21 28.81
C GLU K 73 34.56 -33.97 29.73
N ILE K 74 34.85 -33.40 30.91
CA ILE K 74 35.92 -33.87 31.82
C ILE K 74 35.29 -34.77 32.86
N PRO K 75 35.92 -35.92 33.21
CA PRO K 75 35.48 -36.75 34.32
C PRO K 75 36.14 -36.32 35.63
N GLU K 76 35.55 -36.75 36.76
CA GLU K 76 36.03 -36.43 38.13
C GLU K 76 37.28 -37.27 38.41
N PHE K 77 38.30 -36.69 39.06
CA PHE K 77 39.48 -37.43 39.52
C PHE K 77 39.19 -38.02 40.90
N PRO K 78 39.13 -39.36 41.05
CA PRO K 78 38.67 -39.97 42.30
C PRO K 78 39.79 -40.09 43.33
N ILE K 79 39.44 -39.84 44.59
CA ILE K 79 40.38 -40.06 45.73
C ILE K 79 39.61 -40.79 46.79
N ALA K 80 40.05 -42.00 47.12
CA ALA K 80 39.47 -42.81 48.21
C ALA K 80 39.80 -42.16 49.54
N PRO K 81 38.84 -42.02 50.46
CA PRO K 81 39.09 -41.37 51.73
C PRO K 81 40.39 -41.77 52.41
N GLU K 82 40.65 -43.08 52.43
CA GLU K 82 41.81 -43.67 53.11
C GLU K 82 43.12 -43.05 52.63
N ILE K 83 43.21 -42.77 51.32
CA ILE K 83 44.47 -42.29 50.69
C ILE K 83 44.55 -40.77 50.67
N ALA K 84 43.48 -40.09 51.06
CA ALA K 84 43.32 -38.63 50.87
C ALA K 84 44.45 -37.84 51.51
N LEU K 85 44.68 -38.05 52.79
CA LEU K 85 45.61 -37.18 53.58
C LEU K 85 47.03 -37.26 53.05
N GLU K 86 47.50 -38.48 52.82
CA GLU K 86 48.86 -38.76 52.32
C GLU K 86 49.07 -38.11 50.95
N LEU K 87 48.05 -38.24 50.11
CA LEU K 87 47.97 -37.63 48.78
C LEU K 87 48.00 -36.10 48.88
N LEU K 88 47.31 -35.53 49.84
CA LEU K 88 47.33 -34.08 50.10
C LEU K 88 48.75 -33.65 50.45
N MET K 89 49.33 -34.33 51.43
CA MET K 89 50.76 -34.18 51.79
C MET K 89 51.62 -34.12 50.53
N ALA K 90 51.52 -35.18 49.73
CA ALA K 90 52.33 -35.40 48.54
C ALA K 90 52.19 -34.23 47.55
N ALA K 91 50.94 -33.84 47.30
CA ALA K 91 50.62 -32.77 46.33
C ALA K 91 51.21 -31.43 46.78
N ASN K 92 50.98 -31.12 48.04
CA ASN K 92 51.57 -29.95 48.73
C ASN K 92 53.06 -29.94 48.50
N PHE K 93 53.74 -31.04 48.72
CA PHE K 93 55.19 -31.17 48.45
C PHE K 93 55.54 -30.93 46.96
N LEU K 94 54.79 -31.57 46.07
CA LEU K 94 55.14 -31.69 44.63
C LEU K 94 54.66 -30.48 43.83
N ASP K 95 53.78 -29.67 44.40
CA ASP K 95 53.27 -28.41 43.79
C ASP K 95 52.61 -28.70 42.43
N CYS K 96 51.37 -29.20 42.45
CA CYS K 96 50.61 -29.66 41.26
C CYS K 96 49.15 -29.90 41.66
N MET L 1 38.46 -45.33 21.13
CA MET L 1 39.67 -44.42 21.09
C MET L 1 40.87 -45.20 21.63
N ASP L 2 41.49 -44.70 22.71
CA ASP L 2 42.79 -45.13 23.25
C ASP L 2 42.54 -45.61 24.69
N VAL L 3 43.46 -46.40 25.18
CA VAL L 3 43.48 -47.04 26.51
C VAL L 3 44.73 -46.64 27.27
N PHE L 4 44.57 -46.53 28.60
CA PHE L 4 45.62 -46.10 29.56
C PHE L 4 46.02 -47.26 30.47
N LEU L 5 47.31 -47.53 30.61
CA LEU L 5 47.84 -48.80 31.13
C LEU L 5 48.91 -48.51 32.17
N MET L 6 48.91 -49.36 33.21
CA MET L 6 50.08 -49.61 34.09
C MET L 6 50.68 -50.95 33.70
N ILE L 7 51.86 -50.98 33.10
CA ILE L 7 52.63 -52.23 32.84
C ILE L 7 53.59 -52.47 34.01
N ARG L 8 53.45 -53.62 34.70
CA ARG L 8 54.04 -53.83 36.05
C ARG L 8 54.74 -55.16 36.13
N ARG L 9 55.99 -55.18 36.60
CA ARG L 9 56.83 -56.34 36.97
C ARG L 9 57.72 -55.92 38.14
N HIS L 10 57.72 -56.73 39.18
CA HIS L 10 58.51 -56.52 40.42
C HIS L 10 58.17 -55.13 40.99
N LYS L 11 59.17 -54.26 41.11
CA LYS L 11 59.03 -52.87 41.65
C LYS L 11 59.00 -51.86 40.48
N THR L 12 59.03 -52.34 39.24
CA THR L 12 58.86 -51.52 38.02
C THR L 12 57.37 -51.40 37.69
N THR L 13 56.97 -50.22 37.22
CA THR L 13 55.60 -49.80 36.84
C THR L 13 55.73 -48.73 35.73
N ILE L 14 55.20 -49.01 34.54
CA ILE L 14 55.26 -48.13 33.36
C ILE L 14 53.88 -47.50 33.17
N PHE L 15 53.86 -46.18 33.11
CA PHE L 15 52.66 -45.36 32.86
C PHE L 15 52.61 -44.88 31.41
N THR L 16 51.76 -45.54 30.62
CA THR L 16 51.68 -45.32 29.17
C THR L 16 50.26 -45.47 28.68
N ASP L 17 50.08 -45.10 27.41
CA ASP L 17 48.83 -45.19 26.63
C ASP L 17 49.07 -46.02 25.36
N ALA L 18 48.01 -46.59 24.85
CA ALA L 18 47.99 -47.23 23.50
C ALA L 18 46.62 -47.05 22.89
N LYS L 19 46.45 -47.49 21.67
CA LYS L 19 45.13 -47.53 20.98
C LYS L 19 44.39 -48.80 21.35
N GLU L 20 43.05 -48.75 21.47
CA GLU L 20 42.23 -49.95 21.75
C GLU L 20 42.52 -50.98 20.68
N SER L 21 42.69 -50.50 19.44
CA SER L 21 42.92 -51.25 18.19
C SER L 21 44.33 -51.83 18.11
N SER L 22 45.32 -51.23 18.77
CA SER L 22 46.73 -51.67 18.73
C SER L 22 46.86 -53.06 19.36
N THR L 23 47.90 -53.79 18.97
CA THR L 23 48.08 -55.24 19.26
C THR L 23 49.03 -55.47 20.44
N VAL L 24 48.82 -56.59 21.14
CA VAL L 24 49.68 -57.05 22.28
C VAL L 24 51.16 -56.98 21.86
N PHE L 25 51.45 -57.34 20.62
CA PHE L 25 52.81 -57.30 20.07
C PHE L 25 53.34 -55.87 20.08
N GLU L 26 52.53 -54.97 19.56
CA GLU L 26 52.92 -53.54 19.37
C GLU L 26 53.23 -52.95 20.74
N LEU L 27 52.53 -53.40 21.79
CA LEU L 27 52.77 -52.94 23.18
C LEU L 27 54.17 -53.36 23.64
N LYS L 28 54.56 -54.59 23.35
CA LYS L 28 55.89 -55.16 23.71
C LYS L 28 56.97 -54.35 23.02
N ARG L 29 56.71 -53.80 21.86
CA ARG L 29 57.64 -52.89 21.11
C ARG L 29 57.84 -51.60 21.89
N ILE L 30 56.85 -51.07 22.57
CA ILE L 30 56.95 -49.91 23.46
C ILE L 30 57.78 -50.25 24.68
N VAL L 31 57.53 -51.43 25.25
CA VAL L 31 58.26 -51.98 26.42
C VAL L 31 59.73 -52.16 26.08
N GLU L 32 59.99 -52.49 24.81
CA GLU L 32 61.38 -52.61 24.31
C GLU L 32 62.08 -51.24 24.35
N GLY L 33 61.43 -50.22 23.80
CA GLY L 33 61.98 -48.88 23.69
C GLY L 33 62.25 -48.15 24.99
N ILE L 34 61.74 -48.74 26.07
CA ILE L 34 61.84 -48.25 27.47
C ILE L 34 62.87 -49.07 28.26
N LEU L 35 62.66 -50.38 28.36
CA LEU L 35 63.48 -51.27 29.21
C LEU L 35 64.63 -51.95 28.46
N LYS L 36 64.54 -52.03 27.16
CA LYS L 36 65.53 -52.67 26.24
C LYS L 36 65.53 -54.20 26.36
N ARG L 37 64.44 -54.84 25.97
CA ARG L 37 64.25 -56.29 25.97
C ARG L 37 63.29 -56.61 24.83
N PRO L 38 63.65 -57.50 23.89
CA PRO L 38 62.85 -57.71 22.68
C PRO L 38 61.56 -58.48 22.93
N PRO L 39 60.56 -58.29 22.06
CA PRO L 39 59.25 -58.92 22.19
C PRO L 39 59.22 -60.43 22.40
N ASP L 40 60.21 -61.14 21.87
CA ASP L 40 60.33 -62.62 21.99
C ASP L 40 60.73 -63.00 23.42
N GLU L 41 61.20 -62.03 24.21
CA GLU L 41 61.68 -62.25 25.60
C GLU L 41 60.71 -61.59 26.60
N GLN L 42 59.44 -61.47 26.25
CA GLN L 42 58.38 -60.88 27.09
C GLN L 42 57.17 -61.81 27.14
N ARG L 43 56.38 -61.75 28.19
CA ARG L 43 55.09 -62.45 28.30
C ARG L 43 54.17 -61.52 29.08
N LEU L 44 53.13 -60.98 28.46
CA LEU L 44 52.21 -59.97 29.08
C LEU L 44 50.93 -60.67 29.50
N TYR L 45 50.41 -60.26 30.66
CA TYR L 45 49.22 -60.89 31.27
C TYR L 45 48.14 -59.85 31.59
N LYS L 46 46.90 -60.30 31.58
CA LYS L 46 45.76 -59.58 32.16
C LYS L 46 45.27 -60.38 33.37
N ASP L 47 45.69 -59.95 34.56
CA ASP L 47 45.59 -60.79 35.80
C ASP L 47 46.38 -62.08 35.51
N ASP L 48 45.75 -63.25 35.70
CA ASP L 48 46.39 -64.58 35.58
C ASP L 48 45.89 -65.27 34.30
N GLN L 49 45.74 -64.51 33.22
CA GLN L 49 45.74 -65.03 31.82
C GLN L 49 46.79 -64.32 30.98
N LEU L 50 47.60 -65.11 30.28
CA LEU L 50 48.59 -64.68 29.26
C LEU L 50 47.85 -64.14 28.03
N LEU L 51 48.45 -63.14 27.39
CA LEU L 51 47.90 -62.44 26.22
C LEU L 51 48.64 -62.97 25.00
N ASP L 52 48.01 -62.84 23.84
CA ASP L 52 48.39 -63.42 22.53
C ASP L 52 48.78 -62.28 21.57
N ASP L 53 49.97 -62.37 20.98
CA ASP L 53 50.64 -61.27 20.20
C ASP L 53 49.71 -60.66 19.15
N GLY L 54 48.88 -61.47 18.48
CA GLY L 54 48.00 -61.09 17.37
C GLY L 54 46.80 -60.34 17.84
N LYS L 55 46.23 -60.63 19.04
CA LYS L 55 45.01 -59.95 19.54
C LYS L 55 45.24 -58.45 19.79
N THR L 56 44.21 -57.65 19.59
CA THR L 56 44.17 -56.23 20.01
C THR L 56 43.87 -56.12 21.51
N LEU L 57 44.39 -55.07 22.14
CA LEU L 57 44.10 -54.73 23.54
C LEU L 57 42.58 -54.72 23.75
N GLY L 58 41.83 -54.28 22.74
CA GLY L 58 40.36 -54.31 22.71
C GLY L 58 39.85 -55.74 22.91
N GLU L 59 40.37 -56.69 22.13
CA GLU L 59 39.98 -58.12 22.18
C GLU L 59 40.35 -58.75 23.53
N CYS L 60 41.41 -58.21 24.18
CA CYS L 60 41.86 -58.62 25.54
C CYS L 60 41.16 -57.73 26.59
N GLY L 61 40.03 -57.13 26.26
CA GLY L 61 39.12 -56.55 27.27
C GLY L 61 39.66 -55.27 27.87
N PHE L 62 40.78 -54.74 27.41
CA PHE L 62 41.22 -53.34 27.71
C PHE L 62 40.40 -52.37 26.85
N THR L 63 39.58 -51.53 27.47
CA THR L 63 38.63 -50.64 26.80
C THR L 63 38.73 -49.23 27.42
N SER L 64 38.12 -48.25 26.73
CA SER L 64 38.09 -46.83 27.11
C SER L 64 37.35 -46.61 28.42
N GLN L 65 36.73 -47.63 29.03
CA GLN L 65 35.94 -47.57 30.28
C GLN L 65 36.58 -48.43 31.39
N THR L 66 37.29 -49.48 31.04
CA THR L 66 38.09 -50.31 31.99
C THR L 66 39.53 -49.85 32.00
N ALA L 67 39.93 -48.80 31.29
CA ALA L 67 41.34 -48.31 31.28
C ALA L 67 41.35 -46.80 31.05
N ARG L 68 40.85 -46.04 32.03
CA ARG L 68 40.81 -44.56 32.00
C ARG L 68 42.13 -44.02 32.56
N PRO L 69 42.52 -42.80 32.18
CA PRO L 69 43.80 -42.22 32.60
C PRO L 69 44.00 -42.16 34.12
N GLN L 70 42.91 -41.81 34.82
CA GLN L 70 42.83 -41.65 36.29
C GLN L 70 42.58 -43.01 36.96
N ALA L 71 42.41 -44.08 36.19
CA ALA L 71 42.17 -45.46 36.69
C ALA L 71 42.68 -46.49 35.69
N PRO L 72 43.99 -46.44 35.33
CA PRO L 72 44.54 -47.30 34.32
C PRO L 72 44.42 -48.80 34.65
N ALA L 73 44.26 -49.61 33.61
CA ALA L 73 44.22 -51.09 33.70
C ALA L 73 45.65 -51.62 33.81
N THR L 74 45.85 -52.68 34.56
CA THR L 74 47.18 -53.22 34.95
C THR L 74 47.55 -54.38 34.00
N VAL L 75 48.56 -54.17 33.19
CA VAL L 75 49.19 -55.24 32.34
C VAL L 75 50.36 -55.81 33.14
N GLY L 76 50.30 -57.13 33.40
CA GLY L 76 51.45 -57.85 33.99
C GLY L 76 52.58 -58.04 32.99
N LEU L 77 53.78 -58.15 33.50
CA LEU L 77 54.99 -58.51 32.70
C LEU L 77 55.80 -59.58 33.43
N ALA L 78 56.34 -60.53 32.67
CA ALA L 78 57.38 -61.48 33.10
C ALA L 78 58.48 -61.54 32.06
N PHE L 79 59.74 -61.50 32.49
CA PHE L 79 60.90 -61.57 31.58
C PHE L 79 61.41 -63.00 31.40
N ARG L 80 61.46 -63.43 30.14
CA ARG L 80 62.21 -64.58 29.62
C ARG L 80 63.69 -64.18 29.47
N ALA L 81 64.61 -65.07 29.86
CA ALA L 81 66.03 -65.01 29.46
C ALA L 81 66.50 -66.39 28.97
N ASP L 82 66.10 -66.74 27.74
CA ASP L 82 66.40 -68.02 27.02
C ASP L 82 65.52 -69.14 27.59
N ASP L 83 66.01 -69.91 28.56
CA ASP L 83 65.22 -70.94 29.28
C ASP L 83 64.75 -70.42 30.64
N THR L 84 65.21 -69.25 31.06
CA THR L 84 64.73 -68.55 32.27
C THR L 84 63.31 -68.02 32.03
N PHE L 85 62.30 -68.87 32.25
CA PHE L 85 60.86 -68.52 32.15
C PHE L 85 60.34 -68.10 33.51
N GLU L 86 60.69 -66.90 33.96
CA GLU L 86 60.34 -66.40 35.32
C GLU L 86 58.83 -66.41 35.47
N ALA L 87 58.39 -66.55 36.72
CA ALA L 87 56.97 -66.48 37.08
C ALA L 87 56.55 -65.03 37.12
N LEU L 88 55.29 -64.81 36.78
CA LEU L 88 54.64 -63.45 36.84
C LEU L 88 54.76 -62.91 38.27
N CYS L 89 55.64 -61.90 38.49
CA CYS L 89 55.86 -61.33 39.83
C CYS L 89 55.56 -59.83 39.81
N ILE L 90 54.53 -59.38 40.54
CA ILE L 90 54.11 -57.97 40.71
C ILE L 90 54.08 -57.68 42.21
N GLU L 91 55.08 -56.92 42.70
CA GLU L 91 55.21 -56.57 44.13
C GLU L 91 54.18 -55.49 44.49
N PRO L 92 53.15 -55.77 45.34
CA PRO L 92 52.04 -54.84 45.50
C PRO L 92 52.49 -53.55 46.19
N PHE L 93 51.65 -52.51 46.09
CA PHE L 93 51.97 -51.16 46.63
C PHE L 93 51.80 -51.17 48.15
N SER L 94 52.45 -50.20 48.81
CA SER L 94 52.33 -50.02 50.28
C SER L 94 50.88 -49.63 50.64
N SER L 95 50.45 -50.07 51.80
CA SER L 95 49.08 -49.84 52.34
C SER L 95 48.97 -48.40 52.85
N PRO L 96 47.76 -47.80 52.85
CA PRO L 96 47.51 -46.56 53.60
C PRO L 96 47.24 -46.89 55.07
N PRO L 97 47.58 -46.00 56.02
CA PRO L 97 47.17 -46.16 57.42
C PRO L 97 45.65 -46.27 57.49
N GLU L 98 45.12 -46.88 58.54
CA GLU L 98 43.66 -46.94 58.78
C GLU L 98 43.10 -45.52 58.80
N LEU L 99 41.88 -45.37 58.30
CA LEU L 99 41.17 -44.07 58.21
C LEU L 99 40.97 -43.51 59.61
N PRO L 100 41.54 -42.32 59.91
CA PRO L 100 41.27 -41.66 61.18
C PRO L 100 39.77 -41.49 61.48
N ASP L 101 39.40 -41.60 62.75
CA ASP L 101 37.99 -41.67 63.23
C ASP L 101 37.24 -40.41 62.81
N VAL L 102 37.92 -39.26 62.75
CA VAL L 102 37.32 -37.93 62.44
C VAL L 102 36.87 -37.86 60.97
N MET L 103 37.32 -38.79 60.11
CA MET L 103 37.01 -38.86 58.65
C MET L 103 35.91 -39.90 58.37
N LYS L 104 35.56 -40.73 59.36
CA LYS L 104 34.49 -41.75 59.27
C LYS L 104 33.12 -41.07 59.48
N LEU M 5 -62.58 -10.58 -53.99
CA LEU M 5 -61.35 -10.20 -54.78
C LEU M 5 -61.54 -8.82 -55.42
N SER M 6 -62.78 -8.49 -55.82
CA SER M 6 -63.21 -7.14 -56.28
C SER M 6 -63.10 -6.12 -55.12
N PRO M 7 -62.35 -5.01 -55.30
CA PRO M 7 -61.89 -4.19 -54.19
C PRO M 7 -63.04 -3.55 -53.38
N ASN M 8 -62.83 -3.41 -52.05
CA ASN M 8 -63.83 -2.81 -51.12
C ASN M 8 -63.66 -1.30 -51.08
N PRO M 9 -64.73 -0.56 -50.72
CA PRO M 9 -64.63 0.88 -50.52
C PRO M 9 -63.56 1.20 -49.48
N PRO M 10 -62.76 2.29 -49.67
CA PRO M 10 -61.55 2.50 -48.88
C PRO M 10 -61.87 2.66 -47.39
N LYS M 11 -62.92 3.43 -47.09
CA LYS M 11 -63.36 3.72 -45.68
C LYS M 11 -63.71 2.42 -44.97
N LEU M 12 -64.44 1.50 -45.62
CA LEU M 12 -64.79 0.17 -45.02
C LEU M 12 -63.55 -0.56 -44.56
N THR M 13 -62.59 -0.83 -45.45
CA THR M 13 -61.36 -1.56 -45.15
C THR M 13 -60.73 -0.95 -43.90
N LYS M 14 -60.76 0.38 -43.79
CA LYS M 14 -60.14 1.11 -42.69
C LYS M 14 -60.82 0.71 -41.35
N GLN M 15 -62.14 0.72 -41.35
CA GLN M 15 -62.96 0.31 -40.17
C GLN M 15 -62.53 -1.08 -39.70
N MET M 16 -62.58 -2.06 -40.58
CA MET M 16 -62.17 -3.46 -40.39
C MET M 16 -60.86 -3.51 -39.63
N ASN M 17 -59.89 -2.72 -40.08
CA ASN M 17 -58.53 -2.71 -39.52
C ASN M 17 -58.59 -2.12 -38.11
N ALA M 18 -59.20 -0.96 -37.99
CA ALA M 18 -59.37 -0.26 -36.73
C ALA M 18 -59.96 -1.14 -35.64
N ILE M 19 -61.07 -1.82 -35.99
CA ILE M 19 -61.74 -2.82 -35.11
C ILE M 19 -60.81 -3.92 -34.64
N ILE M 20 -60.24 -4.66 -35.59
CA ILE M 20 -59.36 -5.81 -35.36
C ILE M 20 -58.11 -5.40 -34.55
N ASP M 21 -57.56 -4.22 -34.86
CA ASP M 21 -56.44 -3.64 -34.13
C ASP M 21 -56.91 -3.39 -32.70
N THR M 22 -58.14 -2.87 -32.52
CA THR M 22 -58.64 -2.63 -31.16
C THR M 22 -58.57 -3.89 -30.33
N VAL M 23 -59.05 -4.98 -30.91
CA VAL M 23 -59.09 -6.34 -30.32
C VAL M 23 -57.68 -6.80 -30.01
N ILE M 24 -56.82 -6.85 -31.02
CA ILE M 24 -55.46 -7.40 -30.86
C ILE M 24 -54.70 -6.66 -29.77
N ASN M 25 -54.72 -5.33 -29.86
CA ASN M 25 -54.04 -4.40 -28.94
C ASN M 25 -54.62 -4.47 -27.53
N TYR M 26 -55.91 -4.75 -27.40
CA TYR M 26 -56.56 -4.71 -26.06
C TYR M 26 -55.74 -5.51 -25.05
N LYS M 27 -55.46 -4.89 -23.89
CA LYS M 27 -54.85 -5.53 -22.73
C LYS M 27 -55.83 -5.40 -21.58
N ASP M 28 -55.86 -6.41 -20.72
CA ASP M 28 -56.77 -6.45 -19.56
C ASP M 28 -56.19 -5.64 -18.41
N SER M 29 -56.92 -5.66 -17.30
CA SER M 29 -56.61 -4.93 -16.06
C SER M 29 -55.19 -5.25 -15.58
N SER M 30 -54.83 -6.53 -15.62
CA SER M 30 -53.50 -6.99 -15.15
C SER M 30 -52.39 -6.55 -16.07
N GLY M 31 -52.70 -6.08 -17.29
CA GLY M 31 -51.76 -5.52 -18.25
C GLY M 31 -51.45 -6.43 -19.41
N ARG M 32 -52.00 -7.62 -19.37
CA ARG M 32 -51.79 -8.76 -20.29
C ARG M 32 -52.60 -8.61 -21.58
N GLN M 33 -51.96 -8.75 -22.74
CA GLN M 33 -52.61 -8.72 -24.08
C GLN M 33 -53.20 -10.10 -24.40
N LEU M 34 -54.51 -10.24 -24.52
CA LEU M 34 -55.17 -11.58 -24.56
C LEU M 34 -54.98 -12.19 -25.96
N SER M 35 -55.07 -11.34 -26.98
CA SER M 35 -54.91 -11.72 -28.41
C SER M 35 -53.64 -12.54 -28.69
N GLU M 36 -52.57 -12.36 -27.90
CA GLU M 36 -51.23 -12.92 -28.26
C GLU M 36 -51.31 -14.37 -28.74
N VAL M 37 -51.77 -15.28 -27.88
CA VAL M 37 -51.86 -16.72 -28.24
C VAL M 37 -52.57 -16.99 -29.56
N PHE M 38 -53.54 -16.15 -29.94
CA PHE M 38 -54.42 -16.39 -31.10
C PHE M 38 -53.89 -15.72 -32.36
N ILE M 39 -52.85 -14.88 -32.25
CA ILE M 39 -52.36 -14.14 -33.45
C ILE M 39 -52.05 -15.12 -34.58
N GLN M 40 -51.32 -16.17 -34.23
CA GLN M 40 -50.88 -17.23 -35.15
C GLN M 40 -51.16 -18.60 -34.53
N LEU M 41 -51.78 -19.43 -35.35
CA LEU M 41 -51.98 -20.88 -35.08
C LEU M 41 -50.63 -21.60 -35.00
N PRO M 42 -50.57 -22.72 -34.25
CA PRO M 42 -49.43 -23.64 -34.35
C PRO M 42 -49.48 -24.38 -35.69
N SER M 43 -48.31 -24.81 -36.16
CA SER M 43 -48.19 -25.65 -37.37
C SER M 43 -48.80 -27.01 -37.11
N ARG M 44 -49.21 -27.70 -38.15
CA ARG M 44 -49.77 -29.07 -38.08
C ARG M 44 -48.80 -30.01 -37.35
N LYS M 45 -47.49 -29.85 -37.62
CA LYS M 45 -46.44 -30.63 -36.96
C LYS M 45 -46.46 -30.32 -35.46
N GLU M 46 -46.53 -29.04 -35.14
CA GLU M 46 -46.48 -28.51 -33.77
C GLU M 46 -47.65 -29.03 -32.93
N LEU M 47 -48.87 -28.86 -33.45
CA LEU M 47 -50.06 -29.33 -32.71
C LEU M 47 -51.03 -29.96 -33.69
N PRO M 48 -50.82 -31.26 -34.03
CA PRO M 48 -51.70 -31.95 -34.97
C PRO M 48 -53.13 -32.11 -34.46
N GLU M 49 -53.33 -32.22 -33.13
CA GLU M 49 -54.60 -32.56 -32.46
C GLU M 49 -55.66 -31.49 -32.76
N TYR M 50 -55.21 -30.25 -32.95
CA TYR M 50 -56.07 -29.10 -33.24
C TYR M 50 -56.69 -29.28 -34.60
N TYR M 51 -55.89 -29.54 -35.61
CA TYR M 51 -56.37 -29.59 -37.02
C TYR M 51 -57.27 -30.81 -37.27
N GLU M 52 -57.08 -31.89 -36.47
CA GLU M 52 -57.90 -33.09 -36.50
C GLU M 52 -59.27 -32.83 -35.89
N LEU M 53 -59.42 -31.93 -34.92
CA LEU M 53 -60.68 -31.71 -34.17
C LEU M 53 -61.40 -30.44 -34.62
N ILE M 54 -60.71 -29.50 -35.28
CA ILE M 54 -61.28 -28.19 -35.72
C ILE M 54 -61.42 -28.22 -37.24
N ARG M 55 -62.66 -28.05 -37.73
CA ARG M 55 -63.01 -28.19 -39.18
C ARG M 55 -62.38 -27.05 -39.97
N LYS M 56 -62.64 -25.80 -39.60
CA LYS M 56 -62.13 -24.59 -40.29
C LYS M 56 -61.28 -23.78 -39.33
N PRO M 57 -59.99 -24.11 -39.17
CA PRO M 57 -59.07 -23.30 -38.40
C PRO M 57 -59.00 -21.86 -38.91
N VAL M 58 -58.68 -20.94 -38.01
CA VAL M 58 -58.41 -19.51 -38.35
C VAL M 58 -57.68 -18.83 -37.19
N ASP M 59 -56.80 -17.91 -37.54
CA ASP M 59 -56.05 -17.06 -36.58
C ASP M 59 -56.20 -15.60 -37.02
N PHE M 60 -55.69 -14.66 -36.24
CA PHE M 60 -55.78 -13.21 -36.50
C PHE M 60 -54.98 -12.86 -37.74
N LYS M 61 -53.81 -13.50 -37.90
CA LYS M 61 -52.96 -13.30 -39.11
C LYS M 61 -53.79 -13.52 -40.36
N LYS M 62 -54.48 -14.65 -40.45
CA LYS M 62 -55.36 -15.01 -41.57
C LYS M 62 -56.46 -13.96 -41.77
N ILE M 63 -57.03 -13.46 -40.65
CA ILE M 63 -58.14 -12.49 -40.70
C ILE M 63 -57.61 -11.17 -41.31
N LYS M 64 -56.51 -10.65 -40.76
CA LYS M 64 -55.80 -9.49 -41.33
C LYS M 64 -55.53 -9.71 -42.80
N GLU M 65 -55.06 -10.89 -43.19
CA GLU M 65 -54.83 -11.30 -44.61
C GLU M 65 -56.12 -11.14 -45.40
N ARG M 66 -57.22 -11.68 -44.88
CA ARG M 66 -58.52 -11.69 -45.54
C ARG M 66 -59.12 -10.31 -45.71
N ILE M 67 -58.79 -9.39 -44.82
CA ILE M 67 -59.24 -7.98 -44.94
C ILE M 67 -58.58 -7.30 -46.16
N ARG M 68 -57.27 -7.48 -46.28
CA ARG M 68 -56.41 -6.89 -47.32
C ARG M 68 -56.78 -7.45 -48.69
N ASN M 69 -57.13 -8.72 -48.73
CA ASN M 69 -57.53 -9.45 -49.95
C ASN M 69 -58.99 -9.21 -50.29
N HIS M 70 -59.71 -8.48 -49.42
CA HIS M 70 -61.10 -8.09 -49.59
C HIS M 70 -62.01 -9.29 -49.44
N LYS M 71 -61.59 -10.39 -48.82
CA LYS M 71 -62.46 -11.59 -48.83
C LYS M 71 -63.77 -11.23 -48.13
N TYR M 72 -63.65 -10.54 -47.00
CA TYR M 72 -64.76 -9.94 -46.25
C TYR M 72 -65.30 -8.74 -47.01
N ARG M 73 -66.63 -8.68 -47.15
CA ARG M 73 -67.35 -7.65 -47.97
C ARG M 73 -68.23 -6.80 -47.07
N SER M 74 -68.47 -7.25 -45.84
CA SER M 74 -69.19 -6.48 -44.79
C SER M 74 -68.58 -6.81 -43.45
N LEU M 75 -68.83 -5.93 -42.48
CA LEU M 75 -68.42 -6.16 -41.07
C LEU M 75 -68.97 -7.51 -40.59
N GLY M 76 -70.22 -7.80 -40.99
CA GLY M 76 -70.84 -9.11 -40.71
C GLY M 76 -69.90 -10.23 -41.11
N ASP M 77 -69.43 -10.19 -42.36
CA ASP M 77 -68.45 -11.20 -42.84
C ASP M 77 -67.29 -11.29 -41.83
N LEU M 78 -66.70 -10.17 -41.45
CA LEU M 78 -65.48 -10.11 -40.57
C LEU M 78 -65.81 -10.72 -39.20
N GLU M 79 -66.80 -10.15 -38.50
CA GLU M 79 -67.32 -10.63 -37.20
C GLU M 79 -67.51 -12.15 -37.27
N LYS M 80 -68.15 -12.65 -38.33
CA LYS M 80 -68.44 -14.10 -38.46
C LYS M 80 -67.17 -14.92 -38.20
N ASP M 81 -66.04 -14.44 -38.76
CA ASP M 81 -64.75 -15.17 -38.78
C ASP M 81 -64.05 -15.01 -37.44
N VAL M 82 -64.17 -13.84 -36.80
CA VAL M 82 -63.70 -13.61 -35.41
C VAL M 82 -64.44 -14.59 -34.46
N MET M 83 -65.78 -14.60 -34.55
CA MET M 83 -66.63 -15.51 -33.76
C MET M 83 -66.21 -16.95 -34.10
N LEU M 84 -65.88 -17.29 -35.34
CA LEU M 84 -65.34 -18.62 -35.68
C LEU M 84 -64.08 -18.91 -34.86
N LEU M 85 -63.14 -17.95 -34.93
CA LEU M 85 -61.88 -18.02 -34.13
C LEU M 85 -62.16 -18.39 -32.67
N CYS M 86 -62.97 -17.54 -32.03
CA CYS M 86 -63.36 -17.71 -30.61
C CYS M 86 -64.06 -19.07 -30.44
N HIS M 87 -64.98 -19.43 -31.33
CA HIS M 87 -65.71 -20.73 -31.23
C HIS M 87 -64.73 -21.89 -31.31
N ASN M 88 -63.83 -21.88 -32.28
CA ASN M 88 -62.81 -22.95 -32.45
C ASN M 88 -61.98 -23.06 -31.17
N ALA M 89 -61.54 -21.89 -30.66
CA ALA M 89 -60.78 -21.82 -29.40
C ALA M 89 -61.54 -22.50 -28.26
N GLN M 90 -62.85 -22.31 -28.24
CA GLN M 90 -63.73 -22.88 -27.18
C GLN M 90 -63.91 -24.38 -27.40
N THR M 91 -64.12 -24.83 -28.63
CA THR M 91 -64.32 -26.22 -29.07
C THR M 91 -63.11 -27.05 -28.69
N PHE M 92 -61.89 -26.51 -28.83
CA PHE M 92 -60.67 -27.26 -28.45
C PHE M 92 -60.34 -27.23 -26.96
N ASN M 93 -60.36 -26.08 -26.31
CA ASN M 93 -59.61 -25.82 -25.07
C ASN M 93 -60.40 -26.13 -23.81
N LEU M 94 -61.71 -26.04 -23.88
CA LEU M 94 -62.65 -26.47 -22.81
C LEU M 94 -62.67 -25.51 -21.62
N GLU M 95 -63.89 -25.35 -21.04
CA GLU M 95 -64.26 -24.31 -20.07
C GLU M 95 -63.24 -24.25 -18.92
N GLY M 96 -62.99 -23.05 -18.44
CA GLY M 96 -62.13 -22.76 -17.26
C GLY M 96 -60.73 -22.34 -17.70
N SER M 97 -60.26 -22.87 -18.81
CA SER M 97 -58.91 -22.64 -19.39
C SER M 97 -58.71 -21.16 -19.69
N GLN M 98 -57.52 -20.64 -19.47
CA GLN M 98 -57.09 -19.26 -19.78
C GLN M 98 -57.50 -18.93 -21.22
N ILE M 99 -57.19 -19.86 -22.11
CA ILE M 99 -57.38 -19.71 -23.57
C ILE M 99 -58.86 -19.70 -23.94
N TYR M 100 -59.68 -20.47 -23.24
CA TYR M 100 -61.16 -20.42 -23.32
C TYR M 100 -61.65 -19.05 -22.88
N GLU M 101 -61.39 -18.66 -21.61
CA GLU M 101 -61.89 -17.38 -21.05
C GLU M 101 -61.43 -16.17 -21.91
N ASP M 102 -60.18 -16.10 -22.28
CA ASP M 102 -59.66 -15.06 -23.22
C ASP M 102 -60.65 -14.90 -24.38
N SER M 103 -60.97 -16.02 -25.02
CA SER M 103 -61.85 -16.08 -26.23
C SER M 103 -63.19 -15.40 -25.91
N ILE M 104 -63.73 -15.73 -24.74
CA ILE M 104 -65.02 -15.23 -24.24
C ILE M 104 -64.98 -13.73 -24.14
N VAL M 105 -63.81 -13.17 -23.90
CA VAL M 105 -63.57 -11.73 -23.60
C VAL M 105 -63.22 -10.96 -24.87
N LEU M 106 -62.56 -11.61 -25.80
CA LEU M 106 -62.25 -11.04 -27.12
C LEU M 106 -63.51 -10.80 -27.95
N GLN M 107 -64.49 -11.63 -27.75
CA GLN M 107 -65.88 -11.48 -28.26
C GLN M 107 -66.44 -10.11 -27.86
N SER M 108 -66.45 -9.92 -26.55
CA SER M 108 -67.00 -8.75 -25.84
C SER M 108 -66.28 -7.49 -26.30
N VAL M 109 -64.96 -7.58 -26.44
CA VAL M 109 -64.15 -6.48 -27.01
C VAL M 109 -64.52 -6.22 -28.46
N PHE M 110 -64.46 -7.23 -29.31
CA PHE M 110 -64.76 -7.08 -30.73
C PHE M 110 -66.08 -6.38 -30.95
N LYS M 111 -67.10 -6.81 -30.21
CA LYS M 111 -68.44 -6.22 -30.28
C LYS M 111 -68.37 -4.72 -29.97
N SER M 112 -67.70 -4.37 -28.88
CA SER M 112 -67.62 -2.96 -28.44
C SER M 112 -66.87 -2.12 -29.47
N ALA M 113 -65.80 -2.70 -30.01
CA ALA M 113 -64.96 -2.05 -31.02
C ALA M 113 -65.79 -1.76 -32.28
N ARG M 114 -66.49 -2.79 -32.72
CA ARG M 114 -67.32 -2.77 -33.92
C ARG M 114 -68.48 -1.84 -33.70
N GLN M 115 -69.03 -1.75 -32.50
CA GLN M 115 -70.13 -0.84 -32.16
C GLN M 115 -69.67 0.57 -31.91
N LYS M 116 -68.36 0.78 -31.74
CA LYS M 116 -67.78 2.14 -31.61
C LYS M 116 -67.51 2.74 -32.97
N ILE M 117 -68.00 2.15 -34.06
CA ILE M 117 -68.00 2.72 -35.42
C ILE M 117 -69.18 2.18 -36.26
N ALA M 118 -70.30 1.91 -35.59
CA ALA M 118 -71.50 1.27 -36.20
C ALA M 118 -72.66 2.25 -36.24
N LYS M 119 -72.40 3.56 -36.06
CA LYS M 119 -73.31 4.69 -36.42
C LYS M 119 -72.64 5.51 -37.55
N GLU M 120 -71.65 4.90 -38.21
CA GLU M 120 -70.92 5.47 -39.37
C GLU M 120 -70.91 4.45 -40.51
N GLU N 3 -38.35 -40.33 -25.64
CA GLU N 3 -39.51 -41.16 -26.11
C GLU N 3 -39.28 -41.60 -27.56
N ALA N 4 -40.34 -41.99 -28.28
CA ALA N 4 -40.33 -42.52 -29.66
C ALA N 4 -39.25 -43.61 -29.80
N GLY N 5 -38.53 -43.63 -30.93
CA GLY N 5 -37.23 -44.32 -31.10
C GLY N 5 -36.16 -43.34 -31.58
N ARG N 6 -36.47 -42.03 -31.56
CA ARG N 6 -35.64 -40.92 -32.10
C ARG N 6 -35.18 -40.07 -30.92
N PRO N 7 -33.90 -40.18 -30.47
CA PRO N 7 -33.49 -39.48 -29.25
C PRO N 7 -33.45 -37.96 -29.41
N ARG N 8 -34.28 -37.24 -28.65
CA ARG N 8 -34.24 -35.77 -28.67
C ARG N 8 -33.17 -35.31 -27.68
N PRO N 9 -32.54 -34.12 -27.90
CA PRO N 9 -31.39 -33.75 -27.07
C PRO N 9 -31.74 -33.38 -25.64
N VAL N 10 -30.72 -32.86 -24.97
CA VAL N 10 -30.82 -32.43 -23.55
C VAL N 10 -31.51 -31.07 -23.47
N LEU N 11 -30.92 -30.07 -24.15
CA LEU N 11 -31.42 -28.68 -24.09
C LEU N 11 -32.58 -28.51 -25.05
N ARG N 12 -33.79 -28.72 -24.55
CA ARG N 12 -35.03 -28.55 -25.35
C ARG N 12 -36.13 -28.11 -24.42
N SER N 13 -37.11 -27.41 -24.99
CA SER N 13 -38.36 -27.03 -24.29
C SER N 13 -39.18 -28.27 -24.02
N VAL N 14 -39.90 -28.27 -22.91
CA VAL N 14 -40.91 -29.30 -22.57
C VAL N 14 -42.24 -28.85 -23.13
N ASN N 15 -42.97 -29.75 -23.75
CA ASN N 15 -44.32 -29.38 -24.27
C ASN N 15 -45.37 -29.38 -23.14
N SER N 16 -45.17 -28.56 -22.13
CA SER N 16 -46.07 -28.46 -20.96
C SER N 16 -47.46 -28.07 -21.43
N ARG N 17 -47.53 -27.23 -22.44
CA ARG N 17 -48.79 -26.58 -22.88
C ARG N 17 -49.44 -25.87 -21.66
N GLU N 18 -48.62 -25.48 -20.68
CA GLU N 18 -49.05 -24.83 -19.44
C GLU N 18 -48.61 -23.36 -19.50
N PRO N 19 -49.57 -22.42 -19.64
CA PRO N 19 -49.24 -21.05 -19.91
C PRO N 19 -48.46 -20.31 -18.82
N SER N 20 -47.61 -19.39 -19.25
CA SER N 20 -46.73 -18.59 -18.40
C SER N 20 -46.56 -17.22 -19.04
N GLN N 21 -47.06 -16.17 -18.41
CA GLN N 21 -46.75 -14.76 -18.76
C GLN N 21 -45.31 -14.43 -18.36
N VAL N 22 -44.53 -13.90 -19.30
CA VAL N 22 -43.11 -13.51 -19.03
C VAL N 22 -42.92 -12.06 -19.42
N ILE N 23 -42.04 -11.34 -18.73
CA ILE N 23 -41.58 -9.99 -19.17
C ILE N 23 -40.17 -10.12 -19.69
N PHE N 24 -39.95 -9.95 -20.99
CA PHE N 24 -38.60 -9.82 -21.56
C PHE N 24 -38.20 -8.36 -21.43
N CYS N 25 -37.18 -8.11 -20.66
CA CYS N 25 -36.70 -6.75 -20.39
C CYS N 25 -35.28 -6.60 -20.89
N ASN N 26 -35.11 -5.75 -21.92
CA ASN N 26 -33.77 -5.56 -22.52
C ASN N 26 -33.05 -4.44 -21.81
N ARG N 27 -32.25 -4.77 -20.81
CA ARG N 27 -31.43 -3.81 -20.05
C ARG N 27 -29.99 -3.92 -20.53
N SER N 28 -29.88 -4.07 -21.85
CA SER N 28 -28.62 -4.01 -22.60
C SER N 28 -28.72 -2.90 -23.65
N PRO N 29 -27.56 -2.42 -24.14
CA PRO N 29 -27.53 -1.41 -25.18
C PRO N 29 -27.59 -2.02 -26.57
N ARG N 30 -27.63 -3.34 -26.63
CA ARG N 30 -27.77 -4.12 -27.86
C ARG N 30 -29.25 -4.27 -28.20
N VAL N 31 -29.51 -4.39 -29.49
CA VAL N 31 -30.80 -4.90 -30.04
C VAL N 31 -30.81 -6.41 -29.84
N VAL N 32 -31.73 -6.90 -29.01
CA VAL N 32 -31.71 -8.33 -28.54
C VAL N 32 -32.58 -9.24 -29.41
N LEU N 33 -32.02 -10.39 -29.79
CA LEU N 33 -32.75 -11.51 -30.44
C LEU N 33 -33.10 -12.55 -29.40
N PRO N 34 -34.38 -12.70 -29.01
CA PRO N 34 -34.81 -13.83 -28.23
C PRO N 34 -34.78 -15.08 -29.10
N VAL N 35 -34.27 -16.16 -28.54
CA VAL N 35 -34.16 -17.48 -29.24
C VAL N 35 -34.86 -18.53 -28.40
N TRP N 36 -35.88 -19.15 -28.97
CA TRP N 36 -36.62 -20.28 -28.37
C TRP N 36 -36.08 -21.61 -28.90
N LEU N 37 -35.74 -22.48 -27.98
CA LEU N 37 -35.32 -23.86 -28.33
C LEU N 37 -36.57 -24.71 -28.35
N ASN N 38 -36.94 -25.18 -29.55
CA ASN N 38 -38.18 -25.96 -29.75
C ASN N 38 -38.06 -27.31 -29.10
N PHE N 39 -39.02 -28.21 -29.34
CA PHE N 39 -39.16 -29.48 -28.64
C PHE N 39 -38.10 -30.47 -29.06
N ASP N 40 -37.42 -30.18 -30.17
CA ASP N 40 -36.30 -30.99 -30.68
C ASP N 40 -34.95 -30.27 -30.44
N GLY N 41 -34.97 -29.16 -29.72
CA GLY N 41 -33.74 -28.50 -29.23
C GLY N 41 -33.16 -27.59 -30.27
N GLU N 42 -33.85 -27.41 -31.38
CA GLU N 42 -33.41 -26.47 -32.45
C GLU N 42 -33.84 -25.07 -32.06
N PRO N 43 -32.95 -24.05 -32.18
CA PRO N 43 -33.30 -22.65 -31.97
C PRO N 43 -34.22 -22.08 -33.07
N GLN N 44 -35.24 -21.33 -32.67
CA GLN N 44 -36.12 -20.51 -33.53
C GLN N 44 -36.00 -19.06 -33.09
N PRO N 45 -35.73 -18.12 -34.02
CA PRO N 45 -35.63 -16.70 -33.67
C PRO N 45 -37.02 -16.06 -33.50
N TYR N 46 -37.12 -15.06 -32.60
CA TYR N 46 -38.39 -14.34 -32.33
C TYR N 46 -38.14 -12.87 -32.61
N PRO N 47 -39.21 -12.02 -32.65
CA PRO N 47 -39.04 -10.60 -32.88
C PRO N 47 -38.04 -9.96 -31.90
N THR N 48 -37.28 -9.00 -32.41
CA THR N 48 -36.20 -8.33 -31.64
C THR N 48 -36.78 -7.26 -30.73
N LEU N 49 -36.11 -7.04 -29.58
CA LEU N 49 -36.38 -5.97 -28.63
C LEU N 49 -35.28 -4.94 -28.82
N PRO N 50 -35.64 -3.65 -29.08
CA PRO N 50 -34.66 -2.59 -29.09
C PRO N 50 -34.15 -2.35 -27.70
N PRO N 51 -33.04 -1.60 -27.54
CA PRO N 51 -32.46 -1.31 -26.25
C PRO N 51 -33.37 -0.53 -25.31
N GLY N 52 -33.37 -0.97 -24.07
CA GLY N 52 -34.16 -0.37 -22.98
C GLY N 52 -35.59 -0.82 -22.96
N THR N 53 -36.14 -1.22 -24.08
CA THR N 53 -37.48 -1.78 -24.24
C THR N 53 -37.70 -2.94 -23.27
N GLY N 54 -38.96 -3.13 -22.91
CA GLY N 54 -39.49 -4.36 -22.30
C GLY N 54 -40.78 -4.71 -22.98
N ARG N 55 -41.16 -5.99 -22.96
N ARG N 55 -41.14 -6.00 -23.02
CA ARG N 55 -42.39 -6.51 -23.63
CA ARG N 55 -42.43 -6.46 -23.63
C ARG N 55 -42.97 -7.71 -22.84
C ARG N 55 -42.98 -7.67 -22.84
N ARG N 56 -44.30 -7.69 -22.71
CA ARG N 56 -45.06 -8.82 -22.14
C ARG N 56 -45.20 -9.92 -23.19
N ILE N 57 -44.78 -11.15 -22.90
CA ILE N 57 -44.87 -12.26 -23.89
C ILE N 57 -45.50 -13.51 -23.30
N HIS N 58 -46.26 -14.23 -24.13
CA HIS N 58 -46.82 -15.55 -23.82
C HIS N 58 -45.83 -16.65 -24.15
N SER N 59 -45.53 -17.49 -23.18
CA SER N 59 -44.66 -18.66 -23.24
C SER N 59 -45.26 -19.73 -22.33
N TYR N 60 -44.59 -20.87 -22.20
CA TYR N 60 -45.18 -22.01 -21.47
C TYR N 60 -44.20 -22.49 -20.42
N ARG N 61 -44.68 -23.26 -19.44
CA ARG N 61 -43.84 -23.85 -18.38
C ARG N 61 -42.82 -24.79 -19.01
N GLY N 62 -41.56 -24.71 -18.59
CA GLY N 62 -40.53 -25.64 -19.05
C GLY N 62 -39.95 -25.27 -20.40
N HIS N 63 -40.44 -24.22 -21.02
CA HIS N 63 -39.91 -23.73 -22.30
C HIS N 63 -38.60 -23.01 -22.04
N LEU N 64 -37.66 -23.16 -22.96
CA LEU N 64 -36.24 -22.77 -22.74
C LEU N 64 -35.84 -21.68 -23.71
N TRP N 65 -35.24 -20.60 -23.18
CA TRP N 65 -34.88 -19.39 -23.94
C TRP N 65 -33.41 -18.99 -23.72
N LEU N 66 -32.76 -18.49 -24.75
CA LEU N 66 -31.52 -17.69 -24.62
C LEU N 66 -31.66 -16.42 -25.46
N PHE N 67 -30.75 -15.46 -25.29
CA PHE N 67 -30.83 -14.10 -25.88
C PHE N 67 -29.48 -13.67 -26.44
N ARG N 68 -29.47 -13.07 -27.64
CA ARG N 68 -28.25 -12.74 -28.42
C ARG N 68 -28.41 -11.35 -29.02
N ASP N 69 -27.29 -10.70 -29.34
CA ASP N 69 -27.27 -9.48 -30.21
C ASP N 69 -27.81 -9.87 -31.58
N ALA N 70 -28.95 -9.32 -31.99
CA ALA N 70 -29.66 -9.67 -33.24
C ALA N 70 -28.68 -9.54 -34.43
N GLY N 71 -27.80 -8.54 -34.38
CA GLY N 71 -26.86 -8.14 -35.44
C GLY N 71 -25.63 -9.00 -35.49
N THR N 72 -24.95 -9.21 -34.36
CA THR N 72 -23.61 -9.83 -34.28
C THR N 72 -23.68 -11.25 -33.69
N HIS N 73 -24.86 -11.72 -33.31
CA HIS N 73 -25.10 -13.01 -32.60
C HIS N 73 -24.19 -13.15 -31.36
N ASP N 74 -23.61 -12.03 -30.87
CA ASP N 74 -22.92 -11.94 -29.55
C ASP N 74 -23.83 -12.52 -28.47
N GLY N 75 -23.26 -13.23 -27.48
CA GLY N 75 -24.01 -13.78 -26.33
C GLY N 75 -24.39 -12.70 -25.33
N LEU N 76 -25.54 -12.87 -24.68
CA LEU N 76 -26.07 -11.97 -23.62
C LEU N 76 -26.49 -12.80 -22.41
N LEU N 77 -26.75 -12.18 -21.28
CA LEU N 77 -27.22 -12.88 -20.06
C LEU N 77 -28.69 -12.54 -19.80
N VAL N 78 -29.34 -13.39 -18.99
CA VAL N 78 -30.76 -13.27 -18.60
C VAL N 78 -30.85 -13.75 -17.15
N ASN N 79 -31.06 -12.83 -16.22
CA ASN N 79 -31.10 -13.13 -14.76
C ASN N 79 -29.76 -13.78 -14.43
N GLN N 80 -28.68 -13.13 -14.88
CA GLN N 80 -27.27 -13.42 -14.55
C GLN N 80 -26.83 -14.80 -15.00
N THR N 81 -27.46 -15.34 -16.03
CA THR N 81 -27.13 -16.70 -16.50
C THR N 81 -27.37 -16.76 -18.00
N GLU N 82 -27.18 -17.94 -18.62
CA GLU N 82 -27.16 -18.11 -20.09
C GLU N 82 -28.51 -18.54 -20.62
N LEU N 83 -29.20 -19.41 -19.87
CA LEU N 83 -30.52 -19.93 -20.22
C LEU N 83 -31.60 -19.36 -19.30
N PHE N 84 -32.77 -19.16 -19.84
CA PHE N 84 -33.98 -18.80 -19.05
C PHE N 84 -35.09 -19.81 -19.32
N VAL N 85 -35.68 -20.33 -18.24
CA VAL N 85 -36.90 -21.18 -18.24
C VAL N 85 -37.90 -20.57 -17.27
N PRO N 86 -39.12 -20.19 -17.72
CA PRO N 86 -40.18 -19.79 -16.79
C PRO N 86 -40.81 -21.02 -16.13
N SER N 87 -40.85 -20.99 -14.80
CA SER N 87 -41.79 -21.82 -13.98
C SER N 87 -43.25 -21.47 -14.33
N LEU N 88 -44.21 -22.07 -13.62
CA LEU N 88 -45.62 -21.67 -13.68
C LEU N 88 -45.77 -20.39 -12.86
N ASN N 89 -46.56 -19.47 -13.40
CA ASN N 89 -46.95 -18.19 -12.73
C ASN N 89 -47.68 -18.47 -11.41
N VAL N 90 -47.47 -17.62 -10.40
CA VAL N 90 -47.94 -17.80 -9.00
C VAL N 90 -48.96 -16.69 -8.72
N ASP N 91 -50.24 -17.08 -8.61
CA ASP N 91 -51.39 -16.16 -8.42
C ASP N 91 -51.46 -15.14 -9.55
N GLY N 92 -51.10 -15.58 -10.77
CA GLY N 92 -51.14 -14.77 -11.99
C GLY N 92 -50.17 -13.61 -11.98
N GLN N 93 -49.00 -13.77 -11.32
CA GLN N 93 -47.93 -12.74 -11.34
C GLN N 93 -46.94 -13.10 -12.44
N PRO N 94 -46.58 -12.13 -13.30
CA PRO N 94 -45.61 -12.38 -14.37
C PRO N 94 -44.22 -12.71 -13.83
N ILE N 95 -43.54 -13.59 -14.58
CA ILE N 95 -42.10 -13.96 -14.36
C ILE N 95 -41.27 -12.99 -15.19
N PHE N 96 -40.13 -12.62 -14.62
CA PHE N 96 -39.33 -11.47 -15.12
C PHE N 96 -37.99 -11.99 -15.65
N ALA N 97 -37.72 -11.66 -16.92
CA ALA N 97 -36.46 -11.98 -17.63
C ALA N 97 -35.74 -10.67 -17.94
N ASN N 98 -34.74 -10.39 -17.10
CA ASN N 98 -33.84 -9.22 -17.16
C ASN N 98 -32.65 -9.58 -18.05
N ILE N 99 -32.61 -9.05 -19.25
CA ILE N 99 -31.54 -9.30 -20.24
C ILE N 99 -30.48 -8.22 -20.18
N THR N 100 -29.25 -8.65 -19.89
CA THR N 100 -28.09 -7.74 -19.69
C THR N 100 -26.93 -8.17 -20.57
N LEU N 101 -26.01 -7.26 -20.74
CA LEU N 101 -24.65 -7.57 -21.25
C LEU N 101 -23.96 -8.47 -20.25
N PRO N 102 -23.06 -9.35 -20.69
CA PRO N 102 -22.11 -9.98 -19.78
C PRO N 102 -20.87 -9.08 -19.68
N VAL N 103 -19.93 -9.51 -18.84
CA VAL N 103 -18.59 -8.85 -18.74
C VAL N 103 -17.66 -9.58 -19.70
N TYR N 104 -17.71 -9.25 -20.99
CA TYR N 104 -16.89 -9.89 -22.04
C TYR N 104 -15.40 -9.76 -21.71
N THR N 105 -14.61 -10.80 -21.98
CA THR N 105 -13.13 -10.72 -21.94
C THR N 105 -12.68 -9.60 -22.89
N LEU N 106 -11.72 -8.78 -22.45
CA LEU N 106 -11.27 -7.61 -23.25
C LEU N 106 -10.98 -8.06 -24.67
N LYS N 107 -10.41 -9.27 -24.83
CA LYS N 107 -10.13 -9.83 -26.17
C LYS N 107 -11.41 -9.96 -26.97
N GLU N 108 -12.34 -10.77 -26.48
CA GLU N 108 -13.64 -11.01 -27.17
C GLU N 108 -14.31 -9.66 -27.41
N ARG N 109 -14.11 -8.70 -26.50
CA ARG N 109 -14.73 -7.35 -26.65
C ARG N 109 -14.07 -6.66 -27.84
N CYS N 110 -12.73 -6.66 -27.90
CA CYS N 110 -11.95 -6.07 -29.02
C CYS N 110 -12.36 -6.75 -30.32
N LEU N 111 -12.38 -8.09 -30.34
CA LEU N 111 -12.85 -8.90 -31.50
C LEU N 111 -14.20 -8.36 -32.02
N GLN N 112 -15.19 -8.19 -31.13
CA GLN N 112 -16.51 -7.64 -31.48
C GLN N 112 -16.31 -6.37 -32.32
N VAL N 113 -15.53 -5.45 -31.77
CA VAL N 113 -15.29 -4.07 -32.29
C VAL N 113 -14.65 -4.17 -33.68
N VAL N 114 -13.61 -4.97 -33.85
CA VAL N 114 -12.88 -5.14 -35.14
C VAL N 114 -13.86 -5.72 -36.17
N ARG N 115 -14.47 -6.87 -35.85
CA ARG N 115 -15.53 -7.52 -36.67
C ARG N 115 -16.56 -6.49 -37.11
N SER N 116 -16.93 -5.54 -36.25
CA SER N 116 -18.01 -4.55 -36.52
C SER N 116 -17.48 -3.51 -37.53
N LEU N 117 -16.19 -3.25 -37.59
CA LEU N 117 -15.60 -2.21 -38.47
C LEU N 117 -15.18 -2.81 -39.81
N VAL N 118 -14.82 -4.12 -39.86
CA VAL N 118 -14.10 -4.73 -41.02
C VAL N 118 -15.00 -5.79 -41.68
N LYS N 119 -15.04 -5.77 -43.00
CA LYS N 119 -15.66 -6.81 -43.85
C LYS N 119 -14.91 -8.12 -43.67
N PRO N 120 -15.60 -9.27 -43.49
CA PRO N 120 -14.93 -10.55 -43.19
C PRO N 120 -13.93 -11.01 -44.27
N GLU N 121 -14.14 -10.58 -45.52
CA GLU N 121 -13.26 -10.83 -46.67
C GLU N 121 -11.91 -10.14 -46.50
N ASN N 122 -11.72 -9.32 -45.45
CA ASN N 122 -10.51 -8.49 -45.28
C ASN N 122 -9.77 -8.78 -43.98
N TYR N 123 -10.32 -9.67 -43.15
CA TYR N 123 -9.76 -9.92 -41.81
C TYR N 123 -8.26 -10.16 -41.91
N ARG N 124 -7.83 -10.84 -42.97
CA ARG N 124 -6.43 -11.27 -43.13
C ARG N 124 -5.57 -10.18 -43.78
N ARG N 125 -6.17 -9.04 -44.08
CA ARG N 125 -5.46 -7.88 -44.62
C ARG N 125 -4.91 -7.02 -43.49
N LEU N 126 -5.13 -7.43 -42.24
CA LEU N 126 -4.84 -6.61 -41.04
C LEU N 126 -3.45 -6.96 -40.50
N ASP N 127 -2.70 -5.97 -40.00
CA ASP N 127 -1.29 -6.15 -39.54
C ASP N 127 -1.31 -6.75 -38.12
N ILE N 128 -1.77 -8.01 -37.97
CA ILE N 128 -1.91 -8.66 -36.63
C ILE N 128 -1.41 -10.10 -36.68
N VAL N 129 -0.93 -10.63 -35.53
CA VAL N 129 -0.49 -12.05 -35.38
C VAL N 129 -1.54 -12.96 -36.04
N ARG N 130 -1.04 -13.99 -36.71
CA ARG N 130 -1.81 -14.96 -37.54
C ARG N 130 -2.92 -15.66 -36.77
N SER N 131 -2.69 -15.94 -35.49
CA SER N 131 -3.63 -16.66 -34.60
C SER N 131 -4.96 -15.91 -34.44
N LEU N 132 -4.92 -14.57 -34.54
CA LEU N 132 -6.05 -13.68 -34.33
C LEU N 132 -6.94 -13.59 -35.55
N TYR N 133 -6.49 -14.05 -36.73
CA TYR N 133 -7.36 -14.16 -37.94
C TYR N 133 -8.42 -15.23 -37.71
N GLU N 134 -8.02 -16.49 -37.51
CA GLU N 134 -8.89 -17.56 -36.98
C GLU N 134 -9.91 -16.98 -35.98
N ASP N 135 -9.41 -16.37 -34.89
CA ASP N 135 -10.24 -15.80 -33.80
C ASP N 135 -11.31 -14.87 -34.36
N LEU N 136 -10.95 -13.93 -35.26
CA LEU N 136 -11.93 -12.99 -35.87
C LEU N 136 -13.01 -13.75 -36.63
N GLU N 137 -12.64 -14.84 -37.30
CA GLU N 137 -13.54 -15.62 -38.21
C GLU N 137 -14.44 -16.52 -37.36
N ASP N 138 -13.98 -16.87 -36.15
CA ASP N 138 -14.71 -17.73 -35.19
C ASP N 138 -15.92 -16.96 -34.58
N HIS N 139 -16.97 -16.72 -35.38
CA HIS N 139 -18.10 -15.81 -35.01
C HIS N 139 -18.99 -16.40 -33.91
N PRO N 140 -19.51 -15.54 -32.99
CA PRO N 140 -20.44 -16.02 -31.96
C PRO N 140 -21.59 -16.74 -32.68
N ASN N 141 -21.76 -18.03 -32.40
CA ASN N 141 -22.83 -18.87 -33.03
C ASN N 141 -23.56 -19.68 -31.94
N VAL N 142 -24.89 -19.66 -31.93
CA VAL N 142 -25.73 -20.25 -30.85
C VAL N 142 -25.56 -21.77 -30.89
N GLN N 143 -25.40 -22.36 -32.07
CA GLN N 143 -25.29 -23.82 -32.25
C GLN N 143 -24.04 -24.32 -31.52
N LYS N 144 -22.91 -23.62 -31.71
CA LYS N 144 -21.65 -23.93 -30.95
C LYS N 144 -21.92 -23.88 -29.45
N ASP N 145 -22.55 -22.79 -29.01
CA ASP N 145 -22.80 -22.50 -27.57
C ASP N 145 -23.71 -23.56 -26.98
N LEU N 146 -24.77 -23.97 -27.68
CA LEU N 146 -25.61 -25.09 -27.27
C LEU N 146 -24.78 -26.32 -26.96
N GLU N 147 -23.85 -26.65 -27.86
CA GLU N 147 -22.94 -27.78 -27.67
C GLU N 147 -22.18 -27.64 -26.37
N ARG N 148 -21.66 -26.43 -26.15
CA ARG N 148 -20.89 -26.09 -24.94
C ARG N 148 -21.71 -26.26 -23.67
N LEU N 149 -22.94 -25.76 -23.69
CA LEU N 149 -23.85 -25.82 -22.54
C LEU N 149 -24.32 -27.23 -22.28
N THR N 150 -24.55 -27.97 -23.35
CA THR N 150 -24.91 -29.41 -23.31
C THR N 150 -23.80 -30.18 -22.60
N GLN N 151 -22.58 -29.99 -23.10
CA GLN N 151 -21.41 -30.70 -22.58
C GLN N 151 -20.86 -30.10 -21.28
N GLU N 152 -21.43 -28.99 -20.83
CA GLU N 152 -21.22 -28.42 -19.47
C GLU N 152 -22.16 -29.09 -18.48
N ARG N 153 -23.41 -29.33 -18.93
CA ARG N 153 -24.43 -29.98 -18.11
C ARG N 153 -24.15 -31.48 -17.98
N ILE N 154 -23.77 -32.09 -19.10
CA ILE N 154 -23.35 -33.49 -19.23
C ILE N 154 -22.10 -33.79 -18.42
N ALA N 155 -21.23 -32.81 -18.31
CA ALA N 155 -20.02 -32.85 -17.49
C ALA N 155 -20.31 -32.58 -16.01
N HIS N 156 -21.48 -32.08 -15.70
CA HIS N 156 -21.98 -31.71 -14.37
C HIS N 156 -22.91 -32.79 -13.82
N GLN N 157 -23.43 -33.66 -14.67
CA GLN N 157 -24.26 -34.80 -14.22
C GLN N 157 -23.41 -35.98 -13.78
N ARG N 158 -22.20 -36.07 -14.32
CA ARG N 158 -21.18 -37.10 -14.05
C ARG N 158 -21.87 -38.46 -13.89
N MET O 1 -3.04 -3.77 -1.28
CA MET O 1 -1.85 -3.16 -1.92
C MET O 1 -2.09 -2.84 -3.42
N TYR O 2 -1.19 -2.01 -3.93
CA TYR O 2 -1.07 -1.56 -5.35
C TYR O 2 0.16 -2.23 -5.98
N VAL O 3 0.14 -2.38 -7.32
CA VAL O 3 1.30 -2.79 -8.18
C VAL O 3 1.51 -1.71 -9.25
N LYS O 4 2.62 -1.75 -9.98
CA LYS O 4 2.99 -0.68 -10.94
C LYS O 4 3.24 -1.30 -12.32
N LEU O 5 2.42 -0.91 -13.29
CA LEU O 5 2.50 -1.42 -14.69
C LEU O 5 3.12 -0.29 -15.53
N ILE O 6 4.26 -0.59 -16.15
CA ILE O 6 5.06 0.43 -16.91
C ILE O 6 5.04 0.12 -18.40
N SER O 7 4.61 1.08 -19.23
CA SER O 7 4.44 0.94 -20.69
C SER O 7 5.76 1.01 -21.44
N SER O 8 5.77 0.67 -22.72
CA SER O 8 6.96 0.71 -23.60
C SER O 8 7.61 2.09 -23.57
N ASP O 9 6.79 3.15 -23.61
CA ASP O 9 7.23 4.55 -23.64
C ASP O 9 7.38 5.07 -22.20
N GLY O 10 7.51 4.17 -21.21
CA GLY O 10 7.99 4.50 -19.85
C GLY O 10 6.99 5.39 -19.10
N HIS O 11 5.71 5.06 -19.25
CA HIS O 11 4.60 5.56 -18.40
C HIS O 11 4.29 4.56 -17.28
N GLU O 12 4.11 5.12 -16.08
CA GLU O 12 3.73 4.36 -14.86
C GLU O 12 2.20 4.37 -14.64
N PHE O 13 1.66 3.19 -14.40
CA PHE O 13 0.22 2.97 -14.06
C PHE O 13 0.15 2.19 -12.77
N ILE O 14 -0.32 2.86 -11.70
CA ILE O 14 -0.43 2.28 -10.33
C ILE O 14 -1.88 1.85 -10.15
N VAL O 15 -2.12 0.54 -10.14
CA VAL O 15 -3.47 -0.08 -9.93
C VAL O 15 -3.43 -1.02 -8.72
N LYS O 16 -4.61 -1.37 -8.21
CA LYS O 16 -4.75 -2.37 -7.11
C LYS O 16 -4.29 -3.73 -7.64
N ARG O 17 -3.61 -4.53 -6.81
CA ARG O 17 -3.16 -5.89 -7.19
C ARG O 17 -4.32 -6.68 -7.77
N GLU O 18 -5.39 -6.77 -7.02
CA GLU O 18 -6.62 -7.55 -7.32
C GLU O 18 -7.10 -7.21 -8.72
N HIS O 19 -7.07 -5.93 -9.05
CA HIS O 19 -7.44 -5.41 -10.40
C HIS O 19 -6.52 -5.96 -11.49
N ALA O 20 -5.20 -5.88 -11.25
CA ALA O 20 -4.19 -6.41 -12.20
C ALA O 20 -4.30 -7.93 -12.43
N LEU O 21 -4.58 -8.66 -11.35
CA LEU O 21 -4.72 -10.13 -11.36
C LEU O 21 -5.76 -10.56 -12.38
N THR O 22 -6.61 -9.63 -12.82
CA THR O 22 -7.58 -9.85 -13.93
C THR O 22 -6.86 -10.42 -15.14
N SER O 23 -5.63 -9.95 -15.39
CA SER O 23 -4.80 -10.49 -16.49
C SER O 23 -4.10 -11.79 -16.06
N GLY O 24 -4.45 -12.89 -16.74
CA GLY O 24 -3.84 -14.20 -16.54
C GLY O 24 -2.36 -14.18 -16.74
N THR O 25 -1.89 -13.40 -17.72
CA THR O 25 -0.46 -13.15 -17.97
C THR O 25 0.20 -12.49 -16.78
N ILE O 26 -0.42 -11.45 -16.23
CA ILE O 26 0.15 -10.69 -15.08
C ILE O 26 0.03 -11.54 -13.81
N LYS O 27 -1.08 -12.27 -13.67
CA LYS O 27 -1.31 -13.22 -12.57
C LYS O 27 -0.13 -14.18 -12.42
N ALA O 28 0.41 -14.68 -13.53
CA ALA O 28 1.59 -15.57 -13.63
C ALA O 28 2.87 -14.77 -13.31
N MET O 29 2.92 -13.50 -13.78
CA MET O 29 4.17 -12.67 -13.65
C MET O 29 4.38 -12.26 -12.18
N LEU O 30 3.31 -11.97 -11.44
CA LEU O 30 3.37 -11.52 -10.04
C LEU O 30 3.56 -12.74 -9.12
N SER O 31 2.98 -13.90 -9.48
CA SER O 31 2.84 -15.10 -8.61
C SER O 31 4.18 -15.82 -8.40
N GLY O 32 5.10 -15.76 -9.36
CA GLY O 32 6.47 -16.33 -9.26
C GLY O 32 7.32 -15.60 -8.22
N PRO O 33 8.57 -16.07 -7.95
CA PRO O 33 9.45 -15.38 -7.01
C PRO O 33 9.99 -14.05 -7.56
N GLY O 34 10.58 -13.21 -6.69
CA GLY O 34 10.88 -11.78 -6.98
C GLY O 34 12.35 -11.36 -6.78
N GLN O 35 12.61 -10.44 -5.85
CA GLN O 35 13.97 -9.89 -5.55
C GLN O 35 14.28 -10.01 -4.05
N PHE O 36 15.58 -9.99 -3.70
CA PHE O 36 16.14 -10.10 -2.32
C PHE O 36 15.67 -11.39 -1.60
N ALA O 37 14.43 -11.40 -1.12
CA ALA O 37 13.80 -12.51 -0.35
C ALA O 37 12.28 -12.32 -0.36
N GLU O 38 11.70 -12.12 -1.56
CA GLU O 38 10.26 -11.81 -1.79
C GLU O 38 9.55 -13.06 -2.34
N ASN O 39 8.31 -13.30 -1.89
CA ASN O 39 7.39 -14.36 -2.40
C ASN O 39 6.35 -13.78 -3.37
N GLU O 40 6.58 -12.56 -3.91
CA GLU O 40 5.67 -11.80 -4.79
C GLU O 40 6.39 -10.50 -5.21
N THR O 41 6.17 -10.07 -6.46
CA THR O 41 6.69 -8.80 -7.05
C THR O 41 5.57 -7.75 -7.05
N ASN O 42 5.92 -6.46 -7.16
CA ASN O 42 4.95 -5.34 -7.29
C ASN O 42 5.55 -4.28 -8.23
N GLU O 43 6.11 -4.73 -9.35
CA GLU O 43 6.50 -3.86 -10.50
C GLU O 43 6.65 -4.70 -11.76
N VAL O 44 5.96 -4.32 -12.85
CA VAL O 44 5.99 -5.07 -14.13
C VAL O 44 6.18 -4.09 -15.29
N ASN O 45 7.07 -4.44 -16.21
CA ASN O 45 7.41 -3.60 -17.39
C ASN O 45 6.92 -4.27 -18.66
N PHE O 46 6.20 -3.54 -19.49
CA PHE O 46 5.72 -4.01 -20.81
C PHE O 46 6.47 -3.26 -21.90
N ARG O 47 7.33 -3.98 -22.63
CA ARG O 47 8.31 -3.42 -23.58
C ARG O 47 7.62 -3.23 -24.94
N GLU O 48 6.51 -3.93 -25.17
CA GLU O 48 5.76 -3.87 -26.46
C GLU O 48 4.58 -2.91 -26.41
N ILE O 49 3.89 -2.84 -25.28
CA ILE O 49 2.59 -2.11 -25.13
C ILE O 49 2.84 -0.63 -24.83
N PRO O 50 2.35 0.29 -25.69
CA PRO O 50 2.47 1.72 -25.41
C PRO O 50 1.43 2.19 -24.39
N SER O 51 1.64 3.39 -23.87
CA SER O 51 0.85 4.02 -22.78
C SER O 51 -0.64 4.12 -23.14
N HIS O 52 -0.93 4.70 -24.30
CA HIS O 52 -2.34 4.94 -24.74
C HIS O 52 -3.14 3.65 -24.73
N VAL O 53 -2.46 2.52 -24.86
CA VAL O 53 -3.08 1.18 -24.79
C VAL O 53 -3.18 0.76 -23.34
N LEU O 54 -2.05 0.72 -22.66
CA LEU O 54 -2.00 0.18 -21.27
C LEU O 54 -3.00 0.92 -20.35
N SER O 55 -3.19 2.22 -20.56
CA SER O 55 -4.22 3.05 -19.90
C SER O 55 -5.59 2.38 -20.06
N LYS O 56 -5.96 2.10 -21.30
CA LYS O 56 -7.22 1.42 -21.67
C LYS O 56 -7.27 0.05 -20.97
N VAL O 57 -6.19 -0.68 -20.93
CA VAL O 57 -6.11 -2.03 -20.32
C VAL O 57 -6.49 -1.91 -18.84
N CYS O 58 -6.03 -0.84 -18.19
CA CYS O 58 -6.30 -0.54 -16.78
C CYS O 58 -7.77 -0.13 -16.61
N MET O 59 -8.24 0.73 -17.50
CA MET O 59 -9.66 1.08 -17.57
C MET O 59 -10.49 -0.22 -17.56
N TYR O 60 -10.04 -1.22 -18.29
CA TYR O 60 -10.73 -2.50 -18.37
C TYR O 60 -10.69 -3.22 -17.05
N PHE O 61 -9.58 -3.24 -16.38
CA PHE O 61 -9.44 -3.81 -15.02
C PHE O 61 -10.44 -3.17 -14.07
N THR O 62 -10.46 -1.84 -14.02
CA THR O 62 -11.41 -1.08 -13.19
C THR O 62 -12.85 -1.57 -13.41
N TYR O 63 -13.21 -1.59 -14.71
CA TYR O 63 -14.49 -2.09 -15.24
C TYR O 63 -14.76 -3.53 -14.83
N LYS O 64 -13.84 -4.45 -15.09
CA LYS O 64 -14.08 -5.89 -14.91
C LYS O 64 -14.48 -6.22 -13.49
N VAL O 65 -13.72 -5.69 -12.55
CA VAL O 65 -13.89 -5.88 -11.09
C VAL O 65 -15.21 -5.30 -10.62
N ARG O 66 -15.50 -4.06 -11.02
CA ARG O 66 -16.73 -3.36 -10.56
C ARG O 66 -18.00 -4.13 -10.96
N TYR O 67 -18.00 -4.76 -12.14
CA TYR O 67 -19.22 -5.21 -12.83
C TYR O 67 -19.38 -6.75 -12.83
N THR O 68 -18.30 -7.51 -12.57
CA THR O 68 -18.40 -8.99 -12.42
C THR O 68 -19.42 -9.35 -11.31
N ASN O 69 -20.37 -10.23 -11.65
CA ASN O 69 -21.42 -10.83 -10.80
C ASN O 69 -22.69 -9.94 -10.87
N SER O 70 -22.58 -8.64 -10.68
CA SER O 70 -23.62 -7.75 -10.12
C SER O 70 -24.84 -7.61 -11.06
N SER O 71 -26.00 -7.44 -10.44
CA SER O 71 -27.34 -7.36 -11.08
C SER O 71 -27.65 -5.92 -11.48
N THR O 72 -26.93 -4.94 -10.89
CA THR O 72 -26.71 -3.58 -11.45
C THR O 72 -26.39 -3.74 -12.94
N GLU O 73 -27.42 -3.50 -13.78
CA GLU O 73 -27.29 -3.37 -15.26
C GLU O 73 -25.88 -2.97 -15.68
N ILE O 74 -25.30 -3.66 -16.68
CA ILE O 74 -23.88 -3.52 -17.08
C ILE O 74 -23.81 -2.56 -18.26
N PRO O 75 -22.86 -1.59 -18.28
CA PRO O 75 -22.66 -0.72 -19.42
C PRO O 75 -21.68 -1.36 -20.42
N GLU O 76 -21.72 -0.87 -21.67
CA GLU O 76 -20.82 -1.35 -22.76
C GLU O 76 -19.41 -0.90 -22.43
N PHE O 77 -18.39 -1.75 -22.65
CA PHE O 77 -16.97 -1.29 -22.57
C PHE O 77 -16.56 -0.69 -23.91
N PRO O 78 -16.29 0.63 -24.00
CA PRO O 78 -16.11 1.29 -25.29
C PRO O 78 -14.68 1.18 -25.80
N ILE O 79 -14.53 1.05 -27.10
CA ILE O 79 -13.20 0.99 -27.77
C ILE O 79 -13.32 1.87 -29.00
N ALA O 80 -12.46 2.90 -29.07
CA ALA O 80 -12.36 3.77 -30.25
C ALA O 80 -11.75 3.01 -31.41
N PRO O 81 -12.33 3.09 -32.62
CA PRO O 81 -11.81 2.35 -33.75
C PRO O 81 -10.29 2.36 -33.89
N GLU O 82 -9.71 3.55 -33.75
CA GLU O 82 -8.28 3.80 -33.94
C GLU O 82 -7.45 2.91 -33.04
N ILE O 83 -7.89 2.70 -31.80
CA ILE O 83 -7.11 1.94 -30.78
C ILE O 83 -7.40 0.45 -30.85
N ALA O 84 -8.41 0.05 -31.62
CA ALA O 84 -8.95 -1.33 -31.60
C ALA O 84 -7.86 -2.37 -31.76
N LEU O 85 -7.14 -2.31 -32.87
CA LEU O 85 -6.12 -3.33 -33.24
C LEU O 85 -5.01 -3.48 -32.20
N GLU O 86 -4.51 -2.36 -31.68
CA GLU O 86 -3.45 -2.39 -30.66
C GLU O 86 -3.98 -2.99 -29.37
N LEU O 87 -5.18 -2.60 -29.00
CA LEU O 87 -5.84 -3.11 -27.79
C LEU O 87 -6.09 -4.61 -27.89
N LEU O 88 -6.50 -5.06 -29.05
CA LEU O 88 -6.71 -6.49 -29.39
C LEU O 88 -5.40 -7.25 -29.16
N MET O 89 -4.33 -6.69 -29.72
CA MET O 89 -2.97 -7.26 -29.54
C MET O 89 -2.68 -7.44 -28.06
N ALA O 90 -2.83 -6.33 -27.33
CA ALA O 90 -2.49 -6.20 -25.90
C ALA O 90 -3.25 -7.22 -25.06
N ALA O 91 -4.55 -7.33 -25.34
CA ALA O 91 -5.47 -8.26 -24.64
C ALA O 91 -5.09 -9.71 -24.87
N ASN O 92 -4.90 -10.07 -26.13
CA ASN O 92 -4.39 -11.39 -26.55
C ASN O 92 -3.14 -11.74 -25.77
N PHE O 93 -2.20 -10.79 -25.70
CA PHE O 93 -0.94 -10.98 -24.95
C PHE O 93 -1.23 -11.19 -23.45
N LEU O 94 -2.10 -10.37 -22.88
CA LEU O 94 -2.31 -10.27 -21.41
C LEU O 94 -3.32 -11.31 -20.93
N ASP O 95 -4.02 -11.98 -21.85
CA ASP O 95 -5.03 -13.03 -21.52
C ASP O 95 -6.06 -12.46 -20.56
N CYS O 96 -6.98 -11.63 -21.07
CA CYS O 96 -8.11 -11.04 -20.32
C CYS O 96 -9.13 -10.43 -21.30
N MET P 1 -23.40 7.39 -5.35
CA MET P 1 -22.61 6.22 -5.77
C MET P 1 -21.10 6.53 -5.60
N ASP P 2 -20.27 5.72 -6.24
CA ASP P 2 -18.80 5.82 -6.27
C ASP P 2 -18.45 6.62 -7.54
N VAL P 3 -17.26 7.18 -7.56
CA VAL P 3 -16.59 7.79 -8.74
C VAL P 3 -15.24 7.10 -8.96
N PHE P 4 -14.87 6.96 -10.22
CA PHE P 4 -13.62 6.33 -10.72
C PHE P 4 -12.72 7.38 -11.35
N LEU P 5 -11.44 7.40 -10.94
CA LEU P 5 -10.52 8.52 -11.21
C LEU P 5 -9.20 7.99 -11.76
N MET P 6 -8.60 8.72 -12.69
CA MET P 6 -7.16 8.68 -12.98
C MET P 6 -6.53 9.93 -12.36
N ILE P 7 -5.66 9.75 -11.35
CA ILE P 7 -4.85 10.83 -10.76
C ILE P 7 -3.50 10.84 -11.47
N ARG P 8 -3.12 11.95 -12.11
CA ARG P 8 -2.03 11.96 -13.12
C ARG P 8 -1.05 13.10 -12.90
N ARG P 9 0.26 12.78 -12.81
CA ARG P 9 1.41 13.70 -12.70
C ARG P 9 2.58 13.14 -13.52
N HIS P 10 3.11 13.96 -14.41
CA HIS P 10 4.25 13.61 -15.29
C HIS P 10 3.87 12.35 -16.07
N LYS P 11 4.65 11.27 -15.94
CA LYS P 11 4.41 9.98 -16.67
C LYS P 11 3.76 8.97 -15.70
N THR P 12 3.41 9.39 -14.49
CA THR P 12 2.75 8.57 -13.45
C THR P 12 1.24 8.78 -13.51
N THR P 13 0.47 7.70 -13.30
CA THR P 13 -1.03 7.68 -13.36
C THR P 13 -1.58 6.67 -12.33
N ILE P 14 -2.47 7.11 -11.44
CA ILE P 14 -3.10 6.26 -10.39
C ILE P 14 -4.53 6.00 -10.79
N PHE P 15 -4.90 4.72 -10.83
CA PHE P 15 -6.30 4.26 -11.05
C PHE P 15 -6.95 3.88 -9.71
N THR P 16 -7.89 4.72 -9.26
CA THR P 16 -8.57 4.50 -7.96
C THR P 16 -10.04 4.97 -8.02
N ASP P 17 -10.79 4.54 -7.02
CA ASP P 17 -12.22 4.94 -6.82
C ASP P 17 -12.25 5.85 -5.62
N ALA P 18 -13.35 6.61 -5.46
CA ALA P 18 -13.72 7.34 -4.23
C ALA P 18 -15.22 7.44 -4.19
N LYS P 19 -15.74 8.09 -3.14
CA LYS P 19 -17.18 8.45 -3.03
C LYS P 19 -17.40 9.85 -3.59
N GLU P 20 -18.56 10.09 -4.21
CA GLU P 20 -18.95 11.43 -4.72
C GLU P 20 -18.86 12.41 -3.57
N SER P 21 -19.30 11.94 -2.38
CA SER P 21 -19.48 12.67 -1.13
C SER P 21 -18.14 12.92 -0.44
N SER P 22 -17.10 12.14 -0.75
CA SER P 22 -15.78 12.24 -0.06
C SER P 22 -15.10 13.53 -0.53
N THR P 23 -14.21 14.06 0.28
CA THR P 23 -13.61 15.44 0.13
C THR P 23 -12.26 15.38 -0.59
N VAL P 24 -11.92 16.48 -1.24
CA VAL P 24 -10.61 16.68 -1.96
C VAL P 24 -9.46 16.30 -1.01
N PHE P 25 -9.61 16.63 0.27
CA PHE P 25 -8.56 16.32 1.28
C PHE P 25 -8.43 14.81 1.41
N GLU P 26 -9.55 14.12 1.59
CA GLU P 26 -9.62 12.66 1.83
C GLU P 26 -8.96 11.96 0.64
N LEU P 27 -9.02 12.57 -0.55
CA LEU P 27 -8.42 11.96 -1.77
C LEU P 27 -6.89 12.04 -1.64
N LYS P 28 -6.38 13.19 -1.18
CA LYS P 28 -4.92 13.41 -0.96
C LYS P 28 -4.42 12.37 0.04
N ARG P 29 -5.24 12.03 1.04
CA ARG P 29 -4.92 10.98 2.05
C ARG P 29 -4.67 9.64 1.35
N ILE P 30 -5.46 9.27 0.33
CA ILE P 30 -5.23 8.05 -0.47
C ILE P 30 -3.88 8.15 -1.16
N VAL P 31 -3.59 9.31 -1.75
CA VAL P 31 -2.39 9.59 -2.55
C VAL P 31 -1.15 9.49 -1.69
N GLU P 32 -1.30 9.86 -0.42
CA GLU P 32 -0.25 9.73 0.59
C GLU P 32 0.15 8.27 0.78
N GLY P 33 -0.84 7.38 0.95
CA GLY P 33 -0.56 5.96 1.22
C GLY P 33 -0.04 5.20 0.04
N ILE P 34 0.03 5.88 -1.12
CA ILE P 34 0.59 5.34 -2.39
C ILE P 34 1.95 5.94 -2.71
N LEU P 35 2.04 7.26 -2.78
CA LEU P 35 3.27 8.00 -3.21
C LEU P 35 4.04 8.66 -2.06
N LYS P 36 3.58 8.52 -0.84
CA LYS P 36 4.32 8.88 0.41
C LYS P 36 4.63 10.38 0.44
N ARG P 37 3.64 11.20 0.19
CA ARG P 37 3.71 12.65 0.28
C ARG P 37 2.48 13.13 1.02
N PRO P 38 2.63 13.96 2.07
CA PRO P 38 1.47 14.40 2.84
C PRO P 38 0.59 15.41 2.11
N PRO P 39 -0.70 15.50 2.46
CA PRO P 39 -1.64 16.42 1.81
C PRO P 39 -1.21 17.87 1.64
N ASP P 40 -0.47 18.39 2.63
CA ASP P 40 0.05 19.78 2.60
C ASP P 40 1.09 19.94 1.48
N GLU P 41 1.69 18.85 1.06
CA GLU P 41 2.58 18.79 -0.12
C GLU P 41 1.85 18.18 -1.32
N GLN P 42 0.60 18.58 -1.52
CA GLN P 42 -0.21 18.21 -2.70
C GLN P 42 -1.14 19.36 -3.15
N ARG P 43 -1.20 19.55 -4.45
CA ARG P 43 -2.23 20.44 -5.02
C ARG P 43 -2.89 19.69 -6.17
N LEU P 44 -4.19 19.45 -6.06
CA LEU P 44 -5.01 18.68 -7.01
C LEU P 44 -5.85 19.62 -7.84
N TYR P 45 -6.04 19.28 -9.11
CA TYR P 45 -6.73 20.10 -10.13
C TYR P 45 -7.81 19.27 -10.83
N LYS P 46 -8.82 19.97 -11.30
CA LYS P 46 -9.78 19.51 -12.32
C LYS P 46 -9.65 20.45 -13.52
N ASP P 47 -8.99 19.95 -14.58
CA ASP P 47 -8.42 20.79 -15.66
C ASP P 47 -7.33 21.70 -15.08
N ASP P 48 -7.47 23.01 -15.27
CA ASP P 48 -6.49 24.01 -14.80
C ASP P 48 -6.89 24.59 -13.45
N GLN P 49 -8.15 24.40 -13.08
CA GLN P 49 -8.66 24.91 -11.78
C GLN P 49 -8.20 24.02 -10.63
N LEU P 50 -7.54 24.66 -9.66
CA LEU P 50 -7.13 24.06 -8.37
C LEU P 50 -8.38 23.78 -7.52
N LEU P 51 -8.32 22.71 -6.75
CA LEU P 51 -9.45 22.24 -5.92
C LEU P 51 -9.22 22.76 -4.49
N ASP P 52 -10.31 22.78 -3.74
CA ASP P 52 -10.42 23.21 -2.31
C ASP P 52 -10.61 21.98 -1.41
N ASP P 53 -9.73 21.82 -0.42
CA ASP P 53 -9.69 20.66 0.54
C ASP P 53 -11.07 20.35 1.11
N GLY P 54 -11.92 21.36 1.37
CA GLY P 54 -13.22 21.26 2.03
C GLY P 54 -14.28 20.65 1.16
N LYS P 55 -14.30 20.96 -0.13
CA LYS P 55 -15.34 20.53 -1.11
C LYS P 55 -15.38 19.00 -1.27
N THR P 56 -16.55 18.49 -1.63
CA THR P 56 -16.73 17.08 -2.07
C THR P 56 -16.35 16.95 -3.54
N LEU P 57 -15.86 15.79 -3.95
CA LEU P 57 -15.57 15.51 -5.37
C LEU P 57 -16.80 15.90 -6.19
N GLY P 58 -18.00 15.57 -5.69
CA GLY P 58 -19.26 15.83 -6.38
C GLY P 58 -19.44 17.32 -6.62
N GLU P 59 -19.03 18.16 -5.67
CA GLU P 59 -19.08 19.64 -5.80
C GLU P 59 -18.05 20.07 -6.86
N CYS P 60 -16.83 19.52 -6.88
CA CYS P 60 -15.80 19.82 -7.89
C CYS P 60 -16.29 19.40 -9.27
N GLY P 61 -17.29 18.48 -9.36
CA GLY P 61 -17.89 18.10 -10.65
C GLY P 61 -17.68 16.66 -11.05
N PHE P 62 -17.07 15.87 -10.17
CA PHE P 62 -16.84 14.43 -10.33
C PHE P 62 -18.09 13.64 -9.91
N THR P 63 -18.80 13.12 -10.90
CA THR P 63 -20.11 12.44 -10.71
C THR P 63 -20.09 11.03 -11.32
N SER P 64 -21.10 10.23 -10.99
CA SER P 64 -21.22 8.83 -11.51
C SER P 64 -21.17 8.88 -13.05
N GLN P 65 -21.86 9.85 -13.66
CA GLN P 65 -22.08 9.92 -15.12
C GLN P 65 -20.86 10.52 -15.81
N THR P 66 -19.86 11.07 -15.09
CA THR P 66 -18.65 11.66 -15.70
C THR P 66 -17.37 10.89 -15.26
N ALA P 67 -17.45 10.08 -14.22
CA ALA P 67 -16.25 9.40 -13.65
C ALA P 67 -16.59 7.92 -13.61
N ARG P 68 -16.79 7.31 -14.79
CA ARG P 68 -17.18 5.90 -14.91
C ARG P 68 -15.91 5.05 -14.99
N PRO P 69 -15.98 3.79 -14.57
CA PRO P 69 -14.80 2.92 -14.52
C PRO P 69 -14.08 2.77 -15.86
N GLN P 70 -14.88 2.67 -16.94
CA GLN P 70 -14.44 2.48 -18.35
C GLN P 70 -14.08 3.84 -18.98
N ALA P 71 -14.28 4.94 -18.27
CA ALA P 71 -13.99 6.31 -18.76
C ALA P 71 -13.69 7.24 -17.57
N PRO P 72 -12.68 6.89 -16.74
CA PRO P 72 -12.45 7.62 -15.49
C PRO P 72 -12.10 9.10 -15.68
N ALA P 73 -12.48 9.92 -14.72
CA ALA P 73 -12.19 11.37 -14.74
C ALA P 73 -10.76 11.65 -14.31
N THR P 74 -10.12 12.61 -14.97
CA THR P 74 -8.67 12.87 -14.80
C THR P 74 -8.43 13.98 -13.75
N VAL P 75 -7.84 13.60 -12.63
CA VAL P 75 -7.46 14.51 -11.52
C VAL P 75 -5.98 14.86 -11.67
N GLY P 76 -5.68 16.14 -11.85
CA GLY P 76 -4.31 16.66 -12.02
C GLY P 76 -3.61 16.72 -10.67
N LEU P 77 -2.34 16.36 -10.63
CA LEU P 77 -1.50 16.44 -9.40
C LEU P 77 -0.25 17.26 -9.68
N ALA P 78 0.12 18.13 -8.73
CA ALA P 78 1.43 18.83 -8.71
C ALA P 78 1.94 18.82 -7.28
N PHE P 79 3.21 18.53 -7.14
CA PHE P 79 3.91 18.37 -5.84
C PHE P 79 4.52 19.71 -5.39
N ARG P 80 4.35 20.03 -4.11
CA ARG P 80 5.11 21.03 -3.34
C ARG P 80 6.31 20.31 -2.68
N ALA P 81 7.49 20.95 -2.72
CA ALA P 81 8.67 20.56 -1.90
C ALA P 81 9.26 21.80 -1.21
N ASP P 82 8.60 22.26 -0.14
CA ASP P 82 8.94 23.46 0.68
C ASP P 82 8.55 24.73 -0.08
N ASP P 83 9.47 25.35 -0.82
CA ASP P 83 9.19 26.50 -1.71
C ASP P 83 9.05 26.06 -3.17
N THR P 84 9.40 24.81 -3.46
CA THR P 84 9.23 24.22 -4.81
C THR P 84 7.74 24.00 -5.09
N PHE P 85 7.06 25.03 -5.61
CA PHE P 85 5.65 24.98 -6.04
C PHE P 85 5.56 24.61 -7.51
N GLU P 86 5.77 23.33 -7.86
CA GLU P 86 5.91 22.91 -9.27
C GLU P 86 4.63 23.24 -10.03
N ALA P 87 4.78 23.49 -11.31
CA ALA P 87 3.67 23.70 -12.25
C ALA P 87 3.03 22.35 -12.54
N LEU P 88 1.77 22.39 -12.92
CA LEU P 88 0.98 21.20 -13.34
C LEU P 88 1.50 20.67 -14.67
N CYS P 89 2.16 19.48 -14.66
CA CYS P 89 2.68 18.80 -15.86
C CYS P 89 2.15 17.37 -15.93
N ILE P 90 1.38 17.07 -16.96
CA ILE P 90 0.75 15.74 -17.23
C ILE P 90 1.19 15.32 -18.63
N GLU P 91 2.19 14.42 -18.70
CA GLU P 91 2.82 14.00 -19.97
C GLU P 91 1.75 13.26 -20.77
N PRO P 92 1.25 13.78 -21.93
CA PRO P 92 0.19 13.11 -22.66
C PRO P 92 0.59 11.68 -23.01
N PHE P 93 -0.39 10.86 -23.41
CA PHE P 93 -0.16 9.48 -23.84
C PHE P 93 0.31 9.49 -25.29
N SER P 94 0.85 8.36 -25.73
CA SER P 94 1.17 8.13 -27.17
C SER P 94 -0.07 8.37 -28.04
N SER P 95 0.21 8.71 -29.29
CA SER P 95 -0.84 8.77 -30.35
C SER P 95 -0.98 7.40 -31.03
N PRO P 96 -2.22 7.02 -31.37
CA PRO P 96 -2.48 5.77 -32.09
C PRO P 96 -2.24 5.97 -33.58
N PRO P 97 -1.90 4.91 -34.35
CA PRO P 97 -1.70 5.04 -35.78
C PRO P 97 -3.03 5.35 -36.49
N GLU P 98 -2.91 6.10 -37.58
CA GLU P 98 -4.13 6.57 -38.30
C GLU P 98 -4.84 5.37 -38.86
N LEU P 99 -6.16 5.39 -38.69
CA LEU P 99 -7.07 4.25 -38.93
C LEU P 99 -6.81 3.58 -40.28
N PRO P 100 -6.44 2.28 -40.32
CA PRO P 100 -6.32 1.56 -41.57
C PRO P 100 -7.60 1.62 -42.41
N ASP P 101 -7.46 1.67 -43.73
CA ASP P 101 -8.52 1.96 -44.73
C ASP P 101 -9.63 0.91 -44.64
N VAL P 102 -9.31 -0.32 -44.28
CA VAL P 102 -10.21 -1.50 -44.20
C VAL P 102 -11.15 -1.40 -42.99
N MET P 103 -10.90 -0.46 -42.07
CA MET P 103 -11.74 -0.18 -40.85
C MET P 103 -12.62 1.04 -41.06
N LYS P 104 -12.39 1.81 -42.12
CA LYS P 104 -13.18 2.98 -42.53
C LYS P 104 -14.46 2.55 -43.25
N LEU Q 5 54.13 66.44 -10.67
CA LEU Q 5 52.81 66.01 -10.17
C LEU Q 5 51.69 66.66 -11.01
N SER Q 6 51.85 67.93 -11.37
CA SER Q 6 50.86 68.74 -12.11
C SER Q 6 50.76 68.23 -13.55
N PRO Q 7 49.54 67.90 -14.04
CA PRO Q 7 49.35 67.37 -15.39
C PRO Q 7 49.92 68.26 -16.50
N ASN Q 8 50.50 67.61 -17.52
CA ASN Q 8 50.82 68.24 -18.84
C ASN Q 8 49.53 68.45 -19.62
N PRO Q 9 49.52 69.34 -20.64
CA PRO Q 9 48.38 69.46 -21.54
C PRO Q 9 48.07 68.10 -22.18
N PRO Q 10 46.79 67.80 -22.52
CA PRO Q 10 46.39 66.51 -23.06
C PRO Q 10 47.17 66.15 -24.32
N LYS Q 11 47.29 67.09 -25.25
CA LYS Q 11 47.93 66.88 -26.58
C LYS Q 11 49.42 66.46 -26.40
N LEU Q 12 50.12 67.16 -25.49
CA LEU Q 12 51.55 66.87 -25.17
C LEU Q 12 51.76 65.40 -24.84
N THR Q 13 50.88 64.83 -24.02
CA THR Q 13 50.97 63.44 -23.53
C THR Q 13 50.63 62.47 -24.65
N LYS Q 14 49.59 62.74 -25.42
CA LYS Q 14 49.14 61.88 -26.53
C LYS Q 14 50.22 61.88 -27.63
N GLN Q 15 50.78 63.03 -27.96
CA GLN Q 15 51.94 63.17 -28.89
C GLN Q 15 53.15 62.40 -28.36
N MET Q 16 53.54 62.68 -27.14
CA MET Q 16 54.64 62.00 -26.40
C MET Q 16 54.49 60.48 -26.53
N ASN Q 17 53.28 59.96 -26.34
CA ASN Q 17 52.97 58.51 -26.43
C ASN Q 17 53.10 58.09 -27.89
N ALA Q 18 52.51 58.82 -28.81
CA ALA Q 18 52.62 58.52 -30.24
C ALA Q 18 54.08 58.32 -30.66
N ILE Q 19 54.92 59.31 -30.33
CA ILE Q 19 56.37 59.29 -30.60
C ILE Q 19 57.02 58.00 -30.14
N ILE Q 20 56.72 57.61 -28.91
CA ILE Q 20 57.41 56.46 -28.26
C ILE Q 20 56.83 55.15 -28.81
N ASP Q 21 55.52 55.06 -28.96
CA ASP Q 21 54.82 53.90 -29.56
C ASP Q 21 55.38 53.64 -30.95
N THR Q 22 55.67 54.71 -31.70
CA THR Q 22 56.34 54.63 -33.01
C THR Q 22 57.63 53.82 -32.91
N VAL Q 23 58.42 54.10 -31.88
CA VAL Q 23 59.77 53.54 -31.69
C VAL Q 23 59.62 52.10 -31.23
N ILE Q 24 58.81 51.91 -30.21
CA ILE Q 24 58.56 50.62 -29.56
C ILE Q 24 58.01 49.62 -30.55
N ASN Q 25 57.06 50.02 -31.38
CA ASN Q 25 56.35 49.17 -32.35
C ASN Q 25 57.16 48.96 -33.63
N TYR Q 26 58.07 49.86 -33.96
CA TYR Q 26 58.90 49.70 -35.18
C TYR Q 26 59.66 48.37 -35.20
N LYS Q 27 59.50 47.67 -36.33
CA LYS Q 27 60.21 46.44 -36.68
C LYS Q 27 60.99 46.72 -37.95
N ASP Q 28 62.16 46.10 -38.07
CA ASP Q 28 63.04 46.28 -39.23
C ASP Q 28 62.53 45.46 -40.42
N SER Q 29 63.32 45.45 -41.50
CA SER Q 29 63.00 44.79 -42.77
C SER Q 29 62.53 43.36 -42.54
N SER Q 30 63.20 42.66 -41.63
CA SER Q 30 63.03 41.22 -41.35
C SER Q 30 61.97 40.97 -40.29
N GLY Q 31 61.07 41.90 -40.08
CA GLY Q 31 59.92 41.76 -39.19
C GLY Q 31 60.28 41.83 -37.74
N ARG Q 32 61.55 41.66 -37.40
CA ARG Q 32 62.07 41.72 -36.02
C ARG Q 32 61.93 43.11 -35.37
N GLN Q 33 61.30 43.20 -34.18
CA GLN Q 33 61.11 44.48 -33.44
C GLN Q 33 62.35 44.79 -32.59
N LEU Q 34 63.08 45.85 -32.87
CA LEU Q 34 64.42 46.14 -32.28
C LEU Q 34 64.26 46.63 -30.84
N SER Q 35 63.20 47.39 -30.58
CA SER Q 35 62.80 47.91 -29.24
C SER Q 35 62.80 46.84 -28.13
N GLU Q 36 62.43 45.61 -28.46
CA GLU Q 36 62.12 44.51 -27.52
C GLU Q 36 63.14 44.39 -26.37
N VAL Q 37 64.39 44.25 -26.72
CA VAL Q 37 65.52 43.99 -25.79
C VAL Q 37 65.65 45.14 -24.79
N PHE Q 38 65.18 46.33 -25.16
CA PHE Q 38 65.33 47.52 -24.32
C PHE Q 38 64.08 47.87 -23.51
N ILE Q 39 63.00 47.16 -23.69
CA ILE Q 39 61.71 47.51 -23.01
C ILE Q 39 61.94 47.57 -21.50
N GLN Q 40 62.58 46.55 -20.98
CA GLN Q 40 62.84 46.40 -19.52
C GLN Q 40 64.27 45.95 -19.30
N LEU Q 41 64.97 46.73 -18.48
CA LEU Q 41 66.33 46.44 -18.00
C LEU Q 41 66.38 45.07 -17.32
N PRO Q 42 67.53 44.39 -17.36
CA PRO Q 42 67.78 43.22 -16.51
C PRO Q 42 67.92 43.69 -15.06
N SER Q 43 67.63 42.76 -14.12
CA SER Q 43 67.77 43.01 -12.68
C SER Q 43 69.26 43.08 -12.34
N ARG Q 44 69.57 43.84 -11.28
CA ARG Q 44 70.93 43.99 -10.72
C ARG Q 44 71.58 42.62 -10.51
N LYS Q 45 70.76 41.66 -10.09
CA LYS Q 45 71.22 40.28 -9.85
C LYS Q 45 71.52 39.61 -11.18
N GLU Q 46 70.56 39.68 -12.10
CA GLU Q 46 70.62 39.11 -13.45
C GLU Q 46 71.91 39.52 -14.18
N LEU Q 47 72.25 40.79 -14.08
CA LEU Q 47 73.35 41.42 -14.83
C LEU Q 47 73.92 42.60 -14.05
N PRO Q 48 74.90 42.37 -13.15
CA PRO Q 48 75.51 43.48 -12.43
C PRO Q 48 76.49 44.33 -13.24
N GLU Q 49 77.17 43.74 -14.22
CA GLU Q 49 78.26 44.45 -14.98
C GLU Q 49 77.74 45.73 -15.62
N TYR Q 50 76.50 45.69 -16.10
CA TYR Q 50 75.73 46.82 -16.62
C TYR Q 50 75.64 47.92 -15.60
N TYR Q 51 75.24 47.59 -14.37
CA TYR Q 51 75.01 48.61 -13.31
C TYR Q 51 76.35 49.13 -12.77
N GLU Q 52 77.36 48.27 -12.70
CA GLU Q 52 78.73 48.65 -12.31
C GLU Q 52 79.45 49.39 -13.42
N LEU Q 53 78.78 49.77 -14.53
CA LEU Q 53 79.38 50.64 -15.58
C LEU Q 53 78.49 51.88 -15.86
N ILE Q 54 77.18 51.68 -15.99
CA ILE Q 54 76.21 52.74 -16.39
C ILE Q 54 75.69 53.42 -15.10
N ARG Q 55 75.91 54.72 -14.94
CA ARG Q 55 75.77 55.47 -13.67
C ARG Q 55 74.32 55.93 -13.58
N LYS Q 56 73.59 56.04 -14.70
CA LYS Q 56 72.13 56.30 -14.73
C LYS Q 56 71.49 55.38 -15.75
N PRO Q 57 71.16 54.11 -15.38
CA PRO Q 57 70.39 53.23 -16.24
C PRO Q 57 69.01 53.78 -16.57
N VAL Q 58 68.42 53.29 -17.65
CA VAL Q 58 67.01 53.58 -18.04
C VAL Q 58 66.57 52.58 -19.11
N ASP Q 59 65.26 52.26 -19.10
CA ASP Q 59 64.57 51.38 -20.07
C ASP Q 59 63.34 52.09 -20.60
N PHE Q 60 62.56 51.47 -21.51
CA PHE Q 60 61.36 52.07 -22.14
C PHE Q 60 60.11 51.94 -21.25
N LYS Q 61 60.10 50.97 -20.34
CA LYS Q 61 59.07 50.89 -19.27
C LYS Q 61 59.09 52.20 -18.47
N LYS Q 62 60.26 52.52 -17.90
CA LYS Q 62 60.45 53.78 -17.12
C LYS Q 62 59.89 54.97 -17.90
N ILE Q 63 60.36 55.13 -19.14
CA ILE Q 63 60.00 56.28 -20.03
C ILE Q 63 58.49 56.43 -20.16
N LYS Q 64 57.82 55.35 -20.58
CA LYS Q 64 56.35 55.32 -20.76
C LYS Q 64 55.70 55.83 -19.46
N GLU Q 65 56.28 55.38 -18.34
CA GLU Q 65 55.76 55.70 -16.98
C GLU Q 65 55.95 57.17 -16.69
N ARG Q 66 57.14 57.68 -16.93
CA ARG Q 66 57.53 59.10 -16.72
C ARG Q 66 56.68 60.01 -17.59
N ILE Q 67 56.20 59.48 -18.71
CA ILE Q 67 55.19 60.17 -19.55
C ILE Q 67 53.86 60.24 -18.81
N ARG Q 68 53.48 59.12 -18.20
CA ARG Q 68 52.21 59.01 -17.48
C ARG Q 68 52.19 59.86 -16.21
N ASN Q 69 53.30 59.88 -15.51
CA ASN Q 69 53.50 60.64 -14.24
C ASN Q 69 53.89 62.07 -14.53
N HIS Q 70 54.06 62.41 -15.83
CA HIS Q 70 54.34 63.78 -16.30
C HIS Q 70 55.67 64.31 -15.76
N LYS Q 71 56.67 63.45 -15.66
CA LYS Q 71 58.00 63.89 -15.16
C LYS Q 71 58.65 64.76 -16.23
N TYR Q 72 58.48 64.35 -17.49
CA TYR Q 72 58.89 65.11 -18.68
C TYR Q 72 57.93 66.28 -18.87
N ARG Q 73 58.46 67.46 -19.19
CA ARG Q 73 57.63 68.66 -19.54
C ARG Q 73 57.62 68.98 -21.05
N SER Q 74 58.77 68.81 -21.68
CA SER Q 74 58.96 69.08 -23.13
C SER Q 74 59.38 67.80 -23.82
N LEU Q 75 59.14 67.79 -25.14
CA LEU Q 75 59.58 66.71 -26.03
C LEU Q 75 61.08 66.50 -25.86
N GLY Q 76 61.83 67.58 -25.67
CA GLY Q 76 63.27 67.51 -25.40
C GLY Q 76 63.59 66.77 -24.12
N ASP Q 77 62.85 67.04 -23.05
CA ASP Q 77 63.01 66.29 -21.78
C ASP Q 77 62.87 64.79 -22.05
N LEU Q 78 61.84 64.42 -22.84
CA LEU Q 78 61.61 63.03 -23.29
C LEU Q 78 62.80 62.52 -24.10
N GLU Q 79 63.11 63.14 -25.22
CA GLU Q 79 64.25 62.82 -26.11
C GLU Q 79 65.50 62.53 -25.28
N LYS Q 80 65.84 63.43 -24.36
CA LYS Q 80 67.03 63.36 -23.48
C LYS Q 80 67.15 61.94 -22.91
N ASP Q 81 66.01 61.34 -22.53
CA ASP Q 81 65.95 60.04 -21.81
C ASP Q 81 66.05 58.91 -22.81
N VAL Q 82 65.50 59.04 -24.01
CA VAL Q 82 65.70 58.02 -25.10
C VAL Q 82 67.19 58.00 -25.49
N MET Q 83 67.73 59.17 -25.86
CA MET Q 83 69.15 59.36 -26.20
C MET Q 83 70.03 58.78 -25.08
N LEU Q 84 69.67 58.98 -23.81
CA LEU Q 84 70.40 58.41 -22.66
C LEU Q 84 70.39 56.89 -22.82
N LEU Q 85 69.18 56.33 -22.96
CA LEU Q 85 68.96 54.87 -23.14
C LEU Q 85 69.93 54.35 -24.19
N CYS Q 86 69.83 54.90 -25.41
CA CYS Q 86 70.64 54.45 -26.55
C CYS Q 86 72.12 54.64 -26.23
N HIS Q 87 72.50 55.79 -25.66
CA HIS Q 87 73.93 56.05 -25.31
C HIS Q 87 74.44 55.03 -24.31
N ASN Q 88 73.71 54.87 -23.18
CA ASN Q 88 74.14 53.94 -22.11
C ASN Q 88 74.18 52.51 -22.65
N ALA Q 89 73.34 52.18 -23.65
CA ALA Q 89 73.40 50.87 -24.33
C ALA Q 89 74.68 50.72 -25.14
N GLN Q 90 75.01 51.73 -25.93
CA GLN Q 90 76.22 51.84 -26.76
C GLN Q 90 77.48 51.81 -25.89
N THR Q 91 77.42 52.34 -24.65
CA THR Q 91 78.57 52.49 -23.74
C THR Q 91 78.94 51.18 -23.08
N PHE Q 92 78.03 50.19 -23.08
CA PHE Q 92 78.22 48.87 -22.45
C PHE Q 92 78.27 47.74 -23.48
N ASN Q 93 77.49 47.85 -24.54
CA ASN Q 93 77.33 46.73 -25.50
C ASN Q 93 78.50 46.62 -26.47
N LEU Q 94 79.03 47.77 -26.87
CA LEU Q 94 80.24 47.90 -27.71
C LEU Q 94 79.95 47.69 -29.21
N GLU Q 95 80.64 48.50 -30.05
CA GLU Q 95 80.32 48.69 -31.49
C GLU Q 95 80.45 47.31 -32.17
N GLY Q 96 79.63 47.11 -33.19
CA GLY Q 96 79.53 45.85 -33.99
C GLY Q 96 78.39 44.93 -33.55
N SER Q 97 78.22 44.76 -32.24
CA SER Q 97 77.22 43.85 -31.62
C SER Q 97 75.81 44.33 -31.94
N GLN Q 98 74.87 43.45 -32.22
CA GLN Q 98 73.48 43.79 -32.65
C GLN Q 98 72.88 44.89 -31.76
N ILE Q 99 72.81 44.62 -30.47
CA ILE Q 99 72.19 45.51 -29.46
C ILE Q 99 72.72 46.94 -29.58
N TYR Q 100 73.96 47.10 -30.02
CA TYR Q 100 74.54 48.43 -30.35
C TYR Q 100 73.83 49.03 -31.56
N GLU Q 101 73.92 48.42 -32.72
CA GLU Q 101 73.42 49.03 -34.00
C GLU Q 101 71.90 49.26 -33.89
N ASP Q 102 71.23 48.35 -33.17
CA ASP Q 102 69.76 48.46 -32.85
C ASP Q 102 69.48 49.86 -32.25
N SER Q 103 70.23 50.22 -31.23
CA SER Q 103 70.13 51.51 -30.48
C SER Q 103 70.30 52.65 -31.47
N ILE Q 104 71.25 52.46 -32.42
CA ILE Q 104 71.51 53.48 -33.47
C ILE Q 104 70.26 53.65 -34.31
N VAL Q 105 69.67 52.54 -34.78
CA VAL Q 105 68.46 52.57 -35.61
C VAL Q 105 67.34 53.27 -34.84
N LEU Q 106 67.26 53.00 -33.54
CA LEU Q 106 66.19 53.57 -32.70
C LEU Q 106 66.32 55.08 -32.49
N GLN Q 107 67.54 55.56 -32.18
CA GLN Q 107 67.86 57.00 -32.22
C GLN Q 107 67.17 57.63 -33.42
N SER Q 108 67.43 57.07 -34.57
CA SER Q 108 67.00 57.51 -35.90
C SER Q 108 65.49 57.46 -36.04
N VAL Q 109 64.89 56.39 -35.59
CA VAL Q 109 63.43 56.16 -35.59
C VAL Q 109 62.74 57.18 -34.71
N PHE Q 110 63.38 57.52 -33.61
CA PHE Q 110 62.83 58.53 -32.65
C PHE Q 110 62.80 59.92 -33.25
N LYS Q 111 63.95 60.39 -33.74
CA LYS Q 111 64.11 61.69 -34.41
C LYS Q 111 63.03 61.96 -35.46
N SER Q 112 62.72 60.92 -36.23
CA SER Q 112 61.78 60.93 -37.35
C SER Q 112 60.36 61.21 -36.87
N ALA Q 113 60.01 60.67 -35.71
CA ALA Q 113 58.68 60.74 -35.11
C ALA Q 113 58.42 62.12 -34.55
N ARG Q 114 59.42 62.67 -33.87
CA ARG Q 114 59.41 64.05 -33.37
C ARG Q 114 59.23 65.05 -34.52
N GLN Q 115 60.10 64.87 -35.53
CA GLN Q 115 60.03 65.67 -36.75
C GLN Q 115 58.70 65.50 -37.47
N LYS Q 116 58.22 64.28 -37.53
CA LYS Q 116 56.94 63.95 -38.19
C LYS Q 116 55.71 64.59 -37.54
N ILE Q 117 55.59 64.49 -36.23
CA ILE Q 117 54.45 65.13 -35.52
C ILE Q 117 54.64 66.64 -35.38
N ALA Q 118 55.88 67.14 -35.48
CA ALA Q 118 56.16 68.56 -35.75
C ALA Q 118 55.59 68.97 -37.12
N LYS Q 119 56.14 68.40 -38.19
CA LYS Q 119 55.82 68.78 -39.59
C LYS Q 119 54.31 68.61 -39.83
N GLU Q 120 53.67 67.64 -39.17
CA GLU Q 120 52.26 67.21 -39.42
C GLU Q 120 51.27 68.22 -38.84
N GLU Q 121 51.69 69.04 -37.86
CA GLU Q 121 50.85 69.97 -37.05
C GLU Q 121 49.97 70.87 -37.95
N GLU Q 122 50.60 71.68 -38.81
CA GLU Q 122 49.92 72.57 -39.79
C GLU Q 122 50.87 72.85 -40.96
N PRO R 7 73.92 28.99 -9.27
CA PRO R 7 73.59 28.15 -10.44
C PRO R 7 74.10 26.71 -10.32
N ARG R 8 73.40 25.96 -9.47
CA ARG R 8 73.65 24.53 -9.16
C ARG R 8 72.63 23.55 -9.77
N PRO R 9 71.32 23.92 -9.82
CA PRO R 9 70.32 23.03 -10.36
C PRO R 9 70.45 22.80 -11.86
N VAL R 10 69.98 21.63 -12.25
CA VAL R 10 70.22 21.03 -13.60
C VAL R 10 69.40 21.78 -14.64
N LEU R 11 68.11 21.89 -14.37
CA LEU R 11 67.16 22.59 -15.26
C LEU R 11 67.17 24.08 -15.02
N ARG R 12 68.04 24.78 -15.74
CA ARG R 12 68.14 26.26 -15.68
C ARG R 12 68.62 26.73 -17.04
N SER R 13 68.29 27.97 -17.36
CA SER R 13 68.83 28.69 -18.54
C SER R 13 70.32 28.92 -18.36
N VAL R 14 71.04 28.93 -19.46
CA VAL R 14 72.47 29.30 -19.54
C VAL R 14 72.55 30.79 -19.85
N ASN R 15 73.38 31.47 -19.10
CA ASN R 15 73.54 32.93 -19.30
C ASN R 15 74.47 33.16 -20.49
N SER R 16 73.94 32.92 -21.69
CA SER R 16 74.75 32.81 -22.93
C SER R 16 74.96 34.22 -23.47
N ARG R 17 73.90 35.01 -23.46
CA ARG R 17 73.87 36.39 -23.97
C ARG R 17 74.00 36.38 -25.48
N GLU R 18 73.78 35.24 -26.11
CA GLU R 18 73.71 35.11 -27.57
C GLU R 18 72.24 35.20 -27.89
N PRO R 19 71.80 36.30 -28.56
CA PRO R 19 70.39 36.46 -28.85
C PRO R 19 69.78 35.38 -29.75
N SER R 20 68.50 35.14 -29.54
CA SER R 20 67.70 34.16 -30.32
C SER R 20 66.33 34.76 -30.59
N GLN R 21 66.02 34.98 -31.86
CA GLN R 21 64.61 35.25 -32.29
C GLN R 21 63.82 33.95 -32.29
N VAL R 22 62.67 33.96 -31.58
CA VAL R 22 61.79 32.78 -31.46
C VAL R 22 60.38 33.18 -31.90
N ILE R 23 59.62 32.24 -32.47
CA ILE R 23 58.16 32.38 -32.67
C ILE R 23 57.43 31.44 -31.72
N PHE R 24 56.74 31.98 -30.71
CA PHE R 24 55.83 31.21 -29.86
C PHE R 24 54.53 31.13 -30.61
N CYS R 25 54.12 29.92 -30.95
CA CYS R 25 52.87 29.67 -31.68
C CYS R 25 51.93 28.82 -30.87
N ASN R 26 50.81 29.40 -30.45
CA ASN R 26 49.83 28.69 -29.60
C ASN R 26 48.80 27.99 -30.47
N ARG R 27 49.07 26.71 -30.80
CA ARG R 27 48.15 25.86 -31.57
C ARG R 27 47.38 24.96 -30.63
N SER R 28 47.17 25.42 -29.42
CA SER R 28 46.28 24.81 -28.42
C SER R 28 45.03 25.66 -28.29
N PRO R 29 43.94 25.09 -27.73
CA PRO R 29 42.72 25.84 -27.47
C PRO R 29 42.72 26.50 -26.09
N ARG R 30 43.81 26.30 -25.36
CA ARG R 30 44.07 26.92 -24.06
C ARG R 30 44.73 28.28 -24.27
N VAL R 31 44.47 29.16 -23.33
CA VAL R 31 45.27 30.41 -23.12
C VAL R 31 46.59 29.99 -22.46
N VAL R 32 47.68 30.19 -23.20
CA VAL R 32 49.02 29.68 -22.80
C VAL R 32 49.85 30.70 -21.99
N LEU R 33 50.39 30.23 -20.86
CA LEU R 33 51.40 30.91 -20.03
C LEU R 33 52.77 30.36 -20.41
N PRO R 34 53.62 31.18 -21.08
CA PRO R 34 55.03 30.86 -21.24
C PRO R 34 55.71 31.03 -19.88
N VAL R 35 56.56 30.08 -19.53
CA VAL R 35 57.35 30.08 -18.27
C VAL R 35 58.82 29.93 -18.63
N TRP R 36 59.62 30.93 -18.29
CA TRP R 36 61.09 30.93 -18.43
C TRP R 36 61.74 30.43 -17.15
N LEU R 37 62.64 29.48 -17.30
CA LEU R 37 63.53 29.08 -16.17
C LEU R 37 64.81 29.90 -16.10
N ASN R 38 64.87 30.79 -15.13
CA ASN R 38 65.98 31.73 -14.90
C ASN R 38 67.26 30.98 -14.60
N PHE R 39 68.33 31.71 -14.28
CA PHE R 39 69.68 31.14 -14.21
C PHE R 39 69.84 30.33 -12.95
N ASP R 40 68.90 30.47 -12.01
CA ASP R 40 68.87 29.68 -10.76
C ASP R 40 67.77 28.61 -10.81
N GLY R 41 67.12 28.43 -11.97
CA GLY R 41 66.23 27.29 -12.21
C GLY R 41 64.84 27.55 -11.69
N GLU R 42 64.59 28.76 -11.18
CA GLU R 42 63.27 29.18 -10.72
C GLU R 42 62.41 29.62 -11.88
N PRO R 43 61.12 29.23 -11.97
CA PRO R 43 60.24 29.66 -13.05
C PRO R 43 59.74 31.11 -12.89
N GLN R 44 59.78 31.88 -14.00
CA GLN R 44 59.20 33.24 -14.09
C GLN R 44 58.11 33.28 -15.17
N PRO R 45 56.90 33.75 -14.83
CA PRO R 45 55.81 33.86 -15.82
C PRO R 45 55.98 35.07 -16.75
N TYR R 46 55.49 34.94 -17.98
CA TYR R 46 55.58 35.92 -19.09
C TYR R 46 54.16 36.17 -19.59
N PRO R 47 53.96 37.17 -20.49
CA PRO R 47 52.63 37.48 -21.00
C PRO R 47 51.97 36.29 -21.71
N THR R 48 50.68 36.12 -21.50
CA THR R 48 49.93 34.95 -22.04
C THR R 48 49.58 35.15 -23.50
N LEU R 49 49.57 34.03 -24.25
CA LEU R 49 49.16 33.97 -25.65
C LEU R 49 47.76 33.41 -25.68
N PRO R 50 46.80 34.09 -26.35
CA PRO R 50 45.48 33.53 -26.57
C PRO R 50 45.55 32.42 -27.61
N PRO R 51 44.49 31.57 -27.67
CA PRO R 51 44.47 30.46 -28.61
C PRO R 51 44.51 30.89 -30.06
N GLY R 52 45.25 30.11 -30.86
CA GLY R 52 45.43 30.36 -32.30
C GLY R 52 46.17 31.63 -32.62
N THR R 53 46.95 32.11 -31.63
CA THR R 53 47.79 33.31 -31.70
C THR R 53 49.27 32.92 -31.71
N GLY R 54 50.05 33.67 -32.49
CA GLY R 54 51.50 33.58 -32.52
C GLY R 54 52.07 34.93 -32.21
N ARG R 55 53.30 34.91 -31.67
CA ARG R 55 54.06 36.15 -31.34
C ARG R 55 55.54 35.89 -31.58
N ARG R 56 56.27 36.89 -32.07
CA ARG R 56 57.73 36.81 -32.31
C ARG R 56 58.48 37.51 -31.15
N ILE R 57 59.26 36.72 -30.43
CA ILE R 57 59.83 37.12 -29.10
C ILE R 57 61.35 36.98 -29.07
N HIS R 58 61.99 37.86 -28.31
CA HIS R 58 63.47 37.88 -28.17
C HIS R 58 63.91 37.10 -26.94
N SER R 59 64.72 36.06 -27.15
CA SER R 59 65.28 35.22 -26.06
C SER R 59 66.73 34.94 -26.43
N TYR R 60 67.39 34.05 -25.71
CA TYR R 60 68.85 33.87 -25.91
C TYR R 60 69.14 32.38 -26.06
N ARG R 61 70.27 32.03 -26.67
CA ARG R 61 70.67 30.62 -26.84
C ARG R 61 70.83 30.04 -25.44
N GLY R 62 70.50 28.78 -25.27
CA GLY R 62 70.66 28.05 -24.00
C GLY R 62 69.53 28.29 -23.02
N HIS R 63 68.63 29.21 -23.34
CA HIS R 63 67.53 29.58 -22.43
C HIS R 63 66.43 28.52 -22.47
N LEU R 64 65.86 28.25 -21.32
CA LEU R 64 64.95 27.10 -21.10
C LEU R 64 63.53 27.57 -20.80
N TRP R 65 62.59 27.07 -21.58
CA TRP R 65 61.16 27.44 -21.54
C TRP R 65 60.25 26.21 -21.40
N LEU R 66 59.18 26.35 -20.65
CA LEU R 66 58.01 25.43 -20.74
C LEU R 66 56.74 26.26 -20.83
N PHE R 67 55.61 25.62 -21.14
CA PHE R 67 54.31 26.30 -21.45
C PHE R 67 53.17 25.56 -20.74
N ARG R 68 52.24 26.32 -20.14
CA ARG R 68 51.16 25.80 -19.28
C ARG R 68 49.86 26.53 -19.59
N ASP R 69 48.71 25.94 -19.29
CA ASP R 69 47.41 26.65 -19.27
C ASP R 69 47.46 27.74 -18.20
N ALA R 70 47.34 29.01 -18.60
CA ALA R 70 47.48 30.18 -17.71
C ALA R 70 46.47 30.06 -16.56
N GLY R 71 45.24 29.58 -16.86
CA GLY R 71 44.14 29.36 -15.92
C GLY R 71 44.41 28.25 -14.91
N THR R 72 44.65 27.03 -15.40
CA THR R 72 44.62 25.76 -14.61
C THR R 72 46.02 25.23 -14.30
N HIS R 73 47.08 25.84 -14.84
CA HIS R 73 48.49 25.35 -14.74
C HIS R 73 48.67 23.94 -15.37
N ASP R 74 47.67 23.45 -16.11
CA ASP R 74 47.75 22.20 -16.93
C ASP R 74 49.00 22.24 -17.80
N GLY R 75 49.69 21.10 -17.97
CA GLY R 75 50.88 20.95 -18.81
C GLY R 75 50.52 20.97 -20.28
N LEU R 76 51.43 21.52 -21.11
CA LEU R 76 51.30 21.60 -22.59
C LEU R 76 52.60 21.15 -23.25
N LEU R 77 52.56 20.89 -24.55
CA LEU R 77 53.77 20.47 -25.32
C LEU R 77 54.23 21.59 -26.24
N VAL R 78 55.52 21.51 -26.63
CA VAL R 78 56.22 22.50 -27.49
C VAL R 78 57.19 21.70 -28.38
N ASN R 79 56.86 21.57 -29.66
CA ASN R 79 57.61 20.76 -30.64
C ASN R 79 57.65 19.33 -30.10
N GLN R 80 56.48 18.85 -29.67
CA GLN R 80 56.19 17.47 -29.24
C GLN R 80 56.99 17.03 -28.02
N THR R 81 57.22 17.91 -27.08
CA THR R 81 58.05 17.63 -25.90
C THR R 81 57.68 18.64 -24.82
N GLU R 82 58.33 18.57 -23.65
CA GLU R 82 57.93 19.35 -22.45
C GLU R 82 58.75 20.63 -22.31
N LEU R 83 60.02 20.54 -22.62
CA LEU R 83 60.95 21.68 -22.65
C LEU R 83 61.31 22.06 -24.08
N PHE R 84 61.54 23.34 -24.28
CA PHE R 84 62.09 23.97 -25.50
C PHE R 84 63.32 24.81 -25.18
N VAL R 85 64.41 24.59 -25.93
CA VAL R 85 65.64 25.45 -25.83
C VAL R 85 66.02 25.92 -27.22
N PRO R 86 65.91 27.23 -27.54
CA PRO R 86 66.20 27.68 -28.90
C PRO R 86 67.63 27.35 -29.33
N SER R 87 67.73 26.58 -30.41
CA SER R 87 69.01 26.12 -30.99
C SER R 87 69.85 27.29 -31.51
N LEU R 88 71.01 26.95 -32.10
CA LEU R 88 71.82 27.95 -32.85
C LEU R 88 71.03 28.60 -34.01
N ASN R 89 70.74 29.89 -33.80
CA ASN R 89 69.97 30.75 -34.73
C ASN R 89 70.83 31.06 -35.96
N VAL R 90 70.82 30.20 -36.97
CA VAL R 90 71.62 30.35 -38.22
C VAL R 90 71.04 31.47 -39.09
N ASP R 91 71.86 32.39 -39.61
CA ASP R 91 71.53 33.22 -40.81
C ASP R 91 70.28 34.08 -40.55
N GLY R 92 70.16 34.59 -39.32
CA GLY R 92 69.10 35.52 -38.93
C GLY R 92 67.75 34.91 -38.77
N GLN R 93 67.43 33.81 -39.44
CA GLN R 93 66.07 33.23 -39.56
C GLN R 93 65.55 32.69 -38.23
N PRO R 94 64.27 32.92 -37.87
CA PRO R 94 63.76 32.58 -36.57
C PRO R 94 63.58 31.09 -36.28
N ILE R 95 63.63 30.76 -35.00
CA ILE R 95 63.33 29.39 -34.47
C ILE R 95 61.87 29.35 -34.04
N PHE R 96 61.23 28.22 -34.33
CA PHE R 96 59.77 28.08 -34.23
C PHE R 96 59.42 27.15 -33.07
N ALA R 97 58.57 27.65 -32.18
CA ALA R 97 58.04 26.90 -31.01
C ALA R 97 56.53 26.74 -31.21
N ASN R 98 56.15 25.55 -31.66
CA ASN R 98 54.76 25.11 -31.88
C ASN R 98 54.22 24.52 -30.58
N ILE R 99 53.36 25.25 -29.91
CA ILE R 99 52.71 24.84 -28.63
C ILE R 99 51.37 24.18 -28.87
N THR R 100 51.25 22.93 -28.40
CA THR R 100 50.06 22.08 -28.57
C THR R 100 49.66 21.50 -27.24
N LEU R 101 48.41 21.03 -27.22
CA LEU R 101 47.89 20.12 -26.19
C LEU R 101 48.69 18.83 -26.24
N PRO R 102 48.86 18.14 -25.11
CA PRO R 102 49.27 16.74 -25.15
C PRO R 102 48.05 15.85 -25.29
N VAL R 103 48.28 14.53 -25.30
CA VAL R 103 47.22 13.49 -25.13
C VAL R 103 47.13 13.06 -23.66
N TYR R 104 46.47 13.88 -22.85
CA TYR R 104 46.22 13.65 -21.39
C TYR R 104 45.61 12.26 -21.17
N THR R 105 45.96 11.60 -20.07
CA THR R 105 45.24 10.38 -19.59
C THR R 105 43.78 10.77 -19.37
N LEU R 106 42.85 9.91 -19.78
CA LEU R 106 41.39 10.11 -19.63
C LEU R 106 41.09 10.55 -18.20
N LYS R 107 41.82 10.00 -17.24
CA LYS R 107 41.68 10.37 -15.81
C LYS R 107 42.02 11.84 -15.63
N GLU R 108 43.28 12.19 -15.86
CA GLU R 108 43.78 13.58 -15.70
C GLU R 108 42.87 14.51 -16.49
N ARG R 109 42.35 14.05 -17.62
CA ARG R 109 41.45 14.89 -18.48
C ARG R 109 40.14 15.13 -17.71
N CYS R 110 39.55 14.05 -17.18
CA CYS R 110 38.30 14.14 -16.37
C CYS R 110 38.57 15.06 -15.17
N LEU R 111 39.65 14.79 -14.43
CA LEU R 111 40.08 15.65 -13.29
C LEU R 111 40.00 17.13 -13.70
N GLN R 112 40.69 17.52 -14.79
CA GLN R 112 40.66 18.89 -15.33
C GLN R 112 39.22 19.41 -15.34
N VAL R 113 38.34 18.67 -15.98
CA VAL R 113 36.92 19.06 -16.25
C VAL R 113 36.20 19.26 -14.91
N VAL R 114 36.30 18.33 -13.97
CA VAL R 114 35.63 18.38 -12.65
C VAL R 114 36.14 19.64 -11.93
N ARG R 115 37.46 19.78 -11.83
CA ARG R 115 38.15 20.93 -11.20
C ARG R 115 37.59 22.22 -11.77
N SER R 116 37.24 22.25 -13.07
CA SER R 116 36.79 23.50 -13.77
C SER R 116 35.33 23.82 -13.45
N LEU R 117 34.59 22.85 -12.92
CA LEU R 117 33.13 22.94 -12.65
C LEU R 117 32.83 23.08 -11.16
N VAL R 118 33.72 22.56 -10.29
CA VAL R 118 33.52 22.48 -8.81
C VAL R 118 34.51 23.38 -8.10
N LYS R 119 34.03 24.16 -7.14
CA LYS R 119 34.87 24.95 -6.21
C LYS R 119 35.68 23.95 -5.39
N PRO R 120 36.99 24.20 -5.13
CA PRO R 120 37.81 23.23 -4.40
C PRO R 120 37.30 22.88 -3.00
N GLU R 121 36.55 23.81 -2.37
CA GLU R 121 35.92 23.61 -1.06
C GLU R 121 34.81 22.58 -1.13
N ASN R 122 34.48 22.05 -2.32
CA ASN R 122 33.34 21.13 -2.51
C ASN R 122 33.77 19.77 -3.04
N TYR R 123 35.06 19.60 -3.34
CA TYR R 123 35.57 18.37 -3.97
C TYR R 123 35.07 17.16 -3.19
N ARG R 124 34.98 17.30 -1.87
CA ARG R 124 34.69 16.18 -0.95
C ARG R 124 33.18 16.01 -0.77
N ARG R 125 32.38 16.83 -1.42
CA ARG R 125 30.91 16.75 -1.40
C ARG R 125 30.42 15.81 -2.51
N LEU R 126 31.33 15.22 -3.25
CA LEU R 126 31.06 14.46 -4.50
C LEU R 126 30.94 12.97 -4.18
N ASP R 127 30.02 12.26 -4.85
CA ASP R 127 29.75 10.82 -4.60
C ASP R 127 30.82 9.96 -5.29
N ILE R 128 32.07 10.06 -4.84
CA ILE R 128 33.22 9.34 -5.46
C ILE R 128 34.14 8.72 -4.39
N VAL R 129 34.82 7.61 -4.72
CA VAL R 129 35.88 6.97 -3.89
C VAL R 129 36.69 8.06 -3.19
N ARG R 130 37.06 7.83 -1.96
CA ARG R 130 37.95 8.75 -1.15
C ARG R 130 39.18 9.24 -1.93
N SER R 131 39.95 8.34 -2.53
CA SER R 131 41.28 8.60 -3.12
C SER R 131 41.25 9.72 -4.16
N LEU R 132 40.14 9.82 -4.89
CA LEU R 132 39.91 10.79 -5.98
C LEU R 132 39.77 12.22 -5.45
N TYR R 133 39.30 12.40 -4.21
CA TYR R 133 39.29 13.71 -3.51
C TYR R 133 40.71 14.32 -3.55
N GLU R 134 41.68 13.46 -3.25
CA GLU R 134 43.10 13.86 -3.20
C GLU R 134 43.60 14.19 -4.61
N ASP R 135 43.39 13.29 -5.55
CA ASP R 135 43.74 13.41 -6.99
C ASP R 135 43.22 14.73 -7.55
N LEU R 136 41.99 15.12 -7.13
CA LEU R 136 41.41 16.45 -7.54
C LEU R 136 42.20 17.61 -6.90
N GLU R 137 42.56 17.46 -5.60
CA GLU R 137 43.19 18.53 -4.80
C GLU R 137 44.65 18.73 -5.26
N ASP R 138 45.28 17.65 -5.73
CA ASP R 138 46.64 17.58 -6.30
C ASP R 138 46.66 18.26 -7.67
N HIS R 139 46.56 19.60 -7.67
CA HIS R 139 46.49 20.48 -8.86
C HIS R 139 47.78 20.39 -9.68
N PRO R 140 47.74 20.62 -11.02
CA PRO R 140 48.95 20.74 -11.81
C PRO R 140 49.83 21.91 -11.35
N ASN R 141 51.14 21.72 -11.26
CA ASN R 141 52.06 22.62 -10.55
C ASN R 141 53.43 22.41 -11.21
N VAL R 142 54.04 23.49 -11.69
CA VAL R 142 55.31 23.42 -12.50
C VAL R 142 56.42 22.93 -11.57
N GLN R 143 56.39 23.34 -10.29
CA GLN R 143 57.46 22.99 -9.32
C GLN R 143 57.55 21.47 -9.20
N LYS R 144 56.41 20.80 -9.07
CA LYS R 144 56.34 19.32 -9.01
C LYS R 144 56.97 18.71 -10.26
N ASP R 145 56.52 19.21 -11.42
CA ASP R 145 56.95 18.72 -12.77
C ASP R 145 58.45 18.90 -12.96
N LEU R 146 59.00 20.04 -12.54
CA LEU R 146 60.42 20.32 -12.67
C LEU R 146 61.24 19.28 -11.94
N GLU R 147 60.79 18.88 -10.77
CA GLU R 147 61.39 17.83 -9.96
C GLU R 147 61.42 16.53 -10.73
N ARG R 148 60.27 16.16 -11.29
CA ARG R 148 60.11 14.98 -12.16
C ARG R 148 61.09 14.99 -13.31
N LEU R 149 61.17 16.09 -14.06
CA LEU R 149 62.06 16.22 -15.22
C LEU R 149 63.50 16.19 -14.78
N THR R 150 63.81 16.81 -13.65
CA THR R 150 65.16 16.81 -13.08
C THR R 150 65.60 15.39 -12.78
N GLN R 151 64.74 14.64 -12.09
CA GLN R 151 65.04 13.25 -11.71
C GLN R 151 64.73 12.25 -12.81
N GLU R 152 64.27 12.72 -13.97
CA GLU R 152 64.21 11.96 -15.24
C GLU R 152 65.51 12.11 -16.00
N ARG R 153 66.09 13.34 -15.96
CA ARG R 153 67.39 13.64 -16.59
C ARG R 153 68.54 13.04 -15.78
N ILE R 154 68.39 13.08 -14.47
CA ILE R 154 69.35 12.55 -13.47
C ILE R 154 69.38 11.04 -13.48
N ALA R 155 68.23 10.37 -13.34
CA ALA R 155 68.11 8.93 -13.37
C ALA R 155 68.44 8.33 -14.73
N HIS R 156 68.52 9.16 -15.76
CA HIS R 156 68.95 8.81 -17.12
C HIS R 156 70.47 8.87 -17.21
N GLN R 157 71.06 9.84 -16.53
CA GLN R 157 72.52 10.05 -16.52
C GLN R 157 73.23 9.16 -15.49
N ARG R 158 73.00 7.86 -15.65
CA ARG R 158 73.38 6.77 -14.72
C ARG R 158 74.78 7.02 -14.16
N MET S 1 42.56 -7.48 -35.70
CA MET S 1 41.51 -8.22 -34.98
C MET S 1 40.87 -7.30 -33.94
N TYR S 2 39.58 -7.45 -33.72
CA TYR S 2 38.72 -6.66 -32.78
C TYR S 2 38.57 -7.46 -31.48
N VAL S 3 38.16 -6.80 -30.39
CA VAL S 3 37.69 -7.42 -29.11
C VAL S 3 36.29 -6.88 -28.84
N LYS S 4 35.56 -7.43 -27.86
CA LYS S 4 34.16 -7.03 -27.56
C LYS S 4 34.07 -6.65 -26.08
N LEU S 5 33.74 -5.40 -25.80
CA LEU S 5 33.64 -4.85 -24.43
C LEU S 5 32.14 -4.68 -24.11
N ILE S 6 31.69 -5.33 -23.06
CA ILE S 6 30.23 -5.39 -22.69
C ILE S 6 29.96 -4.58 -21.43
N SER S 7 29.05 -3.61 -21.51
CA SER S 7 28.68 -2.70 -20.37
C SER S 7 27.78 -3.39 -19.36
N SER S 8 27.67 -2.80 -18.17
CA SER S 8 26.74 -3.29 -17.12
C SER S 8 25.34 -3.57 -17.69
N ASP S 9 24.73 -2.57 -18.32
CA ASP S 9 23.36 -2.66 -18.85
C ASP S 9 23.38 -3.50 -20.12
N GLY S 10 24.43 -4.30 -20.39
CA GLY S 10 24.44 -5.37 -21.41
C GLY S 10 24.73 -4.97 -22.84
N HIS S 11 24.91 -3.67 -23.10
CA HIS S 11 25.43 -3.17 -24.40
C HIS S 11 26.75 -3.83 -24.78
N GLU S 12 26.93 -4.15 -26.05
CA GLU S 12 28.18 -4.62 -26.67
C GLU S 12 28.89 -3.47 -27.39
N PHE S 13 30.22 -3.40 -27.29
CA PHE S 13 31.09 -2.43 -27.99
C PHE S 13 32.27 -3.18 -28.63
N ILE S 14 32.29 -3.24 -29.96
CA ILE S 14 33.35 -3.92 -30.76
C ILE S 14 34.38 -2.89 -31.19
N VAL S 15 35.56 -2.93 -30.57
CA VAL S 15 36.71 -2.03 -30.88
C VAL S 15 37.94 -2.85 -31.31
N LYS S 16 38.90 -2.20 -31.95
CA LYS S 16 40.20 -2.83 -32.32
C LYS S 16 40.99 -3.17 -31.05
N ARG S 17 41.70 -4.31 -31.10
CA ARG S 17 42.53 -4.77 -29.96
C ARG S 17 43.49 -3.67 -29.53
N GLU S 18 44.41 -3.27 -30.44
CA GLU S 18 45.34 -2.15 -30.14
C GLU S 18 44.65 -1.05 -29.34
N HIS S 19 43.49 -0.56 -29.80
CA HIS S 19 42.76 0.55 -29.17
C HIS S 19 42.41 0.21 -27.72
N ALA S 20 41.93 -1.02 -27.48
CA ALA S 20 41.56 -1.49 -26.14
C ALA S 20 42.77 -1.63 -25.24
N LEU S 21 43.94 -1.97 -25.77
CA LEU S 21 45.18 -2.15 -24.99
C LEU S 21 45.52 -0.85 -24.29
N THR S 22 44.98 0.28 -24.76
CA THR S 22 45.22 1.61 -24.17
C THR S 22 45.01 1.59 -22.65
N SER S 23 43.99 0.88 -22.21
CA SER S 23 43.67 0.58 -20.81
C SER S 23 44.66 -0.45 -20.23
N GLY S 24 45.46 -0.05 -19.24
CA GLY S 24 46.37 -0.90 -18.50
C GLY S 24 45.65 -2.02 -17.82
N THR S 25 44.45 -1.75 -17.32
CA THR S 25 43.57 -2.79 -16.72
C THR S 25 43.22 -3.85 -17.74
N ILE S 26 42.71 -3.46 -18.91
CA ILE S 26 42.35 -4.38 -20.01
C ILE S 26 43.62 -5.04 -20.58
N LYS S 27 44.74 -4.31 -20.60
CA LYS S 27 46.05 -4.85 -20.99
C LYS S 27 46.45 -5.94 -20.01
N ALA S 28 46.22 -5.80 -18.71
CA ALA S 28 46.48 -6.88 -17.71
C ALA S 28 45.51 -8.04 -17.94
N MET S 29 44.22 -7.75 -18.13
CA MET S 29 43.15 -8.77 -18.27
C MET S 29 43.44 -9.75 -19.42
N LEU S 30 43.94 -9.25 -20.56
CA LEU S 30 44.16 -10.03 -21.80
C LEU S 30 45.57 -10.60 -21.83
N SER S 31 46.50 -10.13 -20.98
CA SER S 31 47.91 -10.59 -20.88
C SER S 31 48.03 -12.00 -20.28
N GLY S 32 47.10 -12.40 -19.40
CA GLY S 32 47.04 -13.76 -18.84
C GLY S 32 46.59 -14.79 -19.89
N PRO S 33 46.21 -16.02 -19.47
CA PRO S 33 45.49 -16.95 -20.35
C PRO S 33 44.01 -16.53 -20.57
N GLY S 34 43.26 -17.33 -21.35
CA GLY S 34 41.94 -16.98 -21.92
C GLY S 34 40.77 -17.85 -21.45
N GLN S 35 40.53 -19.01 -22.11
CA GLN S 35 39.72 -20.14 -21.59
C GLN S 35 40.59 -21.41 -21.50
N PHE S 36 40.07 -22.62 -21.80
CA PHE S 36 40.94 -23.81 -22.05
C PHE S 36 41.79 -23.62 -23.31
N ALA S 37 41.20 -23.71 -24.51
CA ALA S 37 41.90 -23.79 -25.80
C ALA S 37 42.07 -22.39 -26.41
N GLU S 38 42.49 -21.41 -25.61
CA GLU S 38 42.71 -19.99 -26.03
C GLU S 38 43.51 -19.25 -24.96
N ASN S 39 44.62 -18.60 -25.32
CA ASN S 39 45.48 -17.79 -24.40
C ASN S 39 45.25 -16.30 -24.65
N GLU S 40 44.97 -15.92 -25.91
CA GLU S 40 44.46 -14.57 -26.31
C GLU S 40 42.93 -14.57 -26.30
N THR S 41 42.32 -13.78 -25.41
CA THR S 41 40.86 -13.61 -25.24
C THR S 41 40.41 -12.34 -25.99
N ASN S 42 39.14 -12.33 -26.39
CA ASN S 42 38.50 -11.23 -27.15
C ASN S 42 37.05 -11.11 -26.67
N GLU S 43 36.86 -11.08 -25.35
CA GLU S 43 35.58 -10.66 -24.71
C GLU S 43 35.84 -10.24 -23.27
N VAL S 44 35.35 -9.07 -22.85
CA VAL S 44 35.45 -8.56 -21.46
C VAL S 44 34.11 -7.95 -21.06
N ASN S 45 33.65 -8.26 -19.85
CA ASN S 45 32.38 -7.74 -19.29
C ASN S 45 32.68 -6.77 -18.15
N PHE S 46 32.08 -5.59 -18.19
CA PHE S 46 32.22 -4.58 -17.13
C PHE S 46 30.93 -4.49 -16.31
N ARG S 47 30.98 -4.96 -15.06
CA ARG S 47 29.75 -5.20 -14.26
C ARG S 47 29.29 -3.88 -13.64
N GLU S 48 30.23 -2.93 -13.49
CA GLU S 48 30.00 -1.61 -12.83
C GLU S 48 29.71 -0.51 -13.84
N ILE S 49 30.34 -0.57 -15.02
CA ILE S 49 30.35 0.57 -15.99
C ILE S 49 29.15 0.49 -16.93
N PRO S 50 28.27 1.53 -16.94
CA PRO S 50 27.14 1.55 -17.84
C PRO S 50 27.55 1.95 -19.26
N SER S 51 26.64 1.73 -20.20
CA SER S 51 26.85 1.95 -21.66
C SER S 51 27.29 3.39 -21.94
N HIS S 52 26.55 4.36 -21.41
CA HIS S 52 26.79 5.80 -21.73
C HIS S 52 28.20 6.23 -21.38
N VAL S 53 28.80 5.52 -20.43
CA VAL S 53 30.22 5.74 -20.01
C VAL S 53 31.12 4.98 -20.96
N LEU S 54 30.91 3.67 -21.07
CA LEU S 54 31.84 2.77 -21.80
C LEU S 54 31.96 3.23 -23.26
N SER S 55 30.90 3.77 -23.84
CA SER S 55 30.87 4.43 -25.17
C SER S 55 31.96 5.50 -25.20
N LYS S 56 31.91 6.43 -24.25
CA LYS S 56 32.88 7.54 -24.11
C LYS S 56 34.29 6.97 -23.95
N VAL S 57 34.46 5.94 -23.15
CA VAL S 57 35.76 5.27 -22.90
C VAL S 57 36.31 4.77 -24.22
N CYS S 58 35.47 4.26 -25.11
CA CYS S 58 35.89 3.79 -26.44
C CYS S 58 36.24 4.97 -27.35
N MET S 59 35.35 5.96 -27.38
CA MET S 59 35.64 7.23 -28.05
C MET S 59 37.06 7.69 -27.72
N TYR S 60 37.44 7.62 -26.47
CA TYR S 60 38.77 8.02 -26.00
C TYR S 60 39.86 7.17 -26.59
N PHE S 61 39.71 5.84 -26.51
CA PHE S 61 40.70 4.91 -27.08
C PHE S 61 41.11 5.44 -28.46
N THR S 62 40.10 5.65 -29.28
CA THR S 62 40.19 6.09 -30.67
C THR S 62 41.07 7.33 -30.73
N TYR S 63 40.67 8.36 -29.96
CA TYR S 63 41.40 9.62 -29.81
C TYR S 63 42.84 9.40 -29.39
N LYS S 64 43.04 8.57 -28.38
CA LYS S 64 44.37 8.29 -27.82
C LYS S 64 45.31 7.74 -28.89
N VAL S 65 44.86 6.74 -29.61
CA VAL S 65 45.65 6.07 -30.68
C VAL S 65 45.91 7.04 -31.83
N ARG S 66 44.89 7.76 -32.24
CA ARG S 66 45.00 8.68 -33.40
C ARG S 66 46.08 9.75 -33.20
N TYR S 67 46.18 10.34 -32.00
CA TYR S 67 46.85 11.63 -31.75
C TYR S 67 48.16 11.50 -30.97
N THR S 68 48.41 10.39 -30.28
CA THR S 68 49.71 10.13 -29.60
C THR S 68 50.83 10.12 -30.65
N ASN S 69 51.89 10.91 -30.45
CA ASN S 69 53.02 11.02 -31.41
C ASN S 69 52.49 11.41 -32.79
N SER S 70 51.72 12.50 -32.84
CA SER S 70 51.25 13.14 -34.08
C SER S 70 51.61 14.63 -34.05
N SER S 71 52.13 15.11 -35.16
CA SER S 71 52.57 16.52 -35.40
C SER S 71 51.38 17.37 -35.86
N THR S 72 50.37 16.70 -36.43
CA THR S 72 48.97 17.20 -36.54
C THR S 72 48.58 17.73 -35.16
N GLU S 73 48.64 19.06 -35.00
CA GLU S 73 48.00 19.82 -33.88
C GLU S 73 46.81 19.04 -33.28
N ILE S 74 46.73 18.97 -31.94
CA ILE S 74 45.84 18.04 -31.21
C ILE S 74 44.58 18.79 -30.81
N PRO S 75 43.37 18.21 -31.00
CA PRO S 75 42.13 18.81 -30.52
C PRO S 75 41.86 18.42 -29.06
N GLU S 76 41.01 19.21 -28.39
CA GLU S 76 40.60 18.94 -26.99
C GLU S 76 39.68 17.71 -26.97
N PHE S 77 39.85 16.79 -26.01
CA PHE S 77 38.89 15.67 -25.77
C PHE S 77 37.77 16.19 -24.88
N PRO S 78 36.51 16.28 -25.39
CA PRO S 78 35.44 16.91 -24.65
C PRO S 78 34.75 15.94 -23.69
N ILE S 79 34.34 16.46 -22.54
CA ILE S 79 33.55 15.71 -21.54
C ILE S 79 32.42 16.60 -21.11
N ALA S 80 31.19 16.16 -21.35
CA ALA S 80 29.96 16.83 -20.88
C ALA S 80 29.96 16.82 -19.38
N PRO S 81 29.59 17.92 -18.70
CA PRO S 81 29.57 17.94 -17.25
C PRO S 81 28.90 16.73 -16.61
N GLU S 82 27.72 16.38 -17.11
CA GLU S 82 26.85 15.33 -16.56
C GLU S 82 27.55 13.97 -16.49
N ILE S 83 28.37 13.67 -17.47
CA ILE S 83 29.02 12.33 -17.62
C ILE S 83 30.33 12.26 -16.83
N ALA S 84 30.85 13.42 -16.41
CA ALA S 84 32.21 13.56 -15.86
C ALA S 84 32.49 12.53 -14.77
N LEU S 85 31.65 12.51 -13.74
CA LEU S 85 31.89 11.73 -12.51
C LEU S 85 32.01 10.23 -12.76
N GLU S 86 31.10 9.69 -13.56
CA GLU S 86 31.10 8.25 -13.91
C GLU S 86 32.38 7.89 -14.68
N LEU S 87 32.71 8.78 -15.61
CA LEU S 87 33.86 8.63 -16.52
C LEU S 87 35.15 8.71 -15.76
N LEU S 88 35.24 9.55 -14.72
CA LEU S 88 36.43 9.62 -13.87
C LEU S 88 36.60 8.29 -13.13
N MET S 89 35.56 7.91 -12.40
CA MET S 89 35.41 6.59 -11.78
C MET S 89 36.03 5.53 -12.71
N ALA S 90 35.50 5.50 -13.92
CA ALA S 90 35.77 4.44 -14.90
C ALA S 90 37.26 4.45 -15.24
N ALA S 91 37.77 5.62 -15.63
CA ALA S 91 39.16 5.79 -16.06
C ALA S 91 40.13 5.35 -14.95
N ASN S 92 39.82 5.80 -13.74
CA ASN S 92 40.51 5.36 -12.51
C ASN S 92 40.61 3.86 -12.47
N PHE S 93 39.47 3.17 -12.68
CA PHE S 93 39.35 1.70 -12.65
C PHE S 93 40.10 1.02 -13.80
N LEU S 94 40.15 1.69 -14.95
CA LEU S 94 40.67 1.12 -16.22
C LEU S 94 42.13 1.49 -16.42
N ASP S 95 42.67 2.47 -15.67
CA ASP S 95 44.08 2.89 -15.74
C ASP S 95 44.38 3.35 -17.15
N CYS S 96 43.88 4.51 -17.54
CA CYS S 96 44.14 5.24 -18.80
C CYS S 96 43.60 6.67 -18.70
N MET T 1 42.47 12.75 -44.76
CA MET T 1 41.10 13.18 -44.31
C MET T 1 40.25 11.94 -44.08
N ASP T 2 40.26 11.43 -42.84
CA ASP T 2 39.59 10.20 -42.40
C ASP T 2 38.37 10.55 -41.56
N VAL T 3 37.45 9.61 -41.42
CA VAL T 3 36.19 9.76 -40.65
C VAL T 3 36.11 8.58 -39.69
N PHE T 4 35.66 8.90 -38.50
CA PHE T 4 35.49 7.95 -37.36
C PHE T 4 33.99 7.72 -37.10
N LEU T 5 33.60 6.46 -37.01
CA LEU T 5 32.19 6.03 -37.09
C LEU T 5 31.86 5.10 -35.92
N MET T 6 30.65 5.27 -35.38
CA MET T 6 29.95 4.26 -34.59
C MET T 6 28.88 3.65 -35.49
N ILE T 7 29.04 2.37 -35.82
CA ILE T 7 28.02 1.56 -36.54
C ILE T 7 27.20 0.83 -35.48
N ARG T 8 25.88 1.05 -35.44
CA ARG T 8 25.03 0.74 -34.26
C ARG T 8 23.75 0.04 -34.69
N ARG T 9 23.60 -1.22 -34.31
CA ARG T 9 22.41 -2.09 -34.45
C ARG T 9 22.03 -2.62 -33.07
N HIS T 10 20.79 -2.42 -32.68
CA HIS T 10 20.25 -2.89 -31.37
C HIS T 10 21.17 -2.40 -30.24
N LYS T 11 21.75 -3.30 -29.46
CA LYS T 11 22.66 -2.98 -28.33
C LYS T 11 24.13 -3.13 -28.76
N THR T 12 24.37 -3.54 -29.99
CA THR T 12 25.72 -3.70 -30.59
C THR T 12 26.16 -2.36 -31.20
N THR T 13 27.43 -2.04 -31.08
CA THR T 13 28.09 -0.75 -31.46
C THR T 13 29.53 -1.03 -31.92
N ILE T 14 29.89 -0.64 -33.16
CA ILE T 14 31.21 -0.85 -33.77
C ILE T 14 31.93 0.49 -33.91
N PHE T 15 33.12 0.55 -33.35
CA PHE T 15 34.04 1.73 -33.38
C PHE T 15 35.14 1.51 -34.41
N THR T 16 35.00 2.16 -35.57
CA THR T 16 35.95 1.97 -36.68
C THR T 16 36.12 3.27 -37.47
N ASP T 17 37.19 3.30 -38.25
CA ASP T 17 37.55 4.43 -39.12
C ASP T 17 37.27 4.02 -40.54
N ALA T 18 37.12 5.00 -41.44
CA ALA T 18 37.26 4.81 -42.89
C ALA T 18 37.76 6.10 -43.51
N LYS T 19 37.98 6.07 -44.80
CA LYS T 19 38.36 7.28 -45.60
C LYS T 19 37.10 8.03 -46.04
N GLU T 20 37.18 9.36 -46.07
CA GLU T 20 36.10 10.26 -46.53
C GLU T 20 35.67 9.82 -47.93
N SER T 21 36.68 9.42 -48.73
CA SER T 21 36.64 9.01 -50.14
C SER T 21 36.17 7.56 -50.34
N SER T 22 36.31 6.69 -49.34
CA SER T 22 35.80 5.31 -49.37
C SER T 22 34.26 5.33 -49.41
N THR T 23 33.68 4.27 -49.95
CA THR T 23 32.26 4.14 -50.37
C THR T 23 31.42 3.37 -49.37
N VAL T 24 30.11 3.65 -49.36
CA VAL T 24 29.14 2.96 -48.43
C VAL T 24 29.32 1.44 -48.54
N PHE T 25 29.63 0.96 -49.74
CA PHE T 25 29.86 -0.47 -50.01
C PHE T 25 31.09 -0.96 -49.23
N GLU T 26 32.16 -0.21 -49.32
CA GLU T 26 33.49 -0.57 -48.74
C GLU T 26 33.39 -0.65 -47.21
N LEU T 27 32.50 0.15 -46.62
CA LEU T 27 32.15 0.07 -45.18
C LEU T 27 31.47 -1.27 -44.87
N LYS T 28 30.55 -1.71 -45.72
CA LYS T 28 29.81 -2.99 -45.53
C LYS T 28 30.80 -4.14 -45.65
N ARG T 29 31.91 -3.98 -46.40
CA ARG T 29 33.04 -4.96 -46.45
C ARG T 29 33.65 -5.11 -45.05
N ILE T 30 33.89 -3.99 -44.37
CA ILE T 30 34.45 -3.99 -43.01
C ILE T 30 33.54 -4.72 -42.04
N VAL T 31 32.26 -4.37 -42.02
CA VAL T 31 31.20 -4.93 -41.14
C VAL T 31 31.09 -6.43 -41.37
N GLU T 32 31.39 -6.87 -42.59
CA GLU T 32 31.43 -8.31 -42.92
C GLU T 32 32.55 -8.99 -42.13
N GLY T 33 33.78 -8.45 -42.21
CA GLY T 33 34.96 -9.08 -41.59
C GLY T 33 34.94 -9.14 -40.09
N ILE T 34 34.01 -8.41 -39.51
CA ILE T 34 33.78 -8.30 -38.03
C ILE T 34 32.65 -9.24 -37.61
N LEU T 35 31.45 -9.05 -38.14
CA LEU T 35 30.25 -9.76 -37.67
C LEU T 35 29.96 -11.03 -38.47
N LYS T 36 30.40 -11.08 -39.72
CA LYS T 36 30.12 -12.19 -40.68
C LYS T 36 28.69 -12.11 -41.25
N ARG T 37 28.41 -11.03 -41.96
CA ARG T 37 27.20 -10.81 -42.74
C ARG T 37 27.61 -10.11 -44.03
N PRO T 38 27.25 -10.66 -45.21
CA PRO T 38 27.66 -10.07 -46.49
C PRO T 38 26.95 -8.77 -46.84
N PRO T 39 27.60 -7.94 -47.67
CA PRO T 39 27.06 -6.63 -48.05
C PRO T 39 25.63 -6.58 -48.58
N ASP T 40 25.15 -7.67 -49.17
CA ASP T 40 23.76 -7.77 -49.70
C ASP T 40 22.76 -7.91 -48.54
N GLU T 41 23.24 -8.29 -47.35
CA GLU T 41 22.39 -8.50 -46.15
C GLU T 41 22.71 -7.42 -45.10
N GLN T 42 22.77 -6.18 -45.51
CA GLN T 42 23.03 -4.96 -44.68
C GLN T 42 22.24 -3.80 -45.31
N ARG T 43 21.82 -2.83 -44.49
CA ARG T 43 21.24 -1.57 -44.99
C ARG T 43 21.72 -0.48 -44.04
N LEU T 44 22.55 0.46 -44.50
CA LEU T 44 23.19 1.50 -43.66
C LEU T 44 22.46 2.83 -43.78
N TYR T 45 22.33 3.53 -42.65
CA TYR T 45 21.54 4.78 -42.54
C TYR T 45 22.36 5.93 -41.98
N LYS T 46 21.92 7.14 -42.30
CA LYS T 46 22.39 8.38 -41.64
C LYS T 46 21.21 9.12 -40.99
N ASP T 47 20.79 8.59 -39.84
CA ASP T 47 19.53 8.74 -39.10
C ASP T 47 18.47 7.70 -39.56
N ASP T 48 17.46 8.20 -40.28
CA ASP T 48 16.35 7.39 -40.85
C ASP T 48 16.53 7.28 -42.36
N GLN T 49 17.38 8.12 -42.96
CA GLN T 49 17.66 8.05 -44.41
C GLN T 49 18.69 6.96 -44.71
N LEU T 50 18.30 6.05 -45.63
CA LEU T 50 19.12 4.95 -46.15
C LEU T 50 20.19 5.55 -47.07
N LEU T 51 21.35 4.89 -47.12
CA LEU T 51 22.53 5.31 -47.89
C LEU T 51 22.59 4.49 -49.17
N ASP T 52 23.35 5.00 -50.15
CA ASP T 52 23.54 4.44 -51.51
C ASP T 52 24.95 3.82 -51.61
N ASP T 53 24.99 2.54 -51.98
CA ASP T 53 26.23 1.72 -52.10
C ASP T 53 27.36 2.46 -52.85
N GLY T 54 27.02 3.20 -53.90
CA GLY T 54 27.94 3.83 -54.85
C GLY T 54 28.52 5.10 -54.29
N LYS T 55 27.76 5.88 -53.52
CA LYS T 55 28.20 7.16 -52.88
C LYS T 55 29.33 6.91 -51.87
N THR T 56 30.24 7.87 -51.77
CA THR T 56 31.28 7.98 -50.72
C THR T 56 30.68 8.50 -49.40
N LEU T 57 31.31 8.14 -48.30
CA LEU T 57 30.98 8.64 -46.96
C LEU T 57 30.97 10.17 -46.96
N GLY T 58 31.84 10.78 -47.78
CA GLY T 58 31.86 12.23 -48.08
C GLY T 58 30.50 12.69 -48.61
N GLU T 59 30.03 12.00 -49.66
CA GLU T 59 28.80 12.35 -50.41
C GLU T 59 27.55 12.17 -49.53
N CYS T 60 27.64 11.31 -48.49
CA CYS T 60 26.53 11.03 -47.54
C CYS T 60 26.54 12.03 -46.37
N GLY T 61 27.71 12.60 -46.02
CA GLY T 61 27.78 13.76 -45.11
C GLY T 61 28.75 13.56 -43.94
N PHE T 62 29.43 12.42 -43.92
CA PHE T 62 30.43 12.04 -42.89
C PHE T 62 31.74 12.69 -43.33
N THR T 63 32.12 13.73 -42.60
CA THR T 63 33.33 14.57 -42.89
C THR T 63 34.28 14.60 -41.70
N SER T 64 35.48 15.13 -41.90
CA SER T 64 36.53 15.31 -40.87
C SER T 64 36.07 16.18 -39.70
N GLN T 65 35.00 16.99 -39.87
CA GLN T 65 34.50 17.97 -38.91
C GLN T 65 33.18 17.55 -38.25
N THR T 66 32.54 16.44 -38.73
CA THR T 66 31.33 15.86 -38.12
C THR T 66 31.60 14.41 -37.64
N ALA T 67 32.69 13.76 -38.06
CA ALA T 67 33.00 12.38 -37.69
C ALA T 67 34.40 12.32 -37.09
N ARG T 68 34.60 13.02 -35.96
CA ARG T 68 35.91 13.07 -35.26
C ARG T 68 36.04 11.86 -34.37
N PRO T 69 37.28 11.46 -34.00
CA PRO T 69 37.49 10.27 -33.15
C PRO T 69 36.79 10.35 -31.79
N GLN T 70 36.83 11.55 -31.21
CA GLN T 70 36.29 11.87 -29.86
C GLN T 70 34.80 12.20 -29.94
N ALA T 71 34.23 12.25 -31.15
CA ALA T 71 32.79 12.53 -31.40
C ALA T 71 32.38 11.86 -32.70
N PRO T 72 32.50 10.52 -32.81
CA PRO T 72 32.22 9.81 -34.05
C PRO T 72 30.77 10.02 -34.53
N ALA T 73 30.57 9.99 -35.84
CA ALA T 73 29.22 10.02 -36.45
C ALA T 73 28.60 8.63 -36.35
N THR T 74 27.28 8.56 -36.19
CA THR T 74 26.53 7.28 -35.99
C THR T 74 25.99 6.80 -37.34
N VAL T 75 26.35 5.56 -37.74
CA VAL T 75 25.89 4.89 -38.98
C VAL T 75 24.94 3.78 -38.56
N GLY T 76 23.66 3.92 -38.87
CA GLY T 76 22.62 2.91 -38.55
C GLY T 76 22.87 1.63 -39.30
N LEU T 77 22.66 0.47 -38.61
CA LEU T 77 22.82 -0.86 -39.24
C LEU T 77 21.53 -1.69 -39.11
N ALA T 78 21.14 -2.37 -40.18
CA ALA T 78 19.93 -3.22 -40.21
C ALA T 78 20.29 -4.53 -40.88
N PHE T 79 19.78 -5.65 -40.35
CA PHE T 79 20.02 -6.97 -40.99
C PHE T 79 18.75 -7.43 -41.70
N ARG T 80 18.90 -7.69 -43.01
CA ARG T 80 17.92 -8.32 -43.91
C ARG T 80 18.19 -9.83 -43.89
N ALA T 81 17.14 -10.63 -43.78
CA ALA T 81 17.18 -12.06 -43.34
C ALA T 81 16.11 -12.83 -44.14
N ASP T 82 16.46 -13.14 -45.39
CA ASP T 82 15.57 -13.70 -46.46
C ASP T 82 14.65 -12.59 -46.97
N ASP T 83 13.41 -12.50 -46.46
CA ASP T 83 12.45 -11.42 -46.80
C ASP T 83 12.37 -10.41 -45.64
N THR T 84 13.00 -10.74 -44.50
CA THR T 84 12.83 -9.98 -43.23
C THR T 84 13.79 -8.80 -43.31
N PHE T 85 13.52 -7.70 -42.60
CA PHE T 85 14.23 -6.39 -42.80
C PHE T 85 14.13 -5.56 -41.53
N GLU T 86 15.07 -5.75 -40.58
CA GLU T 86 14.89 -5.14 -39.22
C GLU T 86 14.73 -3.63 -39.34
N ALA T 87 13.65 -3.16 -38.73
CA ALA T 87 13.20 -1.76 -38.89
C ALA T 87 13.97 -0.82 -37.96
N LEU T 88 15.24 -0.57 -38.26
CA LEU T 88 16.06 0.51 -37.69
C LEU T 88 16.05 0.56 -36.16
N CYS T 89 16.28 -0.54 -35.48
CA CYS T 89 16.14 -0.54 -34.00
C CYS T 89 17.50 -0.22 -33.36
N ILE T 90 17.60 0.92 -32.64
CA ILE T 90 18.88 1.46 -32.10
C ILE T 90 18.73 1.63 -30.59
N GLU T 91 19.06 0.62 -29.80
CA GLU T 91 18.85 0.70 -28.32
C GLU T 91 19.68 1.86 -27.80
N PRO T 92 19.09 2.98 -27.27
CA PRO T 92 19.92 4.12 -26.88
C PRO T 92 20.85 3.75 -25.71
N PHE T 93 21.82 4.60 -25.42
CA PHE T 93 22.69 4.43 -24.22
C PHE T 93 21.92 4.85 -22.97
N SER T 94 22.35 4.33 -21.81
CA SER T 94 21.85 4.74 -20.48
C SER T 94 22.02 6.25 -20.29
N SER T 95 21.27 6.81 -19.38
CA SER T 95 21.33 8.24 -18.98
C SER T 95 22.38 8.44 -17.87
N PRO T 96 22.94 9.65 -17.75
CA PRO T 96 23.65 10.06 -16.52
C PRO T 96 22.64 10.58 -15.51
N PRO T 97 22.89 10.45 -14.19
CA PRO T 97 22.08 11.13 -13.19
C PRO T 97 22.25 12.63 -13.36
N GLU T 98 21.23 13.38 -12.94
CA GLU T 98 21.20 14.86 -12.98
C GLU T 98 22.47 15.41 -12.34
N LEU T 99 22.94 16.52 -12.90
CA LEU T 99 24.19 17.20 -12.46
C LEU T 99 24.08 17.57 -10.98
N PRO T 100 24.97 17.04 -10.11
CA PRO T 100 25.00 17.44 -8.72
C PRO T 100 25.12 18.95 -8.53
N ASP T 101 24.46 19.48 -7.49
CA ASP T 101 24.23 20.93 -7.23
C ASP T 101 25.58 21.65 -7.14
N VAL T 102 26.61 20.98 -6.62
CA VAL T 102 27.97 21.58 -6.37
C VAL T 102 28.69 21.85 -7.69
N MET T 103 28.22 21.29 -8.83
CA MET T 103 28.82 21.43 -10.19
C MET T 103 28.04 22.45 -11.03
N LYS T 104 26.86 22.87 -10.56
CA LYS T 104 26.00 23.88 -11.22
C LYS T 104 26.52 25.30 -10.94
N LEU U 5 -47.69 -103.30 22.00
CA LEU U 5 -48.54 -102.61 20.97
C LEU U 5 -50.03 -102.77 21.30
N SER U 6 -50.42 -103.95 21.81
CA SER U 6 -51.81 -104.35 22.14
C SER U 6 -52.45 -103.45 23.18
N PRO U 7 -53.80 -103.31 23.19
CA PRO U 7 -54.48 -102.38 24.11
C PRO U 7 -54.58 -102.89 25.57
N ASN U 8 -55.73 -102.64 26.18
CA ASN U 8 -56.01 -102.87 27.62
C ASN U 8 -57.51 -102.89 27.85
N PRO U 9 -57.97 -103.39 29.02
CA PRO U 9 -59.38 -103.39 29.38
C PRO U 9 -59.90 -102.09 30.01
N PRO U 10 -61.11 -102.09 30.60
CA PRO U 10 -61.69 -100.88 31.21
C PRO U 10 -61.10 -100.55 32.61
N LYS U 11 -61.60 -101.24 33.66
CA LYS U 11 -61.34 -100.83 35.08
C LYS U 11 -59.83 -100.85 35.37
N LEU U 12 -59.15 -101.94 34.99
CA LEU U 12 -57.68 -102.11 35.24
C LEU U 12 -56.89 -100.80 35.01
N THR U 13 -57.19 -100.11 33.90
CA THR U 13 -56.56 -98.79 33.58
C THR U 13 -56.97 -97.78 34.67
N LYS U 14 -58.24 -97.86 35.10
CA LYS U 14 -58.78 -96.93 36.14
C LYS U 14 -58.06 -97.12 37.46
N GLN U 15 -57.81 -98.36 37.87
CA GLN U 15 -57.04 -98.74 39.05
C GLN U 15 -55.68 -98.07 39.01
N MET U 16 -54.90 -98.32 37.97
CA MET U 16 -53.55 -97.81 37.73
C MET U 16 -53.55 -96.29 37.78
N ASN U 17 -54.51 -95.65 37.12
CA ASN U 17 -54.71 -94.17 37.14
C ASN U 17 -54.89 -93.66 38.58
N ALA U 18 -55.75 -94.34 39.37
CA ALA U 18 -56.08 -93.97 40.74
C ALA U 18 -54.96 -94.22 41.72
N ILE U 19 -54.19 -95.27 41.53
CA ILE U 19 -52.95 -95.55 42.28
C ILE U 19 -51.93 -94.44 42.05
N ILE U 20 -51.58 -94.20 40.79
CA ILE U 20 -50.46 -93.31 40.40
C ILE U 20 -50.72 -91.87 40.81
N ASP U 21 -51.97 -91.43 40.75
CA ASP U 21 -52.49 -90.13 41.23
C ASP U 21 -52.50 -90.11 42.77
N THR U 22 -52.69 -91.26 43.45
CA THR U 22 -52.48 -91.39 44.91
C THR U 22 -50.99 -91.23 45.19
N VAL U 23 -50.10 -91.72 44.35
CA VAL U 23 -48.63 -91.49 44.53
C VAL U 23 -48.30 -90.00 44.33
N ILE U 24 -48.38 -89.51 43.10
CA ILE U 24 -47.89 -88.19 42.64
C ILE U 24 -48.49 -87.09 43.50
N ASN U 25 -49.79 -87.15 43.78
CA ASN U 25 -50.51 -86.10 44.53
C ASN U 25 -50.37 -86.28 46.04
N TYR U 26 -49.43 -87.06 46.57
CA TYR U 26 -49.10 -87.16 47.99
C TYR U 26 -48.15 -86.03 48.41
N LYS U 27 -48.46 -85.40 49.54
CA LYS U 27 -47.61 -84.40 50.23
C LYS U 27 -47.29 -84.87 51.64
N ASP U 28 -46.06 -84.58 52.09
CA ASP U 28 -45.58 -84.96 53.45
C ASP U 28 -46.12 -83.97 54.49
N SER U 29 -45.66 -84.07 55.72
CA SER U 29 -46.08 -83.30 56.91
C SER U 29 -45.59 -81.85 56.90
N SER U 30 -44.83 -81.41 55.92
CA SER U 30 -44.47 -79.99 55.65
C SER U 30 -45.26 -79.47 54.45
N GLY U 31 -46.34 -80.13 54.09
CA GLY U 31 -47.21 -79.77 52.94
C GLY U 31 -46.43 -79.58 51.64
N ARG U 32 -45.59 -80.58 51.27
CA ARG U 32 -44.63 -80.52 50.15
C ARG U 32 -44.82 -81.73 49.23
N GLN U 33 -45.00 -81.50 47.93
CA GLN U 33 -45.15 -82.61 46.93
C GLN U 33 -43.87 -83.46 46.97
N LEU U 34 -43.97 -84.69 47.48
CA LEU U 34 -42.80 -85.61 47.63
C LEU U 34 -42.37 -86.15 46.25
N SER U 35 -43.35 -86.39 45.40
CA SER U 35 -43.27 -86.82 43.98
C SER U 35 -42.98 -85.66 43.05
N GLU U 36 -42.02 -84.80 43.39
CA GLU U 36 -41.69 -83.59 42.57
C GLU U 36 -40.51 -83.86 41.62
N VAL U 37 -39.33 -84.06 42.21
CA VAL U 37 -38.03 -84.27 41.52
C VAL U 37 -38.10 -85.48 40.57
N PHE U 38 -38.99 -86.42 40.85
CA PHE U 38 -39.04 -87.73 40.16
C PHE U 38 -39.95 -87.73 38.94
N ILE U 39 -40.65 -86.63 38.71
CA ILE U 39 -41.69 -86.57 37.65
C ILE U 39 -41.04 -86.77 36.29
N GLN U 40 -39.99 -85.98 36.00
CA GLN U 40 -39.29 -85.98 34.72
C GLN U 40 -37.79 -85.97 34.99
N LEU U 41 -37.13 -86.91 34.32
CA LEU U 41 -35.68 -87.11 34.43
C LEU U 41 -34.91 -85.91 33.87
N PRO U 42 -33.74 -85.60 34.45
CA PRO U 42 -32.91 -84.52 33.93
C PRO U 42 -32.21 -84.99 32.67
N SER U 43 -32.78 -84.70 31.51
CA SER U 43 -32.31 -85.14 30.18
C SER U 43 -30.81 -85.40 30.16
N ARG U 44 -30.37 -86.28 29.26
CA ARG U 44 -28.95 -86.68 29.13
C ARG U 44 -28.08 -85.43 28.91
N LYS U 45 -28.62 -84.45 28.16
CA LYS U 45 -27.95 -83.17 27.87
C LYS U 45 -27.86 -82.37 29.17
N GLU U 46 -28.99 -82.21 29.86
CA GLU U 46 -29.12 -81.50 31.15
C GLU U 46 -28.06 -81.93 32.16
N LEU U 47 -27.85 -83.22 32.29
CA LEU U 47 -26.85 -83.82 33.21
C LEU U 47 -26.59 -85.28 32.78
N PRO U 48 -25.56 -85.49 31.94
CA PRO U 48 -25.12 -86.81 31.52
C PRO U 48 -24.49 -87.67 32.62
N GLU U 49 -23.90 -87.03 33.64
CA GLU U 49 -23.26 -87.68 34.80
C GLU U 49 -24.27 -88.58 35.49
N TYR U 50 -25.54 -88.16 35.54
CA TYR U 50 -26.58 -88.93 36.22
C TYR U 50 -26.69 -90.32 35.60
N TYR U 51 -26.94 -90.32 34.30
CA TYR U 51 -27.15 -91.49 33.43
C TYR U 51 -26.04 -92.54 33.42
N GLU U 52 -24.75 -92.21 33.50
CA GLU U 52 -23.72 -93.25 33.35
C GLU U 52 -23.83 -94.20 34.55
N LEU U 53 -24.03 -93.71 35.77
CA LEU U 53 -24.00 -94.60 36.97
C LEU U 53 -25.19 -95.59 36.92
N ILE U 54 -26.37 -95.08 36.54
CA ILE U 54 -27.69 -95.77 36.62
C ILE U 54 -28.16 -95.86 35.16
N ARG U 55 -27.41 -96.57 34.34
CA ARG U 55 -27.67 -96.71 32.87
C ARG U 55 -29.05 -97.38 32.68
N LYS U 56 -29.83 -97.55 33.74
CA LYS U 56 -31.26 -97.97 33.72
C LYS U 56 -32.17 -96.89 34.30
N PRO U 57 -32.56 -95.88 33.50
CA PRO U 57 -33.52 -94.88 33.99
C PRO U 57 -35.03 -95.00 33.68
N VAL U 58 -35.84 -94.40 34.52
CA VAL U 58 -37.31 -94.21 34.30
C VAL U 58 -37.83 -93.13 35.24
N ASP U 59 -38.89 -92.41 34.80
CA ASP U 59 -39.58 -91.33 35.53
C ASP U 59 -41.08 -91.58 35.50
N PHE U 60 -41.85 -90.73 36.22
CA PHE U 60 -43.31 -90.83 36.41
C PHE U 60 -44.07 -90.31 35.17
N LYS U 61 -43.47 -89.38 34.42
CA LYS U 61 -44.00 -88.98 33.08
C LYS U 61 -44.05 -90.24 32.19
N LYS U 62 -42.92 -90.95 32.11
CA LYS U 62 -42.73 -92.18 31.31
C LYS U 62 -43.59 -93.28 31.87
N ILE U 63 -43.82 -93.36 33.19
CA ILE U 63 -44.72 -94.36 33.77
C ILE U 63 -46.13 -94.23 33.19
N LYS U 64 -46.70 -93.05 33.21
CA LYS U 64 -48.01 -92.74 32.62
C LYS U 64 -47.99 -92.94 31.09
N GLU U 65 -46.88 -92.53 30.47
CA GLU U 65 -46.56 -92.85 29.04
C GLU U 65 -46.65 -94.35 28.75
N ARG U 66 -46.18 -95.18 29.68
CA ARG U 66 -46.26 -96.64 29.59
C ARG U 66 -47.66 -97.17 29.91
N ILE U 67 -48.40 -96.46 30.75
CA ILE U 67 -49.81 -96.74 31.04
C ILE U 67 -50.66 -96.45 29.81
N ARG U 68 -50.26 -95.52 28.93
CA ARG U 68 -50.96 -95.10 27.72
C ARG U 68 -50.51 -95.94 26.50
N ASN U 69 -49.25 -96.35 26.45
CA ASN U 69 -48.76 -97.40 25.49
C ASN U 69 -49.18 -98.81 25.95
N HIS U 70 -49.61 -98.91 27.19
CA HIS U 70 -50.08 -100.15 27.88
C HIS U 70 -48.96 -101.21 27.95
N LYS U 71 -47.71 -100.75 28.07
CA LYS U 71 -46.54 -101.61 28.36
C LYS U 71 -46.74 -102.36 29.66
N TYR U 72 -47.69 -101.89 30.49
CA TYR U 72 -48.27 -102.58 31.68
C TYR U 72 -49.72 -102.94 31.32
N ARG U 73 -50.11 -104.20 31.52
CA ARG U 73 -51.46 -104.71 31.27
C ARG U 73 -52.02 -105.36 32.55
N SER U 74 -51.17 -105.64 33.55
CA SER U 74 -51.56 -106.49 34.71
C SER U 74 -51.79 -105.66 35.97
N LEU U 75 -50.76 -104.96 36.44
CA LEU U 75 -50.75 -104.12 37.67
C LEU U 75 -49.44 -104.42 38.43
N GLY U 76 -49.04 -105.69 38.49
CA GLY U 76 -47.73 -106.12 39.01
C GLY U 76 -46.60 -105.51 38.22
N ASP U 77 -46.71 -105.51 36.90
CA ASP U 77 -45.79 -104.88 35.96
C ASP U 77 -45.70 -103.39 36.29
N LEU U 78 -46.83 -102.76 36.63
CA LEU U 78 -46.81 -101.35 37.08
C LEU U 78 -46.03 -101.19 38.39
N GLU U 79 -46.48 -101.87 39.42
CA GLU U 79 -45.72 -102.13 40.68
C GLU U 79 -44.21 -102.27 40.36
N LYS U 80 -43.92 -103.25 39.51
CA LYS U 80 -42.53 -103.61 39.14
C LYS U 80 -41.81 -102.39 38.61
N ASP U 81 -42.48 -101.55 37.82
CA ASP U 81 -41.86 -100.39 37.17
C ASP U 81 -41.74 -99.23 38.14
N VAL U 82 -42.67 -99.07 39.10
CA VAL U 82 -42.50 -98.10 40.21
C VAL U 82 -41.30 -98.51 41.07
N MET U 83 -41.28 -99.77 41.50
CA MET U 83 -40.15 -100.32 42.25
C MET U 83 -38.83 -100.09 41.51
N LEU U 84 -38.86 -100.28 40.18
CA LEU U 84 -37.71 -99.99 39.32
C LEU U 84 -37.28 -98.53 39.48
N LEU U 85 -38.28 -97.64 39.31
CA LEU U 85 -38.08 -96.17 39.48
C LEU U 85 -37.36 -95.91 40.78
N CYS U 86 -37.96 -96.30 41.89
CA CYS U 86 -37.39 -96.03 43.25
C CYS U 86 -35.97 -96.62 43.33
N HIS U 87 -35.81 -97.88 42.93
CA HIS U 87 -34.48 -98.58 43.00
C HIS U 87 -33.45 -97.78 42.18
N ASN U 88 -33.85 -97.32 40.98
CA ASN U 88 -32.99 -96.46 40.13
C ASN U 88 -32.64 -95.16 40.88
N ALA U 89 -33.69 -94.51 41.34
CA ALA U 89 -33.66 -93.26 42.12
C ALA U 89 -32.89 -93.49 43.40
N GLN U 90 -33.08 -94.66 44.02
CA GLN U 90 -32.36 -95.07 45.25
C GLN U 90 -30.84 -95.14 45.04
N THR U 91 -30.40 -95.69 43.90
CA THR U 91 -28.95 -95.97 43.64
C THR U 91 -28.00 -94.77 43.55
N PHE U 92 -28.27 -93.72 42.78
CA PHE U 92 -27.37 -92.57 42.49
C PHE U 92 -27.33 -91.46 43.56
N ASN U 93 -28.42 -91.38 44.32
CA ASN U 93 -28.65 -90.44 45.42
C ASN U 93 -28.26 -91.16 46.72
N LEU U 94 -27.61 -92.31 46.56
CA LEU U 94 -26.75 -92.96 47.60
C LEU U 94 -27.57 -93.45 48.78
N GLU U 95 -27.63 -92.66 49.86
CA GLU U 95 -28.25 -93.05 51.16
C GLU U 95 -28.18 -91.88 52.14
N GLY U 96 -29.23 -91.70 52.92
CA GLY U 96 -29.30 -90.76 54.07
C GLY U 96 -29.25 -89.29 53.68
N SER U 97 -30.06 -88.89 52.68
CA SER U 97 -30.21 -87.50 52.21
C SER U 97 -31.59 -87.32 51.57
N GLN U 98 -31.95 -86.06 51.39
CA GLN U 98 -33.29 -85.57 50.91
C GLN U 98 -33.94 -86.55 49.94
N ILE U 99 -33.33 -86.78 48.78
CA ILE U 99 -33.99 -87.38 47.58
C ILE U 99 -34.20 -88.88 47.84
N TYR U 100 -33.18 -89.55 48.38
CA TYR U 100 -33.18 -90.96 48.81
C TYR U 100 -34.26 -91.18 49.87
N GLU U 101 -34.22 -90.39 50.96
CA GLU U 101 -35.19 -90.48 52.08
C GLU U 101 -36.62 -90.22 51.55
N ASP U 102 -36.75 -89.39 50.51
CA ASP U 102 -38.05 -89.15 49.81
C ASP U 102 -38.50 -90.45 49.14
N SER U 103 -37.64 -91.04 48.32
CA SER U 103 -37.92 -92.30 47.57
C SER U 103 -38.49 -93.37 48.50
N ILE U 104 -37.86 -93.57 49.65
CA ILE U 104 -38.27 -94.56 50.71
C ILE U 104 -39.80 -94.47 50.89
N VAL U 105 -40.28 -93.27 51.16
CA VAL U 105 -41.69 -92.99 51.57
C VAL U 105 -42.62 -93.46 50.44
N LEU U 106 -42.21 -93.19 49.19
CA LEU U 106 -43.06 -93.41 47.99
C LEU U 106 -43.27 -94.92 47.78
N GLN U 107 -42.27 -95.74 48.13
CA GLN U 107 -42.46 -97.22 48.17
C GLN U 107 -43.60 -97.58 49.10
N SER U 108 -43.57 -97.08 50.32
CA SER U 108 -44.59 -97.31 51.37
C SER U 108 -45.98 -96.86 50.93
N VAL U 109 -46.06 -95.63 50.45
CA VAL U 109 -47.31 -95.00 49.98
C VAL U 109 -47.84 -95.79 48.81
N PHE U 110 -46.94 -96.27 47.94
CA PHE U 110 -47.39 -97.03 46.75
C PHE U 110 -47.91 -98.40 47.16
N LYS U 111 -47.16 -99.12 48.00
CA LYS U 111 -47.58 -100.45 48.49
C LYS U 111 -48.90 -100.36 49.22
N SER U 112 -49.04 -99.37 50.11
CA SER U 112 -50.27 -99.00 50.80
C SER U 112 -51.39 -98.72 49.81
N ALA U 113 -51.06 -98.10 48.68
CA ALA U 113 -51.97 -97.91 47.55
C ALA U 113 -52.39 -99.26 46.94
N ARG U 114 -51.46 -100.15 46.76
CA ARG U 114 -51.68 -101.52 46.27
C ARG U 114 -52.50 -102.31 47.29
N GLN U 115 -52.25 -102.09 48.56
CA GLN U 115 -53.00 -102.68 49.68
C GLN U 115 -54.42 -102.14 49.70
N LYS U 116 -54.60 -100.86 49.45
CA LYS U 116 -55.92 -100.21 49.35
C LYS U 116 -56.71 -100.66 48.14
N ILE U 117 -56.01 -100.93 47.05
CA ILE U 117 -56.57 -101.39 45.77
C ILE U 117 -56.86 -102.88 45.78
N ALA U 118 -56.00 -103.70 46.38
CA ALA U 118 -56.26 -105.12 46.62
C ALA U 118 -57.14 -105.36 47.84
N LYS U 119 -57.48 -104.30 48.58
CA LYS U 119 -58.58 -104.31 49.58
C LYS U 119 -59.85 -103.74 48.92
N GLU U 120 -59.74 -102.83 47.95
CA GLU U 120 -60.90 -102.25 47.20
C GLU U 120 -61.39 -103.30 46.18
N GLU U 121 -60.53 -104.25 45.81
CA GLU U 121 -60.79 -105.33 44.81
C GLU U 121 -61.55 -106.48 45.49
N PRO V 7 -21.92 -71.79 31.52
CA PRO V 7 -20.98 -71.76 32.64
C PRO V 7 -19.87 -70.74 32.38
N ARG V 8 -20.26 -69.55 31.93
CA ARG V 8 -19.33 -68.45 31.57
C ARG V 8 -20.06 -67.13 31.52
N PRO V 9 -21.20 -66.97 30.79
CA PRO V 9 -21.90 -65.70 30.77
C PRO V 9 -22.56 -65.39 32.11
N VAL V 10 -22.68 -64.10 32.37
CA VAL V 10 -23.50 -63.58 33.51
C VAL V 10 -24.95 -63.98 33.26
N LEU V 11 -25.83 -63.69 34.20
CA LEU V 11 -27.25 -64.05 34.16
C LEU V 11 -27.46 -65.49 33.70
N ARG V 12 -27.18 -66.45 34.57
CA ARG V 12 -27.48 -67.89 34.37
C ARG V 12 -27.67 -68.55 35.74
N SER V 13 -28.42 -69.64 35.80
CA SER V 13 -28.62 -70.42 37.02
C SER V 13 -27.32 -71.10 37.38
N VAL V 14 -27.08 -71.22 38.69
CA VAL V 14 -25.91 -71.92 39.26
C VAL V 14 -26.38 -73.32 39.61
N ASN V 15 -25.57 -74.30 39.24
CA ASN V 15 -25.86 -75.72 39.53
C ASN V 15 -25.42 -76.03 40.96
N SER V 16 -26.30 -75.67 41.91
CA SER V 16 -26.08 -75.75 43.37
C SER V 16 -26.53 -77.11 43.90
N ARG V 17 -27.62 -77.61 43.33
CA ARG V 17 -28.22 -78.91 43.73
C ARG V 17 -28.68 -78.83 45.18
N GLU V 18 -28.98 -77.61 45.65
CA GLU V 18 -29.49 -77.37 47.01
C GLU V 18 -30.94 -76.98 46.85
N PRO V 19 -31.89 -77.85 47.19
CA PRO V 19 -33.29 -77.61 46.86
C PRO V 19 -33.83 -76.31 47.46
N SER V 20 -34.88 -75.81 46.85
CA SER V 20 -35.66 -74.67 47.33
C SER V 20 -37.12 -74.98 47.00
N GLN V 21 -37.97 -74.98 48.04
CA GLN V 21 -39.45 -74.95 47.82
C GLN V 21 -39.86 -73.51 47.59
N VAL V 22 -40.47 -73.22 46.43
CA VAL V 22 -40.91 -71.84 46.06
C VAL V 22 -42.40 -71.88 45.71
N ILE V 23 -43.13 -70.79 46.00
CA ILE V 23 -44.56 -70.65 45.66
C ILE V 23 -44.68 -69.62 44.56
N PHE V 24 -44.99 -70.04 43.36
CA PHE V 24 -45.36 -69.16 42.23
C PHE V 24 -46.84 -68.79 42.39
N CYS V 25 -47.07 -67.50 42.53
CA CYS V 25 -48.39 -66.90 42.76
C CYS V 25 -48.63 -65.81 41.72
N ASN V 26 -49.62 -66.03 40.88
CA ASN V 26 -49.95 -65.11 39.78
C ASN V 26 -51.00 -64.13 40.23
N ARG V 27 -50.58 -62.97 40.70
CA ARG V 27 -51.48 -61.87 41.13
C ARG V 27 -51.49 -60.82 40.02
N SER V 28 -51.53 -61.32 38.79
CA SER V 28 -51.74 -60.54 37.56
C SER V 28 -52.98 -61.07 36.84
N PRO V 29 -53.57 -60.24 35.96
CA PRO V 29 -54.74 -60.65 35.20
C PRO V 29 -54.40 -61.37 33.92
N ARG V 30 -53.09 -61.57 33.73
CA ARG V 30 -52.49 -62.28 32.58
C ARG V 30 -52.21 -63.75 32.92
N VAL V 31 -52.28 -64.58 31.89
CA VAL V 31 -51.77 -65.98 31.93
C VAL V 31 -50.25 -65.92 31.90
N VAL V 32 -49.61 -66.34 32.99
CA VAL V 32 -48.15 -66.16 33.19
C VAL V 32 -47.33 -67.37 32.70
N LEU V 33 -46.28 -67.10 31.92
CA LEU V 33 -45.26 -68.08 31.53
C LEU V 33 -44.05 -67.91 32.44
N PRO V 34 -43.77 -68.88 33.35
CA PRO V 34 -42.51 -68.90 34.07
C PRO V 34 -41.40 -69.30 33.10
N VAL V 35 -40.29 -68.61 33.18
CA VAL V 35 -39.09 -68.88 32.34
C VAL V 35 -37.89 -69.09 33.26
N TRP V 36 -37.31 -70.28 33.22
CA TRP V 36 -36.08 -70.63 33.94
C TRP V 36 -34.91 -70.33 33.05
N LEU V 37 -33.90 -69.64 33.57
CA LEU V 37 -32.62 -69.51 32.82
C LEU V 37 -31.66 -70.61 33.26
N ASN V 38 -31.34 -71.53 32.35
CA ASN V 38 -30.53 -72.75 32.63
C ASN V 38 -29.07 -72.33 32.90
N PHE V 39 -28.19 -73.33 33.05
CA PHE V 39 -26.80 -73.18 33.49
C PHE V 39 -25.99 -72.53 32.37
N ASP V 40 -26.47 -72.58 31.13
CA ASP V 40 -25.80 -71.96 29.97
C ASP V 40 -26.32 -70.53 29.81
N GLY V 41 -27.48 -70.18 30.39
CA GLY V 41 -28.06 -68.84 30.27
C GLY V 41 -29.22 -68.78 29.31
N GLU V 42 -29.59 -69.94 28.77
CA GLU V 42 -30.71 -70.04 27.79
C GLU V 42 -32.03 -70.15 28.55
N PRO V 43 -33.10 -69.39 28.17
CA PRO V 43 -34.43 -69.56 28.76
C PRO V 43 -35.11 -70.86 28.34
N GLN V 44 -35.74 -71.53 29.31
CA GLN V 44 -36.64 -72.69 29.10
C GLN V 44 -38.02 -72.32 29.61
N PRO V 45 -39.08 -72.53 28.82
CA PRO V 45 -40.46 -72.33 29.31
C PRO V 45 -40.95 -73.48 30.19
N TYR V 46 -41.85 -73.17 31.13
CA TYR V 46 -42.45 -74.10 32.11
C TYR V 46 -43.98 -73.97 32.03
N PRO V 47 -44.76 -74.79 32.76
CA PRO V 47 -46.21 -74.76 32.64
C PRO V 47 -46.80 -73.40 33.03
N THR V 48 -47.78 -72.94 32.25
CA THR V 48 -48.34 -71.57 32.44
C THR V 48 -49.39 -71.58 33.56
N LEU V 49 -49.31 -70.60 34.43
CA LEU V 49 -50.25 -70.34 35.55
C LEU V 49 -51.33 -69.43 35.01
N PRO V 50 -52.62 -69.78 35.17
CA PRO V 50 -53.74 -68.89 34.88
C PRO V 50 -53.82 -67.78 35.92
N PRO V 51 -54.60 -66.72 35.64
CA PRO V 51 -54.73 -65.60 36.57
C PRO V 51 -55.37 -65.99 37.92
N GLY V 52 -54.73 -65.52 38.99
CA GLY V 52 -55.12 -65.81 40.36
C GLY V 52 -54.98 -67.27 40.71
N THR V 53 -53.85 -67.86 40.33
CA THR V 53 -53.43 -69.25 40.58
C THR V 53 -52.06 -69.25 41.26
N GLY V 54 -51.85 -70.24 42.13
CA GLY V 54 -50.56 -70.43 42.82
C GLY V 54 -50.22 -71.89 42.89
N ARG V 55 -48.94 -72.20 42.77
CA ARG V 55 -48.39 -73.57 42.91
C ARG V 55 -47.11 -73.59 43.75
N ARG V 56 -46.98 -74.66 44.57
CA ARG V 56 -45.70 -74.98 45.25
C ARG V 56 -44.85 -75.77 44.25
N ILE V 57 -43.76 -75.15 43.82
CA ILE V 57 -42.82 -75.79 42.85
C ILE V 57 -41.44 -75.86 43.47
N HIS V 58 -40.74 -76.96 43.15
CA HIS V 58 -39.38 -77.22 43.70
C HIS V 58 -38.35 -76.72 42.70
N SER V 59 -37.47 -75.85 43.16
CA SER V 59 -36.32 -75.32 42.40
C SER V 59 -35.08 -75.44 43.28
N TYR V 60 -34.00 -74.75 42.96
CA TYR V 60 -32.75 -74.93 43.69
C TYR V 60 -32.11 -73.57 43.99
N ARG V 61 -31.30 -73.50 45.04
CA ARG V 61 -30.63 -72.25 45.45
C ARG V 61 -29.92 -71.64 44.26
N GLY V 62 -30.06 -70.32 44.09
CA GLY V 62 -29.44 -69.58 42.98
C GLY V 62 -29.85 -69.98 41.60
N HIS V 63 -31.04 -70.60 41.45
CA HIS V 63 -31.64 -70.76 40.10
C HIS V 63 -32.46 -69.54 39.73
N LEU V 64 -32.25 -69.04 38.52
CA LEU V 64 -32.73 -67.72 38.08
C LEU V 64 -34.00 -67.84 37.25
N TRP V 65 -35.02 -67.05 37.62
CA TRP V 65 -36.34 -67.06 36.97
C TRP V 65 -36.77 -65.65 36.51
N LEU V 66 -37.48 -65.58 35.40
CA LEU V 66 -38.31 -64.41 35.07
C LEU V 66 -39.70 -64.88 34.61
N PHE V 67 -40.65 -63.96 34.48
CA PHE V 67 -42.09 -64.25 34.23
C PHE V 67 -42.66 -63.33 33.14
N ARG V 68 -43.40 -63.90 32.19
CA ARG V 68 -43.91 -63.17 30.99
C ARG V 68 -45.37 -63.57 30.76
N ASP V 69 -46.11 -62.71 30.05
CA ASP V 69 -47.44 -63.07 29.48
C ASP V 69 -47.24 -64.18 28.45
N ALA V 70 -47.80 -65.37 28.70
CA ALA V 70 -47.62 -66.59 27.90
C ALA V 70 -48.05 -66.34 26.46
N GLY V 71 -49.06 -65.47 26.26
CA GLY V 71 -49.54 -65.06 24.93
C GLY V 71 -48.61 -64.03 24.29
N THR V 72 -48.48 -62.84 24.85
CA THR V 72 -47.91 -61.63 24.20
C THR V 72 -46.43 -61.45 24.52
N HIS V 73 -45.86 -62.35 25.34
CA HIS V 73 -44.47 -62.29 25.83
C HIS V 73 -44.17 -60.91 26.50
N ASP V 74 -45.23 -60.17 26.87
CA ASP V 74 -45.17 -58.95 27.71
C ASP V 74 -44.39 -59.26 28.98
N GLY V 75 -43.57 -58.29 29.45
CA GLY V 75 -42.80 -58.40 30.71
C GLY V 75 -43.70 -58.25 31.92
N LEU V 76 -43.37 -58.96 33.00
CA LEU V 76 -44.08 -58.93 34.29
C LEU V 76 -43.07 -58.77 35.42
N LEU V 77 -43.55 -58.49 36.63
CA LEU V 77 -42.70 -58.37 37.83
C LEU V 77 -42.94 -59.55 38.80
N VAL V 78 -41.93 -59.82 39.61
CA VAL V 78 -41.91 -60.86 40.67
C VAL V 78 -41.23 -60.24 41.91
N ASN V 79 -42.01 -59.97 42.94
CA ASN V 79 -41.52 -59.30 44.17
C ASN V 79 -40.96 -57.95 43.72
N GLN V 80 -41.77 -57.20 42.98
CA GLN V 80 -41.46 -55.80 42.55
C GLN V 80 -40.07 -55.72 41.87
N THR V 81 -39.63 -56.78 41.22
CA THR V 81 -38.42 -56.74 40.37
C THR V 81 -38.60 -57.68 39.17
N GLU V 82 -37.57 -57.75 38.30
CA GLU V 82 -37.62 -58.38 36.96
C GLU V 82 -37.15 -59.82 37.03
N LEU V 83 -36.12 -60.09 37.84
CA LEU V 83 -35.58 -61.44 38.10
C LEU V 83 -35.88 -61.90 39.53
N PHE V 84 -36.07 -63.21 39.68
CA PHE V 84 -36.20 -63.89 40.99
C PHE V 84 -35.17 -65.01 41.07
N VAL V 85 -34.43 -64.98 42.20
CA VAL V 85 -33.49 -66.05 42.64
C VAL V 85 -33.77 -66.41 44.09
N PRO V 86 -34.26 -67.64 44.40
CA PRO V 86 -34.63 -67.98 45.76
C PRO V 86 -33.48 -67.75 46.74
N SER V 87 -33.87 -67.17 47.87
CA SER V 87 -32.99 -66.77 48.98
C SER V 87 -32.49 -68.00 49.70
N LEU V 88 -33.08 -68.42 50.82
CA LEU V 88 -32.66 -69.63 51.56
C LEU V 88 -33.81 -70.24 52.37
N ASN V 89 -33.96 -71.57 52.32
CA ASN V 89 -35.07 -72.30 52.96
C ASN V 89 -34.84 -72.41 54.45
N VAL V 90 -35.03 -71.32 55.20
CA VAL V 90 -34.75 -71.23 56.67
C VAL V 90 -35.72 -72.18 57.39
N ASP V 91 -35.16 -73.28 57.92
CA ASP V 91 -35.88 -74.35 58.68
C ASP V 91 -36.89 -75.03 57.78
N GLY V 92 -36.84 -74.80 56.45
CA GLY V 92 -37.69 -75.46 55.49
C GLY V 92 -39.02 -74.80 55.22
N GLN V 93 -39.06 -73.47 55.30
CA GLN V 93 -40.21 -72.64 54.96
C GLN V 93 -40.20 -72.43 53.47
N PRO V 94 -41.36 -72.33 52.79
CA PRO V 94 -41.37 -72.07 51.33
C PRO V 94 -41.12 -70.58 51.06
N ILE V 95 -40.26 -70.29 50.09
CA ILE V 95 -39.99 -68.93 49.59
C ILE V 95 -41.10 -68.53 48.62
N PHE V 96 -41.48 -67.26 48.64
CA PHE V 96 -42.68 -66.77 47.95
C PHE V 96 -42.26 -65.79 46.85
N ALA V 97 -42.72 -66.06 45.64
CA ALA V 97 -42.58 -65.30 44.39
C ALA V 97 -43.95 -64.82 43.93
N ASN V 98 -44.25 -63.57 44.21
CA ASN V 98 -45.50 -62.83 43.92
C ASN V 98 -45.38 -62.18 42.56
N ILE V 99 -46.11 -62.71 41.60
CA ILE V 99 -46.07 -62.22 40.19
C ILE V 99 -47.19 -61.21 39.94
N THR V 100 -46.77 -60.00 39.61
CA THR V 100 -47.68 -58.86 39.35
C THR V 100 -47.34 -58.29 38.00
N LEU V 101 -48.31 -57.51 37.50
CA LEU V 101 -48.13 -56.55 36.42
C LEU V 101 -47.11 -55.51 36.85
N PRO V 102 -46.38 -54.89 35.91
CA PRO V 102 -45.70 -53.65 36.19
C PRO V 102 -46.64 -52.48 35.88
N VAL V 103 -46.16 -51.27 36.14
CA VAL V 103 -46.73 -50.00 35.61
C VAL V 103 -46.08 -49.76 34.25
N TYR V 104 -46.71 -50.25 33.19
CA TYR V 104 -46.29 -50.01 31.78
C TYR V 104 -46.46 -48.53 31.46
N THR V 105 -45.54 -47.97 30.68
CA THR V 105 -45.68 -46.63 30.04
C THR V 105 -46.97 -46.65 29.20
N LEU V 106 -47.77 -45.60 29.29
CA LEU V 106 -49.04 -45.41 28.55
C LEU V 106 -48.82 -45.81 27.09
N LYS V 107 -47.66 -45.49 26.52
CA LYS V 107 -47.30 -45.91 25.13
C LYS V 107 -47.31 -47.44 25.06
N GLU V 108 -46.37 -48.10 25.74
CA GLU V 108 -46.21 -49.57 25.73
C GLU V 108 -47.56 -50.22 26.01
N ARG V 109 -48.35 -49.63 26.89
CA ARG V 109 -49.69 -50.16 27.25
C ARG V 109 -50.56 -50.15 26.01
N CYS V 110 -50.69 -48.99 25.34
CA CYS V 110 -51.48 -48.82 24.09
C CYS V 110 -50.96 -49.80 23.04
N LEU V 111 -49.64 -49.83 22.82
CA LEU V 111 -48.98 -50.80 21.91
C LEU V 111 -49.56 -52.21 22.15
N GLN V 112 -49.49 -52.71 23.38
CA GLN V 112 -50.03 -54.04 23.78
C GLN V 112 -51.44 -54.20 23.19
N VAL V 113 -52.30 -53.24 23.47
CA VAL V 113 -53.75 -53.24 23.15
C VAL V 113 -53.94 -53.33 21.63
N VAL V 114 -53.25 -52.52 20.86
CA VAL V 114 -53.30 -52.50 19.37
C VAL V 114 -52.84 -53.87 18.84
N ARG V 115 -51.66 -54.30 19.27
CA ARG V 115 -51.04 -55.62 18.94
C ARG V 115 -52.06 -56.73 19.19
N SER V 116 -52.88 -56.62 20.23
CA SER V 116 -53.84 -57.66 20.66
C SER V 116 -55.12 -57.66 19.80
N LEU V 117 -55.36 -56.58 19.05
CA LEU V 117 -56.57 -56.39 18.21
C LEU V 117 -56.25 -56.56 16.72
N VAL V 118 -55.00 -56.30 16.29
CA VAL V 118 -54.59 -56.22 14.87
C VAL V 118 -53.59 -57.36 14.57
N LYS V 119 -53.83 -58.03 13.44
CA LYS V 119 -52.87 -59.03 12.86
C LYS V 119 -51.59 -58.29 12.47
N PRO V 120 -50.38 -58.82 12.78
CA PRO V 120 -49.13 -58.10 12.48
C PRO V 120 -48.95 -57.73 11.00
N GLU V 121 -49.53 -58.53 10.09
CA GLU V 121 -49.50 -58.28 8.63
C GLU V 121 -50.28 -57.01 8.28
N ASN V 122 -50.93 -56.34 9.24
CA ASN V 122 -51.80 -55.16 8.98
C ASN V 122 -51.32 -53.88 9.69
N TYR V 123 -50.35 -53.97 10.61
CA TYR V 123 -49.94 -52.84 11.46
C TYR V 123 -49.80 -51.57 10.61
N ARG V 124 -49.39 -51.74 9.35
CA ARG V 124 -49.02 -50.65 8.44
C ARG V 124 -50.26 -50.18 7.70
N ARG V 125 -51.43 -50.80 7.93
CA ARG V 125 -52.71 -50.35 7.34
C ARG V 125 -53.37 -49.30 8.25
N LEU V 126 -52.68 -48.93 9.33
CA LEU V 126 -53.24 -48.02 10.37
C LEU V 126 -52.89 -46.56 10.07
N ASP V 127 -53.80 -45.63 10.32
CA ASP V 127 -53.62 -44.18 10.00
C ASP V 127 -52.75 -43.50 11.07
N ILE V 128 -51.47 -43.88 11.19
CA ILE V 128 -50.56 -43.39 12.26
C ILE V 128 -49.18 -43.05 11.67
N VAL V 129 -48.44 -42.16 12.36
CA VAL V 129 -47.03 -41.78 12.02
C VAL V 129 -46.25 -43.07 11.73
N ARG V 130 -45.38 -42.99 10.71
CA ARG V 130 -44.56 -44.15 10.21
C ARG V 130 -43.82 -44.83 11.37
N SER V 131 -43.22 -44.05 12.27
CA SER V 131 -42.43 -44.60 13.40
C SER V 131 -43.18 -45.66 14.21
N LEU V 132 -44.43 -45.36 14.54
CA LEU V 132 -45.30 -46.22 15.36
C LEU V 132 -45.49 -47.60 14.71
N TYR V 133 -45.28 -47.71 13.40
CA TYR V 133 -45.36 -49.01 12.71
C TYR V 133 -44.32 -49.99 13.28
N GLU V 134 -43.10 -49.50 13.43
CA GLU V 134 -41.94 -50.29 13.93
C GLU V 134 -42.17 -50.64 15.40
N ASP V 135 -42.57 -49.62 16.16
CA ASP V 135 -42.80 -49.67 17.64
C ASP V 135 -43.77 -50.82 17.97
N LEU V 136 -44.71 -51.04 17.06
CA LEU V 136 -45.66 -52.22 17.09
C LEU V 136 -44.96 -53.55 16.79
N GLU V 137 -44.11 -53.62 15.76
CA GLU V 137 -43.48 -54.84 15.22
C GLU V 137 -42.36 -55.31 16.15
N ASP V 138 -41.76 -54.38 16.88
CA ASP V 138 -40.74 -54.62 17.94
C ASP V 138 -41.43 -55.21 19.19
N HIS V 139 -41.78 -56.48 19.10
CA HIS V 139 -42.56 -57.24 20.11
C HIS V 139 -41.74 -57.41 21.39
N PRO V 140 -42.39 -57.51 22.58
CA PRO V 140 -41.66 -57.83 23.80
C PRO V 140 -40.92 -59.16 23.68
N ASN V 141 -39.62 -59.12 23.53
CA ASN V 141 -38.73 -60.30 23.39
C ASN V 141 -37.85 -60.39 24.62
N VAL V 142 -37.64 -61.61 25.15
CA VAL V 142 -36.85 -61.88 26.37
C VAL V 142 -35.36 -61.74 26.09
N GLN V 143 -34.92 -62.14 24.90
CA GLN V 143 -33.49 -62.10 24.49
C GLN V 143 -32.93 -60.67 24.61
N LYS V 144 -33.67 -59.70 24.12
CA LYS V 144 -33.39 -58.27 24.11
C LYS V 144 -33.36 -57.77 25.54
N ASP V 145 -34.33 -58.21 26.36
CA ASP V 145 -34.44 -57.83 27.78
C ASP V 145 -33.25 -58.38 28.56
N LEU V 146 -32.89 -59.65 28.35
CA LEU V 146 -31.72 -60.23 29.00
C LEU V 146 -30.45 -59.43 28.77
N GLU V 147 -30.17 -59.12 27.51
CA GLU V 147 -29.02 -58.29 27.12
C GLU V 147 -29.01 -56.97 27.87
N ARG V 148 -30.18 -56.36 27.98
CA ARG V 148 -30.42 -55.11 28.69
C ARG V 148 -30.07 -55.27 30.17
N LEU V 149 -30.53 -56.35 30.78
CA LEU V 149 -30.29 -56.64 32.19
C LEU V 149 -28.83 -56.95 32.48
N THR V 150 -28.25 -57.76 31.62
CA THR V 150 -26.82 -58.09 31.56
C THR V 150 -25.96 -56.82 31.58
N GLN V 151 -26.27 -55.92 30.65
CA GLN V 151 -25.49 -54.69 30.45
C GLN V 151 -26.03 -53.58 31.36
N GLU V 152 -27.00 -53.85 32.22
CA GLU V 152 -27.40 -53.00 33.38
C GLU V 152 -26.61 -53.42 34.61
N ARG V 153 -26.20 -54.69 34.69
CA ARG V 153 -25.37 -55.20 35.81
C ARG V 153 -23.90 -54.93 35.50
N ILE V 154 -23.50 -55.19 34.25
CA ILE V 154 -22.14 -55.01 33.73
C ILE V 154 -21.75 -53.55 33.74
N ALA V 155 -22.65 -52.65 33.33
CA ALA V 155 -22.44 -51.20 33.36
C ALA V 155 -22.43 -50.66 34.79
N HIS V 156 -23.15 -51.36 35.68
CA HIS V 156 -23.13 -51.10 37.14
C HIS V 156 -21.77 -51.48 37.69
N GLN V 157 -21.26 -52.61 37.28
CA GLN V 157 -19.91 -53.08 37.66
C GLN V 157 -18.89 -52.37 36.78
N ARG V 158 -18.70 -51.08 37.11
CA ARG V 158 -17.83 -50.15 36.38
C ARG V 158 -16.40 -50.69 36.43
N MET W 1 -50.73 -28.31 44.82
CA MET W 1 -50.92 -27.34 43.73
C MET W 1 -51.53 -28.08 42.53
N TYR W 2 -52.57 -27.51 41.91
CA TYR W 2 -53.22 -28.05 40.68
C TYR W 2 -52.69 -27.28 39.47
N VAL W 3 -52.73 -27.91 38.28
CA VAL W 3 -52.50 -27.27 36.95
C VAL W 3 -53.73 -27.55 36.09
N LYS W 4 -53.86 -26.89 34.92
CA LYS W 4 -55.06 -26.99 34.07
C LYS W 4 -54.64 -27.42 32.66
N LEU W 5 -55.12 -28.60 32.25
CA LEU W 5 -54.81 -29.19 30.92
C LEU W 5 -56.06 -29.04 30.06
N ILE W 6 -55.91 -28.33 28.95
CA ILE W 6 -57.07 -27.87 28.10
C ILE W 6 -57.01 -28.56 26.74
N SER W 7 -58.08 -29.28 26.37
CA SER W 7 -58.15 -30.05 25.09
C SER W 7 -58.42 -29.10 23.92
N SER W 8 -58.20 -29.58 22.72
CA SER W 8 -58.39 -28.91 21.43
C SER W 8 -59.82 -28.41 21.31
N ASP W 9 -60.80 -29.20 21.78
CA ASP W 9 -62.23 -28.84 21.72
C ASP W 9 -62.63 -28.08 22.99
N GLY W 10 -61.70 -27.50 23.74
CA GLY W 10 -61.98 -26.44 24.74
C GLY W 10 -62.28 -26.94 26.14
N HIS W 11 -62.30 -28.25 26.33
CA HIS W 11 -62.50 -28.87 27.68
C HIS W 11 -61.32 -28.59 28.61
N GLU W 12 -61.64 -28.26 29.86
CA GLU W 12 -60.68 -28.03 30.96
C GLU W 12 -60.55 -29.27 31.85
N PHE W 13 -59.31 -29.64 32.17
CA PHE W 13 -59.00 -30.77 33.12
C PHE W 13 -58.06 -30.25 34.19
N ILE W 14 -58.53 -30.18 35.43
CA ILE W 14 -57.75 -29.72 36.61
C ILE W 14 -57.19 -30.94 37.35
N VAL W 15 -55.89 -31.16 37.23
CA VAL W 15 -55.17 -32.27 37.93
C VAL W 15 -54.08 -31.70 38.86
N LYS W 16 -53.61 -32.55 39.77
CA LYS W 16 -52.45 -32.22 40.65
C LYS W 16 -51.20 -32.06 39.79
N ARG W 17 -50.34 -31.10 40.11
CA ARG W 17 -49.09 -30.85 39.35
C ARG W 17 -48.29 -32.15 39.21
N GLU W 18 -48.02 -32.76 40.36
CA GLU W 18 -47.21 -33.98 40.55
C GLU W 18 -47.70 -35.04 39.56
N HIS W 19 -49.01 -35.17 39.43
CA HIS W 19 -49.67 -36.12 38.50
C HIS W 19 -49.32 -35.78 37.05
N ALA W 20 -49.51 -34.51 36.67
CA ALA W 20 -49.21 -34.02 35.30
C ALA W 20 -47.73 -34.21 34.91
N LEU W 21 -46.83 -33.95 35.85
CA LEU W 21 -45.36 -34.09 35.67
C LEU W 21 -45.03 -35.52 35.24
N THR W 22 -45.97 -36.47 35.41
CA THR W 22 -45.83 -37.82 34.80
C THR W 22 -45.43 -37.70 33.33
N SER W 23 -46.06 -36.78 32.60
CA SER W 23 -45.69 -36.57 31.17
C SER W 23 -44.36 -35.81 31.10
N GLY W 24 -43.34 -36.40 30.46
CA GLY W 24 -42.06 -35.75 30.19
C GLY W 24 -42.23 -34.49 29.41
N THR W 25 -43.13 -34.52 28.41
CA THR W 25 -43.46 -33.40 27.54
C THR W 25 -44.00 -32.23 28.35
N ILE W 26 -44.90 -32.51 29.30
CA ILE W 26 -45.48 -31.50 30.21
C ILE W 26 -44.41 -31.08 31.22
N LYS W 27 -43.62 -32.04 31.71
CA LYS W 27 -42.54 -31.76 32.68
C LYS W 27 -41.57 -30.72 32.11
N ALA W 28 -41.26 -30.83 30.80
CA ALA W 28 -40.46 -29.86 30.03
C ALA W 28 -41.04 -28.43 30.13
N MET W 29 -42.34 -28.30 29.85
CA MET W 29 -43.04 -26.98 29.72
C MET W 29 -43.08 -26.23 31.07
N LEU W 30 -43.21 -26.95 32.19
CA LEU W 30 -43.34 -26.28 33.52
C LEU W 30 -41.99 -25.68 33.90
N SER W 31 -40.86 -26.37 33.63
CA SER W 31 -39.50 -25.99 34.11
C SER W 31 -38.95 -24.77 33.37
N GLY W 32 -39.33 -24.55 32.10
CA GLY W 32 -38.70 -23.56 31.21
C GLY W 32 -39.20 -22.15 31.52
N PRO W 33 -40.14 -21.60 30.70
CA PRO W 33 -40.77 -20.32 31.01
C PRO W 33 -41.79 -20.43 32.18
N GLY W 34 -42.37 -19.29 32.60
CA GLY W 34 -43.37 -19.25 33.67
C GLY W 34 -44.43 -18.20 33.49
N GLN W 35 -45.17 -17.96 34.59
CA GLN W 35 -46.31 -16.99 34.68
C GLN W 35 -45.95 -15.85 35.65
N PHE W 36 -46.65 -14.72 35.49
CA PHE W 36 -46.61 -13.50 36.34
C PHE W 36 -45.18 -12.90 36.41
N ALA W 37 -44.28 -13.52 37.20
CA ALA W 37 -42.90 -13.04 37.40
C ALA W 37 -42.00 -14.17 37.90
N GLU W 38 -42.12 -15.38 37.34
CA GLU W 38 -41.28 -16.56 37.68
C GLU W 38 -41.11 -17.50 36.47
N ASN W 39 -40.44 -18.63 36.69
CA ASN W 39 -40.13 -19.67 35.67
C ASN W 39 -41.04 -20.89 35.87
N GLU W 40 -42.23 -20.73 36.46
CA GLU W 40 -43.26 -21.81 36.61
C GLU W 40 -44.65 -21.27 36.20
N THR W 41 -45.38 -22.03 35.39
CA THR W 41 -46.75 -21.68 34.90
C THR W 41 -47.75 -22.66 35.53
N ASN W 42 -49.06 -22.46 35.30
CA ASN W 42 -50.11 -23.38 35.80
C ASN W 42 -51.22 -23.49 34.75
N GLU W 43 -50.84 -23.63 33.47
CA GLU W 43 -51.82 -23.82 32.35
C GLU W 43 -51.08 -24.35 31.13
N VAL W 44 -51.58 -25.42 30.50
CA VAL W 44 -51.07 -25.97 29.22
C VAL W 44 -52.25 -26.33 28.35
N ASN W 45 -52.16 -25.99 27.05
CA ASN W 45 -53.21 -26.21 26.03
C ASN W 45 -52.75 -27.22 24.95
N PHE W 46 -53.56 -28.25 24.76
CA PHE W 46 -53.16 -29.36 23.85
C PHE W 46 -53.95 -29.23 22.55
N ARG W 47 -53.30 -28.75 21.48
CA ARG W 47 -54.00 -28.26 20.26
C ARG W 47 -54.35 -29.44 19.35
N GLU W 48 -53.64 -30.56 19.52
CA GLU W 48 -53.85 -31.83 18.76
C GLU W 48 -54.85 -32.77 19.45
N ILE W 49 -54.84 -32.77 20.81
CA ILE W 49 -55.50 -33.82 21.61
C ILE W 49 -56.92 -33.42 21.99
N PRO W 50 -57.95 -34.19 21.56
CA PRO W 50 -59.32 -33.92 21.96
C PRO W 50 -59.61 -34.38 23.40
N SER W 51 -60.75 -33.94 23.90
CA SER W 51 -61.23 -34.13 25.29
C SER W 51 -61.32 -35.60 25.69
N HIS W 52 -61.87 -36.42 24.81
CA HIS W 52 -62.11 -37.86 25.11
C HIS W 52 -60.82 -38.62 25.29
N VAL W 53 -59.74 -38.12 24.69
CA VAL W 53 -58.37 -38.68 24.86
C VAL W 53 -57.76 -38.11 26.13
N LEU W 54 -57.66 -36.79 26.21
CA LEU W 54 -57.01 -36.09 27.35
C LEU W 54 -57.60 -36.54 28.69
N SER W 55 -58.91 -36.83 28.75
CA SER W 55 -59.58 -37.42 29.94
C SER W 55 -58.84 -38.71 30.32
N LYS W 56 -58.72 -39.62 29.36
CA LYS W 56 -58.02 -40.92 29.53
C LYS W 56 -56.58 -40.70 29.96
N VAL W 57 -55.89 -39.73 29.41
CA VAL W 57 -54.50 -39.36 29.73
C VAL W 57 -54.40 -38.94 31.19
N CYS W 58 -55.42 -38.29 31.73
CA CYS W 58 -55.48 -37.89 33.14
C CYS W 58 -55.78 -39.10 34.03
N MET W 59 -56.74 -39.90 33.62
CA MET W 59 -57.05 -41.18 34.24
C MET W 59 -55.80 -42.01 34.39
N TYR W 60 -54.90 -41.95 33.43
CA TYR W 60 -53.58 -42.62 33.50
C TYR W 60 -52.68 -41.97 34.52
N PHE W 61 -52.50 -40.65 34.48
CA PHE W 61 -51.76 -39.92 35.51
C PHE W 61 -52.16 -40.44 36.89
N THR W 62 -53.47 -40.46 37.14
CA THR W 62 -54.04 -40.92 38.43
C THR W 62 -53.52 -42.32 38.77
N TYR W 63 -53.62 -43.22 37.82
CA TYR W 63 -53.19 -44.64 37.90
C TYR W 63 -51.68 -44.74 38.17
N LYS W 64 -50.93 -44.01 37.35
CA LYS W 64 -49.44 -44.10 37.35
C LYS W 64 -48.88 -43.76 38.72
N VAL W 65 -49.25 -42.62 39.24
CA VAL W 65 -48.78 -42.13 40.57
C VAL W 65 -49.16 -43.14 41.64
N ARG W 66 -50.44 -43.51 41.68
CA ARG W 66 -50.99 -44.40 42.71
C ARG W 66 -50.21 -45.72 42.84
N TYR W 67 -49.78 -46.30 41.69
CA TYR W 67 -49.33 -47.70 41.61
C TYR W 67 -47.81 -47.84 41.37
N THR W 68 -47.11 -46.75 41.00
CA THR W 68 -45.64 -46.80 40.82
C THR W 68 -45.00 -47.12 42.19
N ASN W 69 -44.32 -48.27 42.22
CA ASN W 69 -43.51 -48.85 43.33
C ASN W 69 -44.35 -49.67 44.28
N SER W 70 -45.61 -49.39 44.49
CA SER W 70 -46.45 -49.93 45.56
C SER W 70 -46.45 -51.47 45.49
N SER W 71 -46.49 -52.08 46.66
CA SER W 71 -46.37 -53.54 46.92
C SER W 71 -47.75 -54.19 46.84
N THR W 72 -48.81 -53.39 47.00
CA THR W 72 -50.20 -53.66 46.53
C THR W 72 -50.15 -54.20 45.11
N GLU W 73 -50.58 -55.46 44.88
CA GLU W 73 -50.85 -56.03 43.53
C GLU W 73 -51.51 -54.98 42.60
N ILE W 74 -51.02 -54.89 41.37
CA ILE W 74 -51.35 -53.81 40.41
C ILE W 74 -52.50 -54.31 39.55
N PRO W 75 -53.51 -53.46 39.22
CA PRO W 75 -54.56 -53.80 38.27
C PRO W 75 -54.17 -53.38 36.85
N GLU W 76 -54.93 -53.87 35.85
CA GLU W 76 -54.68 -53.57 34.41
C GLU W 76 -55.37 -52.26 34.03
N PHE W 77 -54.63 -51.38 33.32
CA PHE W 77 -55.15 -50.09 32.81
C PHE W 77 -55.91 -50.33 31.52
N PRO W 78 -57.24 -50.10 31.47
CA PRO W 78 -58.06 -50.54 30.33
C PRO W 78 -58.01 -49.50 29.21
N ILE W 79 -58.05 -49.98 27.96
CA ILE W 79 -58.14 -49.10 26.78
C ILE W 79 -59.16 -49.71 25.85
N ALA W 80 -60.25 -48.99 25.58
CA ALA W 80 -61.30 -49.41 24.65
C ALA W 80 -60.73 -49.41 23.23
N PRO W 81 -61.02 -50.46 22.43
CA PRO W 81 -60.46 -50.51 21.09
C PRO W 81 -60.57 -49.20 20.32
N GLU W 82 -61.79 -48.66 20.28
CA GLU W 82 -62.12 -47.42 19.55
C GLU W 82 -61.16 -46.29 19.84
N ILE W 83 -60.74 -46.16 21.09
CA ILE W 83 -59.91 -45.00 21.55
C ILE W 83 -58.42 -45.30 21.39
N ALA W 84 -58.07 -46.55 21.12
CA ALA W 84 -56.67 -47.03 21.27
C ALA W 84 -55.68 -46.13 20.51
N LEU W 85 -55.88 -46.08 19.19
CA LEU W 85 -54.95 -45.40 18.26
C LEU W 85 -54.71 -43.94 18.64
N GLU W 86 -55.77 -43.23 19.00
CA GLU W 86 -55.69 -41.81 19.39
C GLU W 86 -54.87 -41.65 20.65
N LEU W 87 -55.10 -42.56 21.59
CA LEU W 87 -54.42 -42.59 22.90
C LEU W 87 -52.95 -42.90 22.72
N LEU W 88 -52.61 -43.85 21.86
CA LEU W 88 -51.23 -44.19 21.49
C LEU W 88 -50.51 -42.95 20.93
N MET W 89 -51.14 -42.36 19.91
CA MET W 89 -50.72 -41.07 19.33
C MET W 89 -50.30 -40.11 20.45
N ALA W 90 -51.23 -39.87 21.35
CA ALA W 90 -51.10 -38.89 22.44
C ALA W 90 -49.95 -39.25 23.36
N ALA W 91 -49.90 -40.50 23.80
CA ALA W 91 -48.84 -41.04 24.67
C ALA W 91 -47.45 -40.76 24.10
N ASN W 92 -47.31 -41.11 22.83
CA ASN W 92 -46.07 -40.84 22.06
C ASN W 92 -45.66 -39.39 22.20
N PHE W 93 -46.60 -38.49 21.97
CA PHE W 93 -46.45 -37.03 21.90
C PHE W 93 -46.10 -36.47 23.27
N LEU W 94 -46.70 -37.08 24.31
CA LEU W 94 -46.61 -36.60 25.72
C LEU W 94 -45.46 -37.27 26.47
N ASP W 95 -44.96 -38.41 26.03
CA ASP W 95 -43.77 -39.08 26.58
C ASP W 95 -44.11 -39.56 27.98
N CYS W 96 -44.96 -40.57 28.06
CA CYS W 96 -45.36 -41.31 29.29
C CYS W 96 -46.15 -42.57 28.88
N MET X 1 -59.87 -46.72 52.90
CA MET X 1 -59.82 -46.85 51.45
C MET X 1 -60.20 -45.49 50.81
N ASP X 2 -59.45 -45.13 49.79
CA ASP X 2 -59.62 -43.89 48.99
C ASP X 2 -60.63 -44.21 47.88
N VAL X 3 -61.30 -43.15 47.40
CA VAL X 3 -62.14 -43.20 46.14
C VAL X 3 -61.63 -42.10 45.21
N PHE X 4 -61.60 -42.43 43.92
CA PHE X 4 -61.05 -41.52 42.86
C PHE X 4 -62.20 -40.97 42.02
N LEU X 5 -62.22 -39.65 41.83
CA LEU X 5 -63.43 -38.93 41.37
C LEU X 5 -63.06 -37.99 40.21
N MET X 6 -63.96 -37.96 39.22
CA MET X 6 -64.08 -36.82 38.30
C MET X 6 -65.25 -35.97 38.80
N ILE X 7 -64.98 -34.76 39.29
CA ILE X 7 -65.99 -33.73 39.62
C ILE X 7 -66.16 -32.84 38.39
N ARG X 8 -67.38 -32.76 37.84
CA ARG X 8 -67.58 -32.25 36.46
C ARG X 8 -68.69 -31.21 36.37
N ARG X 9 -68.39 -30.02 35.82
CA ARG X 9 -69.31 -28.89 35.60
C ARG X 9 -68.97 -28.17 34.30
N HIS X 10 -69.94 -28.05 33.41
CA HIS X 10 -69.80 -27.41 32.07
C HIS X 10 -68.66 -28.08 31.34
N LYS X 11 -67.62 -27.33 30.96
CA LYS X 11 -66.44 -27.80 30.19
C LYS X 11 -65.24 -27.95 31.13
N THR X 12 -65.49 -28.02 32.46
CA THR X 12 -64.49 -28.12 33.55
C THR X 12 -64.62 -29.46 34.31
N THR X 13 -63.49 -30.09 34.63
CA THR X 13 -63.42 -31.50 35.17
C THR X 13 -62.25 -31.64 36.15
N ILE X 14 -62.50 -32.04 37.39
CA ILE X 14 -61.49 -32.15 38.49
C ILE X 14 -61.23 -33.62 38.74
N PHE X 15 -59.93 -33.96 38.71
CA PHE X 15 -59.38 -35.31 38.88
C PHE X 15 -58.66 -35.40 40.24
N THR X 16 -59.35 -35.96 41.22
CA THR X 16 -58.92 -35.92 42.63
C THR X 16 -59.40 -37.17 43.37
N ASP X 17 -58.82 -37.36 44.57
CA ASP X 17 -59.12 -38.44 45.54
C ASP X 17 -59.58 -37.85 46.87
N ALA X 18 -60.44 -38.57 47.57
CA ALA X 18 -60.76 -38.37 49.00
C ALA X 18 -60.90 -39.76 49.62
N LYS X 19 -61.24 -39.78 50.90
CA LYS X 19 -61.46 -41.02 51.67
C LYS X 19 -62.91 -41.48 51.50
N GLU X 20 -63.15 -42.79 51.52
CA GLU X 20 -64.51 -43.36 51.34
C GLU X 20 -65.41 -42.79 52.44
N SER X 21 -64.83 -42.74 53.65
CA SER X 21 -65.44 -42.28 54.92
C SER X 21 -65.66 -40.77 54.95
N SER X 22 -64.87 -39.99 54.20
CA SER X 22 -64.97 -38.50 54.25
C SER X 22 -66.34 -38.07 53.67
N THR X 23 -66.81 -36.92 54.09
CA THR X 23 -68.23 -36.46 53.93
C THR X 23 -68.37 -35.58 52.69
N VAL X 24 -69.59 -35.51 52.16
CA VAL X 24 -69.89 -34.66 50.96
C VAL X 24 -69.45 -33.21 51.21
N PHE X 25 -69.65 -32.73 52.44
CA PHE X 25 -69.26 -31.37 52.85
C PHE X 25 -67.76 -31.17 52.60
N GLU X 26 -66.97 -32.18 52.95
CA GLU X 26 -65.49 -32.12 52.95
C GLU X 26 -65.00 -32.14 51.51
N LEU X 27 -65.62 -32.94 50.63
CA LEU X 27 -65.35 -32.88 49.17
C LEU X 27 -65.50 -31.44 48.67
N LYS X 28 -66.58 -30.75 49.05
CA LYS X 28 -66.85 -29.34 48.68
C LYS X 28 -65.70 -28.47 49.21
N ARG X 29 -65.19 -28.81 50.42
CA ARG X 29 -64.02 -28.08 51.00
C ARG X 29 -62.84 -28.16 50.02
N ILE X 30 -62.57 -29.34 49.45
CA ILE X 30 -61.54 -29.52 48.39
C ILE X 30 -61.85 -28.60 47.22
N VAL X 31 -63.09 -28.57 46.76
CA VAL X 31 -63.55 -27.82 45.57
C VAL X 31 -63.36 -26.34 45.76
N GLU X 32 -63.52 -25.91 47.02
CA GLU X 32 -63.22 -24.53 47.44
C GLU X 32 -61.77 -24.16 47.18
N GLY X 33 -60.84 -25.02 47.62
CA GLY X 33 -59.41 -24.77 47.52
C GLY X 33 -58.88 -24.72 46.11
N ILE X 34 -59.71 -25.18 45.17
CA ILE X 34 -59.36 -25.28 43.73
C ILE X 34 -59.96 -24.13 42.93
N LEU X 35 -61.28 -23.98 43.00
CA LEU X 35 -62.09 -23.05 42.19
C LEU X 35 -62.45 -21.76 42.95
N LYS X 36 -62.31 -21.76 44.27
CA LYS X 36 -62.59 -20.58 45.14
C LYS X 36 -64.08 -20.26 45.14
N ARG X 37 -64.88 -21.22 45.54
CA ARG X 37 -66.32 -21.04 45.83
C ARG X 37 -66.57 -21.76 47.15
N PRO X 38 -67.22 -21.12 48.14
CA PRO X 38 -67.51 -21.80 49.40
C PRO X 38 -68.61 -22.85 49.30
N PRO X 39 -68.58 -23.87 50.19
CA PRO X 39 -69.51 -25.01 50.14
C PRO X 39 -70.99 -24.71 50.05
N ASP X 40 -71.41 -23.56 50.58
CA ASP X 40 -72.82 -23.09 50.57
C ASP X 40 -73.21 -22.69 49.16
N GLU X 41 -72.23 -22.55 48.26
CA GLU X 41 -72.53 -22.17 46.85
C GLU X 41 -72.19 -23.34 45.90
N GLN X 42 -72.54 -24.56 46.31
CA GLN X 42 -72.23 -25.80 45.56
C GLN X 42 -73.39 -26.75 45.79
N ARG X 43 -73.66 -27.60 44.80
CA ARG X 43 -74.63 -28.72 44.95
C ARG X 43 -74.11 -29.90 44.14
N LEU X 44 -73.78 -31.00 44.83
CA LEU X 44 -73.14 -32.19 44.24
C LEU X 44 -74.18 -33.28 44.01
N TYR X 45 -74.04 -33.97 42.88
CA TYR X 45 -74.98 -35.02 42.39
C TYR X 45 -74.22 -36.32 42.09
N LYS X 46 -74.90 -37.43 42.30
CA LYS X 46 -74.48 -38.74 41.71
C LYS X 46 -75.48 -39.28 40.70
N ASP X 47 -75.33 -38.82 39.45
CA ASP X 47 -76.33 -38.88 38.35
C ASP X 47 -77.24 -37.67 38.35
N ASP X 48 -78.55 -37.91 38.44
CA ASP X 48 -79.60 -36.88 38.60
C ASP X 48 -80.24 -36.95 39.98
N GLN X 49 -79.46 -37.27 41.01
CA GLN X 49 -79.85 -37.17 42.43
C GLN X 49 -78.83 -36.39 43.29
N LEU X 50 -79.34 -35.37 43.99
CA LEU X 50 -78.58 -34.46 44.86
C LEU X 50 -78.11 -35.22 46.10
N LEU X 51 -76.94 -34.86 46.60
CA LEU X 51 -76.26 -35.51 47.73
C LEU X 51 -76.49 -34.64 48.97
N ASP X 52 -76.29 -35.26 50.14
CA ASP X 52 -76.44 -34.70 51.50
C ASP X 52 -75.04 -34.38 52.09
N ASP X 53 -74.84 -33.12 52.51
CA ASP X 53 -73.61 -32.64 53.22
C ASP X 53 -73.16 -33.59 54.34
N GLY X 54 -74.06 -34.28 55.03
CA GLY X 54 -73.76 -35.15 56.17
C GLY X 54 -73.20 -36.49 55.76
N LYS X 55 -73.68 -37.08 54.67
CA LYS X 55 -73.31 -38.45 54.20
C LYS X 55 -71.84 -38.56 53.85
N THR X 56 -71.29 -39.76 54.02
CA THR X 56 -69.97 -40.18 53.51
C THR X 56 -70.09 -40.56 52.01
N LEU X 57 -69.00 -40.36 51.28
CA LEU X 57 -68.92 -40.78 49.86
C LEU X 57 -69.31 -42.26 49.71
N GLY X 58 -68.89 -43.05 50.70
CA GLY X 58 -69.14 -44.50 50.77
C GLY X 58 -70.64 -44.77 50.76
N GLU X 59 -71.41 -43.95 51.46
CA GLU X 59 -72.90 -44.08 51.57
C GLU X 59 -73.58 -43.58 50.28
N CYS X 60 -73.02 -42.56 49.60
CA CYS X 60 -73.54 -42.16 48.25
C CYS X 60 -73.39 -43.31 47.27
N GLY X 61 -72.40 -44.18 47.50
CA GLY X 61 -72.19 -45.43 46.73
C GLY X 61 -70.80 -45.53 46.16
N PHE X 62 -69.98 -44.48 46.28
CA PHE X 62 -68.59 -44.44 45.77
C PHE X 62 -67.74 -45.38 46.64
N THR X 63 -67.19 -46.42 46.05
CA THR X 63 -66.38 -47.46 46.74
C THR X 63 -65.08 -47.70 46.00
N SER X 64 -64.17 -48.45 46.63
CA SER X 64 -62.87 -48.91 46.08
C SER X 64 -63.10 -49.50 44.68
N GLN X 65 -64.15 -50.30 44.54
CA GLN X 65 -64.44 -51.05 43.27
C GLN X 65 -65.16 -50.17 42.22
N THR X 66 -66.01 -49.23 42.62
CA THR X 66 -66.83 -48.40 41.70
C THR X 66 -66.28 -46.99 41.58
N ALA X 67 -65.09 -46.73 42.10
CA ALA X 67 -64.33 -45.47 41.93
C ALA X 67 -62.81 -45.70 42.01
N ARG X 68 -62.24 -46.23 40.89
CA ARG X 68 -60.83 -46.65 40.80
C ARG X 68 -60.06 -45.55 40.09
N PRO X 69 -58.74 -45.44 40.34
CA PRO X 69 -57.94 -44.36 39.76
C PRO X 69 -57.98 -44.32 38.23
N GLN X 70 -57.96 -45.52 37.63
CA GLN X 70 -57.93 -45.75 36.16
C GLN X 70 -59.35 -45.73 35.59
N ALA X 71 -60.38 -45.61 36.43
CA ALA X 71 -61.81 -45.55 36.03
C ALA X 71 -62.60 -44.74 37.06
N PRO X 72 -62.22 -43.47 37.30
CA PRO X 72 -62.87 -42.66 38.32
C PRO X 72 -64.36 -42.51 38.10
N ALA X 73 -65.09 -42.24 39.17
CA ALA X 73 -66.55 -42.11 39.24
C ALA X 73 -66.92 -40.64 39.18
N THR X 74 -68.06 -40.32 38.56
CA THR X 74 -68.38 -38.94 38.12
C THR X 74 -69.31 -38.26 39.11
N VAL X 75 -68.85 -37.17 39.72
CA VAL X 75 -69.61 -36.31 40.66
C VAL X 75 -70.04 -35.06 39.92
N GLY X 76 -71.37 -34.86 39.83
CA GLY X 76 -71.99 -33.68 39.19
C GLY X 76 -71.88 -32.46 40.07
N LEU X 77 -71.58 -31.31 39.50
CA LEU X 77 -71.43 -30.03 40.22
C LEU X 77 -72.35 -28.96 39.61
N ALA X 78 -73.03 -28.19 40.46
CA ALA X 78 -73.82 -27.01 40.09
C ALA X 78 -73.51 -25.87 41.06
N PHE X 79 -73.20 -24.73 40.48
CA PHE X 79 -72.94 -23.48 41.28
C PHE X 79 -74.19 -22.67 41.59
N ARG X 80 -74.26 -22.10 42.81
CA ARG X 80 -75.24 -21.11 43.26
C ARG X 80 -74.55 -19.73 43.22
N ALA X 81 -75.27 -18.68 42.79
CA ALA X 81 -74.86 -17.27 42.91
C ALA X 81 -76.04 -16.42 43.43
N ASP X 82 -76.29 -16.52 44.74
CA ASP X 82 -77.43 -15.87 45.48
C ASP X 82 -78.72 -16.63 45.18
N ASP X 83 -79.53 -16.16 44.22
CA ASP X 83 -80.77 -16.84 43.75
C ASP X 83 -80.55 -17.45 42.39
N THR X 84 -79.32 -17.40 41.85
CA THR X 84 -78.89 -18.12 40.63
C THR X 84 -78.52 -19.59 40.95
N PHE X 85 -79.56 -20.43 40.99
CA PHE X 85 -79.47 -21.89 41.23
C PHE X 85 -79.36 -22.62 39.91
N GLU X 86 -78.18 -22.54 39.29
CA GLU X 86 -77.98 -23.07 37.91
C GLU X 86 -78.36 -24.55 37.90
N ALA X 87 -78.87 -25.01 36.77
CA ALA X 87 -79.23 -26.39 36.52
C ALA X 87 -77.95 -27.22 36.41
N LEU X 88 -78.07 -28.52 36.51
CA LEU X 88 -76.92 -29.46 36.38
C LEU X 88 -76.51 -29.56 34.92
N CYS X 89 -75.36 -28.97 34.52
CA CYS X 89 -74.89 -28.95 33.12
C CYS X 89 -73.48 -29.50 33.03
N ILE X 90 -73.30 -30.63 32.35
CA ILE X 90 -72.00 -31.34 32.17
C ILE X 90 -71.79 -31.51 30.67
N GLU X 91 -70.98 -30.64 30.05
CA GLU X 91 -70.70 -30.69 28.59
C GLU X 91 -70.05 -32.04 28.30
N PRO X 92 -70.67 -32.95 27.52
CA PRO X 92 -70.09 -34.27 27.30
C PRO X 92 -68.75 -34.16 26.55
N PHE X 93 -68.01 -35.27 26.55
CA PHE X 93 -66.72 -35.44 25.88
C PHE X 93 -66.93 -35.57 24.38
N SER X 94 -65.84 -35.41 23.62
CA SER X 94 -65.75 -35.68 22.18
C SER X 94 -65.91 -37.16 21.91
N SER X 95 -66.15 -37.50 20.65
CA SER X 95 -66.36 -38.88 20.18
C SER X 95 -65.09 -39.45 19.55
N PRO X 96 -64.85 -40.77 19.71
CA PRO X 96 -63.87 -41.47 18.90
C PRO X 96 -64.47 -41.98 17.58
N PRO X 97 -63.71 -41.94 16.47
CA PRO X 97 -64.17 -42.47 15.20
C PRO X 97 -64.56 -43.94 15.37
N GLU X 98 -65.38 -44.44 14.46
CA GLU X 98 -65.71 -45.87 14.38
C GLU X 98 -64.43 -46.66 14.30
N LEU X 99 -64.49 -47.84 14.89
CA LEU X 99 -63.37 -48.82 14.92
C LEU X 99 -62.95 -49.24 13.51
N PRO X 100 -61.70 -48.94 13.08
CA PRO X 100 -61.26 -49.28 11.74
C PRO X 100 -61.39 -50.78 11.42
N ASP X 101 -61.68 -51.07 10.17
CA ASP X 101 -61.93 -52.38 9.52
C ASP X 101 -60.94 -53.42 10.02
N VAL X 102 -59.70 -52.98 10.35
CA VAL X 102 -58.57 -53.93 10.69
C VAL X 102 -58.48 -54.18 12.21
N MET X 103 -58.95 -53.29 13.08
CA MET X 103 -58.97 -53.47 14.56
C MET X 103 -60.15 -54.33 15.04
N LYS X 104 -61.09 -54.57 14.14
CA LYS X 104 -62.16 -55.63 14.24
C LYS X 104 -61.53 -56.98 13.85
N LEU Y 5 54.42 2.11 -7.08
CA LEU Y 5 53.48 2.39 -8.20
C LEU Y 5 52.20 1.56 -8.03
N SER Y 6 52.34 0.29 -7.63
CA SER Y 6 51.23 -0.66 -7.41
C SER Y 6 50.48 -0.19 -6.16
N PRO Y 7 49.17 0.07 -6.26
CA PRO Y 7 48.42 0.68 -5.15
C PRO Y 7 48.52 -0.16 -3.85
N ASN Y 8 48.68 0.52 -2.73
CA ASN Y 8 48.49 -0.02 -1.36
C ASN Y 8 47.00 -0.26 -1.13
N PRO Y 9 46.62 -1.14 -0.18
CA PRO Y 9 45.24 -1.24 0.26
C PRO Y 9 44.73 0.15 0.70
N PRO Y 10 43.47 0.52 0.41
CA PRO Y 10 42.95 1.85 0.71
C PRO Y 10 43.04 2.19 2.20
N LYS Y 11 42.66 1.19 3.01
CA LYS Y 11 42.64 1.18 4.47
C LYS Y 11 43.97 1.58 5.07
N LEU Y 12 45.08 1.07 4.53
CA LEU Y 12 46.47 1.31 4.98
C LEU Y 12 46.83 2.79 4.89
N THR Y 13 46.55 3.42 3.75
CA THR Y 13 46.81 4.86 3.47
C THR Y 13 46.15 5.75 4.55
N LYS Y 14 44.95 5.37 4.96
CA LYS Y 14 44.10 6.04 5.97
C LYS Y 14 44.84 6.04 7.31
N GLN Y 15 45.43 4.90 7.72
CA GLN Y 15 46.28 4.84 8.93
C GLN Y 15 47.43 5.85 8.81
N MET Y 16 48.28 5.66 7.79
CA MET Y 16 49.49 6.47 7.51
C MET Y 16 49.12 7.94 7.62
N ASN Y 17 48.06 8.38 6.95
CA ASN Y 17 47.63 9.81 6.97
C ASN Y 17 47.20 10.23 8.38
N ALA Y 18 46.38 9.41 9.07
CA ALA Y 18 45.98 9.75 10.47
C ALA Y 18 47.21 9.94 11.37
N ILE Y 19 48.07 8.90 11.38
CA ILE Y 19 49.33 8.86 12.17
C ILE Y 19 50.17 10.10 11.89
N ILE Y 20 50.31 10.53 10.65
CA ILE Y 20 51.10 11.74 10.31
C ILE Y 20 50.31 12.98 10.74
N ASP Y 21 49.02 13.06 10.43
CA ASP Y 21 48.21 14.29 10.69
C ASP Y 21 48.22 14.57 12.18
N THR Y 22 48.09 13.54 13.01
CA THR Y 22 48.25 13.62 14.49
C THR Y 22 49.54 14.34 14.84
N VAL Y 23 50.66 13.97 14.20
CA VAL Y 23 52.02 14.48 14.49
C VAL Y 23 52.08 15.95 14.07
N ILE Y 24 51.64 16.23 12.83
CA ILE Y 24 51.67 17.61 12.26
C ILE Y 24 50.87 18.55 13.18
N ASN Y 25 49.64 18.14 13.51
CA ASN Y 25 48.61 18.92 14.22
C ASN Y 25 49.00 19.11 15.68
N TYR Y 26 49.73 18.16 16.25
CA TYR Y 26 50.16 18.26 17.68
C TYR Y 26 50.82 19.60 17.94
N LYS Y 27 50.33 20.25 19.01
CA LYS Y 27 50.82 21.49 19.63
C LYS Y 27 51.18 21.19 21.06
N ASP Y 28 52.13 21.95 21.59
CA ASP Y 28 52.60 21.81 22.99
C ASP Y 28 51.71 22.66 23.88
N SER Y 29 52.11 22.75 25.17
CA SER Y 29 51.41 23.57 26.20
C SER Y 29 51.14 24.97 25.68
N SER Y 30 52.17 25.68 25.21
CA SER Y 30 52.14 27.10 24.84
C SER Y 30 51.40 27.32 23.52
N GLY Y 31 50.58 26.35 23.11
CA GLY Y 31 49.69 26.48 21.97
C GLY Y 31 50.43 26.51 20.66
N ARG Y 32 51.71 26.09 20.66
CA ARG Y 32 52.64 26.23 19.53
C ARG Y 32 52.75 24.90 18.81
N GLN Y 33 52.46 24.89 17.48
CA GLN Y 33 52.55 23.68 16.62
C GLN Y 33 54.02 23.41 16.27
N LEU Y 34 54.59 22.30 16.75
CA LEU Y 34 56.05 22.00 16.65
C LEU Y 34 56.42 21.63 15.22
N SER Y 35 55.51 20.92 14.54
CA SER Y 35 55.70 20.44 13.14
C SER Y 35 56.04 21.57 12.15
N GLU Y 36 55.56 22.79 12.43
CA GLU Y 36 55.62 23.95 11.50
C GLU Y 36 56.95 24.06 10.79
N VAL Y 37 58.06 24.20 11.51
CA VAL Y 37 59.39 24.41 10.91
C VAL Y 37 59.78 23.27 9.96
N PHE Y 38 59.27 22.06 10.22
CA PHE Y 38 59.71 20.87 9.48
C PHE Y 38 58.79 20.55 8.31
N ILE Y 39 57.75 21.32 8.11
CA ILE Y 39 56.76 21.00 7.06
C ILE Y 39 57.47 20.97 5.70
N GLN Y 40 58.21 22.02 5.40
CA GLN Y 40 58.96 22.21 4.16
C GLN Y 40 60.39 22.62 4.45
N LEU Y 41 61.29 21.90 3.79
CA LEU Y 41 62.72 22.22 3.72
C LEU Y 41 62.93 23.57 3.06
N PRO Y 42 64.03 24.25 3.43
CA PRO Y 42 64.51 25.36 2.61
C PRO Y 42 65.12 24.85 1.31
N SER Y 43 65.11 25.69 0.28
CA SER Y 43 65.79 25.47 -1.01
C SER Y 43 67.31 25.49 -0.80
N ARG Y 44 68.05 24.84 -1.72
CA ARG Y 44 69.53 24.78 -1.66
C ARG Y 44 70.11 26.18 -1.65
N LYS Y 45 69.50 27.12 -2.38
CA LYS Y 45 69.88 28.55 -2.39
C LYS Y 45 69.62 29.15 -1.00
N GLU Y 46 68.41 28.93 -0.48
CA GLU Y 46 67.93 29.48 0.82
C GLU Y 46 68.86 29.08 1.95
N LEU Y 47 69.33 27.84 1.92
CA LEU Y 47 70.21 27.27 2.98
C LEU Y 47 71.05 26.14 2.39
N PRO Y 48 72.23 26.43 1.79
CA PRO Y 48 73.08 25.43 1.22
C PRO Y 48 73.87 24.53 2.19
N GLU Y 49 74.07 25.03 3.42
CA GLU Y 49 74.92 24.34 4.45
C GLU Y 49 74.33 22.95 4.76
N TYR Y 50 73.02 22.90 4.80
CA TYR Y 50 72.18 21.74 5.16
C TYR Y 50 72.42 20.63 4.17
N TYR Y 51 72.38 20.91 2.89
CA TYR Y 51 72.39 19.99 1.77
C TYR Y 51 73.81 19.48 1.45
N GLU Y 52 74.85 20.20 1.89
CA GLU Y 52 76.25 19.71 1.87
C GLU Y 52 76.45 18.63 2.94
N LEU Y 53 75.74 18.67 4.08
CA LEU Y 53 75.97 17.71 5.19
C LEU Y 53 74.91 16.57 5.17
N ILE Y 54 73.65 16.89 5.15
CA ILE Y 54 72.52 15.91 5.18
C ILE Y 54 72.37 15.33 3.77
N ARG Y 55 72.70 14.04 3.55
CA ARG Y 55 72.82 13.45 2.20
C ARG Y 55 71.48 12.85 1.84
N LYS Y 56 70.57 12.63 2.80
CA LYS Y 56 69.16 12.19 2.54
C LYS Y 56 68.18 13.17 3.14
N PRO Y 57 68.02 14.40 2.61
CA PRO Y 57 67.02 15.34 3.12
C PRO Y 57 65.59 14.79 2.99
N VAL Y 58 64.72 15.25 3.89
CA VAL Y 58 63.27 14.94 3.84
C VAL Y 58 62.54 15.93 4.74
N ASP Y 59 61.33 16.27 4.32
CA ASP Y 59 60.39 17.16 5.04
C ASP Y 59 59.05 16.48 5.14
N PHE Y 60 58.13 17.07 5.90
CA PHE Y 60 56.79 16.47 6.10
C PHE Y 60 55.99 16.47 4.81
N LYS Y 61 56.16 17.53 4.00
CA LYS Y 61 55.48 17.67 2.70
C LYS Y 61 55.76 16.41 1.89
N LYS Y 62 57.04 16.07 1.76
CA LYS Y 62 57.48 14.91 0.97
C LYS Y 62 56.85 13.63 1.50
N ILE Y 63 56.90 13.46 2.83
CA ILE Y 63 56.33 12.24 3.50
C ILE Y 63 54.86 12.13 3.15
N LYS Y 64 54.09 13.21 3.30
CA LYS Y 64 52.65 13.19 3.00
C LYS Y 64 52.46 12.72 1.56
N GLU Y 65 53.30 13.25 0.67
CA GLU Y 65 53.27 12.91 -0.77
C GLU Y 65 53.65 11.47 -1.05
N ARG Y 66 54.68 11.00 -0.38
CA ARG Y 66 55.16 9.60 -0.47
C ARG Y 66 54.11 8.66 0.09
N ILE Y 67 53.19 9.15 0.91
CA ILE Y 67 52.02 8.38 1.37
C ILE Y 67 51.04 8.17 0.21
N ARG Y 68 50.75 9.19 -0.57
CA ARG Y 68 49.82 9.15 -1.74
C ARG Y 68 50.41 8.30 -2.84
N ASN Y 69 51.72 8.36 -3.03
CA ASN Y 69 52.46 7.69 -4.14
C ASN Y 69 52.82 6.24 -3.77
N HIS Y 70 52.18 5.74 -2.74
CA HIS Y 70 52.32 4.32 -2.28
C HIS Y 70 53.80 3.93 -2.15
N LYS Y 71 54.69 4.90 -1.87
CA LYS Y 71 56.13 4.63 -1.81
C LYS Y 71 56.44 3.77 -0.57
N TYR Y 72 55.78 4.13 0.53
CA TYR Y 72 55.72 3.38 1.79
C TYR Y 72 54.75 2.21 1.66
N ARG Y 73 55.18 1.05 2.11
CA ARG Y 73 54.48 -0.24 1.97
C ARG Y 73 53.97 -0.73 3.33
N SER Y 74 54.50 -0.15 4.39
CA SER Y 74 54.13 -0.49 5.78
C SER Y 74 54.30 0.72 6.68
N LEU Y 75 53.76 0.66 7.91
CA LEU Y 75 53.92 1.74 8.92
C LEU Y 75 55.39 1.88 9.25
N GLY Y 76 56.14 0.79 9.27
CA GLY Y 76 57.58 0.80 9.49
C GLY Y 76 58.30 1.67 8.48
N ASP Y 77 57.96 1.47 7.20
CA ASP Y 77 58.55 2.22 6.08
C ASP Y 77 58.37 3.72 6.34
N LEU Y 78 57.16 4.11 6.72
CA LEU Y 78 56.80 5.49 7.14
C LEU Y 78 57.64 5.95 8.32
N GLU Y 79 57.54 5.27 9.45
CA GLU Y 79 58.31 5.57 10.68
C GLU Y 79 59.77 5.84 10.33
N LYS Y 80 60.39 4.92 9.59
CA LYS Y 80 61.81 5.06 9.18
C LYS Y 80 62.07 6.47 8.64
N ASP Y 81 61.17 6.99 7.81
CA ASP Y 81 61.37 8.25 7.06
C ASP Y 81 61.07 9.46 7.96
N VAL Y 82 60.27 9.27 9.00
CA VAL Y 82 60.06 10.33 10.04
C VAL Y 82 61.34 10.37 10.91
N MET Y 83 61.76 9.18 11.39
CA MET Y 83 62.99 9.05 12.18
C MET Y 83 64.17 9.65 11.42
N LEU Y 84 64.24 9.47 10.12
CA LEU Y 84 65.26 10.08 9.24
C LEU Y 84 65.19 11.59 9.37
N LEU Y 85 63.98 12.13 9.18
CA LEU Y 85 63.72 13.58 9.32
C LEU Y 85 64.30 14.09 10.64
N CYS Y 86 63.80 13.53 11.74
CA CYS Y 86 64.16 13.98 13.10
C CYS Y 86 65.67 13.82 13.30
N HIS Y 87 66.24 12.67 12.89
N HIS Y 87 66.24 12.68 12.90
CA HIS Y 87 67.71 12.44 12.96
CA HIS Y 87 67.70 12.43 12.95
C HIS Y 87 68.44 13.51 12.15
C HIS Y 87 68.41 13.53 12.16
N ASN Y 88 67.93 13.85 10.95
CA ASN Y 88 68.53 14.91 10.10
C ASN Y 88 68.56 16.23 10.89
N ALA Y 89 67.41 16.60 11.46
CA ALA Y 89 67.29 17.82 12.30
C ALA Y 89 68.37 17.80 13.38
N GLN Y 90 68.51 16.64 14.02
CA GLN Y 90 69.39 16.47 15.20
C GLN Y 90 70.84 16.54 14.77
N THR Y 91 71.17 16.16 13.51
CA THR Y 91 72.53 16.15 12.94
C THR Y 91 73.01 17.58 12.68
N PHE Y 92 72.13 18.46 12.21
CA PHE Y 92 72.42 19.82 11.73
C PHE Y 92 72.23 20.83 12.84
N ASN Y 93 71.31 20.59 13.77
CA ASN Y 93 70.90 21.63 14.74
C ASN Y 93 71.64 21.54 16.06
N LEU Y 94 72.11 20.35 16.45
CA LEU Y 94 72.92 20.19 17.67
C LEU Y 94 72.10 20.48 18.92
N GLU Y 95 72.39 19.68 19.94
CA GLU Y 95 71.53 19.53 21.15
C GLU Y 95 71.29 20.91 21.75
N GLY Y 96 70.18 21.07 22.44
CA GLY Y 96 69.85 22.29 23.20
C GLY Y 96 68.90 23.22 22.45
N SER Y 97 69.23 23.56 21.21
CA SER Y 97 68.45 24.38 20.26
C SER Y 97 66.98 23.94 20.26
N GLN Y 98 66.06 24.87 20.09
CA GLN Y 98 64.61 24.65 20.11
C GLN Y 98 64.26 23.53 19.14
N ILE Y 99 64.86 23.60 17.95
CA ILE Y 99 64.51 22.73 16.79
C ILE Y 99 64.87 21.27 17.08
N TYR Y 100 66.08 21.05 17.59
CA TYR Y 100 66.56 19.74 18.06
C TYR Y 100 65.53 19.15 19.02
N GLU Y 101 65.22 19.88 20.11
CA GLU Y 101 64.33 19.36 21.18
C GLU Y 101 62.91 19.13 20.64
N ASP Y 102 62.51 19.89 19.62
CA ASP Y 102 61.21 19.75 18.92
C ASP Y 102 61.17 18.39 18.21
N SER Y 103 62.27 18.02 17.58
CA SER Y 103 62.43 16.74 16.82
C SER Y 103 62.24 15.54 17.77
N ILE Y 104 62.85 15.61 18.94
CA ILE Y 104 62.82 14.59 19.99
C ILE Y 104 61.37 14.34 20.41
N VAL Y 105 60.60 15.41 20.60
CA VAL Y 105 59.17 15.34 20.99
C VAL Y 105 58.42 14.68 19.85
N LEU Y 106 58.68 15.10 18.59
CA LEU Y 106 57.94 14.62 17.42
C LEU Y 106 58.19 13.15 17.15
N GLN Y 107 59.40 12.68 17.43
CA GLN Y 107 59.73 11.24 17.47
C GLN Y 107 58.69 10.53 18.31
N SER Y 108 58.57 10.86 19.59
CA SER Y 108 57.67 10.19 20.53
C SER Y 108 56.22 10.36 20.11
N VAL Y 109 55.82 11.60 19.81
CA VAL Y 109 54.45 11.89 19.33
C VAL Y 109 54.08 10.89 18.24
N PHE Y 110 55.04 10.57 17.39
CA PHE Y 110 54.84 9.64 16.26
C PHE Y 110 54.61 8.21 16.77
N LYS Y 111 55.59 7.68 17.51
CA LYS Y 111 55.55 6.29 18.01
C LYS Y 111 54.25 6.10 18.81
N SER Y 112 53.87 7.12 19.57
CA SER Y 112 52.66 7.12 20.42
C SER Y 112 51.41 7.06 19.55
N ALA Y 113 51.40 7.87 18.49
CA ALA Y 113 50.27 7.97 17.53
C ALA Y 113 50.07 6.66 16.79
N ARG Y 114 51.19 6.06 16.40
CA ARG Y 114 51.23 4.73 15.76
C ARG Y 114 50.48 3.73 16.65
N GLN Y 115 50.96 3.46 17.86
CA GLN Y 115 50.38 2.42 18.72
C GLN Y 115 48.88 2.65 18.91
N LYS Y 116 48.50 3.92 18.96
CA LYS Y 116 47.10 4.33 19.21
C LYS Y 116 46.21 4.08 18.01
N ILE Y 117 46.65 4.55 16.84
CA ILE Y 117 45.91 4.40 15.57
C ILE Y 117 45.98 2.98 15.04
N ALA Y 118 46.91 2.16 15.53
CA ALA Y 118 46.87 0.68 15.42
C ALA Y 118 45.65 0.10 16.12
N LYS Y 119 45.50 0.41 17.42
CA LYS Y 119 44.53 -0.25 18.32
C LYS Y 119 43.09 0.16 17.99
N GLU Y 120 42.84 1.02 17.00
CA GLU Y 120 41.49 1.34 16.44
C GLU Y 120 40.89 0.10 15.73
N GLU Y 121 41.72 -0.84 15.26
CA GLU Y 121 41.28 -2.15 14.71
C GLU Y 121 40.93 -3.06 15.90
N GLU Y 122 41.90 -3.28 16.78
CA GLU Y 122 41.73 -4.01 18.08
C GLU Y 122 42.87 -3.58 19.01
N PRO Z 7 76.65 46.36 -3.61
CA PRO Z 7 75.57 46.33 -2.61
C PRO Z 7 74.59 45.17 -2.80
N ARG Z 8 73.72 45.03 -1.80
CA ARG Z 8 72.56 44.11 -1.79
C ARG Z 8 71.28 44.96 -1.73
N PRO Z 9 70.11 44.42 -2.10
CA PRO Z 9 68.87 45.19 -1.98
C PRO Z 9 68.57 45.60 -0.53
N VAL Z 10 67.85 46.71 -0.45
CA VAL Z 10 67.55 47.39 0.85
C VAL Z 10 66.47 46.63 1.61
N LEU Z 11 65.30 46.49 0.99
CA LEU Z 11 64.17 45.78 1.58
C LEU Z 11 64.28 44.29 1.35
N ARG Z 12 64.88 43.58 2.32
CA ARG Z 12 65.01 42.12 2.25
C ARG Z 12 64.97 41.56 3.64
N SER Z 13 64.57 40.29 3.79
CA SER Z 13 64.63 39.60 5.09
C SER Z 13 66.07 39.38 5.47
N VAL Z 14 66.35 39.36 6.76
CA VAL Z 14 67.69 38.99 7.30
C VAL Z 14 67.73 37.50 7.60
N ASN Z 15 68.79 36.87 7.14
CA ASN Z 15 68.97 35.41 7.31
C ASN Z 15 69.43 35.14 8.73
N SER Z 16 68.51 35.31 9.69
CA SER Z 16 68.81 35.43 11.13
C SER Z 16 68.83 34.04 11.73
N ARG Z 17 67.87 33.20 11.31
CA ARG Z 17 67.74 31.82 11.78
C ARG Z 17 67.41 31.82 13.26
N GLU Z 18 66.79 32.93 13.73
CA GLU Z 18 66.35 33.11 15.12
C GLU Z 18 64.82 33.15 15.15
N PRO Z 19 64.18 32.07 15.61
CA PRO Z 19 62.75 31.90 15.45
C PRO Z 19 61.90 32.97 16.13
N SER Z 20 60.67 33.11 15.71
CA SER Z 20 59.73 34.15 16.16
C SER Z 20 58.33 33.59 16.03
N GLN Z 21 57.62 33.44 17.14
CA GLN Z 21 56.17 33.10 17.11
C GLN Z 21 55.32 34.35 16.85
N VAL Z 22 54.51 34.32 15.77
CA VAL Z 22 53.74 35.52 15.39
C VAL Z 22 52.26 35.15 15.30
N ILE Z 23 51.37 36.09 15.64
CA ILE Z 23 49.91 35.98 15.34
C ILE Z 23 49.60 36.95 14.21
N PHE Z 24 49.33 36.42 13.03
CA PHE Z 24 48.69 37.15 11.91
C PHE Z 24 47.22 37.21 12.21
N CYS Z 25 46.70 38.41 12.35
CA CYS Z 25 45.27 38.63 12.62
C CYS Z 25 44.64 39.57 11.58
N ASN Z 26 43.79 39.01 10.75
CA ASN Z 26 43.05 39.70 9.71
C ASN Z 26 41.82 40.38 10.29
N ARG Z 27 41.95 41.64 10.70
CA ARG Z 27 40.83 42.48 11.15
C ARG Z 27 40.45 43.45 10.04
N SER Z 28 40.30 42.88 8.83
CA SER Z 28 39.81 43.53 7.60
C SER Z 28 38.71 42.67 6.99
N PRO Z 29 37.89 43.23 6.09
CA PRO Z 29 36.86 42.45 5.43
C PRO Z 29 37.38 41.75 4.18
N ARG Z 30 38.62 42.06 3.81
CA ARG Z 30 39.30 41.46 2.67
C ARG Z 30 39.82 40.10 3.09
N VAL Z 31 40.01 39.25 2.08
CA VAL Z 31 40.83 38.02 2.13
C VAL Z 31 42.29 38.41 1.98
N VAL Z 32 43.08 38.21 3.03
CA VAL Z 32 44.48 38.71 3.12
C VAL Z 32 45.52 37.67 2.67
N LEU Z 33 46.39 38.12 1.76
CA LEU Z 33 47.60 37.40 1.29
C LEU Z 33 48.78 37.93 2.08
N PRO Z 34 49.38 37.14 2.97
CA PRO Z 34 50.68 37.47 3.56
C PRO Z 34 51.76 37.34 2.49
N VAL Z 35 52.65 38.31 2.45
CA VAL Z 35 53.81 38.31 1.50
C VAL Z 35 55.08 38.51 2.31
N TRP Z 36 55.96 37.53 2.25
CA TRP Z 36 57.32 37.50 2.83
C TRP Z 36 58.29 37.95 1.75
N LEU Z 37 59.12 38.90 2.12
CA LEU Z 37 60.24 39.32 1.23
C LEU Z 37 61.46 38.51 1.60
N ASN Z 38 61.90 37.67 0.67
CA ASN Z 38 63.03 36.72 0.92
C ASN Z 38 64.35 37.45 1.09
N PHE Z 39 65.44 36.71 1.12
CA PHE Z 39 66.79 37.20 1.42
C PHE Z 39 67.33 38.03 0.28
N ASP Z 40 66.75 37.90 -0.92
CA ASP Z 40 67.10 38.72 -2.09
C ASP Z 40 66.05 39.82 -2.35
N GLY Z 41 65.05 39.95 -1.48
CA GLY Z 41 64.11 41.07 -1.51
C GLY Z 41 62.89 40.77 -2.32
N GLU Z 42 62.80 39.56 -2.84
CA GLU Z 42 61.71 39.16 -3.75
C GLU Z 42 60.53 38.67 -2.90
N PRO Z 43 59.28 39.11 -3.23
CA PRO Z 43 58.10 38.67 -2.52
C PRO Z 43 57.64 37.23 -2.84
N GLN Z 44 57.65 36.39 -1.85
CA GLN Z 44 57.00 35.06 -1.87
C GLN Z 44 55.63 35.21 -1.22
N PRO Z 45 54.55 34.73 -1.88
CA PRO Z 45 53.22 34.68 -1.26
C PRO Z 45 53.06 33.49 -0.32
N TYR Z 46 52.22 33.65 0.72
CA TYR Z 46 51.94 32.59 1.72
C TYR Z 46 50.44 32.33 1.79
N PRO Z 47 49.98 31.25 2.44
CA PRO Z 47 48.56 30.92 2.49
C PRO Z 47 47.68 32.05 3.01
N THR Z 48 46.52 32.24 2.41
CA THR Z 48 45.63 33.40 2.69
C THR Z 48 44.83 33.18 3.97
N LEU Z 49 44.52 34.29 4.66
CA LEU Z 49 43.72 34.29 5.90
C LEU Z 49 42.36 34.87 5.57
N PRO Z 50 41.24 34.16 5.73
CA PRO Z 50 39.92 34.73 5.47
C PRO Z 50 39.66 35.88 6.42
N PRO Z 51 38.61 36.69 6.19
CA PRO Z 51 38.26 37.78 7.08
C PRO Z 51 37.93 37.36 8.50
N GLY Z 52 38.39 38.14 9.46
CA GLY Z 52 38.09 37.90 10.89
C GLY Z 52 38.81 36.73 11.51
N THR Z 53 39.87 36.29 10.83
CA THR Z 53 40.68 35.08 11.16
C THR Z 53 42.01 35.52 11.78
N GLY Z 54 42.46 34.70 12.73
CA GLY Z 54 43.81 34.79 13.29
C GLY Z 54 44.46 33.45 13.11
N ARG Z 55 45.79 33.44 13.04
CA ARG Z 55 46.61 32.19 12.99
C ARG Z 55 47.99 32.38 13.62
N ARG Z 56 48.39 31.47 14.51
CA ARG Z 56 49.79 31.39 14.97
C ARG Z 56 50.65 30.84 13.84
N ILE Z 57 51.67 31.59 13.43
CA ILE Z 57 52.63 31.23 12.36
C ILE Z 57 54.07 31.37 12.85
N HIS Z 58 54.99 30.57 12.30
CA HIS Z 58 56.40 30.56 12.69
C HIS Z 58 57.26 31.32 11.68
N SER Z 59 57.98 32.36 12.17
CA SER Z 59 58.86 33.20 11.34
C SER Z 59 60.16 33.44 12.09
N TYR Z 60 60.98 34.35 11.59
CA TYR Z 60 62.32 34.57 12.18
C TYR Z 60 62.57 36.06 12.41
N ARG Z 61 63.44 36.37 13.39
CA ARG Z 61 63.85 37.78 13.64
C ARG Z 61 64.38 38.37 12.35
N GLY Z 62 63.99 39.59 12.02
CA GLY Z 62 64.49 40.37 10.89
C GLY Z 62 63.82 40.04 9.59
N HIS Z 63 62.80 39.18 9.63
CA HIS Z 63 62.08 38.77 8.39
C HIS Z 63 61.06 39.86 8.07
N LEU Z 64 60.94 40.19 6.79
CA LEU Z 64 60.14 41.34 6.35
C LEU Z 64 58.82 40.85 5.79
N TRP Z 65 57.70 41.40 6.31
CA TRP Z 65 56.36 41.01 5.81
C TRP Z 65 55.52 42.23 5.40
N LEU Z 66 54.75 42.09 4.35
CA LEU Z 66 53.62 43.00 4.05
C LEU Z 66 52.38 42.16 3.71
N PHE Z 67 51.22 42.83 3.65
CA PHE Z 67 49.87 42.19 3.51
C PHE Z 67 49.04 42.94 2.47
N ARG Z 68 48.34 42.20 1.62
CA ARG Z 68 47.60 42.67 0.43
C ARG Z 68 46.29 41.90 0.33
N ASP Z 69 45.30 42.49 -0.35
CA ASP Z 69 44.08 41.77 -0.77
C ASP Z 69 44.49 40.69 -1.78
N ALA Z 70 44.33 39.43 -1.38
CA ALA Z 70 44.72 38.25 -2.21
C ALA Z 70 44.19 38.39 -3.63
N GLY Z 71 42.93 38.84 -3.77
CA GLY Z 71 42.19 38.96 -5.05
C GLY Z 71 42.70 40.12 -5.88
N THR Z 72 42.82 41.32 -5.29
CA THR Z 72 42.99 42.59 -6.04
C THR Z 72 44.40 43.17 -5.86
N HIS Z 73 45.28 42.51 -5.12
CA HIS Z 73 46.62 42.99 -4.69
C HIS Z 73 46.55 44.41 -4.09
N ASP Z 74 45.35 44.90 -3.71
CA ASP Z 74 45.16 46.18 -2.97
C ASP Z 74 46.05 46.17 -1.71
N GLY Z 75 46.64 47.32 -1.33
CA GLY Z 75 47.48 47.46 -0.15
C GLY Z 75 46.67 47.46 1.14
N LEU Z 76 47.26 46.93 2.22
CA LEU Z 76 46.65 46.84 3.57
C LEU Z 76 47.68 47.30 4.62
N LEU Z 77 47.22 47.56 5.83
CA LEU Z 77 48.09 47.96 6.97
C LEU Z 77 48.24 46.82 7.97
N VAL Z 78 49.33 46.87 8.74
CA VAL Z 78 49.72 45.90 9.79
C VAL Z 78 50.35 46.71 10.93
N ASN Z 79 49.64 46.81 12.04
CA ASN Z 79 50.05 47.62 13.22
C ASN Z 79 50.20 49.05 12.73
N GLN Z 80 49.20 49.52 11.97
CA GLN Z 80 49.07 50.89 11.44
C GLN Z 80 50.26 51.35 10.59
N THR Z 81 50.84 50.44 9.83
CA THR Z 81 51.99 50.77 8.96
C THR Z 81 52.00 49.73 7.83
N GLU Z 82 52.98 49.84 6.92
CA GLU Z 82 53.01 49.11 5.63
C GLU Z 82 53.81 47.82 5.76
N LEU Z 83 54.92 47.87 6.52
CA LEU Z 83 55.79 46.73 6.77
C LEU Z 83 55.65 46.20 8.20
N PHE Z 84 55.78 44.88 8.32
CA PHE Z 84 55.91 44.23 9.64
C PHE Z 84 57.21 43.42 9.70
N VAL Z 85 57.98 43.65 10.77
CA VAL Z 85 59.18 42.86 11.14
C VAL Z 85 59.03 42.32 12.56
N PRO Z 86 59.01 40.97 12.74
CA PRO Z 86 58.93 40.38 14.06
C PRO Z 86 60.32 40.53 14.70
N SER Z 87 60.43 41.62 15.46
CA SER Z 87 61.33 41.72 16.67
C SER Z 87 61.53 40.30 17.25
N LEU Z 88 62.64 40.07 17.96
CA LEU Z 88 62.90 38.78 18.63
C LEU Z 88 61.84 38.57 19.73
N ASN Z 89 61.23 37.40 19.70
CA ASN Z 89 60.32 36.91 20.78
C ASN Z 89 60.85 37.24 22.19
N VAL Z 90 59.98 37.77 23.04
CA VAL Z 90 60.25 38.08 24.48
C VAL Z 90 59.54 37.02 25.31
N ASP Z 91 60.29 36.24 26.10
CA ASP Z 91 59.77 35.41 27.22
C ASP Z 91 58.81 34.35 26.69
N GLY Z 92 59.08 33.83 25.50
CA GLY Z 92 58.20 32.89 24.77
C GLY Z 92 56.78 33.40 24.56
N GLN Z 93 56.63 34.73 24.47
CA GLN Z 93 55.33 35.39 24.24
C GLN Z 93 55.21 35.68 22.74
N PRO Z 94 54.08 35.33 22.11
CA PRO Z 94 53.88 35.63 20.69
C PRO Z 94 53.82 37.13 20.39
N ILE Z 95 54.37 37.50 19.22
CA ILE Z 95 54.27 38.88 18.66
C ILE Z 95 53.01 39.00 17.80
N PHE Z 96 52.36 40.16 17.84
CA PHE Z 96 51.00 40.32 17.28
C PHE Z 96 51.04 41.27 16.07
N ALA Z 97 50.53 40.75 14.95
CA ALA Z 97 50.38 41.47 13.65
C ALA Z 97 48.90 41.61 13.35
N ASN Z 98 48.39 42.81 13.65
CA ASN Z 98 46.99 43.26 13.46
C ASN Z 98 46.86 43.87 12.07
N ILE Z 99 46.23 43.15 11.16
CA ILE Z 99 46.04 43.55 9.75
C ILE Z 99 44.68 44.22 9.57
N THR Z 100 44.74 45.47 9.16
CA THR Z 100 43.55 46.32 8.95
C THR Z 100 43.55 46.85 7.54
N LEU Z 101 42.38 47.33 7.12
CA LEU Z 101 42.23 48.23 5.95
C LEU Z 101 42.94 49.54 6.24
N PRO Z 102 43.44 50.22 5.21
CA PRO Z 102 43.80 51.63 5.38
C PRO Z 102 42.56 52.49 5.08
N VAL Z 103 42.72 53.80 5.25
CA VAL Z 103 41.85 54.86 4.68
C VAL Z 103 42.37 55.13 3.26
N TYR Z 104 41.80 54.45 2.28
CA TYR Z 104 42.10 54.68 0.83
C TYR Z 104 41.57 56.05 0.42
N THR Z 105 42.32 56.76 -0.43
CA THR Z 105 41.86 57.98 -1.14
C THR Z 105 40.57 57.62 -1.89
N LEU Z 106 39.55 58.50 -1.82
CA LEU Z 106 38.22 58.20 -2.42
C LEU Z 106 38.44 57.75 -3.86
N LYS Z 107 39.39 58.36 -4.57
CA LYS Z 107 39.71 57.99 -5.96
C LYS Z 107 40.11 56.51 -6.02
N GLU Z 108 41.21 56.17 -5.35
CA GLU Z 108 41.74 54.78 -5.34
C GLU Z 108 40.61 53.84 -4.88
N ARG Z 109 39.76 54.32 -3.98
CA ARG Z 109 38.63 53.48 -3.49
C ARG Z 109 37.65 53.23 -4.64
N CYS Z 110 37.25 54.30 -5.34
CA CYS Z 110 36.35 54.22 -6.52
C CYS Z 110 36.97 53.29 -7.55
N LEU Z 111 38.26 53.54 -7.89
CA LEU Z 111 39.04 52.68 -8.82
C LEU Z 111 38.84 51.20 -8.43
N GLN Z 112 39.06 50.83 -7.16
CA GLN Z 112 38.90 49.45 -6.69
C GLN Z 112 37.52 48.93 -7.09
N VAL Z 113 36.47 49.69 -6.81
CA VAL Z 113 35.04 49.28 -6.98
C VAL Z 113 34.77 49.06 -8.47
N VAL Z 114 35.17 49.98 -9.32
CA VAL Z 114 35.02 49.88 -10.81
C VAL Z 114 35.75 48.61 -11.27
N ARG Z 115 37.05 48.50 -10.96
CA ARG Z 115 37.91 47.33 -11.31
C ARG Z 115 37.20 46.02 -10.95
N SER Z 116 36.53 46.00 -9.79
CA SER Z 116 35.91 44.80 -9.19
C SER Z 116 34.63 44.35 -9.95
N LEU Z 117 34.05 45.29 -10.72
CA LEU Z 117 32.80 45.10 -11.50
C LEU Z 117 33.10 44.87 -13.00
N VAL Z 118 33.83 45.74 -13.65
CA VAL Z 118 34.05 45.80 -15.11
C VAL Z 118 35.15 44.80 -15.37
N LYS Z 119 35.24 44.27 -16.58
CA LYS Z 119 36.36 43.48 -17.14
C LYS Z 119 37.45 44.40 -17.71
N PRO Z 120 38.76 44.13 -17.51
CA PRO Z 120 39.80 45.07 -17.89
C PRO Z 120 39.96 45.33 -19.39
N GLU Z 121 39.26 44.58 -20.21
CA GLU Z 121 39.10 44.78 -21.68
C GLU Z 121 38.01 45.80 -21.98
N ASN Z 122 37.27 46.30 -20.98
CA ASN Z 122 36.12 47.20 -21.16
C ASN Z 122 36.31 48.55 -20.47
N TYR Z 123 37.44 48.75 -19.81
CA TYR Z 123 37.73 49.98 -19.05
C TYR Z 123 37.53 51.19 -19.96
N ARG Z 124 37.92 51.08 -21.23
CA ARG Z 124 37.86 52.20 -22.18
C ARG Z 124 36.48 52.33 -22.83
N ARG Z 125 35.54 51.47 -22.43
CA ARG Z 125 34.16 51.49 -22.91
C ARG Z 125 33.29 52.34 -21.98
N LEU Z 126 33.94 53.08 -21.07
CA LEU Z 126 33.28 53.83 -19.97
C LEU Z 126 33.29 55.33 -20.32
N ASP Z 127 32.20 56.04 -19.99
CA ASP Z 127 32.01 57.49 -20.32
C ASP Z 127 32.78 58.37 -19.33
N ILE Z 128 34.12 58.28 -19.33
CA ILE Z 128 35.00 59.00 -18.36
C ILE Z 128 36.21 59.62 -19.08
N VAL Z 129 36.77 60.70 -18.50
CA VAL Z 129 38.03 61.38 -18.92
C VAL Z 129 39.09 60.31 -19.25
N ARG Z 130 39.85 60.57 -20.30
CA ARG Z 130 40.89 59.64 -20.86
C ARG Z 130 41.86 59.19 -19.77
N SER Z 131 42.33 60.13 -18.94
CA SER Z 131 43.33 59.85 -17.88
C SER Z 131 42.93 58.65 -17.01
N LEU Z 132 41.64 58.51 -16.69
CA LEU Z 132 41.11 57.50 -15.76
C LEU Z 132 41.16 56.08 -16.34
N TYR Z 133 41.37 55.96 -17.64
CA TYR Z 133 41.50 54.65 -18.32
C TYR Z 133 42.77 53.95 -17.84
N GLU Z 134 43.86 54.69 -17.91
CA GLU Z 134 45.22 54.31 -17.46
C GLU Z 134 45.19 54.03 -15.95
N ASP Z 135 44.65 54.97 -15.17
CA ASP Z 135 44.55 54.88 -13.68
C ASP Z 135 43.83 53.56 -13.29
N LEU Z 136 42.79 53.18 -14.06
CA LEU Z 136 42.08 51.89 -13.83
C LEU Z 136 43.02 50.70 -14.13
N GLU Z 137 43.87 50.81 -15.16
CA GLU Z 137 44.64 49.70 -15.77
C GLU Z 137 45.94 49.49 -14.97
N ASP Z 138 46.43 50.56 -14.33
CA ASP Z 138 47.66 50.55 -13.51
C ASP Z 138 47.34 49.86 -12.17
N HIS Z 139 47.10 48.54 -12.20
CA HIS Z 139 46.60 47.73 -11.04
C HIS Z 139 47.57 47.80 -9.86
N PRO Z 140 47.10 47.73 -8.59
CA PRO Z 140 47.99 47.63 -7.45
C PRO Z 140 48.97 46.47 -7.62
N ASN Z 141 50.24 46.65 -7.24
CA ASN Z 141 51.32 45.69 -7.57
C ASN Z 141 52.41 45.89 -6.51
N VAL Z 142 52.87 44.81 -5.86
CA VAL Z 142 53.81 44.95 -4.70
C VAL Z 142 55.14 45.47 -5.26
N GLN Z 143 55.54 45.04 -6.46
CA GLN Z 143 56.85 45.41 -7.07
C GLN Z 143 56.96 46.94 -7.16
N LYS Z 144 55.88 47.60 -7.61
CA LYS Z 144 55.80 49.07 -7.72
C LYS Z 144 55.99 49.72 -6.34
N ASP Z 145 55.28 49.17 -5.35
CA ASP Z 145 55.28 49.68 -3.95
C ASP Z 145 56.64 49.50 -3.28
N LEU Z 146 57.28 48.35 -3.51
CA LEU Z 146 58.59 48.03 -2.94
C LEU Z 146 59.62 49.05 -3.37
N GLU Z 147 59.60 49.42 -4.66
CA GLU Z 147 60.37 50.53 -5.22
C GLU Z 147 60.17 51.78 -4.40
N ARG Z 148 58.89 52.09 -4.14
CA ARG Z 148 58.49 53.30 -3.41
C ARG Z 148 59.01 53.32 -1.98
N LEU Z 149 58.83 52.24 -1.24
CA LEU Z 149 59.33 52.07 0.13
C LEU Z 149 60.86 52.06 0.17
N THR Z 150 61.48 51.40 -0.81
CA THR Z 150 62.93 51.43 -0.98
C THR Z 150 63.44 52.86 -1.13
N GLN Z 151 62.87 53.59 -2.08
CA GLN Z 151 63.29 54.98 -2.36
C GLN Z 151 62.67 56.00 -1.40
N GLU Z 152 61.90 55.54 -0.42
CA GLU Z 152 61.49 56.29 0.79
C GLU Z 152 62.50 56.06 1.90
N ARG Z 153 63.13 54.88 1.94
CA ARG Z 153 64.16 54.52 2.92
C ARG Z 153 65.52 55.10 2.55
N ILE Z 154 65.84 54.98 1.27
CA ILE Z 154 66.99 55.61 0.58
C ILE Z 154 66.91 57.12 0.64
N ALA Z 155 65.71 57.66 0.61
CA ALA Z 155 65.43 59.09 0.81
C ALA Z 155 65.03 59.37 2.25
N HIS Z 156 65.38 58.47 3.17
CA HIS Z 156 65.42 58.65 4.64
C HIS Z 156 66.81 58.35 5.18
N GLN Z 157 67.81 58.18 4.29
CA GLN Z 157 69.25 57.97 4.63
C GLN Z 157 70.20 58.82 3.76
N ARG Z 158 69.90 60.12 3.72
CA ARG Z 158 70.53 61.13 2.85
C ARG Z 158 72.02 60.84 2.61
N MET AA 1 34.22 75.49 12.82
CA MET AA 1 33.99 76.40 11.65
C MET AA 1 33.39 75.59 10.49
N TYR AA 2 32.24 76.01 9.95
CA TYR AA 2 31.52 75.33 8.85
C TYR AA 2 31.70 76.10 7.53
N VAL AA 3 31.65 75.38 6.39
CA VAL AA 3 31.59 75.95 5.01
C VAL AA 3 30.33 75.39 4.34
N LYS AA 4 29.92 75.95 3.19
CA LYS AA 4 28.70 75.50 2.46
C LYS AA 4 29.10 75.03 1.06
N LEU AA 5 28.84 73.76 0.75
CA LEU AA 5 29.10 73.14 -0.57
C LEU AA 5 27.76 73.00 -1.31
N ILE AA 6 27.65 73.61 -2.48
CA ILE AA 6 26.38 73.66 -3.27
C ILE AA 6 26.55 72.87 -4.57
N SER AA 7 25.66 71.89 -4.80
CA SER AA 7 25.68 70.97 -5.98
C SER AA 7 25.15 71.68 -7.23
N SER AA 8 25.38 71.08 -8.40
CA SER AA 8 24.91 71.57 -9.71
C SER AA 8 23.40 71.84 -9.66
N ASP AA 9 22.64 70.92 -9.06
CA ASP AA 9 21.16 70.99 -8.99
C ASP AA 9 20.74 71.79 -7.75
N GLY AA 10 21.63 72.60 -7.16
CA GLY AA 10 21.29 73.69 -6.22
C GLY AA 10 21.15 73.27 -4.77
N HIS AA 11 21.38 71.99 -4.45
CA HIS AA 11 21.40 71.47 -3.07
C HIS AA 11 22.55 72.09 -2.27
N GLU AA 12 22.26 72.47 -1.02
CA GLU AA 12 23.24 72.97 -0.03
C GLU AA 12 23.69 71.85 0.90
N PHE AA 13 24.98 71.80 1.19
CA PHE AA 13 25.63 70.87 2.17
C PHE AA 13 26.51 71.70 3.09
N ILE AA 14 26.15 71.80 4.38
CA ILE AA 14 26.93 72.52 5.42
C ILE AA 14 27.81 71.50 6.16
N VAL AA 15 29.12 71.53 5.91
CA VAL AA 15 30.12 70.62 6.53
C VAL AA 15 31.18 71.43 7.27
N LYS AA 16 31.89 70.78 8.18
CA LYS AA 16 33.04 71.38 8.91
C LYS AA 16 34.15 71.69 7.90
N ARG AA 17 34.83 72.83 8.07
CA ARG AA 17 35.94 73.25 7.17
C ARG AA 17 36.97 72.12 7.12
N GLU AA 18 37.45 71.70 8.29
CA GLU AA 18 38.48 70.66 8.47
C GLU AA 18 38.15 69.43 7.62
N HIS AA 19 36.88 69.03 7.63
CA HIS AA 19 36.35 67.88 6.82
C HIS AA 19 36.55 68.17 5.34
N ALA AA 20 36.12 69.34 4.87
CA ALA AA 20 36.19 69.74 3.45
C ALA AA 20 37.64 69.81 2.95
N LEU AA 21 38.54 70.32 3.79
CA LEU AA 21 39.98 70.49 3.48
C LEU AA 21 40.59 69.16 3.06
N THR AA 22 39.91 68.04 3.36
CA THR AA 22 40.30 66.70 2.88
C THR AA 22 40.53 66.74 1.37
N SER AA 23 39.70 67.49 0.64
CA SER AA 23 39.83 67.65 -0.83
C SER AA 23 40.93 68.67 -1.16
N GLY AA 24 42.01 68.21 -1.80
CA GLY AA 24 43.13 69.05 -2.24
C GLY AA 24 42.65 70.14 -3.16
N THR AA 25 41.63 69.87 -3.98
CA THR AA 25 41.00 70.83 -4.91
C THR AA 25 40.27 71.90 -4.13
N ILE AA 26 39.46 71.52 -3.13
CA ILE AA 26 38.71 72.48 -2.26
C ILE AA 26 39.71 73.27 -1.41
N LYS AA 27 40.74 72.58 -0.91
CA LYS AA 27 41.86 73.23 -0.18
C LYS AA 27 42.50 74.28 -1.11
N ALA AA 28 42.71 73.94 -2.38
CA ALA AA 28 43.37 74.71 -3.44
C ALA AA 28 42.38 75.70 -4.04
N MET AA 29 41.07 75.43 -3.99
CA MET AA 29 40.03 76.35 -4.53
C MET AA 29 39.99 77.64 -3.70
N LEU AA 30 40.10 77.51 -2.37
CA LEU AA 30 39.94 78.62 -1.40
C LEU AA 30 41.31 79.23 -1.10
N SER AA 31 42.41 78.52 -1.38
CA SER AA 31 43.82 78.91 -1.10
C SER AA 31 44.30 80.05 -2.02
N GLY AA 32 43.78 80.14 -3.25
CA GLY AA 32 44.07 81.22 -4.20
C GLY AA 32 43.29 82.48 -3.81
N PRO AA 33 42.66 83.21 -4.77
CA PRO AA 33 41.96 84.45 -4.47
C PRO AA 33 40.82 84.30 -3.46
N GLY AA 34 40.60 85.27 -2.56
CA GLY AA 34 39.94 85.05 -1.26
C GLY AA 34 39.01 86.18 -0.86
N GLN AA 35 38.56 86.15 0.39
CA GLN AA 35 37.44 86.99 0.92
C GLN AA 35 37.82 87.60 2.29
N PHE AA 36 36.85 88.22 2.95
CA PHE AA 36 37.00 89.14 4.12
C PHE AA 36 37.56 88.41 5.35
N ALA AA 37 37.88 87.11 5.26
CA ALA AA 37 38.37 86.28 6.39
C ALA AA 37 39.91 86.28 6.41
N GLU AA 38 40.55 86.00 5.28
CA GLU AA 38 42.02 86.18 5.05
C GLU AA 38 42.32 85.96 3.56
N ASN AA 39 42.51 84.70 3.12
CA ASN AA 39 42.87 84.32 1.73
C ASN AA 39 41.92 83.21 1.26
N GLU AA 40 40.64 83.26 1.66
CA GLU AA 40 39.68 82.12 1.54
C GLU AA 40 38.26 82.59 1.85
N THR AA 41 37.27 81.88 1.31
CA THR AA 41 35.81 82.07 1.53
C THR AA 41 35.26 80.95 2.42
N ASN AA 42 33.94 80.91 2.57
CA ASN AA 42 33.18 79.85 3.28
C ASN AA 42 31.83 79.67 2.54
N GLU AA 43 31.90 79.58 1.22
CA GLU AA 43 30.81 79.10 0.33
C GLU AA 43 31.44 78.73 -1.02
N VAL AA 44 31.13 77.55 -1.54
CA VAL AA 44 31.70 76.95 -2.79
C VAL AA 44 30.55 76.33 -3.59
N ASN AA 45 30.57 76.54 -4.90
CA ASN AA 45 29.54 76.02 -5.83
C ASN AA 45 30.20 75.03 -6.79
N PHE AA 46 29.63 73.84 -6.93
CA PHE AA 46 30.10 72.83 -7.92
C PHE AA 46 29.11 72.71 -9.06
N ARG AA 47 29.48 73.21 -10.24
CA ARG AA 47 28.55 73.39 -11.40
C ARG AA 47 28.43 72.08 -12.16
N GLU AA 48 29.37 71.15 -11.97
CA GLU AA 48 29.41 69.82 -12.65
C GLU AA 48 28.77 68.73 -11.77
N ILE AA 49 29.00 68.78 -10.45
CA ILE AA 49 28.70 67.66 -9.51
C ILE AA 49 27.27 67.75 -9.01
N PRO AA 50 26.43 66.72 -9.26
CA PRO AA 50 25.06 66.70 -8.74
C PRO AA 50 25.02 66.34 -7.26
N SER AA 51 23.86 66.53 -6.65
CA SER AA 51 23.59 66.36 -5.20
C SER AA 51 23.92 64.93 -4.72
N HIS AA 52 23.36 63.95 -5.41
CA HIS AA 52 23.48 62.52 -5.00
C HIS AA 52 24.95 62.10 -4.93
N VAL AA 53 25.82 62.79 -5.67
CA VAL AA 53 27.28 62.56 -5.64
C VAL AA 53 27.88 63.33 -4.47
N LEU AA 54 27.67 64.66 -4.45
CA LEU AA 54 28.31 65.56 -3.48
C LEU AA 54 27.99 65.10 -2.04
N SER AA 55 26.77 64.57 -1.82
CA SER AA 55 26.36 63.93 -0.54
C SER AA 55 27.38 62.85 -0.18
N LYS AA 56 27.60 61.91 -1.09
CA LYS AA 56 28.56 60.79 -0.93
C LYS AA 56 29.96 61.34 -0.65
N VAL AA 57 30.37 62.39 -1.35
CA VAL AA 57 31.70 63.03 -1.21
C VAL AA 57 31.83 63.56 0.22
N CYS AA 58 30.76 64.06 0.81
CA CYS AA 58 30.75 64.55 2.22
C CYS AA 58 30.79 63.36 3.18
N MET AA 59 29.97 62.36 2.92
CA MET AA 59 29.99 61.10 3.68
C MET AA 59 31.44 60.62 3.78
N TYR AA 60 32.19 60.71 2.69
CA TYR AA 60 33.61 60.32 2.67
C TYR AA 60 34.45 61.23 3.55
N PHE AA 61 34.28 62.55 3.43
CA PHE AA 61 35.00 63.51 4.30
C PHE AA 61 34.82 63.09 5.76
N THR AA 62 33.57 62.85 6.16
CA THR AA 62 33.24 62.41 7.53
C THR AA 62 34.13 61.20 7.90
N TYR AA 63 34.04 60.17 7.06
CA TYR AA 63 34.73 58.87 7.20
C TYR AA 63 36.24 59.09 7.30
N LYS AA 64 36.79 59.89 6.39
CA LYS AA 64 38.24 60.10 6.27
C LYS AA 64 38.80 60.67 7.56
N VAL AA 65 38.14 61.70 8.09
CA VAL AA 65 38.57 62.39 9.34
C VAL AA 65 38.47 61.44 10.53
N ARG AA 66 37.33 60.77 10.65
CA ARG AA 66 37.04 59.88 11.82
C ARG AA 66 38.09 58.78 11.96
N TYR AA 67 38.58 58.23 10.85
CA TYR AA 67 39.32 56.94 10.81
C TYR AA 67 40.82 57.14 10.51
N THR AA 68 41.26 58.26 9.94
CA THR AA 68 42.70 58.50 9.68
C THR AA 68 43.43 58.55 11.04
N ASN AA 69 44.52 57.80 11.18
CA ASN AA 69 45.38 57.80 12.40
C ASN AA 69 44.52 57.48 13.63
N SER AA 70 43.75 56.41 13.53
CA SER AA 70 42.89 55.83 14.59
C SER AA 70 43.11 54.32 14.59
N SER AA 71 43.23 53.73 15.78
CA SER AA 71 43.51 52.31 16.05
C SER AA 71 42.22 51.53 16.11
N THR AA 72 41.08 52.22 16.32
CA THR AA 72 39.72 51.66 16.03
C THR AA 72 39.75 51.03 14.64
N GLU AA 73 39.88 49.69 14.58
CA GLU AA 73 39.69 48.85 13.36
C GLU AA 73 38.75 49.54 12.36
N ILE AA 74 39.13 49.56 11.07
CA ILE AA 74 38.55 50.46 10.04
C ILE AA 74 37.47 49.71 9.26
N PRO AA 75 36.29 50.30 9.02
CA PRO AA 75 35.28 49.69 8.16
C PRO AA 75 35.51 50.06 6.69
N GLU AA 76 34.96 49.25 5.78
CA GLU AA 76 35.05 49.49 4.31
C GLU AA 76 34.18 50.69 3.96
N PHE AA 77 34.65 51.60 3.10
CA PHE AA 77 33.82 52.71 2.55
C PHE AA 77 33.01 52.18 1.37
N PRO AA 78 31.66 52.12 1.47
CA PRO AA 78 30.84 51.49 0.43
C PRO AA 78 30.52 52.44 -0.72
N ILE AA 79 30.48 51.91 -1.93
CA ILE AA 79 30.05 52.66 -3.15
C ILE AA 79 29.11 51.76 -3.91
N ALA AA 80 27.88 52.21 -4.11
CA ALA AA 80 26.85 51.51 -4.89
C ALA AA 80 27.25 51.50 -6.35
N PRO AA 81 27.14 50.36 -7.06
CA PRO AA 81 27.57 50.29 -8.45
C PRO AA 81 27.10 51.46 -9.32
N GLU AA 82 25.82 51.80 -9.18
CA GLU AA 82 25.15 52.83 -9.99
C GLU AA 82 25.89 54.16 -9.89
N ILE AA 83 26.39 54.51 -8.69
CA ILE AA 83 26.98 55.84 -8.41
C ILE AA 83 28.48 55.84 -8.74
N ALA AA 84 29.07 54.66 -8.97
CA ALA AA 84 30.54 54.48 -9.04
C ALA AA 84 31.18 55.50 -9.99
N LEU AA 85 30.78 55.47 -11.26
CA LEU AA 85 31.45 56.24 -12.34
C LEU AA 85 31.44 57.76 -12.06
N GLU AA 86 30.30 58.29 -11.64
CA GLU AA 86 30.14 59.73 -11.35
C GLU AA 86 31.04 60.11 -10.18
N LEU AA 87 31.06 59.26 -9.16
CA LEU AA 87 31.85 59.45 -7.94
C LEU AA 87 33.33 59.39 -8.26
N LEU AA 88 33.75 58.50 -9.15
CA LEU AA 88 35.14 58.41 -9.66
C LEU AA 88 35.52 59.73 -10.32
N MET AA 89 34.67 60.18 -11.25
CA MET AA 89 34.82 61.50 -11.92
C MET AA 89 35.08 62.56 -10.85
N ALA AA 90 34.16 62.64 -9.89
CA ALA AA 90 34.13 63.69 -8.84
C ALA AA 90 35.43 63.65 -8.04
N ALA AA 91 35.81 62.48 -7.57
CA ALA AA 91 37.03 62.26 -6.75
C ALA AA 91 38.27 62.72 -7.53
N ASN AA 92 38.37 62.28 -8.78
CA ASN AA 92 39.45 62.67 -9.70
C ASN AA 92 39.53 64.20 -9.73
N PHE AA 93 38.40 64.87 -9.94
CA PHE AA 93 38.31 66.35 -9.96
C PHE AA 93 38.75 66.93 -8.63
N LEU AA 94 38.30 66.37 -7.51
CA LEU AA 94 38.41 66.96 -6.15
C LEU AA 94 39.74 66.57 -5.51
N ASP AA 95 40.47 65.60 -6.06
CA ASP AA 95 41.78 65.13 -5.54
C ASP AA 95 41.62 64.72 -4.06
N CYS AA 96 40.99 63.56 -3.84
CA CYS AA 96 40.83 62.92 -2.51
C CYS AA 96 40.33 61.48 -2.70
N MET BA 1 30.08 55.47 22.52
CA MET BA 1 29.55 55.18 21.16
C MET BA 1 28.82 56.41 20.60
N ASP BA 2 29.28 56.93 19.44
CA ASP BA 2 28.84 58.19 18.80
C ASP BA 2 27.92 57.87 17.63
N VAL BA 3 27.14 58.85 17.17
CA VAL BA 3 26.28 58.74 15.96
C VAL BA 3 26.64 59.88 15.00
N PHE BA 4 26.59 59.57 13.70
CA PHE BA 4 26.81 60.52 12.58
C PHE BA 4 25.49 60.74 11.83
N LEU BA 5 25.16 62.01 11.57
CA LEU BA 5 23.80 62.44 11.17
C LEU BA 5 23.88 63.35 9.94
N MET BA 6 22.91 63.18 9.05
CA MET BA 6 22.49 64.22 8.07
C MET BA 6 21.18 64.82 8.59
N ILE BA 7 21.20 66.09 9.00
CA ILE BA 7 19.98 66.86 9.38
C ILE BA 7 19.52 67.62 8.13
N ARG BA 8 18.29 67.38 7.67
CA ARG BA 8 17.87 67.75 6.29
C ARG BA 8 16.52 68.46 6.31
N ARG BA 9 16.45 69.68 5.74
CA ARG BA 9 15.23 70.48 5.49
C ARG BA 9 15.33 71.13 4.11
N HIS BA 10 14.32 70.92 3.27
CA HIS BA 10 14.25 71.44 1.89
C HIS BA 10 15.52 70.99 1.15
N LYS BA 11 16.30 71.94 0.64
CA LYS BA 11 17.56 71.69 -0.12
C LYS BA 11 18.78 71.93 0.77
N THR BA 12 18.57 72.11 2.09
CA THR BA 12 19.63 72.29 3.10
C THR BA 12 19.90 70.96 3.81
N THR BA 13 21.17 70.66 4.11
CA THR BA 13 21.65 69.37 4.67
C THR BA 13 22.88 69.61 5.57
N ILE BA 14 22.79 69.23 6.84
CA ILE BA 14 23.88 69.41 7.86
C ILE BA 14 24.52 68.06 8.14
N PHE BA 15 25.85 68.01 7.98
CA PHE BA 15 26.70 66.82 8.26
C PHE BA 15 27.41 67.00 9.61
N THR BA 16 26.95 66.33 10.65
CA THR BA 16 27.45 66.50 12.03
C THR BA 16 27.35 65.19 12.81
N ASP BA 17 27.94 65.19 14.01
CA ASP BA 17 28.05 64.03 14.93
C ASP BA 17 27.47 64.42 16.30
N ALA BA 18 27.05 63.42 17.06
CA ALA BA 18 26.56 63.57 18.45
C ALA BA 18 26.84 62.28 19.21
N LYS BA 19 26.58 62.29 20.51
CA LYS BA 19 26.68 61.07 21.37
C LYS BA 19 25.33 60.34 21.34
N GLU BA 20 25.38 59.01 21.37
CA GLU BA 20 24.17 58.14 21.40
C GLU BA 20 23.33 58.57 22.60
N SER BA 21 24.02 58.88 23.69
CA SER BA 21 23.43 59.23 25.01
C SER BA 21 22.86 60.66 25.01
N SER BA 22 23.40 61.57 24.19
CA SER BA 22 22.96 62.99 24.13
C SER BA 22 21.51 63.06 23.64
N THR BA 23 20.81 64.15 24.00
CA THR BA 23 19.32 64.26 23.91
C THR BA 23 18.89 65.03 22.66
N VAL BA 24 17.68 64.75 22.19
CA VAL BA 24 17.05 65.42 21.01
C VAL BA 24 17.15 66.95 21.19
N PHE BA 25 16.99 67.43 22.42
CA PHE BA 25 17.08 68.87 22.73
C PHE BA 25 18.49 69.37 22.41
N GLU BA 26 19.50 68.64 22.91
CA GLU BA 26 20.93 69.02 22.81
C GLU BA 26 21.33 69.09 21.33
N LEU BA 27 20.72 68.25 20.49
CA LEU BA 27 20.93 68.27 19.02
C LEU BA 27 20.42 69.60 18.45
N LYS BA 28 19.23 70.04 18.87
CA LYS BA 28 18.61 71.32 18.41
C LYS BA 28 19.53 72.47 18.79
N ARG BA 29 20.25 72.36 19.91
CA ARG BA 29 21.27 73.35 20.38
C ARG BA 29 22.40 73.45 19.36
N ILE BA 30 22.87 72.34 18.80
CA ILE BA 30 23.89 72.32 17.71
C ILE BA 30 23.33 73.05 16.49
N VAL BA 31 22.07 72.77 16.14
CA VAL BA 31 21.37 73.32 14.96
C VAL BA 31 21.23 74.83 15.12
N GLU BA 32 21.03 75.27 16.36
CA GLU BA 32 20.98 76.71 16.71
C GLU BA 32 22.30 77.39 16.34
N GLY BA 33 23.42 76.80 16.77
CA GLY BA 33 24.77 77.37 16.62
C GLY BA 33 25.21 77.48 15.18
N ILE BA 34 24.49 76.80 14.29
CA ILE BA 34 24.78 76.73 12.82
C ILE BA 34 23.87 77.69 12.04
N LEU BA 35 22.55 77.53 12.19
CA LEU BA 35 21.54 78.25 11.39
C LEU BA 35 21.01 79.51 12.10
N LYS BA 36 21.11 79.54 13.44
CA LYS BA 36 20.53 80.60 14.31
C LYS BA 36 19.00 80.51 14.34
N ARG BA 37 18.48 79.40 14.84
CA ARG BA 37 17.06 79.23 15.20
C ARG BA 37 17.02 78.53 16.54
N PRO BA 38 16.31 79.05 17.55
CA PRO BA 38 16.25 78.42 18.85
C PRO BA 38 15.45 77.12 18.87
N PRO BA 39 15.74 76.22 19.84
CA PRO BA 39 15.08 74.91 19.92
C PRO BA 39 13.55 74.89 19.89
N ASP BA 40 12.91 75.96 20.37
CA ASP BA 40 11.43 76.09 20.40
C ASP BA 40 10.90 76.33 18.99
N GLU BA 41 11.78 76.67 18.04
CA GLU BA 41 11.41 76.89 16.62
C GLU BA 41 11.97 75.78 15.73
N GLN BA 42 11.94 74.54 16.21
CA GLN BA 42 12.44 73.33 15.49
C GLN BA 42 11.50 72.17 15.80
N ARG BA 43 11.37 71.23 14.89
CA ARG BA 43 10.72 69.92 15.14
C ARG BA 43 11.50 68.87 14.36
N LEU BA 44 12.14 67.94 15.06
CA LEU BA 44 13.02 66.91 14.46
C LEU BA 44 12.28 65.59 14.35
N TYR BA 45 12.51 64.88 13.25
CA TYR BA 45 11.83 63.62 12.89
C TYR BA 45 12.85 62.52 12.59
N LYS BA 46 12.44 61.29 12.86
CA LYS BA 46 13.06 60.07 12.30
C LYS BA 46 12.05 59.41 11.37
N ASP BA 47 12.17 59.73 10.07
CA ASP BA 47 11.15 59.43 9.02
C ASP BA 47 10.00 60.42 9.23
N ASP BA 48 8.79 59.93 9.52
CA ASP BA 48 7.57 60.74 9.71
C ASP BA 48 7.26 60.90 11.20
N GLN BA 49 7.89 60.07 12.05
CA GLN BA 49 7.69 60.17 13.52
C GLN BA 49 8.50 61.33 14.09
N LEU BA 50 7.81 62.23 14.80
CA LEU BA 50 8.38 63.37 15.55
C LEU BA 50 9.12 62.82 16.78
N LEU BA 51 10.19 63.49 17.17
CA LEU BA 51 11.08 63.12 18.29
C LEU BA 51 10.71 64.00 19.48
N ASP BA 52 11.07 63.54 20.68
CA ASP BA 52 10.75 64.17 21.99
C ASP BA 52 12.03 64.69 22.64
N ASP BA 53 12.05 65.97 23.02
CA ASP BA 53 13.23 66.71 23.57
C ASP BA 53 13.97 65.91 24.65
N GLY BA 54 13.24 65.19 25.51
CA GLY BA 54 13.78 64.49 26.68
C GLY BA 54 14.54 63.23 26.32
N LYS BA 55 14.08 62.48 25.30
CA LYS BA 55 14.68 61.19 24.88
C LYS BA 55 16.13 61.39 24.37
N THR BA 56 16.95 60.36 24.53
CA THR BA 56 18.31 60.27 23.93
C THR BA 56 18.18 59.82 22.47
N LEU BA 57 19.11 60.22 21.62
CA LEU BA 57 19.18 59.76 20.21
C LEU BA 57 19.16 58.23 20.20
N GLY BA 58 19.80 57.60 21.19
CA GLY BA 58 19.82 56.13 21.36
C GLY BA 58 18.42 55.57 21.49
N GLU BA 59 17.56 56.26 22.23
CA GLU BA 59 16.15 55.86 22.49
C GLU BA 59 15.32 56.07 21.22
N CYS BA 60 15.61 57.10 20.42
CA CYS BA 60 14.91 57.42 19.15
C CYS BA 60 15.27 56.40 18.05
N GLY BA 61 16.35 55.65 18.23
CA GLY BA 61 16.75 54.54 17.33
C GLY BA 61 18.07 54.77 16.63
N PHE BA 62 18.73 55.91 16.90
CA PHE BA 62 20.02 56.29 16.29
C PHE BA 62 21.13 55.59 17.06
N THR BA 63 21.85 54.66 16.42
CA THR BA 63 22.92 53.88 17.09
C THR BA 63 24.20 53.93 16.25
N SER BA 64 25.32 53.51 16.85
CA SER BA 64 26.64 53.38 16.19
C SER BA 64 26.48 52.63 14.85
N GLN BA 65 25.70 51.56 14.87
CA GLN BA 65 25.58 50.59 13.73
C GLN BA 65 24.61 51.12 12.68
N THR BA 66 23.70 52.04 13.00
CA THR BA 66 22.68 52.58 12.07
C THR BA 66 22.90 54.07 11.82
N ALA BA 67 24.02 54.64 12.28
CA ALA BA 67 24.40 56.05 11.99
C ALA BA 67 25.93 56.15 11.91
N ARG BA 68 26.53 55.50 10.90
CA ARG BA 68 28.00 55.47 10.68
C ARG BA 68 28.41 56.68 9.86
N PRO BA 69 29.69 57.11 9.93
CA PRO BA 69 30.15 58.29 9.22
C PRO BA 69 29.94 58.20 7.70
N GLN BA 70 30.19 57.01 7.15
CA GLN BA 70 30.12 56.68 5.70
C GLN BA 70 28.69 56.34 5.30
N ALA BA 71 27.75 56.28 6.26
CA ALA BA 71 26.32 55.98 6.02
C ALA BA 71 25.46 56.64 7.08
N PRO BA 72 25.54 57.98 7.22
CA PRO BA 72 24.85 58.69 8.30
C PRO BA 72 23.33 58.49 8.27
N ALA BA 73 22.70 58.52 9.44
CA ALA BA 73 21.23 58.47 9.58
C ALA BA 73 20.66 59.86 9.29
N THR BA 74 19.48 59.91 8.69
CA THR BA 74 18.85 61.17 8.21
C THR BA 74 17.82 61.65 9.25
N VAL BA 75 18.07 62.84 9.82
CA VAL BA 75 17.17 63.51 10.79
C VAL BA 75 16.41 64.61 10.05
N GLY BA 76 15.08 64.50 10.03
CA GLY BA 76 14.16 65.46 9.41
C GLY BA 76 14.04 66.73 10.23
N LEU BA 77 14.04 67.89 9.57
CA LEU BA 77 13.90 69.20 10.25
C LEU BA 77 12.70 69.97 9.66
N ALA BA 78 11.91 70.60 10.54
CA ALA BA 78 10.82 71.52 10.17
C ALA BA 78 10.91 72.74 11.06
N PHE BA 79 10.76 73.92 10.46
CA PHE BA 79 10.82 75.21 11.19
C PHE BA 79 9.40 75.68 11.50
N ARG BA 80 9.17 76.06 12.76
CA ARG BA 80 8.00 76.85 13.24
C ARG BA 80 8.34 78.33 13.13
N ALA BA 81 7.41 79.15 12.62
CA ALA BA 81 7.63 80.61 12.40
C ALA BA 81 6.42 81.41 12.90
N ASP BA 82 6.33 81.56 14.23
CA ASP BA 82 5.16 82.07 15.01
C ASP BA 82 4.08 80.98 15.02
N ASP BA 83 3.08 81.06 14.13
CA ASP BA 83 2.02 80.02 13.98
C ASP BA 83 2.27 79.19 12.73
N THR BA 84 3.29 79.52 11.94
CA THR BA 84 3.68 78.76 10.73
C THR BA 84 4.29 77.42 11.16
N PHE BA 85 3.46 76.39 11.31
CA PHE BA 85 3.91 74.98 11.48
C PHE BA 85 4.07 74.31 10.11
N GLU BA 86 5.18 74.61 9.42
CA GLU BA 86 5.50 74.07 8.07
C GLU BA 86 5.41 72.55 8.09
N ALA BA 87 5.08 71.97 6.95
CA ALA BA 87 5.06 70.50 6.75
C ALA BA 87 6.50 70.04 6.56
N LEU BA 88 6.77 68.79 6.93
CA LEU BA 88 8.12 68.18 6.79
C LEU BA 88 8.43 67.99 5.31
N CYS BA 89 9.32 68.84 4.76
CA CYS BA 89 9.69 68.83 3.33
C CYS BA 89 11.20 68.65 3.20
N ILE BA 90 11.62 67.53 2.61
CA ILE BA 90 13.04 67.13 2.37
C ILE BA 90 13.17 66.88 0.87
N GLU BA 91 13.70 67.86 0.12
CA GLU BA 91 13.92 67.72 -1.34
C GLU BA 91 14.85 66.53 -1.56
N PRO BA 92 14.41 65.41 -2.20
CA PRO BA 92 15.26 64.23 -2.31
C PRO BA 92 16.49 64.52 -3.17
N PHE BA 93 17.48 63.64 -3.13
CA PHE BA 93 18.68 63.72 -4.00
C PHE BA 93 18.31 63.31 -5.42
N SER BA 94 19.13 63.75 -6.37
CA SER BA 94 19.03 63.36 -7.79
C SER BA 94 19.26 61.84 -7.90
N SER BA 95 18.84 61.27 -9.02
CA SER BA 95 19.14 59.87 -9.40
C SER BA 95 20.48 59.84 -10.16
N PRO BA 96 21.22 58.71 -10.07
CA PRO BA 96 22.33 58.45 -10.97
C PRO BA 96 21.82 57.91 -12.30
N PRO BA 97 22.52 58.14 -13.44
CA PRO BA 97 22.17 57.49 -14.70
C PRO BA 97 22.22 55.97 -14.54
N GLU BA 98 21.43 55.28 -15.35
CA GLU BA 98 21.24 53.80 -15.22
C GLU BA 98 22.58 53.14 -15.36
N LEU BA 99 22.77 52.03 -14.67
CA LEU BA 99 24.04 51.27 -14.62
C LEU BA 99 24.44 50.82 -16.02
N PRO BA 100 25.59 51.30 -16.55
CA PRO BA 100 26.07 50.85 -17.85
C PRO BA 100 26.20 49.31 -17.93
N ASP BA 101 25.94 48.74 -19.11
CA ASP BA 101 25.93 47.28 -19.37
C ASP BA 101 27.27 46.65 -18.98
N VAL BA 102 28.37 47.39 -19.14
CA VAL BA 102 29.76 46.88 -18.90
C VAL BA 102 30.00 46.67 -17.39
N MET BA 103 29.14 47.20 -16.51
CA MET BA 103 29.23 47.11 -15.02
C MET BA 103 28.29 46.02 -14.48
N LYS BA 104 27.37 45.52 -15.31
CA LYS BA 104 26.39 44.48 -14.95
C LYS BA 104 27.04 43.10 -15.00
N LEU CA 5 -34.39 87.29 -77.91
CA LEU CA 5 -33.33 86.63 -78.78
C LEU CA 5 -31.93 87.18 -78.47
N SER CA 6 -31.66 88.42 -78.90
CA SER CA 6 -30.33 89.08 -78.78
C SER CA 6 -30.18 89.52 -77.34
N PRO CA 7 -29.10 89.15 -76.62
CA PRO CA 7 -28.97 89.45 -75.20
C PRO CA 7 -29.06 90.93 -74.84
N ASN CA 8 -29.74 91.23 -73.74
CA ASN CA 8 -29.82 92.61 -73.17
C ASN CA 8 -28.52 92.89 -72.40
N PRO CA 9 -28.26 94.17 -72.07
CA PRO CA 9 -26.98 94.57 -71.50
C PRO CA 9 -26.71 93.81 -70.21
N PRO CA 10 -25.44 93.48 -69.89
CA PRO CA 10 -25.08 92.77 -68.67
C PRO CA 10 -25.58 93.49 -67.41
N LYS CA 11 -25.40 94.81 -67.38
CA LYS CA 11 -25.79 95.69 -66.24
C LYS CA 11 -27.30 95.60 -65.98
N LEU CA 12 -28.12 95.59 -67.01
CA LEU CA 12 -29.62 95.45 -66.90
C LEU CA 12 -29.96 94.16 -66.12
N THR CA 13 -29.45 93.03 -66.56
CA THR CA 13 -29.72 91.70 -65.97
C THR CA 13 -29.33 91.70 -64.48
N LYS CA 14 -28.21 92.34 -64.15
CA LYS CA 14 -27.70 92.44 -62.75
C LYS CA 14 -28.72 93.17 -61.88
N GLN CA 15 -29.27 94.29 -62.36
CA GLN CA 15 -30.33 95.07 -61.65
C GLN CA 15 -31.52 94.14 -61.36
N MET CA 16 -32.08 93.54 -62.41
CA MET CA 16 -33.24 92.63 -62.35
C MET CA 16 -32.96 91.58 -61.30
N ASN CA 17 -31.76 90.98 -61.28
CA ASN CA 17 -31.39 89.95 -60.29
C ASN CA 17 -31.41 90.56 -58.88
N ALA CA 18 -30.75 91.69 -58.68
CA ALA CA 18 -30.70 92.38 -57.37
C ALA CA 18 -32.13 92.60 -56.84
N ILE CA 19 -32.98 93.24 -57.66
CA ILE CA 19 -34.41 93.53 -57.33
C ILE CA 19 -35.09 92.25 -56.83
N ILE CA 20 -34.99 91.18 -57.60
CA ILE CA 20 -35.77 89.93 -57.36
C ILE CA 20 -35.18 89.21 -56.15
N ASP CA 21 -33.85 89.13 -56.05
CA ASP CA 21 -33.14 88.52 -54.91
C ASP CA 21 -33.55 89.26 -53.64
N THR CA 22 -33.70 90.59 -53.71
CA THR CA 22 -34.20 91.39 -52.56
C THR CA 22 -35.56 90.88 -52.13
N VAL CA 23 -36.47 90.64 -53.09
CA VAL CA 23 -37.87 90.22 -52.81
C VAL CA 23 -37.86 88.81 -52.21
N ILE CA 24 -37.20 87.88 -52.88
CA ILE CA 24 -37.09 86.46 -52.45
C ILE CA 24 -36.52 86.39 -51.03
N ASN CA 25 -35.41 87.08 -50.78
CA ASN CA 25 -34.64 87.01 -49.51
C ASN CA 25 -35.35 87.74 -48.39
N TYR CA 26 -36.11 88.78 -48.69
CA TYR CA 26 -36.84 89.58 -47.66
C TYR CA 26 -37.56 88.64 -46.69
N LYS CA 27 -37.34 88.91 -45.41
CA LYS CA 27 -37.91 88.19 -44.26
C LYS CA 27 -38.85 89.14 -43.51
N ASP CA 28 -39.90 88.55 -42.95
CA ASP CA 28 -40.95 89.29 -42.21
C ASP CA 28 -40.45 89.56 -40.79
N SER CA 29 -41.35 90.20 -40.03
CA SER CA 29 -41.24 90.50 -38.60
C SER CA 29 -41.45 89.19 -37.85
N SER CA 30 -40.58 88.23 -38.09
CA SER CA 30 -40.34 87.03 -37.25
C SER CA 30 -39.13 86.26 -37.80
N GLY CA 31 -38.55 86.64 -38.95
CA GLY CA 31 -37.31 86.04 -39.45
C GLY CA 31 -37.54 85.06 -40.59
N ARG CA 32 -38.80 84.79 -40.88
CA ARG CA 32 -39.28 83.89 -41.97
C ARG CA 32 -39.21 84.59 -43.33
N GLN CA 33 -38.70 83.94 -44.36
CA GLN CA 33 -38.75 84.44 -45.77
C GLN CA 33 -40.11 84.10 -46.39
N LEU CA 34 -40.93 85.10 -46.73
CA LEU CA 34 -42.35 84.85 -47.11
C LEU CA 34 -42.42 84.36 -48.57
N SER CA 35 -41.47 84.75 -49.43
CA SER CA 35 -41.29 84.24 -50.82
C SER CA 35 -41.32 82.70 -50.93
N GLU CA 36 -40.91 81.96 -49.90
CA GLU CA 36 -40.80 80.47 -49.86
C GLU CA 36 -41.90 79.77 -50.65
N VAL CA 37 -43.15 79.94 -50.24
CA VAL CA 37 -44.33 79.22 -50.81
C VAL CA 37 -44.44 79.49 -52.33
N PHE CA 38 -43.94 80.63 -52.80
CA PHE CA 38 -44.11 81.06 -54.20
C PHE CA 38 -42.91 80.74 -55.06
N ILE CA 39 -41.83 80.22 -54.50
CA ILE CA 39 -40.58 79.97 -55.27
C ILE CA 39 -40.89 79.06 -56.46
N GLN CA 40 -41.59 77.95 -56.20
CA GLN CA 40 -41.91 76.93 -57.22
C GLN CA 40 -43.37 76.53 -57.10
N LEU CA 41 -44.07 76.59 -58.23
CA LEU CA 41 -45.47 76.15 -58.39
C LEU CA 41 -45.59 74.66 -58.05
N PRO CA 42 -46.78 74.23 -57.60
CA PRO CA 42 -47.09 72.79 -57.56
C PRO CA 42 -47.31 72.27 -58.99
N SER CA 43 -47.10 70.97 -59.19
CA SER CA 43 -47.35 70.29 -60.47
C SER CA 43 -48.86 70.23 -60.73
N ARG CA 44 -49.23 70.13 -61.99
CA ARG CA 44 -50.64 70.00 -62.45
C ARG CA 44 -51.31 68.82 -61.74
N LYS CA 45 -50.55 67.74 -61.54
CA LYS CA 45 -51.04 66.52 -60.85
C LYS CA 45 -51.28 66.87 -59.39
N GLU CA 46 -50.27 67.46 -58.75
CA GLU CA 46 -50.28 67.88 -57.31
C GLU CA 46 -51.49 68.78 -57.02
N LEU CA 47 -51.73 69.75 -57.87
CA LEU CA 47 -52.82 70.73 -57.67
C LEU CA 47 -53.42 71.13 -59.00
N PRO CA 48 -54.38 70.33 -59.53
CA PRO CA 48 -55.01 70.64 -60.80
C PRO CA 48 -55.88 71.90 -60.78
N GLU CA 49 -56.48 72.22 -59.62
CA GLU CA 49 -57.44 73.35 -59.45
C GLU CA 49 -56.78 74.67 -59.90
N TYR CA 50 -55.49 74.82 -59.59
CA TYR CA 50 -54.73 76.07 -59.83
C TYR CA 50 -54.67 76.32 -61.33
N TYR CA 51 -54.31 75.31 -62.11
CA TYR CA 51 -54.03 75.42 -63.56
C TYR CA 51 -55.32 75.63 -64.36
N GLU CA 52 -56.43 75.04 -63.89
CA GLU CA 52 -57.76 75.19 -64.50
C GLU CA 52 -58.41 76.50 -64.10
N LEU CA 53 -57.82 77.36 -63.26
CA LEU CA 53 -58.38 78.67 -62.84
C LEU CA 53 -57.43 79.83 -63.20
N ILE CA 54 -56.12 79.59 -63.32
CA ILE CA 54 -55.09 80.63 -63.62
C ILE CA 54 -54.59 80.42 -65.06
N ARG CA 55 -54.75 81.43 -65.93
CA ARG CA 55 -54.44 81.34 -67.39
C ARG CA 55 -52.93 81.34 -67.66
N LYS CA 56 -52.18 82.22 -67.00
CA LYS CA 56 -50.70 82.31 -67.12
C LYS CA 56 -50.06 82.10 -65.76
N PRO CA 57 -49.92 80.83 -65.29
CA PRO CA 57 -49.16 80.54 -64.08
C PRO CA 57 -47.72 81.05 -64.19
N VAL CA 58 -47.17 81.41 -63.05
CA VAL CA 58 -45.74 81.82 -62.93
C VAL CA 58 -45.31 81.70 -61.47
N ASP CA 59 -44.04 81.35 -61.30
CA ASP CA 59 -43.36 81.22 -59.99
C ASP CA 59 -42.06 82.00 -60.06
N PHE CA 60 -41.39 82.15 -58.92
CA PHE CA 60 -40.15 82.95 -58.83
C PHE CA 60 -39.03 82.25 -59.60
N LYS CA 61 -39.02 80.91 -59.56
CA LYS CA 61 -38.02 80.11 -60.33
C LYS CA 61 -38.04 80.55 -61.79
N LYS CA 62 -39.24 80.55 -62.39
CA LYS CA 62 -39.45 80.94 -63.82
C LYS CA 62 -38.94 82.37 -64.04
N ILE CA 63 -39.29 83.29 -63.14
CA ILE CA 63 -38.92 84.74 -63.27
C ILE CA 63 -37.39 84.85 -63.30
N LYS CA 64 -36.72 84.26 -62.31
CA LYS CA 64 -35.24 84.24 -62.25
C LYS CA 64 -34.68 83.71 -63.58
N GLU CA 65 -35.32 82.67 -64.11
CA GLU CA 65 -34.93 82.03 -65.39
C GLU CA 65 -35.13 83.00 -66.56
N ARG CA 66 -36.26 83.69 -66.58
CA ARG CA 66 -36.63 84.66 -67.63
C ARG CA 66 -35.67 85.85 -67.61
N ILE CA 67 -35.13 86.18 -66.45
CA ILE CA 67 -34.14 87.28 -66.31
C ILE CA 67 -32.82 86.85 -66.97
N ARG CA 68 -32.37 85.64 -66.66
CA ARG CA 68 -31.08 85.10 -67.12
C ARG CA 68 -31.14 84.88 -68.63
N ASN CA 69 -32.29 84.43 -69.13
CA ASN CA 69 -32.48 84.18 -70.58
C ASN CA 69 -32.96 85.44 -71.30
N HIS CA 70 -32.95 86.57 -70.63
CA HIS CA 70 -33.13 87.92 -71.22
C HIS CA 70 -34.52 88.10 -71.81
N LYS CA 71 -35.55 87.42 -71.31
CA LYS CA 71 -36.90 87.57 -71.94
C LYS CA 71 -37.40 88.98 -71.61
N TYR CA 72 -37.23 89.38 -70.35
CA TYR CA 72 -37.54 90.75 -69.86
C TYR CA 72 -36.49 91.72 -70.41
N ARG CA 73 -36.95 92.86 -70.92
CA ARG CA 73 -36.11 93.86 -71.62
C ARG CA 73 -36.09 95.18 -70.85
N SER CA 74 -36.95 95.32 -69.85
CA SER CA 74 -37.01 96.50 -68.94
C SER CA 74 -37.51 96.05 -67.58
N LEU CA 75 -37.27 96.88 -66.56
CA LEU CA 75 -37.76 96.66 -65.19
C LEU CA 75 -39.28 96.50 -65.23
N GLY CA 76 -39.95 97.26 -66.08
CA GLY CA 76 -41.41 97.18 -66.27
C GLY CA 76 -41.85 95.79 -66.70
N ASP CA 77 -41.14 95.22 -67.66
CA ASP CA 77 -41.41 93.84 -68.15
C ASP CA 77 -41.39 92.88 -66.96
N LEU CA 78 -40.35 93.00 -66.14
CA LEU CA 78 -40.14 92.21 -64.91
C LEU CA 78 -41.31 92.45 -63.93
N GLU CA 79 -41.51 93.69 -63.49
CA GLU CA 79 -42.61 94.11 -62.59
C GLU CA 79 -43.92 93.44 -63.05
N LYS CA 80 -44.25 93.58 -64.33
CA LYS CA 80 -45.51 93.03 -64.92
C LYS CA 80 -45.70 91.58 -64.41
N ASP CA 81 -44.62 90.80 -64.47
CA ASP CA 81 -44.64 89.33 -64.26
C ASP CA 81 -44.69 89.01 -62.77
N VAL CA 82 -44.06 89.85 -61.93
CA VAL CA 82 -44.19 89.76 -60.46
C VAL CA 82 -45.64 90.07 -60.07
N MET CA 83 -46.16 91.21 -60.54
CA MET CA 83 -47.56 91.60 -60.30
C MET CA 83 -48.51 90.47 -60.77
N LEU CA 84 -48.20 89.83 -61.90
CA LEU CA 84 -48.97 88.67 -62.40
C LEU CA 84 -48.95 87.58 -61.33
N LEU CA 85 -47.75 87.21 -60.87
CA LEU CA 85 -47.55 86.20 -59.80
C LEU CA 85 -48.50 86.51 -58.63
N CYS CA 86 -48.31 87.69 -58.03
CA CYS CA 86 -49.05 88.09 -56.82
C CYS CA 86 -50.55 88.09 -57.13
N HIS CA 87 -50.97 88.64 -58.27
CA HIS CA 87 -52.41 88.62 -58.70
C HIS CA 87 -52.90 87.17 -58.78
N ASN CA 88 -52.11 86.29 -59.41
CA ASN CA 88 -52.45 84.84 -59.55
C ASN CA 88 -52.68 84.24 -58.16
N ALA CA 89 -51.76 84.51 -57.24
CA ALA CA 89 -51.85 84.05 -55.84
C ALA CA 89 -53.15 84.55 -55.20
N GLN CA 90 -53.47 85.81 -55.46
CA GLN CA 90 -54.63 86.49 -54.84
C GLN CA 90 -55.93 85.92 -55.42
N THR CA 91 -55.94 85.48 -56.69
CA THR CA 91 -57.15 84.90 -57.32
C THR CA 91 -57.46 83.52 -56.71
N PHE CA 92 -56.44 82.71 -56.46
CA PHE CA 92 -56.60 81.30 -56.05
C PHE CA 92 -56.86 81.17 -54.55
N ASN CA 93 -56.25 82.05 -53.75
CA ASN CA 93 -56.20 81.92 -52.28
C ASN CA 93 -57.32 82.70 -51.59
N LEU CA 94 -57.78 83.78 -52.18
CA LEU CA 94 -58.96 84.55 -51.70
C LEU CA 94 -58.61 85.32 -50.41
N GLU CA 95 -59.19 86.52 -50.30
CA GLU CA 95 -58.85 87.57 -49.31
C GLU CA 95 -58.80 86.99 -47.90
N GLY CA 96 -57.88 87.51 -47.10
CA GLY CA 96 -57.78 87.21 -45.65
C GLY CA 96 -56.74 86.16 -45.32
N SER CA 97 -56.48 85.23 -46.25
CA SER CA 97 -55.59 84.07 -46.06
C SER CA 97 -54.15 84.52 -45.76
N GLN CA 98 -53.37 83.62 -45.18
CA GLN CA 98 -51.92 83.81 -44.90
C GLN CA 98 -51.21 84.15 -46.22
N ILE CA 99 -51.45 83.32 -47.24
CA ILE CA 99 -50.70 83.32 -48.52
C ILE CA 99 -51.09 84.58 -49.31
N TYR CA 100 -52.39 84.90 -49.36
CA TYR CA 100 -52.94 86.13 -49.96
C TYR CA 100 -52.21 87.34 -49.38
N GLU CA 101 -52.24 87.51 -48.06
CA GLU CA 101 -51.66 88.69 -47.36
C GLU CA 101 -50.13 88.69 -47.57
N ASP CA 102 -49.50 87.52 -47.70
CA ASP CA 102 -48.06 87.43 -48.05
C ASP CA 102 -47.81 88.08 -49.43
N SER CA 103 -48.61 87.72 -50.40
CA SER CA 103 -48.50 88.23 -51.80
C SER CA 103 -48.50 89.77 -51.80
N ILE CA 104 -49.38 90.34 -51.00
CA ILE CA 104 -49.58 91.81 -50.88
C ILE CA 104 -48.28 92.43 -50.37
N VAL CA 105 -47.63 91.80 -49.39
CA VAL CA 105 -46.35 92.32 -48.82
C VAL CA 105 -45.31 92.30 -49.94
N LEU CA 106 -45.24 91.21 -50.70
CA LEU CA 106 -44.20 91.00 -51.72
C LEU CA 106 -44.36 92.00 -52.86
N GLN CA 107 -45.60 92.35 -53.20
CA GLN CA 107 -45.90 93.46 -54.13
C GLN CA 107 -45.19 94.73 -53.63
N SER CA 108 -45.48 95.11 -52.40
CA SER CA 108 -44.91 96.30 -51.73
C SER CA 108 -43.38 96.27 -51.75
N VAL CA 109 -42.80 95.15 -51.37
CA VAL CA 109 -41.33 94.97 -51.29
C VAL CA 109 -40.76 95.18 -52.68
N PHE CA 110 -41.42 94.62 -53.71
CA PHE CA 110 -40.91 94.73 -55.09
C PHE CA 110 -40.89 96.19 -55.53
N LYS CA 111 -42.00 96.90 -55.34
CA LYS CA 111 -42.17 98.28 -55.85
C LYS CA 111 -41.08 99.18 -55.25
N SER CA 112 -40.87 99.08 -53.93
CA SER CA 112 -39.84 99.84 -53.22
C SER CA 112 -38.46 99.34 -53.65
N ALA CA 113 -38.30 98.08 -54.03
CA ALA CA 113 -37.03 97.51 -54.54
C ALA CA 113 -36.60 98.19 -55.84
N ARG CA 114 -37.56 98.35 -56.75
CA ARG CA 114 -37.29 99.12 -58.01
C ARG CA 114 -36.80 100.54 -57.63
N GLN CA 115 -37.55 101.20 -56.75
CA GLN CA 115 -37.23 102.58 -56.31
C GLN CA 115 -35.85 102.62 -55.66
N LYS CA 116 -35.51 101.58 -54.89
CA LYS CA 116 -34.22 101.50 -54.17
C LYS CA 116 -33.04 101.32 -55.13
N ILE CA 117 -33.18 100.42 -56.09
CA ILE CA 117 -32.05 100.12 -57.01
C ILE CA 117 -31.96 101.15 -58.13
N ALA CA 118 -33.06 101.87 -58.41
CA ALA CA 118 -33.06 103.15 -59.16
C ALA CA 118 -32.01 104.11 -58.58
N LYS CA 119 -32.10 104.40 -57.28
CA LYS CA 119 -31.24 105.39 -56.62
C LYS CA 119 -29.80 104.90 -56.47
N GLU CA 120 -29.48 103.66 -56.84
CA GLU CA 120 -28.07 103.15 -56.84
C GLU CA 120 -27.28 103.77 -58.01
N GLU CA 121 -27.97 104.25 -59.06
CA GLU CA 121 -27.36 104.91 -60.25
C GLU CA 121 -27.43 106.44 -60.10
N GLU CA 122 -28.40 106.95 -59.32
CA GLU CA 122 -28.49 108.36 -58.87
C GLU CA 122 -28.34 108.41 -57.34
N PRO DA 7 -57.32 49.39 -53.62
CA PRO DA 7 -56.38 49.85 -52.57
C PRO DA 7 -55.59 51.10 -52.98
N ARG DA 8 -54.88 51.67 -52.01
CA ARG DA 8 -54.04 52.87 -52.15
C ARG DA 8 -52.94 52.82 -51.10
N PRO DA 9 -51.85 53.61 -51.22
CA PRO DA 9 -50.71 53.44 -50.32
C PRO DA 9 -51.01 53.89 -48.89
N VAL DA 10 -50.36 53.20 -47.95
CA VAL DA 10 -50.56 53.41 -46.50
C VAL DA 10 -49.73 54.64 -46.12
N LEU DA 11 -48.46 54.59 -46.48
CA LEU DA 11 -47.47 55.65 -46.19
C LEU DA 11 -47.47 56.70 -47.31
N ARG DA 12 -48.29 57.73 -47.19
CA ARG DA 12 -48.31 58.87 -48.13
C ARG DA 12 -48.74 60.12 -47.37
N SER DA 13 -48.33 61.28 -47.86
CA SER DA 13 -48.80 62.58 -47.37
C SER DA 13 -50.28 62.74 -47.73
N VAL DA 14 -50.99 63.48 -46.89
CA VAL DA 14 -52.39 63.93 -47.12
C VAL DA 14 -52.33 65.29 -47.82
N ASN DA 15 -53.12 65.44 -48.86
CA ASN DA 15 -53.24 66.72 -49.58
C ASN DA 15 -54.18 67.64 -48.79
N SER DA 16 -53.69 68.14 -47.67
CA SER DA 16 -54.46 68.87 -46.64
C SER DA 16 -54.61 70.33 -47.03
N ARG DA 17 -53.55 70.91 -47.58
CA ARG DA 17 -53.50 72.33 -47.98
C ARG DA 17 -53.48 73.20 -46.71
N GLU DA 18 -53.26 72.62 -45.53
CA GLU DA 18 -53.30 73.33 -44.25
C GLU DA 18 -51.86 73.55 -43.82
N PRO DA 19 -51.35 74.80 -43.86
CA PRO DA 19 -49.95 75.07 -43.61
C PRO DA 19 -49.43 74.59 -42.24
N SER DA 20 -48.15 74.26 -42.20
CA SER DA 20 -47.43 73.88 -40.98
C SER DA 20 -46.02 74.44 -41.04
N GLN DA 21 -45.66 75.30 -40.11
CA GLN DA 21 -44.26 75.75 -39.86
C GLN DA 21 -43.52 74.66 -39.09
N VAL DA 22 -42.40 74.18 -39.64
CA VAL DA 22 -41.60 73.09 -39.02
C VAL DA 22 -40.16 73.57 -38.85
N ILE DA 23 -39.47 73.11 -37.81
CA ILE DA 23 -38.00 73.29 -37.64
C ILE DA 23 -37.32 71.96 -37.88
N PHE DA 24 -36.61 71.82 -39.00
CA PHE DA 24 -35.70 70.67 -39.23
C PHE DA 24 -34.39 71.00 -38.52
N CYS DA 25 -34.07 70.20 -37.51
CA CYS DA 25 -32.84 70.39 -36.73
C CYS DA 25 -31.96 69.14 -36.82
N ASN DA 26 -30.81 69.28 -37.46
CA ASN DA 26 -29.86 68.17 -37.67
C ASN DA 26 -28.90 68.10 -36.50
N ARG DA 27 -29.25 67.28 -35.50
CA ARG DA 27 -28.40 67.02 -34.32
C ARG DA 27 -27.72 65.67 -34.49
N SER DA 28 -27.29 65.43 -35.73
CA SER DA 28 -26.45 64.28 -36.15
C SER DA 28 -25.15 64.81 -36.74
N PRO DA 29 -24.10 63.97 -36.80
CA PRO DA 29 -22.83 64.38 -37.40
C PRO DA 29 -22.83 64.12 -38.90
N ARG DA 30 -23.92 63.57 -39.42
CA ARG DA 30 -24.13 63.30 -40.84
C ARG DA 30 -24.72 64.54 -41.51
N VAL DA 31 -24.44 64.66 -42.80
CA VAL DA 31 -25.16 65.58 -43.74
C VAL DA 31 -26.51 64.93 -44.06
N VAL DA 32 -27.60 65.57 -43.64
CA VAL DA 32 -28.97 64.97 -43.69
C VAL DA 32 -29.73 65.34 -44.97
N LEU DA 33 -30.29 64.33 -45.63
CA LEU DA 33 -31.26 64.46 -46.74
C LEU DA 33 -32.67 64.30 -46.18
N PRO DA 34 -33.47 65.39 -46.15
CA PRO DA 34 -34.90 65.29 -45.89
C PRO DA 34 -35.56 64.63 -47.10
N VAL DA 35 -36.46 63.70 -46.84
CA VAL DA 35 -37.25 62.99 -47.88
C VAL DA 35 -38.73 63.15 -47.55
N TRP DA 36 -39.47 63.79 -48.46
CA TRP DA 36 -40.94 63.96 -48.40
C TRP DA 36 -41.60 62.82 -49.14
N LEU DA 37 -42.58 62.18 -48.52
CA LEU DA 37 -43.42 61.18 -49.24
C LEU DA 37 -44.63 61.89 -49.82
N ASN DA 38 -44.68 61.98 -51.15
CA ASN DA 38 -45.73 62.73 -51.89
C ASN DA 38 -47.09 62.06 -51.72
N PHE DA 39 -48.10 62.55 -52.45
CA PHE DA 39 -49.50 62.15 -52.26
C PHE DA 39 -49.72 60.73 -52.75
N ASP DA 40 -48.79 60.21 -53.57
CA ASP DA 40 -48.83 58.82 -54.07
C ASP DA 40 -47.82 57.93 -53.32
N GLY DA 41 -47.12 58.47 -52.32
CA GLY DA 41 -46.27 57.67 -51.43
C GLY DA 41 -44.88 57.50 -52.00
N GLU DA 42 -44.57 58.17 -53.11
CA GLU DA 42 -43.19 58.16 -53.66
C GLU DA 42 -42.34 59.18 -52.92
N PRO DA 43 -41.09 58.83 -52.52
CA PRO DA 43 -40.15 59.79 -51.92
C PRO DA 43 -39.61 60.82 -52.91
N GLN DA 44 -39.58 62.09 -52.50
CA GLN DA 44 -38.90 63.21 -53.21
C GLN DA 44 -37.80 63.74 -52.29
N PRO DA 45 -36.55 63.89 -52.79
CA PRO DA 45 -35.48 64.48 -51.99
C PRO DA 45 -35.60 66.01 -51.93
N TYR DA 46 -35.15 66.60 -50.81
CA TYR DA 46 -35.16 68.06 -50.55
C TYR DA 46 -33.74 68.50 -50.22
N PRO DA 47 -33.46 69.82 -50.21
CA PRO DA 47 -32.10 70.33 -49.94
C PRO DA 47 -31.53 69.80 -48.63
N THR DA 48 -30.24 69.48 -48.63
CA THR DA 48 -29.57 68.81 -47.49
C THR DA 48 -29.21 69.83 -46.40
N LEU DA 49 -29.27 69.37 -45.15
CA LEU DA 49 -28.87 70.14 -43.95
C LEU DA 49 -27.49 69.64 -43.55
N PRO DA 50 -26.48 70.51 -43.44
CA PRO DA 50 -25.19 70.14 -42.87
C PRO DA 50 -25.32 69.83 -41.39
N PRO DA 51 -24.32 69.18 -40.78
CA PRO DA 51 -24.37 68.86 -39.36
C PRO DA 51 -24.46 70.08 -38.44
N GLY DA 52 -25.28 69.95 -37.41
CA GLY DA 52 -25.49 71.00 -36.39
C GLY DA 52 -26.27 72.19 -36.91
N THR DA 53 -26.88 72.07 -38.08
CA THR DA 53 -27.70 73.09 -38.75
C THR DA 53 -29.18 72.89 -38.41
N GLY DA 54 -29.90 74.00 -38.35
CA GLY DA 54 -31.37 74.02 -38.31
C GLY DA 54 -31.90 74.90 -39.43
N ARG DA 55 -33.09 74.61 -39.92
CA ARG DA 55 -33.83 75.50 -40.85
C ARG DA 55 -35.33 75.49 -40.54
N ARG DA 56 -35.96 76.67 -40.56
CA ARG DA 56 -37.43 76.80 -40.47
C ARG DA 56 -37.99 76.61 -41.88
N ILE DA 57 -38.84 75.61 -42.06
CA ILE DA 57 -39.37 75.22 -43.40
C ILE DA 57 -40.89 75.13 -43.37
N HIS DA 58 -41.52 75.47 -44.50
CA HIS DA 58 -42.99 75.48 -44.67
CA HIS DA 58 -43.00 75.49 -44.68
C HIS DA 58 -43.43 74.13 -45.25
N SER DA 59 -44.27 73.39 -44.51
CA SER DA 59 -44.89 72.12 -44.94
C SER DA 59 -46.37 72.18 -44.58
N TYR DA 60 -47.08 71.07 -44.64
CA TYR DA 60 -48.56 71.08 -44.47
C TYR DA 60 -48.98 69.97 -43.51
N ARG DA 61 -50.14 70.14 -42.88
CA ARG DA 61 -50.71 69.13 -41.96
C ARG DA 61 -50.83 67.82 -42.72
N GLY DA 62 -50.45 66.71 -42.06
CA GLY DA 62 -50.64 65.36 -42.61
C GLY DA 62 -49.55 64.97 -43.59
N HIS DA 63 -48.59 65.84 -43.83
CA HIS DA 63 -47.45 65.54 -44.73
C HIS DA 63 -46.46 64.65 -43.99
N LEU DA 64 -45.87 63.72 -44.70
CA LEU DA 64 -45.05 62.63 -44.12
C LEU DA 64 -43.59 62.75 -44.56
N TRP DA 65 -42.67 62.75 -43.58
CA TRP DA 65 -41.23 62.95 -43.81
C TRP DA 65 -40.40 61.81 -43.20
N LEU DA 66 -39.29 61.44 -43.84
CA LEU DA 66 -38.18 60.72 -43.17
C LEU DA 66 -36.85 61.38 -43.55
N PHE DA 67 -35.76 61.00 -42.88
CA PHE DA 67 -34.42 61.66 -42.98
C PHE DA 67 -33.32 60.60 -43.10
N ARG DA 68 -32.35 60.82 -44.00
CA ARG DA 68 -31.28 59.85 -44.36
C ARG DA 68 -29.95 60.60 -44.48
N ASP DA 69 -28.84 59.88 -44.34
CA ASP DA 69 -27.48 60.39 -44.72
C ASP DA 69 -27.50 60.65 -46.22
N ALA DA 70 -27.32 61.91 -46.64
CA ALA DA 70 -27.40 62.35 -48.05
C ALA DA 70 -26.42 61.52 -48.90
N GLY DA 71 -25.25 61.22 -48.34
CA GLY DA 71 -24.15 60.50 -48.99
C GLY DA 71 -24.40 59.01 -49.10
N THR DA 72 -24.71 58.34 -47.97
CA THR DA 72 -24.72 56.86 -47.86
C THR DA 72 -26.16 56.30 -47.81
N HIS DA 73 -27.18 57.16 -47.84
CA HIS DA 73 -28.62 56.80 -47.67
C HIS DA 73 -28.85 55.98 -46.39
N ASP DA 74 -27.88 55.97 -45.46
CA ASP DA 74 -28.03 55.41 -44.09
C ASP DA 74 -29.29 56.01 -43.43
N GLY DA 75 -30.04 55.20 -42.68
CA GLY DA 75 -31.24 55.63 -41.94
C GLY DA 75 -30.90 56.50 -40.73
N LEU DA 76 -31.78 57.45 -40.42
CA LEU DA 76 -31.65 58.37 -39.26
C LEU DA 76 -32.99 58.45 -38.51
N LEU DA 77 -32.98 58.99 -37.29
CA LEU DA 77 -34.20 59.16 -36.48
C LEU DA 77 -34.62 60.64 -36.43
N VAL DA 78 -35.90 60.86 -36.14
CA VAL DA 78 -36.53 62.21 -36.03
C VAL DA 78 -37.54 62.11 -34.88
N ASN DA 79 -37.24 62.76 -33.75
CA ASN DA 79 -38.08 62.69 -32.53
C ASN DA 79 -38.15 61.23 -32.12
N GLN DA 80 -36.99 60.57 -32.12
CA GLN DA 80 -36.77 59.18 -31.62
C GLN DA 80 -37.62 58.15 -32.38
N THR DA 81 -37.91 58.40 -33.64
CA THR DA 81 -38.72 57.47 -34.48
C THR DA 81 -38.29 57.65 -35.92
N GLU DA 82 -38.89 56.89 -36.85
CA GLU DA 82 -38.40 56.75 -38.25
C GLU DA 82 -39.12 57.72 -39.17
N LEU DA 83 -40.42 57.93 -38.96
CA LEU DA 83 -41.24 58.90 -39.70
C LEU DA 83 -41.62 60.11 -38.86
N PHE DA 84 -41.76 61.26 -39.51
CA PHE DA 84 -42.29 62.51 -38.90
C PHE DA 84 -43.47 63.04 -39.68
N VAL DA 85 -44.57 63.36 -38.98
CA VAL DA 85 -45.75 64.08 -39.54
C VAL DA 85 -46.06 65.31 -38.68
N PRO DA 86 -45.99 66.54 -39.21
CA PRO DA 86 -46.45 67.71 -38.47
C PRO DA 86 -47.99 67.74 -38.41
N SER DA 87 -48.55 67.82 -37.21
CA SER DA 87 -49.97 68.22 -37.00
C SER DA 87 -50.15 69.71 -37.34
N LEU DA 88 -51.30 70.28 -37.00
CA LEU DA 88 -51.56 71.73 -37.17
C LEU DA 88 -50.83 72.49 -36.06
N ASN DA 89 -50.21 73.59 -36.45
CA ASN DA 89 -49.54 74.57 -35.55
C ASN DA 89 -50.54 75.16 -34.55
N VAL DA 90 -50.10 75.39 -33.31
CA VAL DA 90 -50.95 75.89 -32.19
C VAL DA 90 -50.49 77.30 -31.84
N ASP DA 91 -51.30 78.31 -32.14
CA ASP DA 91 -51.11 79.73 -31.75
C ASP DA 91 -49.79 80.25 -32.35
N GLY DA 92 -49.47 79.79 -33.56
CA GLY DA 92 -48.27 80.25 -34.29
C GLY DA 92 -47.08 79.35 -34.06
N GLN DA 93 -46.94 78.76 -32.88
CA GLN DA 93 -45.73 77.99 -32.50
C GLN DA 93 -45.33 77.06 -33.66
N PRO DA 94 -44.02 77.04 -34.01
CA PRO DA 94 -43.51 76.00 -34.91
C PRO DA 94 -43.47 74.62 -34.24
N ILE DA 95 -43.62 73.60 -35.06
CA ILE DA 95 -43.42 72.16 -34.69
C ILE DA 95 -41.96 71.80 -34.97
N PHE DA 96 -41.37 70.98 -34.10
CA PHE DA 96 -39.91 70.75 -34.07
C PHE DA 96 -39.62 69.30 -34.47
N ALA DA 97 -38.74 69.14 -35.46
CA ALA DA 97 -38.18 67.86 -35.93
C ALA DA 97 -36.68 67.79 -35.59
N ASN DA 98 -36.39 67.08 -34.51
CA ASN DA 98 -35.03 66.82 -33.98
C ASN DA 98 -34.47 65.56 -34.65
N ILE DA 99 -33.55 65.73 -35.57
CA ILE DA 99 -32.93 64.62 -36.35
C ILE DA 99 -31.64 64.17 -35.68
N THR DA 100 -31.61 62.90 -35.29
CA THR DA 100 -30.45 62.27 -34.60
C THR DA 100 -30.05 61.01 -35.34
N LEU DA 101 -28.84 60.55 -35.02
CA LEU DA 101 -28.37 59.17 -35.32
C LEU DA 101 -29.27 58.19 -34.59
N PRO DA 102 -29.44 56.97 -35.12
CA PRO DA 102 -29.95 55.88 -34.30
C PRO DA 102 -28.76 55.15 -33.64
N VAL DA 103 -29.08 54.15 -32.83
CA VAL DA 103 -28.12 53.13 -32.32
C VAL DA 103 -28.07 52.01 -33.36
N TYR DA 104 -27.18 52.13 -34.35
CA TYR DA 104 -26.97 51.08 -35.39
C TYR DA 104 -26.43 49.81 -34.74
N THR DA 105 -26.87 48.65 -35.22
CA THR DA 105 -26.27 47.33 -34.88
C THR DA 105 -24.79 47.38 -35.24
N LEU DA 106 -23.91 46.87 -34.37
CA LEU DA 106 -22.44 46.94 -34.59
C LEU DA 106 -22.13 46.46 -36.01
N LYS DA 107 -22.84 45.44 -36.48
CA LYS DA 107 -22.67 44.90 -37.84
C LYS DA 107 -22.94 46.01 -38.86
N GLU DA 108 -24.18 46.52 -38.89
CA GLU DA 108 -24.59 47.58 -39.84
C GLU DA 108 -23.61 48.74 -39.71
N ARG DA 109 -23.13 49.00 -38.50
CA ARG DA 109 -22.17 50.12 -38.27
C ARG DA 109 -20.87 49.80 -39.00
N CYS DA 110 -20.32 48.60 -38.79
CA CYS DA 110 -19.08 48.13 -39.48
C CYS DA 110 -19.29 48.19 -41.00
N LEU DA 111 -20.40 47.61 -41.47
CA LEU DA 111 -20.79 47.66 -42.91
C LEU DA 111 -20.64 49.10 -43.43
N GLN DA 112 -21.27 50.08 -42.78
CA GLN DA 112 -21.16 51.51 -43.17
C GLN DA 112 -19.69 51.85 -43.43
N VAL DA 113 -18.85 51.57 -42.43
CA VAL DA 113 -17.42 51.98 -42.39
C VAL DA 113 -16.67 51.34 -43.56
N VAL DA 114 -16.84 50.05 -43.80
CA VAL DA 114 -16.17 49.29 -44.89
C VAL DA 114 -16.63 49.90 -46.23
N ARG DA 115 -17.96 49.97 -46.44
CA ARG DA 115 -18.59 50.58 -47.64
C ARG DA 115 -17.96 51.95 -47.93
N SER DA 116 -17.65 52.71 -46.88
CA SER DA 116 -17.15 54.11 -46.98
C SER DA 116 -15.68 54.13 -47.43
N LEU DA 117 -14.95 53.04 -47.23
CA LEU DA 117 -13.49 52.93 -47.51
C LEU DA 117 -13.21 52.16 -48.81
N VAL DA 118 -14.10 51.26 -49.22
CA VAL DA 118 -13.90 50.31 -50.36
C VAL DA 118 -14.86 50.65 -51.50
N LYS DA 119 -14.33 50.67 -52.72
CA LYS DA 119 -15.14 50.77 -53.97
C LYS DA 119 -15.98 49.50 -54.11
N PRO DA 120 -17.27 49.61 -54.49
CA PRO DA 120 -18.16 48.44 -54.54
C PRO DA 120 -17.69 47.31 -55.46
N GLU DA 121 -16.90 47.64 -56.48
CA GLU DA 121 -16.32 46.65 -57.44
C GLU DA 121 -15.23 45.82 -56.75
N ASN DA 122 -14.90 46.10 -55.49
CA ASN DA 122 -13.76 45.43 -54.78
C ASN DA 122 -14.24 44.69 -53.52
N TYR DA 123 -15.52 44.78 -53.19
CA TYR DA 123 -16.09 44.14 -51.98
C TYR DA 123 -15.66 42.67 -51.98
N ARG DA 124 -15.60 42.05 -53.16
CA ARG DA 124 -15.41 40.59 -53.30
C ARG DA 124 -13.93 40.24 -53.35
N ARG DA 125 -13.04 41.19 -53.03
CA ARG DA 125 -11.58 40.97 -53.09
C ARG DA 125 -10.94 40.45 -51.79
N LEU DA 126 -11.46 40.86 -50.64
CA LEU DA 126 -10.81 40.69 -49.31
C LEU DA 126 -11.32 39.39 -48.64
N ASP DA 127 -10.53 38.87 -47.71
CA ASP DA 127 -10.59 37.50 -47.14
C ASP DA 127 -11.76 37.39 -46.15
N ILE DA 128 -13.00 37.42 -46.66
CA ILE DA 128 -14.22 37.29 -45.80
C ILE DA 128 -15.23 36.30 -46.40
N VAL DA 129 -16.05 35.70 -45.53
CA VAL DA 129 -17.20 34.79 -45.86
C VAL DA 129 -18.09 35.48 -46.90
N ARG DA 130 -18.63 34.65 -47.80
CA ARG DA 130 -19.51 35.03 -48.94
C ARG DA 130 -20.63 35.98 -48.50
N SER DA 131 -21.31 35.66 -47.40
CA SER DA 131 -22.50 36.39 -46.90
C SER DA 131 -22.23 37.88 -46.74
N LEU DA 132 -21.00 38.26 -46.34
CA LEU DA 132 -20.65 39.68 -46.05
C LEU DA 132 -20.57 40.50 -47.34
N TYR DA 133 -20.21 39.86 -48.47
CA TYR DA 133 -20.13 40.51 -49.79
C TYR DA 133 -21.50 41.09 -50.15
N GLU DA 134 -22.52 40.26 -49.96
CA GLU DA 134 -23.93 40.52 -50.29
C GLU DA 134 -24.44 41.67 -49.42
N ASP DA 135 -24.21 41.58 -48.09
CA ASP DA 135 -24.72 42.58 -47.10
C ASP DA 135 -24.14 43.94 -47.46
N LEU DA 136 -22.86 44.00 -47.84
CA LEU DA 136 -22.19 45.24 -48.29
C LEU DA 136 -22.87 45.80 -49.53
N GLU DA 137 -23.24 44.91 -50.48
CA GLU DA 137 -23.76 45.30 -51.81
C GLU DA 137 -25.22 45.77 -51.67
N ASP DA 138 -25.92 45.22 -50.69
CA ASP DA 138 -27.27 45.65 -50.23
C ASP DA 138 -27.15 46.99 -49.49
N HIS DA 139 -26.87 48.07 -50.23
CA HIS DA 139 -26.66 49.44 -49.69
C HIS DA 139 -28.00 49.97 -49.16
N PRO DA 140 -28.02 50.80 -48.10
CA PRO DA 140 -29.26 51.32 -47.54
C PRO DA 140 -30.09 52.04 -48.60
N ASN DA 141 -31.40 51.79 -48.61
CA ASN DA 141 -32.31 52.28 -49.69
C ASN DA 141 -33.68 52.55 -49.06
N VAL DA 142 -34.26 53.73 -49.32
CA VAL DA 142 -35.51 54.19 -48.65
C VAL DA 142 -36.65 53.29 -49.13
N GLN DA 143 -36.65 52.86 -50.39
CA GLN DA 143 -37.73 52.04 -50.99
C GLN DA 143 -37.86 50.72 -50.23
N LYS DA 144 -36.73 50.07 -49.94
CA LYS DA 144 -36.70 48.81 -49.14
C LYS DA 144 -37.34 49.08 -47.78
N ASP DA 145 -36.93 50.18 -47.13
CA ASP DA 145 -37.37 50.57 -45.77
C ASP DA 145 -38.87 50.89 -45.79
N LEU DA 146 -39.35 51.65 -46.76
CA LEU DA 146 -40.79 51.97 -46.91
C LEU DA 146 -41.64 50.71 -46.92
N GLU DA 147 -41.24 49.70 -47.67
CA GLU DA 147 -41.90 48.38 -47.67
C GLU DA 147 -41.97 47.83 -46.24
N ARG DA 148 -40.84 47.87 -45.54
CA ARG DA 148 -40.70 47.39 -44.14
C ARG DA 148 -41.67 48.14 -43.22
N LEU DA 149 -41.71 49.45 -43.33
CA LEU DA 149 -42.56 50.32 -42.48
C LEU DA 149 -44.03 50.11 -42.83
N THR DA 150 -44.33 49.97 -44.11
CA THR DA 150 -45.68 49.66 -44.62
C THR DA 150 -46.15 48.35 -43.99
N GLN DA 151 -45.35 47.29 -44.10
CA GLN DA 151 -45.70 45.95 -43.61
C GLN DA 151 -45.44 45.81 -42.10
N GLU DA 152 -44.96 46.87 -41.44
CA GLU DA 152 -44.91 47.02 -39.96
C GLU DA 152 -46.23 47.63 -39.48
N ARG DA 153 -46.77 48.58 -40.25
CA ARG DA 153 -48.04 49.26 -39.94
C ARG DA 153 -49.22 48.33 -40.27
N ILE DA 154 -49.11 47.65 -41.40
CA ILE DA 154 -50.08 46.65 -41.90
C ILE DA 154 -50.13 45.45 -40.95
N ALA DA 155 -48.97 45.08 -40.40
CA ALA DA 155 -48.85 43.99 -39.41
C ALA DA 155 -48.93 44.56 -37.99
N HIS DA 156 -49.45 45.77 -37.83
CA HIS DA 156 -49.90 46.38 -36.57
C HIS DA 156 -51.40 46.65 -36.57
N GLN DA 157 -52.10 46.14 -37.60
CA GLN DA 157 -53.54 46.38 -37.88
C GLN DA 157 -54.28 45.07 -38.18
N ARG DA 158 -54.18 44.10 -37.25
CA ARG DA 158 -54.55 42.67 -37.46
C ARG DA 158 -55.98 42.58 -38.00
N MET EA 1 -24.45 42.74 -11.59
CA MET EA 1 -23.87 41.38 -11.89
C MET EA 1 -22.91 41.51 -13.07
N TYR EA 2 -21.66 41.02 -12.93
CA TYR EA 2 -20.62 41.02 -13.99
C TYR EA 2 -20.45 39.61 -14.57
N VAL EA 3 -20.06 39.51 -15.84
CA VAL EA 3 -19.62 38.25 -16.53
C VAL EA 3 -18.20 38.44 -17.04
N LYS EA 4 -17.52 37.36 -17.44
CA LYS EA 4 -16.12 37.41 -17.91
C LYS EA 4 -16.05 36.88 -19.35
N LEU EA 5 -15.63 37.74 -20.26
CA LEU EA 5 -15.47 37.40 -21.70
C LEU EA 5 -13.98 37.25 -21.99
N ILE EA 6 -13.57 36.08 -22.46
CA ILE EA 6 -12.12 35.73 -22.63
C ILE EA 6 -11.79 35.56 -24.12
N SER EA 7 -10.81 36.31 -24.62
CA SER EA 7 -10.40 36.34 -26.05
C SER EA 7 -9.55 35.12 -26.40
N SER EA 8 -9.38 34.87 -27.71
CA SER EA 8 -8.57 33.76 -28.25
C SER EA 8 -7.18 33.78 -27.64
N ASP EA 9 -6.57 34.96 -27.52
CA ASP EA 9 -5.18 35.14 -27.02
C ASP EA 9 -5.21 35.29 -25.48
N GLY EA 10 -6.29 34.90 -24.81
CA GLY EA 10 -6.32 34.63 -23.36
C GLY EA 10 -6.60 35.85 -22.50
N HIS EA 11 -6.84 37.01 -23.10
CA HIS EA 11 -7.25 38.25 -22.39
C HIS EA 11 -8.62 38.07 -21.74
N GLU EA 12 -8.76 38.55 -20.50
CA GLU EA 12 -10.04 38.61 -19.74
C GLU EA 12 -10.67 40.00 -19.87
N PHE EA 13 -11.98 40.04 -20.07
CA PHE EA 13 -12.79 41.29 -20.10
C PHE EA 13 -13.99 41.09 -19.15
N ILE EA 14 -14.01 41.85 -18.06
CA ILE EA 14 -15.10 41.83 -17.05
C ILE EA 14 -16.09 42.96 -17.35
N VAL EA 15 -17.27 42.62 -17.87
CA VAL EA 15 -18.35 43.58 -18.22
C VAL EA 15 -19.61 43.24 -17.43
N LYS EA 16 -20.54 44.19 -17.35
CA LYS EA 16 -21.87 43.98 -16.73
C LYS EA 16 -22.65 42.96 -17.58
N ARG EA 17 -23.39 42.06 -16.94
CA ARG EA 17 -24.19 41.02 -17.64
C ARG EA 17 -25.09 41.68 -18.67
N GLU EA 18 -25.89 42.65 -18.23
CA GLU EA 18 -26.87 43.40 -19.04
C GLU EA 18 -26.22 43.87 -20.33
N HIS EA 19 -24.99 44.40 -20.22
CA HIS EA 19 -24.18 44.89 -21.37
C HIS EA 19 -23.90 43.75 -22.34
N ALA EA 20 -23.42 42.61 -21.82
CA ALA EA 20 -23.06 41.43 -22.64
C ALA EA 20 -24.29 40.86 -23.36
N LEU EA 21 -25.43 40.81 -22.67
CA LEU EA 21 -26.70 40.25 -23.19
C LEU EA 21 -27.09 40.95 -24.48
N THR EA 22 -26.50 42.12 -24.77
CA THR EA 22 -26.66 42.82 -26.06
C THR EA 22 -26.43 41.84 -27.21
N SER EA 23 -25.44 40.96 -27.06
CA SER EA 23 -25.13 39.93 -28.08
C SER EA 23 -26.11 38.75 -27.98
N GLY EA 24 -26.92 38.54 -29.02
CA GLY EA 24 -27.86 37.42 -29.12
C GLY EA 24 -27.16 36.09 -29.01
N THR EA 25 -25.92 36.00 -29.52
CA THR EA 25 -25.06 34.81 -29.44
C THR EA 25 -24.67 34.56 -27.99
N ILE EA 26 -24.19 35.58 -27.27
CA ILE EA 26 -23.79 35.48 -25.84
C ILE EA 26 -25.02 35.22 -24.97
N LYS EA 27 -26.15 35.85 -25.34
CA LYS EA 27 -27.46 35.62 -24.66
C LYS EA 27 -27.80 34.13 -24.71
N ALA EA 28 -27.52 33.44 -25.83
CA ALA EA 28 -27.63 31.99 -26.05
C ALA EA 28 -26.36 31.22 -25.71
N MET EA 29 -25.41 31.76 -24.94
CA MET EA 29 -24.25 31.06 -24.35
C MET EA 29 -24.29 31.15 -22.81
N LEU EA 30 -24.86 32.22 -22.25
CA LEU EA 30 -25.09 32.42 -20.79
C LEU EA 30 -26.40 31.72 -20.36
N SER EA 31 -27.33 31.50 -21.29
CA SER EA 31 -28.70 30.95 -21.05
C SER EA 31 -28.66 29.45 -20.69
N GLY EA 32 -27.67 28.69 -21.18
CA GLY EA 32 -27.44 27.28 -20.81
C GLY EA 32 -27.11 27.08 -19.33
N PRO EA 33 -27.11 25.82 -18.83
CA PRO EA 33 -27.05 25.57 -17.38
C PRO EA 33 -25.67 25.85 -16.76
N GLY EA 34 -24.88 24.84 -16.38
CA GLY EA 34 -23.63 25.02 -15.62
C GLY EA 34 -23.37 23.82 -14.74
N GLN EA 35 -24.37 23.44 -13.91
CA GLN EA 35 -24.33 22.32 -12.93
C GLN EA 35 -25.61 21.48 -13.05
N PHE EA 36 -25.96 20.77 -11.95
CA PHE EA 36 -27.05 19.76 -11.88
C PHE EA 36 -28.41 20.43 -12.09
N ALA EA 37 -28.58 21.70 -11.67
CA ALA EA 37 -29.81 22.50 -11.89
C ALA EA 37 -29.49 23.98 -11.76
N GLU EA 38 -28.42 24.46 -12.41
CA GLU EA 38 -27.96 25.88 -12.35
C GLU EA 38 -28.82 26.71 -13.32
N ASN EA 39 -29.28 27.89 -12.88
CA ASN EA 39 -30.15 28.81 -13.66
C ASN EA 39 -29.35 30.03 -14.14
N GLU EA 40 -28.01 29.92 -14.27
CA GLU EA 40 -27.12 31.05 -14.65
C GLU EA 40 -25.68 30.53 -14.85
N THR EA 41 -25.04 30.77 -16.00
CA THR EA 41 -23.58 30.60 -16.23
C THR EA 41 -22.90 31.99 -16.17
N ASN EA 42 -21.63 32.06 -15.75
CA ASN EA 42 -20.88 33.35 -15.66
C ASN EA 42 -19.42 33.14 -16.04
N GLU EA 43 -19.19 32.71 -17.30
CA GLU EA 43 -17.85 32.78 -17.98
C GLU EA 43 -18.03 32.32 -19.43
N VAL EA 44 -17.55 33.07 -20.42
CA VAL EA 44 -17.59 32.68 -21.86
C VAL EA 44 -16.23 32.91 -22.49
N ASN EA 45 -15.77 31.93 -23.27
CA ASN EA 45 -14.47 31.91 -23.97
C ASN EA 45 -14.70 32.00 -25.47
N PHE EA 46 -14.02 32.92 -26.14
CA PHE EA 46 -14.12 33.10 -27.61
C PHE EA 46 -12.82 32.66 -28.26
N ARG EA 47 -12.86 31.52 -28.96
CA ARG EA 47 -11.65 30.81 -29.45
C ARG EA 47 -11.22 31.43 -30.78
N GLU EA 48 -12.12 32.15 -31.47
CA GLU EA 48 -11.85 32.83 -32.76
C GLU EA 48 -11.44 34.29 -32.58
N ILE EA 49 -12.04 35.00 -31.62
CA ILE EA 49 -11.98 36.49 -31.52
C ILE EA 49 -10.75 36.91 -30.70
N PRO EA 50 -9.81 37.68 -31.28
CA PRO EA 50 -8.67 38.18 -30.52
C PRO EA 50 -9.05 39.36 -29.62
N SER EA 51 -8.14 39.73 -28.73
CA SER EA 51 -8.33 40.75 -27.67
C SER EA 51 -8.67 42.12 -28.27
N HIS EA 52 -7.87 42.58 -29.22
CA HIS EA 52 -8.00 43.94 -29.81
C HIS EA 52 -9.39 44.12 -30.41
N VAL EA 53 -10.03 43.02 -30.80
CA VAL EA 53 -11.42 43.04 -31.33
C VAL EA 53 -12.39 43.03 -30.15
N LEU EA 54 -12.29 42.02 -29.29
CA LEU EA 54 -13.26 41.80 -28.19
C LEU EA 54 -13.35 43.05 -27.31
N SER EA 55 -12.24 43.77 -27.12
CA SER EA 55 -12.19 45.09 -26.43
C SER EA 55 -13.20 46.02 -27.10
N LYS EA 56 -13.08 46.20 -28.41
CA LYS EA 56 -13.97 47.06 -29.23
C LYS EA 56 -15.42 46.59 -29.10
N VAL EA 57 -15.65 45.29 -29.10
CA VAL EA 57 -17.00 44.67 -28.98
C VAL EA 57 -17.60 45.07 -27.64
N CYS EA 58 -16.80 45.17 -26.58
CA CYS EA 58 -17.25 45.61 -25.24
C CYS EA 58 -17.52 47.11 -25.26
N MET EA 59 -16.59 47.87 -25.83
CA MET EA 59 -16.77 49.33 -26.02
C MET EA 59 -18.16 49.56 -26.65
N TYR EA 60 -18.53 48.73 -27.61
CA TYR EA 60 -19.85 48.83 -28.27
C TYR EA 60 -20.97 48.49 -27.30
N PHE EA 61 -20.86 47.41 -26.56
CA PHE EA 61 -21.87 47.05 -25.54
C PHE EA 61 -22.13 48.25 -24.66
N THR EA 62 -21.06 48.87 -24.14
CA THR EA 62 -21.16 50.08 -23.29
C THR EA 62 -22.04 51.12 -23.98
N TYR EA 63 -21.64 51.45 -25.21
CA TYR EA 63 -22.26 52.48 -26.09
C TYR EA 63 -23.74 52.14 -26.30
N LYS EA 64 -24.01 50.89 -26.67
CA LYS EA 64 -25.35 50.43 -27.07
C LYS EA 64 -26.33 50.65 -25.93
N VAL EA 65 -25.94 50.22 -24.72
CA VAL EA 65 -26.82 50.31 -23.51
C VAL EA 65 -27.05 51.78 -23.15
N ARG EA 66 -25.97 52.56 -23.11
CA ARG EA 66 -26.02 53.97 -22.67
C ARG EA 66 -27.00 54.80 -23.52
N TYR EA 67 -27.05 54.53 -24.82
CA TYR EA 67 -27.66 55.44 -25.83
C TYR EA 67 -28.98 54.88 -26.41
N THR EA 68 -29.27 53.59 -26.26
CA THR EA 68 -30.61 53.02 -26.62
C THR EA 68 -31.67 53.69 -25.74
N ASN EA 69 -32.75 54.20 -26.36
CA ASN EA 69 -33.91 54.77 -25.64
C ASN EA 69 -33.46 55.89 -24.71
N SER EA 70 -32.64 56.80 -25.22
CA SER EA 70 -32.19 58.03 -24.54
C SER EA 70 -32.29 59.19 -25.54
N SER EA 71 -32.75 60.34 -25.05
CA SER EA 71 -33.02 61.59 -25.81
C SER EA 71 -31.76 62.44 -25.84
N THR EA 72 -30.79 62.19 -24.95
CA THR EA 72 -29.36 62.55 -25.10
C THR EA 72 -28.95 62.25 -26.55
N GLU EA 73 -28.92 63.29 -27.37
CA GLU EA 73 -28.30 63.32 -28.74
C GLU EA 73 -27.14 62.30 -28.82
N ILE EA 74 -27.08 61.51 -29.90
CA ILE EA 74 -26.24 60.28 -29.99
C ILE EA 74 -24.94 60.63 -30.70
N PRO EA 75 -23.77 60.17 -30.19
CA PRO EA 75 -22.50 60.31 -30.90
C PRO EA 75 -22.27 59.15 -31.88
N GLU EA 76 -21.41 59.36 -32.87
CA GLU EA 76 -21.04 58.31 -33.85
C GLU EA 76 -20.16 57.28 -33.14
N PHE EA 77 -20.36 55.98 -33.39
CA PHE EA 77 -19.47 54.90 -32.89
C PHE EA 77 -18.28 54.76 -33.84
N PRO EA 78 -17.04 55.08 -33.39
CA PRO EA 78 -15.88 55.11 -34.28
C PRO EA 78 -15.24 53.74 -34.47
N ILE EA 79 -14.77 53.47 -35.68
CA ILE EA 79 -14.07 52.21 -36.03
C ILE EA 79 -12.85 52.58 -36.84
N ALA EA 80 -11.66 52.22 -36.37
CA ALA EA 80 -10.38 52.42 -37.08
C ALA EA 80 -10.34 51.52 -38.30
N PRO EA 81 -9.93 52.03 -39.47
CA PRO EA 81 -9.99 51.25 -40.70
C PRO EA 81 -9.43 49.82 -40.55
N GLU EA 82 -8.27 49.72 -39.94
CA GLU EA 82 -7.50 48.46 -39.80
C GLU EA 82 -8.36 47.39 -39.11
N ILE EA 83 -9.16 47.79 -38.12
CA ILE EA 83 -9.91 46.85 -37.26
C ILE EA 83 -11.28 46.52 -37.88
N ALA EA 84 -11.69 47.27 -38.91
CA ALA EA 84 -13.06 47.22 -39.44
C ALA EA 84 -13.50 45.77 -39.74
N LEU EA 85 -12.76 45.11 -40.62
CA LEU EA 85 -13.11 43.78 -41.18
C LEU EA 85 -13.26 42.73 -40.07
N GLU EA 86 -12.32 42.69 -39.11
CA GLU EA 86 -12.34 41.73 -38.00
C GLU EA 86 -13.57 41.97 -37.14
N LEU EA 87 -13.85 43.24 -36.87
CA LEU EA 87 -15.00 43.68 -36.05
C LEU EA 87 -16.30 43.32 -36.75
N LEU EA 88 -16.38 43.48 -38.06
CA LEU EA 88 -17.53 43.05 -38.87
C LEU EA 88 -17.75 41.54 -38.69
N MET EA 89 -16.68 40.78 -38.90
CA MET EA 89 -16.67 39.31 -38.67
C MET EA 89 -17.30 39.01 -37.32
N ALA EA 90 -16.74 39.64 -36.28
CA ALA EA 90 -17.07 39.40 -34.86
C ALA EA 90 -18.55 39.68 -34.63
N ALA EA 91 -19.02 40.84 -35.07
CA ALA EA 91 -20.42 41.29 -34.90
C ALA EA 91 -21.36 40.28 -35.55
N ASN EA 92 -21.05 39.92 -36.79
CA ASN EA 92 -21.80 38.91 -37.56
C ASN EA 92 -21.94 37.65 -36.72
N PHE EA 93 -20.83 37.16 -36.17
CA PHE EA 93 -20.79 35.96 -35.31
C PHE EA 93 -21.65 36.16 -34.06
N LEU EA 94 -21.54 37.32 -33.41
CA LEU EA 94 -22.09 37.60 -32.06
C LEU EA 94 -23.55 38.07 -32.17
N ASP EA 95 -24.03 38.40 -33.36
CA ASP EA 95 -25.44 38.83 -33.63
C ASP EA 95 -25.76 40.04 -32.73
N CYS EA 96 -25.24 41.20 -33.11
CA CYS EA 96 -25.43 42.52 -32.46
C CYS EA 96 -24.87 43.63 -33.33
N MET FA 1 -20.64 65.54 -15.87
CA MET FA 1 -21.52 64.38 -16.18
C MET FA 1 -20.81 63.08 -15.72
N ASP FA 2 -20.95 61.98 -16.45
CA ASP FA 2 -20.45 60.63 -16.09
C ASP FA 2 -19.19 60.31 -16.89
N VAL FA 3 -18.38 59.36 -16.42
CA VAL FA 3 -17.16 58.87 -17.13
C VAL FA 3 -17.25 57.35 -17.26
N PHE FA 4 -16.73 56.85 -18.39
CA PHE FA 4 -16.63 55.41 -18.72
C PHE FA 4 -15.16 54.99 -18.74
N LEU FA 5 -14.83 53.88 -18.07
CA LEU FA 5 -13.43 53.50 -17.72
C LEU FA 5 -13.15 52.06 -18.12
N MET FA 6 -11.93 51.81 -18.61
CA MET FA 6 -11.28 50.49 -18.62
C MET FA 6 -10.24 50.47 -17.51
N ILE FA 7 -10.46 49.66 -16.46
CA ILE FA 7 -9.49 49.42 -15.37
C ILE FA 7 -8.70 48.17 -15.75
N ARG FA 8 -7.37 48.28 -15.86
CA ARG FA 8 -6.53 47.27 -16.55
C ARG FA 8 -5.31 46.89 -15.73
N ARG FA 9 -5.13 45.59 -15.46
CA ARG FA 9 -3.96 44.97 -14.80
C ARG FA 9 -3.65 43.64 -15.49
N HIS FA 10 -2.40 43.48 -15.93
CA HIS FA 10 -1.91 42.26 -16.63
C HIS FA 10 -2.84 42.01 -17.83
N LYS FA 11 -3.48 40.85 -17.91
CA LYS FA 11 -4.38 40.44 -19.03
C LYS FA 11 -5.85 40.61 -18.60
N THR FA 12 -6.10 41.26 -17.46
CA THR FA 12 -7.45 41.55 -16.93
C THR FA 12 -7.82 43.00 -17.27
N THR FA 13 -9.11 43.23 -17.59
CA THR FA 13 -9.67 44.53 -18.05
C THR FA 13 -11.14 44.65 -17.59
N ILE FA 14 -11.46 45.68 -16.80
CA ILE FA 14 -12.82 45.94 -16.24
C ILE FA 14 -13.44 47.10 -17.00
N PHE FA 15 -14.64 46.88 -17.54
CA PHE FA 15 -15.47 47.90 -18.23
C PHE FA 15 -16.59 48.39 -17.31
N THR FA 16 -16.44 49.60 -16.77
CA THR FA 16 -17.40 50.16 -15.79
C THR FA 16 -17.50 51.69 -15.94
N ASP FA 17 -18.47 52.27 -15.23
CA ASP FA 17 -18.84 53.71 -15.24
C ASP FA 17 -18.81 54.23 -13.80
N ALA FA 18 -18.65 55.54 -13.66
CA ALA FA 18 -18.65 56.27 -12.37
C ALA FA 18 -19.09 57.71 -12.65
N LYS FA 19 -19.16 58.53 -11.60
CA LYS FA 19 -19.40 59.99 -11.74
C LYS FA 19 -18.04 60.72 -11.85
N GLU FA 20 -17.99 61.79 -12.65
CA GLU FA 20 -16.81 62.67 -12.80
C GLU FA 20 -16.43 63.16 -11.41
N SER FA 21 -17.45 63.47 -10.60
CA SER FA 21 -17.34 64.03 -9.23
C SER FA 21 -16.87 62.99 -8.21
N SER FA 22 -17.16 61.70 -8.43
CA SER FA 22 -16.82 60.60 -7.51
C SER FA 22 -15.29 60.48 -7.43
N THR FA 23 -14.80 59.93 -6.32
CA THR FA 23 -13.38 59.99 -5.87
C THR FA 23 -12.62 58.71 -6.23
N VAL FA 24 -11.30 58.84 -6.39
CA VAL FA 24 -10.38 57.71 -6.68
C VAL FA 24 -10.63 56.59 -5.67
N PHE FA 25 -10.90 56.94 -4.41
CA PHE FA 25 -11.16 55.95 -3.35
C PHE FA 25 -12.44 55.18 -3.69
N GLU FA 26 -13.51 55.90 -4.05
CA GLU FA 26 -14.85 55.32 -4.30
C GLU FA 26 -14.76 54.34 -5.47
N LEU FA 27 -13.86 54.60 -6.42
CA LEU FA 27 -13.60 53.70 -7.58
C LEU FA 27 -13.02 52.38 -7.07
N LYS FA 28 -12.05 52.45 -6.16
CA LYS FA 28 -11.38 51.26 -5.56
C LYS FA 28 -12.44 50.42 -4.83
N ARG FA 29 -13.47 51.06 -4.27
CA ARG FA 29 -14.62 50.38 -3.61
C ARG FA 29 -15.38 49.52 -4.62
N ILE FA 30 -15.59 50.02 -5.85
CA ILE FA 30 -16.21 49.25 -6.96
C ILE FA 30 -15.34 48.03 -7.27
N VAL FA 31 -14.01 48.26 -7.36
CA VAL FA 31 -13.00 47.24 -7.72
C VAL FA 31 -12.98 46.16 -6.66
N GLU FA 32 -13.22 46.54 -5.41
CA GLU FA 32 -13.35 45.59 -4.28
C GLU FA 32 -14.51 44.62 -4.53
N GLY FA 33 -15.69 45.16 -4.87
CA GLY FA 33 -16.93 44.38 -5.02
C GLY FA 33 -16.89 43.43 -6.19
N ILE FA 34 -15.88 43.58 -7.06
CA ILE FA 34 -15.70 42.75 -8.28
C ILE FA 34 -14.62 41.68 -8.04
N LEU FA 35 -13.42 42.10 -7.67
CA LEU FA 35 -12.21 41.23 -7.57
C LEU FA 35 -11.96 40.72 -6.15
N LYS FA 36 -12.49 41.44 -5.14
CA LYS FA 36 -12.31 41.12 -3.69
C LYS FA 36 -10.89 41.46 -3.24
N ARG FA 37 -10.51 42.74 -3.33
CA ARG FA 37 -9.26 43.30 -2.77
C ARG FA 37 -9.65 44.65 -2.18
N PRO FA 38 -9.31 44.93 -0.90
CA PRO FA 38 -9.68 46.20 -0.28
C PRO FA 38 -8.89 47.39 -0.81
N PRO FA 39 -9.46 48.62 -0.71
CA PRO FA 39 -8.80 49.83 -1.23
C PRO FA 39 -7.35 50.08 -0.80
N ASP FA 40 -6.98 49.61 0.39
CA ASP FA 40 -5.62 49.78 0.95
C ASP FA 40 -4.64 48.87 0.21
N GLU FA 41 -5.16 47.89 -0.53
CA GLU FA 41 -4.34 46.92 -1.31
C GLU FA 41 -4.54 47.15 -2.82
N GLN FA 42 -4.61 48.42 -3.21
CA GLN FA 42 -4.77 48.86 -4.62
C GLN FA 42 -3.93 50.12 -4.84
N ARG FA 43 -3.43 50.30 -6.06
CA ARG FA 43 -2.81 51.57 -6.48
C ARG FA 43 -3.22 51.85 -7.92
N LEU FA 44 -3.99 52.92 -8.13
CA LEU FA 44 -4.55 53.27 -9.46
C LEU FA 44 -3.72 54.38 -10.10
N TYR FA 45 -3.51 54.28 -11.41
CA TYR FA 45 -2.66 55.18 -12.22
C TYR FA 45 -3.44 55.74 -13.41
N LYS FA 46 -3.06 56.96 -13.79
CA LYS FA 46 -3.38 57.52 -15.13
C LYS FA 46 -2.08 57.66 -15.93
N ASP FA 47 -1.77 56.63 -16.72
CA ASP FA 47 -0.45 56.40 -17.35
C ASP FA 47 0.50 55.92 -16.24
N ASP FA 48 1.56 56.67 -15.94
CA ASP FA 48 2.63 56.29 -14.97
C ASP FA 48 2.42 57.05 -13.66
N GLN FA 49 1.62 58.12 -13.68
CA GLN FA 49 1.32 58.90 -12.46
C GLN FA 49 0.24 58.18 -11.63
N LEU FA 50 0.58 57.96 -10.36
CA LEU FA 50 -0.31 57.40 -9.31
C LEU FA 50 -1.37 58.45 -8.96
N LEU FA 51 -2.56 57.98 -8.62
CA LEU FA 51 -3.74 58.81 -8.29
C LEU FA 51 -3.86 58.89 -6.77
N ASP FA 52 -4.58 59.91 -6.31
CA ASP FA 52 -4.72 60.33 -4.89
C ASP FA 52 -6.16 60.05 -4.43
N ASP FA 53 -6.34 59.26 -3.36
CA ASP FA 53 -7.67 58.77 -2.88
C ASP FA 53 -8.69 59.91 -2.76
N GLY FA 54 -8.25 61.10 -2.34
CA GLY FA 54 -9.11 62.26 -2.03
C GLY FA 54 -9.62 62.94 -3.28
N LYS FA 55 -8.81 63.03 -4.34
CA LYS FA 55 -9.15 63.72 -5.61
C LYS FA 55 -10.34 63.03 -6.30
N THR FA 56 -11.11 63.82 -7.04
CA THR FA 56 -12.20 63.34 -7.94
C THR FA 56 -11.58 62.88 -9.27
N LEU FA 57 -12.21 61.93 -9.94
CA LEU FA 57 -11.80 61.48 -11.29
C LEU FA 57 -11.69 62.72 -12.20
N GLY FA 58 -12.59 63.69 -12.01
CA GLY FA 58 -12.59 64.97 -12.75
C GLY FA 58 -11.28 65.70 -12.58
N GLU FA 59 -10.74 65.71 -11.35
CA GLU FA 59 -9.47 66.39 -11.00
C GLU FA 59 -8.28 65.62 -11.59
N CYS FA 60 -8.35 64.28 -11.66
CA CYS FA 60 -7.28 63.42 -12.23
C CYS FA 60 -7.22 63.52 -13.76
N GLY FA 61 -8.27 64.08 -14.39
CA GLY FA 61 -8.28 64.41 -15.83
C GLY FA 61 -9.36 63.67 -16.60
N PHE FA 62 -10.10 62.78 -15.93
CA PHE FA 62 -11.14 61.91 -16.54
C PHE FA 62 -12.41 62.74 -16.69
N THR FA 63 -12.85 63.02 -17.92
CA THR FA 63 -14.03 63.88 -18.20
C THR FA 63 -14.98 63.16 -19.16
N SER FA 64 -16.20 63.68 -19.30
CA SER FA 64 -17.24 63.18 -20.23
C SER FA 64 -16.63 63.03 -21.63
N GLN FA 65 -15.82 63.99 -22.04
CA GLN FA 65 -15.31 64.12 -23.43
C GLN FA 65 -14.07 63.22 -23.62
N THR FA 66 -13.33 62.87 -22.57
CA THR FA 66 -12.09 62.06 -22.66
C THR FA 66 -12.31 60.68 -22.01
N ALA FA 67 -13.55 60.33 -21.66
CA ALA FA 67 -13.89 58.98 -21.13
C ALA FA 67 -15.30 58.61 -21.58
N ARG FA 68 -15.50 58.46 -22.88
CA ARG FA 68 -16.81 58.16 -23.52
C ARG FA 68 -17.01 56.65 -23.53
N PRO FA 69 -18.28 56.18 -23.59
CA PRO FA 69 -18.57 54.74 -23.55
C PRO FA 69 -17.87 53.95 -24.67
N GLN FA 70 -17.85 54.55 -25.86
CA GLN FA 70 -17.30 53.97 -27.12
C GLN FA 70 -15.79 54.21 -27.20
N ALA FA 71 -15.21 54.95 -26.24
CA ALA FA 71 -13.76 55.26 -26.18
C ALA FA 71 -13.34 55.49 -24.73
N PRO FA 72 -13.55 54.49 -23.84
CA PRO FA 72 -13.29 54.66 -22.41
C PRO FA 72 -11.82 55.01 -22.10
N ALA FA 73 -11.61 55.77 -21.03
CA ALA FA 73 -10.27 56.12 -20.53
C ALA FA 73 -9.71 54.95 -19.73
N THR FA 74 -8.40 54.73 -19.80
CA THR FA 74 -7.71 53.55 -19.25
C THR FA 74 -7.10 53.88 -17.89
N VAL FA 75 -7.56 53.20 -16.84
CA VAL FA 75 -7.07 53.35 -15.44
C VAL FA 75 -6.18 52.14 -15.14
N GLY FA 76 -4.91 52.40 -14.84
CA GLY FA 76 -3.89 51.40 -14.47
C GLY FA 76 -4.10 50.86 -13.07
N LEU FA 77 -3.95 49.54 -12.88
CA LEU FA 77 -4.11 48.89 -11.56
C LEU FA 77 -2.86 48.10 -11.20
N ALA FA 78 -2.42 48.20 -9.94
CA ALA FA 78 -1.32 47.39 -9.36
C ALA FA 78 -1.74 46.90 -7.98
N PHE FA 79 -1.49 45.63 -7.68
CA PHE FA 79 -1.90 45.01 -6.40
C PHE FA 79 -0.73 45.01 -5.40
N ARG FA 80 -0.99 45.50 -4.19
CA ARG FA 80 -0.10 45.42 -3.01
C ARG FA 80 -0.47 44.17 -2.21
N ALA FA 81 0.53 43.41 -1.75
CA ALA FA 81 0.32 42.19 -0.92
C ALA FA 81 1.30 42.18 0.27
N ASP FA 82 0.99 43.00 1.28
CA ASP FA 82 1.85 43.35 2.45
C ASP FA 82 2.96 44.32 1.96
N ASP FA 83 4.16 43.79 1.70
CA ASP FA 83 5.31 44.55 1.18
C ASP FA 83 5.54 44.19 -0.30
N THR FA 84 4.71 43.32 -0.88
CA THR FA 84 4.70 43.04 -2.34
C THR FA 84 4.06 44.24 -3.06
N PHE FA 85 4.88 45.24 -3.41
CA PHE FA 85 4.47 46.39 -4.27
C PHE FA 85 4.78 46.07 -5.72
N GLU FA 86 3.97 45.20 -6.33
CA GLU FA 86 4.19 44.72 -7.73
C GLU FA 86 4.21 45.93 -8.65
N ALA FA 87 4.94 45.80 -9.76
CA ALA FA 87 5.15 46.89 -10.73
C ALA FA 87 3.93 46.97 -11.63
N LEU FA 88 3.66 48.18 -12.14
CA LEU FA 88 2.49 48.44 -13.02
C LEU FA 88 2.73 47.74 -14.36
N CYS FA 89 2.01 46.63 -14.60
CA CYS FA 89 2.11 45.80 -15.81
C CYS FA 89 0.71 45.70 -16.44
N ILE FA 90 0.57 46.24 -17.66
CA ILE FA 90 -0.68 46.21 -18.48
C ILE FA 90 -0.34 45.52 -19.80
N GLU FA 91 -0.61 44.22 -19.90
CA GLU FA 91 -0.25 43.40 -21.07
C GLU FA 91 -1.00 43.95 -22.26
N PRO FA 92 -0.35 44.52 -23.30
CA PRO FA 92 -1.07 45.20 -24.36
C PRO FA 92 -1.94 44.23 -25.15
N PHE FA 93 -2.90 44.76 -25.91
CA PHE FA 93 -3.79 43.95 -26.78
C PHE FA 93 -3.02 43.52 -28.02
N SER FA 94 -3.49 42.47 -28.67
CA SER FA 94 -2.96 42.02 -29.99
C SER FA 94 -3.18 43.13 -31.02
N SER FA 95 -2.41 43.08 -32.10
CA SER FA 95 -2.47 44.04 -33.22
C SER FA 95 -3.42 43.50 -34.29
N PRO FA 96 -4.06 44.39 -35.08
CA PRO FA 96 -4.73 43.98 -36.32
C PRO FA 96 -3.70 43.84 -37.43
N PRO FA 97 -3.93 42.94 -38.43
CA PRO FA 97 -3.07 42.89 -39.61
C PRO FA 97 -3.09 44.25 -40.32
N GLU FA 98 -2.02 44.55 -41.04
CA GLU FA 98 -1.88 45.83 -41.78
C GLU FA 98 -3.07 45.99 -42.72
N LEU FA 99 -3.45 47.24 -42.93
CA LEU FA 99 -4.63 47.64 -43.73
C LEU FA 99 -4.56 47.05 -45.14
N PRO FA 100 -5.49 46.15 -45.53
CA PRO FA 100 -5.52 45.64 -46.90
C PRO FA 100 -5.58 46.77 -47.94
N ASP FA 101 -4.94 46.55 -49.09
CA ASP FA 101 -4.77 47.51 -50.22
C ASP FA 101 -6.13 48.06 -50.66
N VAL FA 102 -7.19 47.24 -50.61
CA VAL FA 102 -8.55 47.60 -51.12
C VAL FA 102 -9.20 48.67 -50.22
N MET FA 103 -8.67 48.89 -49.01
CA MET FA 103 -9.20 49.85 -47.98
C MET FA 103 -8.38 51.14 -47.97
N LYS FA 104 -7.22 51.14 -48.62
CA LYS FA 104 -6.29 52.30 -48.71
C LYS FA 104 -6.80 53.28 -49.77
#